data_9IF3
#
_entry.id   9IF3
#
_cell.length_a   80.073
_cell.length_b   80.018
_cell.length_c   223.696
_cell.angle_alpha   90.00
_cell.angle_beta   89.86
_cell.angle_gamma   90.00
#
_symmetry.space_group_name_H-M   'P 1 21 1'
#
loop_
_entity.id
_entity.type
_entity.pdbx_description
1 polymer 'Periplasmic substrate-binding transport protein'
2 non-polymer 'FE (III) ION'
3 non-polymer '(2~{S})-2-[[(2~{S})-2-[[2,3-bis(oxidanyl)phenyl]carbonylamino]-5-carbamimidamido-pentanoyl]amino]-3-oxidanyl-propanoic acid'
4 non-polymer 'SULFATE ION'
5 water water
#
_entity_poly.entity_id   1
_entity_poly.type   'polypeptide(L)'
_entity_poly.pdbx_seq_one_letter_code
;SENITDMAGRSVVIPAKVERILLGEGRLFYAVSLLEGQKPFDRIVGWQGDFRKLDTQTYAVYKAKFPQVDNIPLIGNTTA
DSISPEKVLTLNPDIAIFGLSGHGPGKNSELVKQLEKAGVPVVFVDFRTSPLKNTLPSMRVLGKVLHREQQANDYIKFYE
DNVRKVTEITSKIPADKKPSVFIELRAGAMEECCGTAGKGNMGDFIDQAGGNNMAKNLLPGALGTVNLEKVLSTNPDIYI
ASGGKAPDNNAPGVSLGAQVTKEQAQSSLQTILDRKGINTLSAVKNGRSYGIWHNFYNSPYNVLAIQSFAKWFYPQQFAD
LDPNNTMNSLYSQFLAIEPTGTYWVDSTK
;
_entity_poly.pdbx_strand_id   A,B,C,D,E,F,G,H
#
# COMPACT_ATOMS: atom_id res chain seq x y z
N ASN A 3 18.66 33.14 -16.30
CA ASN A 3 17.28 32.78 -15.90
C ASN A 3 17.32 31.55 -15.00
N ILE A 4 18.25 30.62 -15.24
CA ILE A 4 18.38 29.42 -14.42
C ILE A 4 19.87 29.15 -14.17
N THR A 5 20.15 28.43 -13.07
CA THR A 5 21.49 28.04 -12.64
C THR A 5 21.76 26.59 -13.00
N ASP A 6 22.79 26.31 -13.81
CA ASP A 6 23.02 24.94 -14.26
C ASP A 6 23.85 24.21 -13.20
N MET A 7 24.35 23.02 -13.56
CA MET A 7 25.04 22.14 -12.61
C MET A 7 26.51 22.55 -12.43
N ALA A 8 26.97 23.50 -13.25
CA ALA A 8 28.29 24.09 -13.09
C ALA A 8 28.21 25.41 -12.30
N GLY A 9 27.03 25.77 -11.78
CA GLY A 9 26.87 27.01 -11.02
C GLY A 9 26.68 28.24 -11.91
N ARG A 10 26.68 28.04 -13.23
CA ARG A 10 26.63 29.12 -14.21
C ARG A 10 25.19 29.50 -14.52
N SER A 11 24.96 30.80 -14.75
CA SER A 11 23.60 31.26 -15.14
C SER A 11 23.38 31.06 -16.64
N VAL A 12 22.27 30.44 -17.01
CA VAL A 12 21.95 30.23 -18.45
C VAL A 12 20.62 30.93 -18.73
N VAL A 13 20.54 31.65 -19.85
CA VAL A 13 19.31 32.39 -20.21
C VAL A 13 18.37 31.42 -20.94
N ILE A 14 17.18 31.22 -20.37
CA ILE A 14 16.21 30.29 -21.00
C ILE A 14 15.81 30.85 -22.38
N PRO A 15 16.07 30.13 -23.47
CA PRO A 15 15.65 30.56 -24.83
C PRO A 15 14.13 30.61 -24.93
N ALA A 16 13.58 31.47 -25.80
CA ALA A 16 12.14 31.59 -25.93
C ALA A 16 11.56 30.33 -26.56
N LYS A 17 12.21 29.83 -27.62
CA LYS A 17 11.82 28.59 -28.25
C LYS A 17 13.08 27.82 -28.60
N VAL A 18 13.07 26.51 -28.36
CA VAL A 18 14.18 25.63 -28.66
C VAL A 18 13.77 24.65 -29.73
N GLU A 19 14.57 24.52 -30.79
CA GLU A 19 14.28 23.53 -31.82
C GLU A 19 15.55 22.86 -32.36
N ARG A 20 16.72 23.23 -31.82
CA ARG A 20 17.99 22.74 -32.31
C ARG A 20 18.93 22.44 -31.14
N ILE A 21 18.68 21.31 -30.46
CA ILE A 21 19.42 20.89 -29.27
C ILE A 21 20.69 20.15 -29.68
N LEU A 22 21.82 20.62 -29.11
CA LEU A 22 23.10 19.96 -29.29
C LEU A 22 23.43 19.15 -28.03
N LEU A 23 23.75 17.86 -28.24
CA LEU A 23 24.09 17.00 -27.12
C LEU A 23 25.60 16.79 -27.10
N GLY A 24 26.22 17.39 -26.07
CA GLY A 24 27.63 17.24 -25.82
C GLY A 24 28.04 15.78 -25.61
N GLU A 25 27.21 15.05 -24.86
CA GLU A 25 27.35 13.62 -24.74
C GLU A 25 26.05 12.99 -25.19
N GLY A 26 26.17 12.06 -26.15
CA GLY A 26 25.04 11.37 -26.75
C GLY A 26 24.08 10.78 -25.72
N ARG A 27 24.64 10.12 -24.70
CA ARG A 27 23.80 9.46 -23.71
C ARG A 27 23.07 10.47 -22.82
N LEU A 28 23.31 11.78 -23.00
CA LEU A 28 22.48 12.78 -22.35
C LEU A 28 21.07 12.75 -22.95
N PHE A 29 20.92 12.04 -24.08
CA PHE A 29 19.63 11.80 -24.71
C PHE A 29 18.62 11.24 -23.71
N TYR A 30 19.09 10.40 -22.78
CA TYR A 30 18.25 9.73 -21.81
C TYR A 30 17.48 10.78 -21.01
N ALA A 31 18.10 11.91 -20.68
CA ALA A 31 17.41 12.93 -19.92
C ALA A 31 16.40 13.64 -20.84
N VAL A 32 16.77 13.77 -22.11
CA VAL A 32 15.95 14.47 -23.06
C VAL A 32 14.72 13.61 -23.36
N SER A 33 14.91 12.29 -23.46
CA SER A 33 13.84 11.37 -23.81
C SER A 33 12.67 11.44 -22.83
N LEU A 34 12.94 11.79 -21.57
CA LEU A 34 11.91 11.88 -20.56
C LEU A 34 11.03 13.12 -20.76
N LEU A 35 11.43 14.01 -21.67
CA LEU A 35 10.72 15.27 -21.84
C LEU A 35 10.01 15.35 -23.20
N GLU A 36 10.46 14.56 -24.18
CA GLU A 36 10.05 14.75 -25.57
C GLU A 36 8.90 13.82 -25.98
N GLY A 37 8.40 12.99 -25.03
CA GLY A 37 7.24 12.15 -25.30
C GLY A 37 7.40 11.27 -26.54
N GLN A 38 6.45 11.36 -27.48
CA GLN A 38 6.42 10.46 -28.62
C GLN A 38 7.24 11.00 -29.77
N LYS A 39 7.82 12.21 -29.59
CA LYS A 39 8.65 12.86 -30.60
C LYS A 39 10.07 13.05 -30.07
N PRO A 40 10.82 11.94 -29.81
CA PRO A 40 12.09 12.00 -29.08
C PRO A 40 13.23 12.76 -29.78
N PHE A 41 13.34 12.61 -31.10
CA PHE A 41 14.46 13.11 -31.88
C PHE A 41 14.11 14.37 -32.67
N ASP A 42 12.94 14.95 -32.42
CA ASP A 42 12.41 16.03 -33.25
C ASP A 42 13.28 17.28 -33.14
N ARG A 43 13.90 17.50 -31.98
CA ARG A 43 14.59 18.75 -31.69
C ARG A 43 16.11 18.58 -31.56
N ILE A 44 16.67 17.43 -31.96
CA ILE A 44 18.10 17.16 -31.83
C ILE A 44 18.80 17.50 -33.14
N VAL A 45 19.66 18.53 -33.15
CA VAL A 45 20.41 18.93 -34.34
C VAL A 45 21.65 18.07 -34.51
N GLY A 46 22.21 17.59 -33.40
CA GLY A 46 23.38 16.74 -33.45
C GLY A 46 23.81 16.33 -32.05
N TRP A 47 24.67 15.30 -32.01
CA TRP A 47 25.08 14.71 -30.75
C TRP A 47 26.45 14.04 -30.86
N GLN A 48 27.15 13.93 -29.72
CA GLN A 48 28.31 13.07 -29.59
C GLN A 48 27.96 11.63 -29.97
N GLY A 49 28.90 10.88 -30.54
CA GLY A 49 28.67 9.54 -31.05
C GLY A 49 28.65 8.42 -29.99
N ASP A 50 28.61 8.80 -28.69
CA ASP A 50 28.72 7.80 -27.63
C ASP A 50 27.43 7.00 -27.53
N PHE A 51 26.29 7.68 -27.71
CA PHE A 51 25.01 6.99 -27.67
C PHE A 51 24.92 5.98 -28.82
N ARG A 52 25.36 6.35 -30.01
CA ARG A 52 25.21 5.47 -31.14
C ARG A 52 26.25 4.34 -31.10
N LYS A 53 27.43 4.60 -30.52
CA LYS A 53 28.54 3.65 -30.62
C LYS A 53 28.75 2.88 -29.31
N LEU A 54 28.36 3.49 -28.17
CA LEU A 54 28.49 2.84 -26.87
C LEU A 54 27.13 2.47 -26.28
N ASP A 55 26.06 2.55 -27.07
CA ASP A 55 24.73 2.16 -26.61
C ASP A 55 23.99 1.56 -27.80
N THR A 56 24.63 0.58 -28.45
CA THR A 56 24.21 0.12 -29.77
C THR A 56 22.82 -0.49 -29.65
N GLN A 57 22.55 -1.13 -28.51
CA GLN A 57 21.29 -1.83 -28.30
C GLN A 57 20.13 -0.83 -28.21
N THR A 58 20.21 0.15 -27.30
CA THR A 58 19.14 1.12 -27.15
C THR A 58 18.97 1.92 -28.45
N TYR A 59 20.10 2.17 -29.14
CA TYR A 59 20.07 2.83 -30.42
C TYR A 59 19.21 2.02 -31.40
N ALA A 60 19.53 0.73 -31.58
CA ALA A 60 18.87 -0.08 -32.60
C ALA A 60 17.35 -0.10 -32.39
N VAL A 61 16.91 -0.12 -31.12
CA VAL A 61 15.50 -0.16 -30.81
C VAL A 61 14.85 1.14 -31.28
N TYR A 62 15.48 2.28 -31.03
CA TYR A 62 14.92 3.55 -31.46
C TYR A 62 14.96 3.67 -33.00
N LYS A 63 15.96 3.05 -33.65
CA LYS A 63 16.10 3.14 -35.09
C LYS A 63 14.96 2.40 -35.80
N ALA A 64 14.59 1.23 -35.27
CA ALA A 64 13.52 0.43 -35.85
C ALA A 64 12.20 1.18 -35.85
N LYS A 65 11.94 2.01 -34.85
CA LYS A 65 10.72 2.85 -34.87
C LYS A 65 11.02 4.19 -35.56
N PHE A 66 12.23 4.70 -35.41
CA PHE A 66 12.56 6.03 -35.98
C PHE A 66 13.80 5.93 -36.82
N PRO A 67 13.74 5.61 -38.13
CA PRO A 67 14.95 5.42 -38.92
C PRO A 67 15.72 6.72 -39.18
N GLN A 68 15.07 7.85 -38.90
CA GLN A 68 15.67 9.18 -39.09
C GLN A 68 16.76 9.47 -38.05
N VAL A 69 16.92 8.59 -37.06
CA VAL A 69 17.93 8.76 -36.02
C VAL A 69 19.33 8.64 -36.64
N ASP A 70 19.49 7.76 -37.63
CA ASP A 70 20.72 7.59 -38.38
C ASP A 70 21.17 8.88 -39.07
N ASN A 71 20.26 9.85 -39.28
CA ASN A 71 20.63 11.06 -40.01
C ASN A 71 20.94 12.21 -39.08
N ILE A 72 20.81 12.01 -37.75
CA ILE A 72 21.25 13.03 -36.82
C ILE A 72 22.78 13.09 -36.90
N PRO A 73 23.39 14.29 -37.12
CA PRO A 73 24.84 14.38 -37.27
C PRO A 73 25.60 14.02 -35.99
N LEU A 74 26.70 13.28 -36.18
CA LEU A 74 27.65 12.94 -35.12
C LEU A 74 28.73 14.02 -35.08
N ILE A 75 28.82 14.76 -33.96
CA ILE A 75 29.80 15.82 -33.84
C ILE A 75 31.18 15.25 -33.49
N GLY A 76 31.25 13.97 -33.08
CA GLY A 76 32.52 13.31 -32.78
C GLY A 76 32.33 11.82 -32.51
N ASN A 77 33.35 11.15 -31.97
CA ASN A 77 33.28 9.73 -31.66
C ASN A 77 32.87 9.58 -30.21
N THR A 78 33.81 9.17 -29.33
CA THR A 78 33.46 8.84 -27.94
C THR A 78 34.31 9.61 -26.93
N THR A 79 35.04 10.64 -27.41
CA THR A 79 35.95 11.43 -26.58
C THR A 79 35.76 12.91 -26.93
N ALA A 80 35.88 13.77 -25.91
CA ALA A 80 35.76 15.20 -26.11
C ALA A 80 36.76 15.71 -27.16
N ASP A 81 37.95 15.09 -27.23
CA ASP A 81 39.02 15.59 -28.10
C ASP A 81 38.75 15.28 -29.56
N SER A 82 37.74 14.44 -29.88
CA SER A 82 37.47 14.08 -31.26
C SER A 82 36.35 14.95 -31.85
N ILE A 83 35.80 15.87 -31.04
CA ILE A 83 34.73 16.75 -31.49
C ILE A 83 35.32 17.88 -32.33
N SER A 84 34.91 17.97 -33.59
CA SER A 84 35.19 19.12 -34.45
C SER A 84 34.32 20.30 -34.02
N PRO A 85 34.89 21.42 -33.50
CA PRO A 85 34.08 22.58 -33.14
C PRO A 85 33.43 23.25 -34.34
N GLU A 86 34.00 22.99 -35.53
CA GLU A 86 33.51 23.57 -36.76
C GLU A 86 32.18 22.91 -37.14
N LYS A 87 32.14 21.57 -37.18
CA LYS A 87 30.90 20.86 -37.49
C LYS A 87 29.83 21.29 -36.48
N VAL A 88 30.19 21.46 -35.21
CA VAL A 88 29.24 21.84 -34.17
C VAL A 88 28.59 23.19 -34.51
N LEU A 89 29.40 24.17 -34.88
CA LEU A 89 28.90 25.52 -35.03
C LEU A 89 28.02 25.67 -36.28
N THR A 90 28.30 24.88 -37.34
CA THR A 90 27.52 24.95 -38.56
C THR A 90 26.13 24.31 -38.38
N LEU A 91 25.88 23.59 -37.28
CA LEU A 91 24.55 23.09 -37.00
C LEU A 91 23.69 24.19 -36.38
N ASN A 92 24.30 25.34 -36.08
CA ASN A 92 23.54 26.47 -35.59
C ASN A 92 22.61 26.02 -34.47
N PRO A 93 23.14 25.40 -33.40
CA PRO A 93 22.30 25.05 -32.25
C PRO A 93 21.73 26.27 -31.56
N ASP A 94 20.56 26.11 -30.91
CA ASP A 94 20.00 27.18 -30.10
C ASP A 94 20.14 26.82 -28.62
N ILE A 95 20.58 25.59 -28.34
CA ILE A 95 21.04 25.22 -27.01
C ILE A 95 21.99 24.03 -27.09
N ALA A 96 22.95 24.02 -26.18
CA ALA A 96 23.90 22.92 -26.05
C ALA A 96 23.83 22.37 -24.62
N ILE A 97 23.61 21.05 -24.52
CA ILE A 97 23.58 20.36 -23.24
C ILE A 97 24.87 19.55 -23.11
N PHE A 98 25.61 19.84 -22.02
CA PHE A 98 26.88 19.21 -21.72
C PHE A 98 26.85 18.65 -20.31
N GLY A 99 27.78 17.72 -20.06
CA GLY A 99 27.95 17.06 -18.78
C GLY A 99 29.19 17.54 -18.05
N LEU A 100 29.07 17.74 -16.71
CA LEU A 100 30.21 18.12 -15.88
C LEU A 100 31.36 17.19 -16.16
N SER A 101 31.07 15.90 -16.40
CA SER A 101 32.10 14.94 -16.71
C SER A 101 31.62 14.04 -17.84
N GLY A 102 32.54 13.28 -18.44
CA GLY A 102 32.18 12.18 -19.31
C GLY A 102 32.92 12.25 -20.65
N HIS A 103 32.30 11.68 -21.69
CA HIS A 103 32.95 11.49 -22.98
C HIS A 103 32.71 12.72 -23.88
N GLY A 104 32.24 13.82 -23.27
CA GLY A 104 32.00 15.06 -23.97
C GLY A 104 32.64 16.25 -23.24
N PRO A 105 32.63 17.45 -23.86
CA PRO A 105 33.26 18.61 -23.28
C PRO A 105 32.78 18.99 -21.88
N GLY A 106 33.69 19.54 -21.09
CA GLY A 106 33.42 19.98 -19.73
C GLY A 106 33.37 21.49 -19.69
N LYS A 107 33.25 22.05 -18.47
CA LYS A 107 32.96 23.46 -18.29
C LYS A 107 34.12 24.36 -18.76
N ASN A 108 35.33 23.80 -18.93
CA ASN A 108 36.47 24.63 -19.25
C ASN A 108 36.95 24.41 -20.69
N SER A 109 36.21 23.62 -21.47
CA SER A 109 36.64 23.31 -22.83
C SER A 109 36.55 24.55 -23.72
N GLU A 110 37.28 24.50 -24.84
CA GLU A 110 37.35 25.60 -25.79
C GLU A 110 35.99 25.74 -26.48
N LEU A 111 35.37 24.58 -26.78
CA LEU A 111 34.11 24.53 -27.49
C LEU A 111 33.02 25.27 -26.71
N VAL A 112 33.01 25.13 -25.38
CA VAL A 112 32.09 25.88 -24.55
C VAL A 112 32.30 27.38 -24.73
N LYS A 113 33.55 27.82 -24.84
CA LYS A 113 33.85 29.24 -25.00
C LYS A 113 33.44 29.71 -26.40
N GLN A 114 33.73 28.89 -27.42
CA GLN A 114 33.30 29.18 -28.79
C GLN A 114 31.80 29.41 -28.84
N LEU A 115 31.04 28.53 -28.20
CA LEU A 115 29.58 28.62 -28.21
C LEU A 115 29.12 29.90 -27.51
N GLU A 116 29.82 30.31 -26.44
CA GLU A 116 29.49 31.54 -25.73
C GLU A 116 29.74 32.75 -26.65
N LYS A 117 30.78 32.67 -27.47
CA LYS A 117 31.10 33.74 -28.42
C LYS A 117 30.04 33.80 -29.51
N ALA A 118 29.45 32.63 -29.86
CA ALA A 118 28.45 32.52 -30.92
C ALA A 118 27.05 32.89 -30.42
N GLY A 119 26.89 33.18 -29.12
CA GLY A 119 25.62 33.58 -28.55
C GLY A 119 24.68 32.40 -28.24
N VAL A 120 25.26 31.18 -28.14
CA VAL A 120 24.49 29.96 -27.94
C VAL A 120 24.50 29.61 -26.45
N PRO A 121 23.31 29.51 -25.80
CA PRO A 121 23.23 29.08 -24.37
C PRO A 121 23.75 27.65 -24.16
N VAL A 122 24.55 27.47 -23.11
CA VAL A 122 25.11 26.18 -22.76
C VAL A 122 24.57 25.80 -21.39
N VAL A 123 24.07 24.55 -21.27
CA VAL A 123 23.60 24.05 -19.99
C VAL A 123 24.41 22.81 -19.59
N PHE A 124 24.93 22.87 -18.36
CA PHE A 124 25.60 21.75 -17.72
C PHE A 124 24.62 21.02 -16.83
N VAL A 125 24.51 19.71 -17.08
CA VAL A 125 23.78 18.77 -16.24
C VAL A 125 24.78 17.78 -15.65
N ASP A 126 24.31 16.88 -14.76
CA ASP A 126 25.18 15.87 -14.20
C ASP A 126 24.37 14.70 -13.63
N PHE A 127 24.67 13.50 -14.16
CA PHE A 127 24.14 12.24 -13.67
C PHE A 127 25.28 11.28 -13.29
N ARG A 128 26.52 11.80 -13.27
CA ARG A 128 27.71 10.96 -13.40
C ARG A 128 28.71 11.20 -12.29
N THR A 129 28.98 12.47 -12.04
CA THR A 129 29.88 12.84 -10.95
C THR A 129 29.12 12.73 -9.63
N SER A 130 27.99 13.42 -9.52
CA SER A 130 27.27 13.51 -8.25
C SER A 130 25.78 13.24 -8.44
N PRO A 131 25.43 12.01 -8.88
CA PRO A 131 24.04 11.67 -9.14
C PRO A 131 23.08 12.07 -8.03
N LEU A 132 23.47 11.86 -6.78
CA LEU A 132 22.57 12.12 -5.66
C LEU A 132 22.26 13.61 -5.59
N LYS A 133 23.28 14.48 -5.70
CA LYS A 133 23.06 15.91 -5.62
C LYS A 133 22.39 16.41 -6.88
N ASN A 134 22.73 15.84 -8.05
CA ASN A 134 22.55 16.53 -9.32
C ASN A 134 21.41 15.97 -10.19
N THR A 135 21.02 14.69 -10.04
CA THR A 135 20.08 14.09 -10.99
C THR A 135 18.79 14.92 -11.06
N LEU A 136 18.14 15.16 -9.92
CA LEU A 136 16.85 15.83 -9.94
C LEU A 136 17.01 17.29 -10.33
N PRO A 137 17.94 18.07 -9.73
CA PRO A 137 18.18 19.43 -10.20
C PRO A 137 18.44 19.52 -11.70
N SER A 138 19.14 18.52 -12.27
CA SER A 138 19.42 18.51 -13.71
C SER A 138 18.13 18.43 -14.50
N MET A 139 17.20 17.54 -14.09
CA MET A 139 15.93 17.39 -14.79
C MET A 139 15.10 18.67 -14.65
N ARG A 140 15.06 19.26 -13.45
CA ARG A 140 14.34 20.50 -13.25
C ARG A 140 14.83 21.54 -14.24
N VAL A 141 16.14 21.68 -14.33
CA VAL A 141 16.75 22.65 -15.22
C VAL A 141 16.41 22.32 -16.68
N LEU A 142 16.56 21.06 -17.10
CA LEU A 142 16.32 20.72 -18.49
C LEU A 142 14.87 21.04 -18.84
N GLY A 143 13.98 20.78 -17.89
CA GLY A 143 12.57 21.13 -18.05
C GLY A 143 12.38 22.60 -18.41
N LYS A 144 13.08 23.50 -17.72
CA LYS A 144 12.87 24.92 -17.88
C LYS A 144 13.44 25.39 -19.21
N VAL A 145 14.63 24.92 -19.58
CA VAL A 145 15.31 25.44 -20.76
C VAL A 145 14.74 24.80 -22.03
N LEU A 146 14.12 23.62 -21.93
CA LEU A 146 13.56 22.96 -23.10
C LEU A 146 12.05 23.12 -23.20
N HIS A 147 11.44 23.83 -22.23
CA HIS A 147 10.01 24.10 -22.20
C HIS A 147 9.24 22.78 -22.12
N ARG A 148 9.58 21.98 -21.11
CA ARG A 148 8.94 20.72 -20.82
C ARG A 148 8.85 20.57 -19.31
N GLU A 149 8.47 21.67 -18.64
CA GLU A 149 8.38 21.72 -17.19
C GLU A 149 7.42 20.64 -16.68
N GLN A 150 6.34 20.39 -17.40
CA GLN A 150 5.37 19.41 -16.96
C GLN A 150 6.00 18.02 -16.93
N GLN A 151 6.61 17.62 -18.05
CA GLN A 151 7.24 16.31 -18.14
C GLN A 151 8.30 16.15 -17.05
N ALA A 152 9.11 17.19 -16.85
CA ALA A 152 10.17 17.16 -15.86
C ALA A 152 9.60 16.98 -14.46
N ASN A 153 8.58 17.77 -14.10
CA ASN A 153 8.00 17.69 -12.77
C ASN A 153 7.35 16.33 -12.56
N ASP A 154 6.75 15.78 -13.62
CA ASP A 154 6.18 14.44 -13.56
C ASP A 154 7.26 13.41 -13.27
N TYR A 155 8.44 13.55 -13.91
CA TYR A 155 9.49 12.56 -13.78
C TYR A 155 10.15 12.65 -12.40
N ILE A 156 10.31 13.87 -11.88
CA ILE A 156 10.84 14.07 -10.55
C ILE A 156 9.94 13.39 -9.51
N LYS A 157 8.62 13.59 -9.61
CA LYS A 157 7.71 12.98 -8.66
C LYS A 157 7.85 11.45 -8.73
N PHE A 158 7.86 10.90 -9.94
CA PHE A 158 8.04 9.46 -10.15
C PHE A 158 9.32 8.96 -9.50
N TYR A 159 10.42 9.70 -9.74
CA TYR A 159 11.74 9.33 -9.25
C TYR A 159 11.77 9.35 -7.72
N GLU A 160 11.38 10.49 -7.13
CA GLU A 160 11.39 10.65 -5.68
C GLU A 160 10.59 9.53 -4.99
N ASP A 161 9.42 9.23 -5.55
CA ASP A 161 8.53 8.22 -4.98
C ASP A 161 9.21 6.85 -5.04
N ASN A 162 9.87 6.54 -6.15
CA ASN A 162 10.46 5.21 -6.33
C ASN A 162 11.75 5.05 -5.56
N VAL A 163 12.48 6.15 -5.35
CA VAL A 163 13.62 6.16 -4.45
C VAL A 163 13.15 6.10 -2.99
N ARG A 164 12.06 6.80 -2.64
CA ARG A 164 11.57 6.81 -1.26
C ARG A 164 11.21 5.38 -0.82
N LYS A 165 10.80 4.54 -1.76
CA LYS A 165 10.51 3.14 -1.48
C LYS A 165 11.74 2.44 -0.89
N VAL A 166 12.93 2.90 -1.27
CA VAL A 166 14.18 2.36 -0.77
C VAL A 166 14.58 3.10 0.51
N THR A 167 14.63 4.44 0.47
CA THR A 167 15.21 5.17 1.57
C THR A 167 14.35 5.07 2.84
N GLU A 168 13.04 4.87 2.72
CA GLU A 168 12.18 4.69 3.88
C GLU A 168 12.74 3.57 4.77
N ILE A 169 13.35 2.55 4.14
CA ILE A 169 13.91 1.41 4.84
C ILE A 169 15.39 1.65 5.15
N THR A 170 16.23 1.95 4.15
CA THR A 170 17.69 1.98 4.35
C THR A 170 18.14 3.20 5.17
N SER A 171 17.33 4.26 5.29
CA SER A 171 17.76 5.43 6.05
C SER A 171 17.81 5.14 7.56
N LYS A 172 17.17 4.06 7.99
CA LYS A 172 17.09 3.75 9.44
C LYS A 172 18.00 2.56 9.79
N ILE A 173 18.74 2.07 8.81
CA ILE A 173 19.70 1.00 9.08
C ILE A 173 21.00 1.62 9.58
N PRO A 174 21.55 1.16 10.73
CA PRO A 174 22.83 1.68 11.23
C PRO A 174 24.04 1.13 10.49
N ALA A 175 25.12 1.92 10.45
CA ALA A 175 26.26 1.69 9.57
C ALA A 175 26.84 0.29 9.74
N ASP A 176 26.83 -0.19 10.99
CA ASP A 176 27.50 -1.44 11.36
C ASP A 176 26.68 -2.65 10.92
N LYS A 177 25.44 -2.44 10.46
CA LYS A 177 24.63 -3.55 9.95
C LYS A 177 24.62 -3.54 8.42
N LYS A 178 25.31 -2.57 7.79
CA LYS A 178 25.29 -2.43 6.34
C LYS A 178 26.33 -3.37 5.73
N PRO A 179 26.05 -3.97 4.54
CA PRO A 179 27.03 -4.81 3.87
C PRO A 179 28.08 -3.99 3.14
N SER A 180 29.33 -4.47 3.16
CA SER A 180 30.38 -3.87 2.35
C SER A 180 30.13 -4.27 0.89
N VAL A 181 30.42 -3.34 -0.03
CA VAL A 181 30.13 -3.50 -1.45
C VAL A 181 31.30 -2.99 -2.28
N PHE A 182 31.64 -3.75 -3.32
CA PHE A 182 32.56 -3.28 -4.33
C PHE A 182 31.87 -3.33 -5.69
N ILE A 183 31.92 -2.21 -6.44
CA ILE A 183 31.40 -2.21 -7.80
C ILE A 183 32.55 -2.11 -8.81
N GLU A 184 32.62 -3.09 -9.70
CA GLU A 184 33.67 -3.11 -10.70
C GLU A 184 33.06 -2.67 -12.04
N LEU A 185 33.31 -1.40 -12.42
CA LEU A 185 32.75 -0.82 -13.64
C LEU A 185 33.39 -1.43 -14.88
N ARG A 186 32.56 -1.77 -15.86
CA ARG A 186 33.02 -2.35 -17.11
C ARG A 186 34.01 -3.46 -16.77
N ALA A 187 33.60 -4.28 -15.81
CA ALA A 187 34.40 -5.39 -15.32
C ALA A 187 34.84 -6.25 -16.50
N GLY A 188 36.09 -6.72 -16.45
CA GLY A 188 36.61 -7.65 -17.43
C GLY A 188 37.01 -6.97 -18.73
N ALA A 189 36.55 -5.72 -18.94
CA ALA A 189 36.65 -5.07 -20.23
C ALA A 189 37.73 -3.97 -20.24
N MET A 190 38.35 -3.68 -19.10
CA MET A 190 39.40 -2.68 -19.04
C MET A 190 40.78 -3.36 -19.14
N GLU A 191 41.79 -2.59 -19.53
CA GLU A 191 43.16 -3.06 -19.58
C GLU A 191 43.61 -3.43 -18.17
N GLU A 192 43.35 -2.53 -17.22
CA GLU A 192 43.85 -2.68 -15.85
C GLU A 192 42.69 -2.73 -14.86
N CYS A 193 42.62 -3.82 -14.10
CA CYS A 193 41.61 -4.04 -13.09
C CYS A 193 42.03 -3.25 -11.84
N CYS A 194 41.10 -2.63 -11.10
CA CYS A 194 39.68 -2.67 -11.32
C CYS A 194 39.08 -1.28 -11.21
N GLY A 195 38.41 -0.83 -12.29
CA GLY A 195 37.69 0.44 -12.27
C GLY A 195 36.53 0.38 -11.29
N THR A 196 36.25 1.51 -10.64
CA THR A 196 35.17 1.54 -9.66
C THR A 196 34.79 2.97 -9.39
N ALA A 197 33.87 3.13 -8.43
CA ALA A 197 33.36 4.45 -8.13
C ALA A 197 33.69 4.75 -6.67
N GLY A 198 34.01 6.01 -6.41
CA GLY A 198 34.37 6.49 -5.09
C GLY A 198 33.18 7.19 -4.46
N LYS A 199 33.38 8.40 -3.92
CA LYS A 199 32.26 9.17 -3.38
C LYS A 199 31.63 9.91 -4.57
N GLY A 200 30.84 9.20 -5.37
CA GLY A 200 30.19 9.72 -6.56
C GLY A 200 29.88 8.57 -7.52
N ASN A 201 29.23 8.90 -8.64
CA ASN A 201 28.84 7.89 -9.61
C ASN A 201 28.05 6.82 -8.87
N MET A 202 28.22 5.55 -9.27
CA MET A 202 27.42 4.46 -8.72
C MET A 202 27.62 4.32 -7.22
N GLY A 203 28.67 4.94 -6.69
CA GLY A 203 28.86 5.03 -5.25
C GLY A 203 27.67 5.69 -4.56
N ASP A 204 27.08 6.70 -5.22
CA ASP A 204 25.93 7.36 -4.65
C ASP A 204 24.77 6.36 -4.51
N PHE A 205 24.70 5.40 -5.45
CA PHE A 205 23.61 4.43 -5.46
C PHE A 205 23.79 3.43 -4.32
N ILE A 206 25.04 3.02 -4.12
CA ILE A 206 25.37 2.14 -3.01
C ILE A 206 24.98 2.83 -1.70
N ASP A 207 25.31 4.11 -1.56
CA ASP A 207 25.01 4.87 -0.35
C ASP A 207 23.52 4.85 -0.09
N GLN A 208 22.74 5.23 -1.10
CA GLN A 208 21.29 5.36 -0.98
C GLN A 208 20.64 4.02 -0.63
N ALA A 209 21.12 2.95 -1.29
CA ALA A 209 20.57 1.62 -1.12
C ALA A 209 21.00 0.98 0.20
N GLY A 210 21.71 1.74 1.05
CA GLY A 210 22.08 1.32 2.38
C GLY A 210 23.31 0.40 2.40
N GLY A 211 24.12 0.47 1.34
CA GLY A 211 25.36 -0.26 1.27
C GLY A 211 26.55 0.58 1.74
N ASN A 212 27.69 -0.10 1.89
CA ASN A 212 28.94 0.51 2.32
C ASN A 212 29.98 0.27 1.22
N ASN A 213 30.25 1.33 0.46
CA ASN A 213 31.15 1.26 -0.67
C ASN A 213 32.59 1.16 -0.16
N MET A 214 33.26 0.04 -0.47
CA MET A 214 34.61 -0.18 0.04
C MET A 214 35.61 0.79 -0.58
N ALA A 215 35.27 1.44 -1.70
CA ALA A 215 36.17 2.36 -2.37
C ALA A 215 35.90 3.81 -2.00
N LYS A 216 34.86 4.06 -1.20
CA LYS A 216 34.46 5.42 -0.84
C LYS A 216 35.67 6.25 -0.41
N ASN A 217 36.53 5.69 0.45
CA ASN A 217 37.64 6.42 1.04
C ASN A 217 38.98 6.02 0.43
N LEU A 218 39.00 5.08 -0.53
CA LEU A 218 40.21 4.77 -1.28
C LEU A 218 40.45 5.75 -2.42
N LEU A 219 39.43 6.54 -2.80
CA LEU A 219 39.50 7.34 -4.03
C LEU A 219 39.09 8.77 -3.73
N PRO A 220 39.75 9.74 -4.41
CA PRO A 220 39.42 11.15 -4.26
C PRO A 220 38.23 11.61 -5.08
N GLY A 221 38.07 10.98 -6.25
CA GLY A 221 37.09 11.39 -7.26
C GLY A 221 35.90 10.43 -7.33
N ALA A 222 35.02 10.70 -8.30
CA ALA A 222 33.85 9.88 -8.53
C ALA A 222 34.25 8.55 -9.17
N LEU A 223 35.22 8.61 -10.09
CA LEU A 223 35.74 7.41 -10.72
C LEU A 223 37.22 7.27 -10.33
N GLY A 224 37.71 6.01 -10.36
CA GLY A 224 39.11 5.74 -10.15
C GLY A 224 39.40 4.26 -10.32
N THR A 225 40.51 3.81 -9.73
CA THR A 225 40.96 2.44 -9.88
C THR A 225 41.44 1.93 -8.52
N VAL A 226 41.07 0.69 -8.18
CA VAL A 226 41.58 0.00 -7.01
C VAL A 226 42.15 -1.33 -7.50
N ASN A 227 43.28 -1.75 -6.92
CA ASN A 227 43.95 -2.95 -7.44
C ASN A 227 43.23 -4.19 -6.91
N LEU A 228 43.33 -5.26 -7.70
CA LEU A 228 42.67 -6.53 -7.42
C LEU A 228 42.97 -6.97 -6.00
N GLU A 229 44.23 -6.85 -5.59
CA GLU A 229 44.68 -7.37 -4.31
C GLU A 229 44.01 -6.59 -3.17
N LYS A 230 43.70 -5.31 -3.41
CA LYS A 230 43.08 -4.51 -2.37
C LYS A 230 41.64 -4.97 -2.17
N VAL A 231 41.01 -5.41 -3.27
CA VAL A 231 39.64 -5.90 -3.23
C VAL A 231 39.64 -7.22 -2.47
N LEU A 232 40.50 -8.16 -2.91
CA LEU A 232 40.64 -9.45 -2.24
C LEU A 232 40.86 -9.24 -0.74
N SER A 233 41.71 -8.30 -0.37
CA SER A 233 42.03 -8.14 1.03
C SER A 233 40.84 -7.59 1.80
N THR A 234 40.08 -6.65 1.22
CA THR A 234 38.95 -6.06 1.92
C THR A 234 37.83 -7.11 2.00
N ASN A 235 37.78 -7.98 0.98
CA ASN A 235 36.86 -9.11 0.90
C ASN A 235 35.44 -8.67 1.22
N PRO A 236 34.81 -7.87 0.33
CA PRO A 236 33.53 -7.27 0.63
C PRO A 236 32.37 -8.25 0.55
N ASP A 237 31.29 -7.89 1.25
CA ASP A 237 30.14 -8.76 1.42
C ASP A 237 29.50 -9.06 0.07
N ILE A 238 29.45 -8.03 -0.80
CA ILE A 238 28.71 -8.03 -2.05
C ILE A 238 29.58 -7.53 -3.19
N TYR A 239 29.59 -8.28 -4.30
CA TYR A 239 30.33 -7.90 -5.49
C TYR A 239 29.34 -7.55 -6.59
N ILE A 240 29.55 -6.43 -7.30
CA ILE A 240 28.70 -6.01 -8.41
C ILE A 240 29.57 -5.69 -9.61
N ALA A 241 29.22 -6.23 -10.78
CA ALA A 241 29.96 -5.91 -12.00
C ALA A 241 29.04 -5.12 -12.92
N SER A 242 29.54 -4.05 -13.54
CA SER A 242 28.76 -3.34 -14.54
C SER A 242 29.27 -3.72 -15.92
N GLY A 243 28.34 -3.74 -16.89
CA GLY A 243 28.66 -3.89 -18.30
C GLY A 243 27.48 -3.46 -19.18
N GLY A 244 27.74 -3.26 -20.48
CA GLY A 244 26.68 -2.99 -21.44
C GLY A 244 26.93 -3.68 -22.78
N LYS A 245 27.63 -4.82 -22.75
CA LYS A 245 28.10 -5.46 -23.96
C LYS A 245 26.92 -6.06 -24.72
N ALA A 246 26.96 -5.92 -26.05
CA ALA A 246 25.94 -6.50 -26.92
C ALA A 246 26.06 -8.02 -26.92
N PRO A 247 24.94 -8.76 -27.07
CA PRO A 247 24.97 -10.21 -27.04
C PRO A 247 25.98 -10.84 -28.00
N ASP A 248 26.02 -10.32 -29.23
CA ASP A 248 26.81 -10.93 -30.29
C ASP A 248 28.18 -10.25 -30.40
N ASN A 249 28.78 -9.96 -29.26
CA ASN A 249 30.08 -9.34 -29.14
C ASN A 249 30.90 -10.25 -28.23
N ASN A 250 31.93 -10.92 -28.78
CA ASN A 250 32.66 -11.92 -27.99
C ASN A 250 33.87 -11.27 -27.30
N ALA A 251 33.94 -9.95 -27.28
CA ALA A 251 34.90 -9.24 -26.44
C ALA A 251 34.61 -9.52 -24.97
N PRO A 252 35.57 -9.32 -24.04
CA PRO A 252 35.30 -9.51 -22.62
C PRO A 252 34.40 -8.42 -22.03
N GLY A 253 33.55 -8.84 -21.07
CA GLY A 253 32.65 -7.95 -20.37
C GLY A 253 31.31 -8.62 -20.13
N VAL A 254 30.43 -7.92 -19.37
CA VAL A 254 29.08 -8.39 -19.09
C VAL A 254 28.13 -7.87 -20.18
N SER A 255 27.31 -8.80 -20.70
CA SER A 255 26.23 -8.44 -21.63
C SER A 255 24.99 -8.02 -20.83
N LEU A 256 24.59 -6.76 -21.00
CA LEU A 256 23.35 -6.23 -20.49
C LEU A 256 22.83 -5.18 -21.46
N GLY A 257 21.49 -5.06 -21.57
CA GLY A 257 20.85 -3.97 -22.31
C GLY A 257 19.56 -4.43 -23.00
N ALA A 258 19.03 -3.56 -23.86
CA ALA A 258 17.74 -3.77 -24.49
C ALA A 258 17.64 -5.07 -25.31
N GLN A 259 18.76 -5.62 -25.82
CA GLN A 259 18.67 -6.80 -26.68
C GLN A 259 19.29 -8.03 -26.01
N VAL A 260 19.36 -8.04 -24.68
CA VAL A 260 20.03 -9.12 -23.97
C VAL A 260 19.00 -9.94 -23.18
N THR A 261 19.13 -11.26 -23.34
CA THR A 261 18.27 -12.19 -22.59
C THR A 261 18.90 -12.49 -21.26
N LYS A 262 18.12 -12.99 -20.31
CA LYS A 262 18.62 -13.27 -18.95
C LYS A 262 19.71 -14.36 -19.00
N GLU A 263 19.54 -15.36 -19.85
CA GLU A 263 20.51 -16.47 -19.97
C GLU A 263 21.85 -15.98 -20.53
N GLN A 264 21.84 -14.98 -21.39
CA GLN A 264 23.10 -14.42 -21.94
C GLN A 264 23.75 -13.51 -20.89
N ALA A 265 22.95 -12.82 -20.08
CA ALA A 265 23.47 -11.97 -18.99
C ALA A 265 24.06 -12.84 -17.88
N GLN A 266 23.44 -14.00 -17.62
CA GLN A 266 23.93 -14.93 -16.57
C GLN A 266 25.22 -15.59 -17.05
N SER A 267 25.27 -16.02 -18.30
CA SER A 267 26.47 -16.70 -18.83
C SER A 267 27.61 -15.72 -18.88
N SER A 268 27.31 -14.48 -19.25
CA SER A 268 28.46 -13.58 -19.38
C SER A 268 28.91 -13.05 -18.02
N LEU A 269 27.98 -12.89 -17.05
CA LEU A 269 28.38 -12.52 -15.70
C LEU A 269 29.29 -13.60 -15.11
N GLN A 270 28.96 -14.87 -15.39
CA GLN A 270 29.70 -16.00 -14.85
C GLN A 270 31.16 -15.98 -15.35
N THR A 271 31.36 -15.71 -16.65
CA THR A 271 32.71 -15.54 -17.16
C THR A 271 33.45 -14.52 -16.30
N ILE A 272 32.79 -13.38 -16.06
CA ILE A 272 33.39 -12.30 -15.28
C ILE A 272 33.74 -12.77 -13.85
N LEU A 273 32.88 -13.61 -13.26
CA LEU A 273 33.10 -14.08 -11.90
C LEU A 273 34.10 -15.24 -11.84
N ASP A 274 34.45 -15.84 -13.00
CA ASP A 274 35.38 -16.97 -13.03
C ASP A 274 36.84 -16.51 -13.17
N ARG A 275 37.08 -15.18 -13.28
CA ARG A 275 38.42 -14.64 -13.43
C ARG A 275 39.26 -14.84 -12.17
N LYS A 276 40.57 -15.08 -12.39
CA LYS A 276 41.54 -15.26 -11.31
C LYS A 276 41.38 -14.12 -10.31
N GLY A 277 41.38 -14.46 -9.02
CA GLY A 277 41.32 -13.49 -7.94
C GLY A 277 39.87 -13.21 -7.56
N ILE A 278 39.11 -12.72 -8.54
CA ILE A 278 37.69 -12.45 -8.36
C ILE A 278 36.98 -13.68 -7.81
N ASN A 279 37.36 -14.86 -8.34
CA ASN A 279 36.63 -16.09 -8.07
C ASN A 279 36.92 -16.61 -6.66
N THR A 280 37.82 -15.96 -5.92
CA THR A 280 38.06 -16.40 -4.55
C THR A 280 37.38 -15.44 -3.57
N LEU A 281 36.72 -14.39 -4.08
CA LEU A 281 35.98 -13.49 -3.20
C LEU A 281 34.92 -14.29 -2.45
N SER A 282 34.76 -13.99 -1.16
CA SER A 282 33.66 -14.54 -0.38
C SER A 282 32.31 -14.24 -1.03
N ALA A 283 32.12 -13.01 -1.50
CA ALA A 283 30.87 -12.62 -2.13
C ALA A 283 30.58 -13.49 -3.35
N VAL A 284 31.60 -13.84 -4.14
CA VAL A 284 31.39 -14.67 -5.32
C VAL A 284 31.01 -16.09 -4.91
N LYS A 285 31.74 -16.65 -3.92
CA LYS A 285 31.53 -18.01 -3.48
C LYS A 285 30.15 -18.15 -2.83
N ASN A 286 29.76 -17.13 -2.04
CA ASN A 286 28.46 -17.08 -1.36
C ASN A 286 27.32 -16.69 -2.32
N GLY A 287 27.63 -16.38 -3.58
CA GLY A 287 26.58 -16.06 -4.53
C GLY A 287 26.00 -14.65 -4.39
N ARG A 288 26.60 -13.79 -3.55
CA ARG A 288 26.19 -12.39 -3.51
C ARG A 288 26.95 -11.60 -4.59
N SER A 289 26.71 -11.99 -5.85
CA SER A 289 27.40 -11.45 -7.01
C SER A 289 26.38 -11.09 -8.08
N TYR A 290 26.52 -9.91 -8.69
CA TYR A 290 25.45 -9.32 -9.49
C TYR A 290 26.03 -8.54 -10.65
N GLY A 291 25.15 -8.28 -11.63
CA GLY A 291 25.47 -7.45 -12.79
C GLY A 291 24.48 -6.31 -12.93
N ILE A 292 25.00 -5.11 -13.28
CA ILE A 292 24.20 -3.92 -13.47
C ILE A 292 24.63 -3.28 -14.78
N TRP A 293 23.67 -2.71 -15.51
CA TRP A 293 23.92 -2.13 -16.81
C TRP A 293 24.72 -0.84 -16.65
N HIS A 294 25.84 -0.77 -17.39
CA HIS A 294 26.86 0.24 -17.10
C HIS A 294 26.30 1.66 -17.26
N ASN A 295 25.45 1.88 -18.27
CA ASN A 295 25.10 3.24 -18.66
C ASN A 295 24.23 3.90 -17.59
N PHE A 296 23.86 3.15 -16.53
CA PHE A 296 23.17 3.75 -15.41
C PHE A 296 24.12 4.67 -14.67
N TYR A 297 25.40 4.61 -15.06
CA TYR A 297 26.44 5.43 -14.45
C TYR A 297 26.30 6.88 -14.94
N ASN A 298 25.41 7.11 -15.91
CA ASN A 298 25.16 8.45 -16.42
C ASN A 298 23.77 8.56 -17.04
N SER A 299 22.73 8.38 -16.22
CA SER A 299 21.35 8.41 -16.71
C SER A 299 20.38 8.69 -15.58
N PRO A 300 19.37 9.54 -15.78
CA PRO A 300 18.35 9.78 -14.76
C PRO A 300 17.41 8.59 -14.57
N TYR A 301 17.57 7.54 -15.38
CA TYR A 301 16.92 6.27 -15.12
C TYR A 301 17.64 5.52 -13.99
N ASN A 302 18.60 6.17 -13.33
CA ASN A 302 19.45 5.51 -12.34
C ASN A 302 18.64 5.05 -11.12
N VAL A 303 17.38 5.48 -10.96
CA VAL A 303 16.55 4.97 -9.88
C VAL A 303 16.39 3.45 -10.03
N LEU A 304 16.53 2.92 -11.23
CA LEU A 304 16.42 1.45 -11.42
C LEU A 304 17.59 0.71 -10.76
N ALA A 305 18.81 1.26 -10.84
CA ALA A 305 19.99 0.66 -10.17
C ALA A 305 19.92 0.80 -8.66
N ILE A 306 19.56 1.98 -8.15
CA ILE A 306 19.37 2.18 -6.67
C ILE A 306 18.45 1.09 -6.13
N GLN A 307 17.33 0.83 -6.81
CA GLN A 307 16.37 -0.20 -6.38
C GLN A 307 16.99 -1.60 -6.52
N SER A 308 17.65 -1.88 -7.64
CA SER A 308 18.31 -3.20 -7.85
C SER A 308 19.37 -3.43 -6.75
N PHE A 309 20.11 -2.40 -6.38
CA PHE A 309 21.14 -2.49 -5.32
C PHE A 309 20.50 -2.78 -3.96
N ALA A 310 19.43 -2.09 -3.60
CA ALA A 310 18.77 -2.29 -2.29
C ALA A 310 18.24 -3.72 -2.16
N LYS A 311 17.65 -4.24 -3.23
CA LYS A 311 17.14 -5.63 -3.25
C LYS A 311 18.32 -6.62 -3.15
N TRP A 312 19.50 -6.25 -3.63
CA TRP A 312 20.69 -7.12 -3.45
C TRP A 312 21.27 -6.95 -2.04
N PHE A 313 21.19 -5.74 -1.49
CA PHE A 313 21.75 -5.47 -0.17
C PHE A 313 20.86 -6.04 0.91
N TYR A 314 19.55 -6.03 0.71
CA TYR A 314 18.60 -6.49 1.76
C TYR A 314 17.50 -7.28 1.07
N PRO A 315 17.80 -8.49 0.56
CA PRO A 315 16.85 -9.29 -0.26
C PRO A 315 15.43 -9.41 0.29
N GLN A 316 15.26 -9.67 1.58
CA GLN A 316 13.91 -9.94 2.12
C GLN A 316 13.18 -8.61 2.40
N GLN A 317 13.91 -7.62 2.88
CA GLN A 317 13.28 -6.30 3.17
C GLN A 317 12.76 -5.66 1.87
N PHE A 318 13.23 -6.11 0.71
CA PHE A 318 12.81 -5.52 -0.59
C PHE A 318 12.28 -6.63 -1.50
N ALA A 319 11.69 -7.66 -0.91
CA ALA A 319 11.19 -8.80 -1.69
C ALA A 319 10.00 -8.37 -2.52
N ASP A 320 9.25 -7.41 -2.00
CA ASP A 320 8.05 -6.91 -2.64
C ASP A 320 8.38 -5.84 -3.68
N LEU A 321 9.60 -5.30 -3.70
CA LEU A 321 9.99 -4.28 -4.67
C LEU A 321 10.43 -4.94 -5.98
N ASP A 322 9.92 -4.41 -7.10
CA ASP A 322 10.25 -4.92 -8.45
C ASP A 322 10.71 -3.78 -9.35
N PRO A 323 12.03 -3.65 -9.59
CA PRO A 323 12.59 -2.58 -10.46
C PRO A 323 12.11 -2.73 -11.91
N ASN A 324 11.70 -3.93 -12.31
CA ASN A 324 11.16 -4.18 -13.67
C ASN A 324 9.79 -3.50 -13.82
N ASN A 325 8.96 -3.56 -12.78
CA ASN A 325 7.66 -2.84 -12.80
C ASN A 325 7.95 -1.35 -12.85
N THR A 326 9.00 -0.92 -12.14
CA THR A 326 9.38 0.50 -12.13
C THR A 326 9.80 0.93 -13.52
N MET A 327 10.66 0.15 -14.18
CA MET A 327 11.13 0.47 -15.55
C MET A 327 9.92 0.57 -16.46
N ASN A 328 8.99 -0.37 -16.32
CA ASN A 328 7.81 -0.41 -17.20
C ASN A 328 6.93 0.81 -16.95
N SER A 329 6.80 1.24 -15.70
CA SER A 329 6.02 2.46 -15.41
C SER A 329 6.78 3.64 -16.01
N LEU A 330 8.11 3.57 -15.97
CA LEU A 330 8.90 4.66 -16.56
C LEU A 330 8.63 4.73 -18.07
N TYR A 331 8.79 3.60 -18.78
CA TYR A 331 8.66 3.60 -20.23
C TYR A 331 7.26 4.04 -20.66
N SER A 332 6.23 3.42 -20.06
CA SER A 332 4.87 3.68 -20.49
C SER A 332 4.51 5.14 -20.22
N GLN A 333 4.90 5.69 -19.06
CA GLN A 333 4.56 7.07 -18.74
C GLN A 333 5.31 8.10 -19.59
N PHE A 334 6.55 7.80 -20.04
CA PHE A 334 7.43 8.86 -20.50
C PHE A 334 8.01 8.60 -21.89
N LEU A 335 8.18 7.35 -22.31
CA LEU A 335 9.01 7.07 -23.48
C LEU A 335 8.18 6.69 -24.71
N ALA A 336 8.87 6.46 -25.82
CA ALA A 336 8.20 6.19 -27.07
C ALA A 336 8.53 4.80 -27.59
N ILE A 337 9.23 3.99 -26.78
CA ILE A 337 9.57 2.64 -27.21
C ILE A 337 9.12 1.65 -26.14
N GLU A 338 9.22 0.37 -26.45
CA GLU A 338 8.78 -0.68 -25.54
C GLU A 338 9.99 -1.24 -24.79
N PRO A 339 9.91 -1.43 -23.45
CA PRO A 339 11.02 -2.01 -22.70
C PRO A 339 11.34 -3.44 -23.10
N THR A 340 12.60 -3.72 -23.40
CA THR A 340 13.02 -5.10 -23.68
C THR A 340 14.37 -5.34 -23.03
N GLY A 341 14.78 -6.61 -22.95
CA GLY A 341 16.14 -6.99 -22.56
C GLY A 341 16.32 -7.05 -21.04
N THR A 342 17.59 -7.11 -20.62
CA THR A 342 17.95 -7.39 -19.25
C THR A 342 18.91 -6.29 -18.79
N TYR A 343 18.50 -5.51 -17.79
CA TYR A 343 19.32 -4.40 -17.30
C TYR A 343 20.01 -4.76 -15.98
N TRP A 344 19.78 -5.97 -15.47
CA TRP A 344 20.33 -6.43 -14.16
C TRP A 344 20.24 -7.94 -14.09
N VAL A 345 21.16 -8.63 -13.41
CA VAL A 345 21.16 -10.09 -13.41
C VAL A 345 21.77 -10.55 -12.08
N ASP A 346 21.32 -11.73 -11.60
CA ASP A 346 21.89 -12.41 -10.45
C ASP A 346 22.64 -13.65 -10.92
N SER A 347 23.71 -14.00 -10.20
CA SER A 347 24.51 -15.17 -10.51
C SER A 347 23.73 -16.43 -10.16
N THR A 348 23.91 -17.47 -10.99
CA THR A 348 23.23 -18.74 -10.82
C THR A 348 23.89 -19.49 -9.68
N ASN B 3 6.66 53.75 18.21
CA ASN B 3 8.04 53.20 18.32
C ASN B 3 8.10 52.07 19.35
N ILE B 4 8.99 51.11 19.18
CA ILE B 4 9.15 49.94 20.06
C ILE B 4 10.63 49.65 20.28
N THR B 5 10.93 48.90 21.35
CA THR B 5 12.29 48.56 21.79
C THR B 5 12.57 47.11 21.41
N ASP B 6 13.59 46.84 20.59
CA ASP B 6 13.84 45.49 20.14
C ASP B 6 14.67 44.75 21.19
N MET B 7 15.17 43.56 20.82
CA MET B 7 15.86 42.69 21.76
C MET B 7 17.33 43.10 21.94
N ALA B 8 17.80 44.04 21.12
CA ALA B 8 19.12 44.62 21.28
C ALA B 8 19.05 45.94 22.07
N GLY B 9 17.87 46.31 22.61
CA GLY B 9 17.71 47.54 23.37
C GLY B 9 17.52 48.77 22.48
N ARG B 10 17.50 48.57 21.15
CA ARG B 10 17.43 49.67 20.18
C ARG B 10 15.98 50.04 19.90
N SER B 11 15.72 51.34 19.79
CA SER B 11 14.35 51.82 19.46
C SER B 11 14.12 51.68 17.96
N VAL B 12 12.97 51.15 17.59
CA VAL B 12 12.69 50.92 16.14
C VAL B 12 11.39 51.67 15.80
N VAL B 13 11.40 52.38 14.68
CA VAL B 13 10.19 53.09 14.21
C VAL B 13 9.29 52.09 13.47
N ILE B 14 8.03 51.98 13.89
CA ILE B 14 7.09 51.01 13.26
C ILE B 14 6.68 51.54 11.89
N PRO B 15 6.86 50.74 10.83
CA PRO B 15 6.44 51.13 9.47
C PRO B 15 4.93 51.29 9.44
N ALA B 16 4.42 52.14 8.55
CA ALA B 16 2.97 52.26 8.44
C ALA B 16 2.40 50.99 7.81
N LYS B 17 3.04 50.50 6.74
CA LYS B 17 2.66 49.25 6.10
C LYS B 17 3.92 48.47 5.75
N VAL B 18 3.90 47.17 5.99
CA VAL B 18 5.03 46.30 5.69
C VAL B 18 4.61 45.33 4.60
N GLU B 19 5.42 45.17 3.56
CA GLU B 19 5.14 44.17 2.53
C GLU B 19 6.41 43.49 2.01
N ARG B 20 7.58 43.87 2.56
CA ARG B 20 8.85 43.38 2.06
C ARG B 20 9.79 43.08 3.23
N ILE B 21 9.54 41.95 3.89
CA ILE B 21 10.28 41.54 5.08
C ILE B 21 11.56 40.80 4.69
N LEU B 22 12.68 41.25 5.25
CA LEU B 22 13.96 40.58 5.08
C LEU B 22 14.30 39.76 6.32
N LEU B 23 14.62 38.48 6.11
CA LEU B 23 14.95 37.61 7.23
C LEU B 23 16.45 37.39 7.27
N GLY B 24 17.07 37.99 8.29
CA GLY B 24 18.50 37.84 8.55
C GLY B 24 18.91 36.38 8.77
N GLU B 25 18.08 35.65 9.51
CA GLU B 25 18.22 34.21 9.62
C GLU B 25 16.90 33.59 9.16
N GLY B 26 17.02 32.66 8.19
CA GLY B 26 15.89 31.99 7.58
C GLY B 26 14.93 31.39 8.62
N ARG B 27 15.48 30.73 9.63
CA ARG B 27 14.64 30.07 10.62
C ARG B 27 13.92 31.07 11.51
N LEU B 28 14.16 32.38 11.32
CA LEU B 28 13.32 33.37 11.99
C LEU B 28 11.91 33.35 11.39
N PHE B 29 11.77 32.64 10.25
CA PHE B 29 10.48 32.40 9.62
C PHE B 29 9.46 31.84 10.62
N TYR B 30 9.94 30.99 11.54
CA TYR B 30 9.08 30.34 12.52
C TYR B 30 8.29 31.38 13.30
N ALA B 31 8.93 32.51 13.66
CA ALA B 31 8.23 33.52 14.41
C ALA B 31 7.24 34.23 13.49
N VAL B 32 7.63 34.38 12.22
CA VAL B 32 6.80 35.08 11.26
C VAL B 32 5.57 34.24 10.95
N SER B 33 5.77 32.91 10.84
CA SER B 33 4.70 31.99 10.47
C SER B 33 3.51 32.08 11.45
N LEU B 34 3.78 32.42 12.71
CA LEU B 34 2.72 32.50 13.71
C LEU B 34 1.85 33.74 13.50
N LEU B 35 2.27 34.65 12.61
CA LEU B 35 1.58 35.91 12.43
C LEU B 35 0.87 36.01 11.07
N GLU B 36 1.32 35.21 10.08
CA GLU B 36 0.92 35.39 8.71
C GLU B 36 -0.24 34.48 8.31
N GLY B 37 -0.75 33.66 9.24
CA GLY B 37 -1.92 32.84 8.97
C GLY B 37 -1.74 31.95 7.73
N GLN B 38 -2.71 32.05 6.79
CA GLN B 38 -2.75 31.15 5.66
C GLN B 38 -1.92 31.69 4.50
N LYS B 39 -1.32 32.89 4.68
CA LYS B 39 -0.49 33.53 3.67
C LYS B 39 0.94 33.72 4.21
N PRO B 40 1.67 32.60 4.47
CA PRO B 40 2.95 32.65 5.18
C PRO B 40 4.09 33.41 4.50
N PHE B 41 4.21 33.26 3.19
CA PHE B 41 5.33 33.76 2.41
C PHE B 41 4.98 35.02 1.61
N ASP B 42 3.81 35.58 1.85
CA ASP B 42 3.29 36.68 1.03
C ASP B 42 4.16 37.93 1.19
N ARG B 43 4.77 38.13 2.37
CA ARG B 43 5.47 39.36 2.65
C ARG B 43 7.00 39.21 2.78
N ILE B 44 7.55 38.06 2.38
CA ILE B 44 8.98 37.78 2.54
C ILE B 44 9.68 38.12 1.22
N VAL B 45 10.54 39.17 1.20
CA VAL B 45 11.30 39.56 0.02
C VAL B 45 12.53 38.70 -0.14
N GLY B 46 13.09 38.22 0.97
CA GLY B 46 14.26 37.38 0.92
C GLY B 46 14.68 36.94 2.32
N TRP B 47 15.54 35.92 2.36
CA TRP B 47 15.96 35.33 3.62
C TRP B 47 17.33 34.65 3.50
N GLN B 48 18.02 34.55 4.64
CA GLN B 48 19.19 33.68 4.76
C GLN B 48 18.83 32.24 4.37
N GLY B 49 19.79 31.49 3.80
CA GLY B 49 19.55 30.16 3.27
C GLY B 49 19.52 29.04 4.33
N ASP B 50 19.48 29.40 5.63
CA ASP B 50 19.57 28.40 6.67
C ASP B 50 18.27 27.60 6.77
N PHE B 51 17.14 28.28 6.58
CA PHE B 51 15.86 27.59 6.65
C PHE B 51 15.75 26.61 5.49
N ARG B 52 16.20 26.99 4.30
CA ARG B 52 16.06 26.12 3.15
C ARG B 52 17.07 24.98 3.19
N LYS B 53 18.26 25.21 3.78
CA LYS B 53 19.35 24.25 3.68
C LYS B 53 19.52 23.46 4.98
N LEU B 54 19.16 24.07 6.12
CA LEU B 54 19.30 23.44 7.44
C LEU B 54 17.93 23.08 8.04
N ASP B 55 16.86 23.18 7.26
CA ASP B 55 15.54 22.77 7.71
C ASP B 55 14.79 22.19 6.50
N THR B 56 15.44 21.23 5.82
CA THR B 56 15.00 20.80 4.51
C THR B 56 13.60 20.19 4.62
N GLN B 57 13.33 19.53 5.76
CA GLN B 57 12.07 18.85 5.96
C GLN B 57 10.92 19.85 6.05
N THR B 58 10.99 20.81 6.98
CA THR B 58 9.91 21.78 7.13
C THR B 58 9.78 22.61 5.84
N TYR B 59 10.91 22.87 5.17
CA TYR B 59 10.89 23.53 3.88
C TYR B 59 10.03 22.72 2.89
N ALA B 60 10.33 21.44 2.70
CA ALA B 60 9.67 20.63 1.67
C ALA B 60 8.15 20.62 1.90
N VAL B 61 7.72 20.59 3.16
CA VAL B 61 6.31 20.55 3.48
C VAL B 61 5.66 21.86 3.01
N TYR B 62 6.30 23.00 3.27
CA TYR B 62 5.72 24.26 2.83
C TYR B 62 5.79 24.41 1.30
N LYS B 63 6.78 23.78 0.65
CA LYS B 63 6.92 23.87 -0.79
C LYS B 63 5.79 23.13 -1.51
N ALA B 64 5.41 21.96 -0.98
CA ALA B 64 4.35 21.17 -1.58
C ALA B 64 3.02 21.93 -1.58
N LYS B 65 2.84 22.82 -0.61
CA LYS B 65 1.61 23.64 -0.53
C LYS B 65 1.82 25.03 -1.14
N PHE B 66 3.06 25.51 -1.11
CA PHE B 66 3.36 26.85 -1.69
C PHE B 66 4.62 26.73 -2.53
N PRO B 67 4.56 26.34 -3.82
CA PRO B 67 5.78 26.14 -4.61
C PRO B 67 6.57 27.42 -4.87
N GLN B 68 5.93 28.58 -4.61
CA GLN B 68 6.55 29.89 -4.79
C GLN B 68 7.63 30.17 -3.74
N VAL B 69 7.79 29.29 -2.76
CA VAL B 69 8.80 29.44 -1.72
C VAL B 69 10.20 29.32 -2.33
N ASP B 70 10.35 28.44 -3.33
CA ASP B 70 11.58 28.28 -4.10
C ASP B 70 12.03 29.57 -4.79
N ASN B 71 11.13 30.56 -4.97
CA ASN B 71 11.49 31.77 -5.69
C ASN B 71 11.82 32.91 -4.74
N ILE B 72 11.69 32.69 -3.42
CA ILE B 72 12.15 33.70 -2.47
C ILE B 72 13.67 33.74 -2.56
N PRO B 73 14.29 34.93 -2.77
CA PRO B 73 15.75 35.02 -2.91
C PRO B 73 16.49 34.64 -1.63
N LEU B 74 17.59 33.89 -1.83
CA LEU B 74 18.54 33.56 -0.77
C LEU B 74 19.62 34.64 -0.72
N ILE B 75 19.71 35.36 0.41
CA ILE B 75 20.68 36.43 0.53
C ILE B 75 22.06 35.87 0.90
N GLY B 76 22.14 34.60 1.28
CA GLY B 76 23.41 33.94 1.55
C GLY B 76 23.23 32.44 1.84
N ASN B 77 24.26 31.79 2.38
CA ASN B 77 24.20 30.37 2.69
C ASN B 77 23.79 30.21 4.15
N THR B 78 24.72 29.81 5.03
CA THR B 78 24.37 29.47 6.41
C THR B 78 25.23 30.25 7.40
N THR B 79 25.96 31.29 6.93
CA THR B 79 26.84 32.08 7.76
C THR B 79 26.64 33.56 7.43
N ALA B 80 26.74 34.42 8.45
CA ALA B 80 26.61 35.85 8.25
C ALA B 80 27.60 36.38 7.21
N ASP B 81 28.79 35.78 7.14
CA ASP B 81 29.86 36.30 6.27
C ASP B 81 29.59 35.99 4.80
N SER B 82 28.61 35.13 4.49
CA SER B 82 28.35 34.76 3.10
C SER B 82 27.22 35.62 2.50
N ILE B 83 26.65 36.54 3.31
CA ILE B 83 25.58 37.40 2.86
C ILE B 83 26.17 38.54 2.03
N SER B 84 25.76 38.63 0.76
CA SER B 84 26.03 39.77 -0.11
C SER B 84 25.16 40.95 0.33
N PRO B 85 25.74 42.07 0.85
CA PRO B 85 24.93 43.23 1.21
C PRO B 85 24.28 43.91 0.00
N GLU B 86 24.85 43.65 -1.18
CA GLU B 86 24.37 44.23 -2.41
C GLU B 86 23.03 43.58 -2.80
N LYS B 87 23.00 42.24 -2.84
CA LYS B 87 21.75 41.54 -3.15
C LYS B 87 20.68 41.96 -2.15
N VAL B 88 21.05 42.11 -0.87
CA VAL B 88 20.10 42.49 0.17
C VAL B 88 19.45 43.83 -0.16
N LEU B 89 20.26 44.82 -0.53
CA LEU B 89 19.76 46.18 -0.65
C LEU B 89 18.87 46.34 -1.90
N THR B 90 19.16 45.56 -2.96
CA THR B 90 18.37 45.66 -4.20
C THR B 90 16.99 45.01 -4.02
N LEU B 91 16.74 44.27 -2.92
CA LEU B 91 15.40 43.77 -2.66
C LEU B 91 14.55 44.86 -2.03
N ASN B 92 15.15 46.01 -1.72
CA ASN B 92 14.38 47.14 -1.22
C ASN B 92 13.46 46.66 -0.10
N PRO B 93 13.98 46.04 0.97
CA PRO B 93 13.15 45.69 2.11
C PRO B 93 12.58 46.91 2.81
N ASP B 94 11.43 46.76 3.47
CA ASP B 94 10.87 47.83 4.27
C ASP B 94 10.99 47.47 5.74
N ILE B 95 11.44 46.23 6.03
CA ILE B 95 11.89 45.86 7.37
C ILE B 95 12.83 44.66 7.30
N ALA B 96 13.79 44.65 8.22
CA ALA B 96 14.73 43.55 8.32
C ALA B 96 14.69 42.99 9.74
N ILE B 97 14.47 41.66 9.84
CA ILE B 97 14.43 40.98 11.11
C ILE B 97 15.71 40.16 11.24
N PHE B 98 16.46 40.44 12.33
CA PHE B 98 17.72 39.80 12.62
C PHE B 98 17.69 39.23 14.04
N GLY B 99 18.62 38.31 14.28
CA GLY B 99 18.77 37.64 15.55
C GLY B 99 20.03 38.10 16.29
N LEU B 100 19.91 38.31 17.62
CA LEU B 100 21.04 38.68 18.45
C LEU B 100 22.18 37.70 18.19
N SER B 101 21.86 36.42 17.95
CA SER B 101 22.88 35.44 17.64
C SER B 101 22.41 34.56 16.50
N GLY B 102 23.35 33.79 15.91
CA GLY B 102 22.99 32.69 15.03
C GLY B 102 23.73 32.79 13.69
N HIS B 103 23.11 32.23 12.64
CA HIS B 103 23.76 32.06 11.35
C HIS B 103 23.57 33.29 10.46
N GLY B 104 23.10 34.39 11.07
CA GLY B 104 22.85 35.63 10.37
C GLY B 104 23.47 36.82 11.11
N PRO B 105 23.44 38.01 10.50
CA PRO B 105 24.08 39.19 11.08
C PRO B 105 23.60 39.55 12.48
N GLY B 106 24.53 40.11 13.26
CA GLY B 106 24.25 40.54 14.63
C GLY B 106 24.21 42.06 14.68
N LYS B 107 24.09 42.59 15.89
CA LYS B 107 23.80 44.00 16.10
C LYS B 107 24.94 44.91 15.63
N ASN B 108 26.15 44.38 15.45
CA ASN B 108 27.30 45.21 15.12
C ASN B 108 27.78 44.99 13.68
N SER B 109 27.03 44.21 12.90
CA SER B 109 27.45 43.89 11.54
C SER B 109 27.37 45.14 10.66
N GLU B 110 28.10 45.09 9.53
CA GLU B 110 28.18 46.20 8.59
C GLU B 110 26.82 46.34 7.90
N LEU B 111 26.20 45.19 7.59
CA LEU B 111 24.94 45.15 6.87
C LEU B 111 23.86 45.87 7.66
N VAL B 112 23.84 45.73 8.99
CA VAL B 112 22.91 46.47 9.83
C VAL B 112 23.12 47.96 9.67
N LYS B 113 24.38 48.40 9.55
CA LYS B 113 24.67 49.83 9.41
C LYS B 113 24.27 50.31 8.01
N GLN B 114 24.57 49.51 6.98
CA GLN B 114 24.14 49.80 5.62
C GLN B 114 22.63 50.03 5.57
N LEU B 115 21.88 49.15 6.21
CA LEU B 115 20.43 49.24 6.19
C LEU B 115 19.97 50.51 6.90
N GLU B 116 20.65 50.90 7.98
CA GLU B 116 20.31 52.14 8.70
C GLU B 116 20.56 53.34 7.79
N LYS B 117 21.61 53.29 6.96
CA LYS B 117 21.94 54.36 6.03
C LYS B 117 20.87 54.42 4.93
N ALA B 118 20.29 53.25 4.58
CA ALA B 118 19.30 53.15 3.52
C ALA B 118 17.89 53.52 4.00
N GLY B 119 17.73 53.79 5.29
CA GLY B 119 16.45 54.20 5.86
C GLY B 119 15.53 53.02 6.16
N VAL B 120 16.10 51.81 6.27
CA VAL B 120 15.34 50.58 6.48
C VAL B 120 15.34 50.23 7.96
N PRO B 121 14.17 50.18 8.66
CA PRO B 121 14.17 49.76 10.05
C PRO B 121 14.63 48.31 10.22
N VAL B 122 15.40 48.09 11.30
CA VAL B 122 15.94 46.79 11.63
C VAL B 122 15.40 46.38 13.00
N VAL B 123 14.91 45.14 13.11
CA VAL B 123 14.43 44.63 14.38
C VAL B 123 15.22 43.39 14.78
N PHE B 124 15.74 43.44 16.02
CA PHE B 124 16.41 42.31 16.64
C PHE B 124 15.43 41.58 17.54
N VAL B 125 15.34 40.28 17.27
CA VAL B 125 14.60 39.33 18.11
C VAL B 125 15.61 38.33 18.70
N ASP B 126 15.14 37.45 19.59
CA ASP B 126 16.00 36.42 20.13
C ASP B 126 15.19 35.25 20.68
N PHE B 127 15.49 34.06 20.12
CA PHE B 127 14.94 32.80 20.62
C PHE B 127 16.06 31.83 21.00
N ARG B 128 17.31 32.33 21.02
CA ARG B 128 18.48 31.47 20.89
C ARG B 128 19.49 31.69 22.01
N THR B 129 19.78 32.96 22.28
CA THR B 129 20.68 33.30 23.36
C THR B 129 19.92 33.18 24.67
N SER B 130 18.78 33.89 24.79
CA SER B 130 18.07 33.96 26.07
C SER B 130 16.58 33.72 25.87
N PRO B 131 16.21 32.50 25.42
CA PRO B 131 14.82 32.18 25.15
C PRO B 131 13.86 32.58 26.27
N LEU B 132 14.26 32.35 27.53
CA LEU B 132 13.36 32.62 28.65
C LEU B 132 13.07 34.12 28.73
N LYS B 133 14.10 34.98 28.62
CA LYS B 133 13.90 36.40 28.72
C LYS B 133 13.22 36.93 27.45
N ASN B 134 13.55 36.35 26.29
CA ASN B 134 13.38 37.05 25.02
C ASN B 134 12.23 36.53 24.15
N THR B 135 11.82 35.26 24.29
CA THR B 135 10.88 34.67 23.34
C THR B 135 9.61 35.51 23.27
N LEU B 136 8.96 35.77 24.41
CA LEU B 136 7.67 36.43 24.40
C LEU B 136 7.84 37.91 24.01
N PRO B 137 8.78 38.67 24.62
CA PRO B 137 9.02 40.04 24.15
C PRO B 137 9.28 40.12 22.65
N SER B 138 9.98 39.13 22.08
CA SER B 138 10.26 39.11 20.65
C SER B 138 8.97 39.05 19.84
N MET B 139 8.04 38.17 20.25
CA MET B 139 6.77 38.03 19.54
C MET B 139 5.95 39.32 19.69
N ARG B 140 5.91 39.90 20.89
CA ARG B 140 5.19 41.15 21.10
C ARG B 140 5.68 42.18 20.10
N VAL B 141 7.00 42.31 20.01
CA VAL B 141 7.61 43.28 19.12
C VAL B 141 7.29 42.96 17.66
N LEU B 142 7.44 41.69 17.24
CA LEU B 142 7.19 41.35 15.85
C LEU B 142 5.74 41.68 15.48
N GLY B 143 4.84 41.42 16.43
CA GLY B 143 3.44 41.78 16.29
C GLY B 143 3.26 43.25 15.91
N LYS B 144 3.97 44.14 16.61
CA LYS B 144 3.77 45.57 16.46
C LYS B 144 4.32 46.05 15.13
N VAL B 145 5.52 45.56 14.75
CA VAL B 145 6.20 46.09 13.59
C VAL B 145 5.64 45.45 12.31
N LEU B 146 5.02 44.26 12.41
CA LEU B 146 4.48 43.61 11.23
C LEU B 146 2.96 43.77 11.12
N HIS B 147 2.35 44.48 12.09
CA HIS B 147 0.91 44.74 12.12
C HIS B 147 0.15 43.42 12.18
N ARG B 148 0.49 42.62 13.20
CA ARG B 148 -0.18 41.36 13.48
C ARG B 148 -0.27 41.22 14.98
N GLU B 149 -0.66 42.32 15.66
CA GLU B 149 -0.75 42.36 17.11
C GLU B 149 -1.71 41.27 17.61
N GLN B 150 -2.80 41.03 16.88
CA GLN B 150 -3.76 40.03 17.31
C GLN B 150 -3.12 38.66 17.33
N GLN B 151 -2.50 38.25 16.21
CA GLN B 151 -1.89 36.94 16.11
C GLN B 151 -0.83 36.77 17.20
N ALA B 152 -0.01 37.82 17.40
CA ALA B 152 1.05 37.78 18.38
C ALA B 152 0.49 37.59 19.79
N ASN B 153 -0.53 38.37 20.15
CA ASN B 153 -1.11 38.30 21.48
C ASN B 153 -1.80 36.95 21.68
N ASP B 154 -2.41 36.42 20.62
CA ASP B 154 -3.00 35.10 20.67
C ASP B 154 -1.92 34.06 20.98
N TYR B 155 -0.74 34.19 20.35
CA TYR B 155 0.30 33.18 20.49
C TYR B 155 0.96 33.27 21.88
N ILE B 156 1.12 34.50 22.39
CA ILE B 156 1.66 34.71 23.72
C ILE B 156 0.74 34.05 24.75
N LYS B 157 -0.57 34.25 24.65
CA LYS B 157 -1.48 33.65 25.61
C LYS B 157 -1.35 32.13 25.54
N PHE B 158 -1.34 31.55 24.33
CA PHE B 158 -1.18 30.12 24.14
C PHE B 158 0.11 29.63 24.77
N TYR B 159 1.20 30.34 24.53
CA TYR B 159 2.52 29.98 25.02
C TYR B 159 2.57 30.01 26.55
N GLU B 160 2.18 31.15 27.13
CA GLU B 160 2.21 31.32 28.58
C GLU B 160 1.40 30.21 29.27
N ASP B 161 0.22 29.91 28.72
CA ASP B 161 -0.67 28.93 29.31
C ASP B 161 -0.01 27.55 29.26
N ASN B 162 0.63 27.22 28.13
CA ASN B 162 1.19 25.88 27.94
C ASN B 162 2.50 25.71 28.71
N VAL B 163 3.24 26.80 28.89
CA VAL B 163 4.40 26.79 29.78
C VAL B 163 3.94 26.75 31.23
N ARG B 164 2.88 27.48 31.60
CA ARG B 164 2.42 27.53 32.99
C ARG B 164 2.04 26.13 33.47
N LYS B 165 1.60 25.27 32.53
CA LYS B 165 1.30 23.88 32.85
C LYS B 165 2.52 23.17 33.43
N VAL B 166 3.72 23.60 33.02
CA VAL B 166 4.97 23.05 33.53
C VAL B 166 5.39 23.83 34.76
N THR B 167 5.48 25.14 34.67
CA THR B 167 6.12 25.92 35.73
C THR B 167 5.29 25.90 37.03
N GLU B 168 3.96 25.74 36.95
CA GLU B 168 3.15 25.65 38.15
C GLU B 168 3.68 24.55 39.07
N ILE B 169 4.24 23.49 38.47
CA ILE B 169 4.79 22.36 39.20
C ILE B 169 6.28 22.58 39.47
N THR B 170 7.11 22.79 38.43
CA THR B 170 8.56 22.77 38.58
C THR B 170 9.10 24.01 39.29
N SER B 171 8.35 25.11 39.38
CA SER B 171 8.85 26.31 40.04
C SER B 171 8.95 26.12 41.56
N LYS B 172 8.20 25.14 42.10
CA LYS B 172 8.16 24.89 43.53
C LYS B 172 9.10 23.73 43.93
N ILE B 173 9.75 23.07 42.96
CA ILE B 173 10.63 21.96 43.25
C ILE B 173 11.98 22.49 43.74
N PRO B 174 12.50 22.02 44.90
CA PRO B 174 13.83 22.42 45.36
C PRO B 174 14.98 21.73 44.63
N ALA B 175 16.12 22.42 44.57
CA ALA B 175 17.23 22.08 43.69
C ALA B 175 17.69 20.63 43.89
N ASP B 176 17.64 20.17 45.14
CA ASP B 176 18.18 18.88 45.54
C ASP B 176 17.26 17.74 45.12
N LYS B 177 16.06 18.04 44.63
CA LYS B 177 15.16 17.02 44.13
C LYS B 177 15.18 16.97 42.60
N LYS B 178 15.96 17.88 41.97
CA LYS B 178 15.99 17.98 40.52
C LYS B 178 16.96 16.95 39.93
N PRO B 179 16.67 16.40 38.73
CA PRO B 179 17.64 15.51 38.06
C PRO B 179 18.72 16.30 37.32
N SER B 180 19.96 15.82 37.39
CA SER B 180 21.02 16.40 36.58
C SER B 180 20.80 16.01 35.12
N VAL B 181 21.10 16.96 34.21
CA VAL B 181 20.81 16.82 32.78
C VAL B 181 21.99 17.32 31.97
N PHE B 182 22.35 16.56 30.93
CA PHE B 182 23.25 17.05 29.90
C PHE B 182 22.55 17.01 28.56
N ILE B 183 22.59 18.13 27.82
CA ILE B 183 22.07 18.16 26.46
C ILE B 183 23.21 18.26 25.45
N GLU B 184 23.28 17.30 24.55
CA GLU B 184 24.31 17.26 23.53
C GLU B 184 23.72 17.74 22.20
N LEU B 185 23.98 19.00 21.84
CA LEU B 185 23.44 19.62 20.64
C LEU B 185 24.07 19.02 19.39
N ARG B 186 23.24 18.70 18.40
CA ARG B 186 23.70 18.13 17.13
C ARG B 186 24.67 17.00 17.46
N ALA B 187 24.25 16.17 18.43
CA ALA B 187 25.05 15.07 18.91
C ALA B 187 25.51 14.22 17.73
N GLY B 188 26.75 13.75 17.78
CA GLY B 188 27.28 12.83 16.78
C GLY B 188 27.72 13.55 15.51
N ALA B 189 27.23 14.79 15.31
CA ALA B 189 27.33 15.44 14.01
C ALA B 189 28.39 16.56 14.01
N MET B 190 29.01 16.85 15.16
CA MET B 190 30.05 17.87 15.20
C MET B 190 31.42 17.19 15.11
N GLU B 191 32.43 17.96 14.68
CA GLU B 191 33.80 17.48 14.54
C GLU B 191 34.32 17.08 15.92
N GLU B 192 34.10 17.96 16.92
CA GLU B 192 34.55 17.74 18.29
C GLU B 192 33.35 17.67 19.23
N CYS B 193 33.25 16.56 19.96
CA CYS B 193 32.24 16.35 20.99
C CYS B 193 32.69 17.10 22.24
N CYS B 194 31.78 17.72 23.01
CA CYS B 194 30.34 17.66 22.83
C CYS B 194 29.75 19.06 22.96
N GLY B 195 29.04 19.50 21.92
CA GLY B 195 28.33 20.77 21.96
C GLY B 195 27.19 20.71 22.98
N THR B 196 26.92 21.83 23.65
CA THR B 196 25.85 21.88 24.63
C THR B 196 25.49 23.32 24.91
N ALA B 197 24.56 23.49 25.85
CA ALA B 197 24.07 24.81 26.17
C ALA B 197 24.38 25.10 27.62
N GLY B 198 24.71 26.37 27.88
CA GLY B 198 25.07 26.83 29.22
C GLY B 198 23.88 27.53 29.86
N LYS B 199 24.09 28.73 30.40
CA LYS B 199 23.00 29.55 30.91
C LYS B 199 22.42 30.30 29.71
N GLY B 200 21.62 29.59 28.90
CA GLY B 200 20.97 30.12 27.73
C GLY B 200 20.64 29.00 26.75
N ASN B 201 19.98 29.35 25.64
CA ASN B 201 19.60 28.35 24.65
C ASN B 201 18.79 27.28 25.38
N MET B 202 18.96 26.01 24.96
CA MET B 202 18.15 24.93 25.51
C MET B 202 18.35 24.78 27.03
N GLY B 203 19.41 25.38 27.55
CA GLY B 203 19.60 25.45 28.98
C GLY B 203 18.43 26.14 29.69
N ASP B 204 17.84 27.15 29.03
CA ASP B 204 16.70 27.82 29.61
C ASP B 204 15.55 26.84 29.76
N PHE B 205 15.46 25.88 28.82
CA PHE B 205 14.36 24.93 28.82
C PHE B 205 14.54 23.93 29.95
N ILE B 206 15.79 23.51 30.15
CA ILE B 206 16.09 22.60 31.24
C ILE B 206 15.74 23.28 32.56
N ASP B 207 16.10 24.56 32.69
CA ASP B 207 15.82 25.30 33.92
C ASP B 207 14.32 25.33 34.18
N GLN B 208 13.55 25.73 33.18
CA GLN B 208 12.10 25.89 33.30
C GLN B 208 11.44 24.54 33.63
N ALA B 209 11.89 23.46 32.96
CA ALA B 209 11.30 22.15 33.14
C ALA B 209 11.73 21.50 34.45
N GLY B 210 12.49 22.25 35.28
CA GLY B 210 12.84 21.81 36.62
C GLY B 210 14.04 20.86 36.63
N GLY B 211 14.84 20.91 35.57
CA GLY B 211 16.07 20.13 35.50
C GLY B 211 17.27 20.94 35.96
N ASN B 212 18.39 20.23 36.13
CA ASN B 212 19.64 20.81 36.55
C ASN B 212 20.68 20.56 35.45
N ASN B 213 20.95 21.64 34.69
CA ASN B 213 21.87 21.56 33.56
C ASN B 213 23.30 21.45 34.07
N MET B 214 23.97 20.33 33.78
CA MET B 214 25.32 20.11 34.27
C MET B 214 26.32 21.10 33.64
N ALA B 215 25.96 21.73 32.52
CA ALA B 215 26.85 22.65 31.83
C ALA B 215 26.57 24.10 32.18
N LYS B 216 25.55 24.36 33.01
CA LYS B 216 25.16 25.70 33.39
C LYS B 216 26.40 26.50 33.81
N ASN B 217 27.27 25.91 34.65
CA ASN B 217 28.37 26.62 35.26
C ASN B 217 29.69 26.22 34.64
N LEU B 218 29.69 25.31 33.66
CA LEU B 218 30.91 24.99 32.91
C LEU B 218 31.18 26.02 31.80
N LEU B 219 30.16 26.80 31.41
CA LEU B 219 30.26 27.61 30.21
C LEU B 219 29.83 29.04 30.51
N PRO B 220 30.51 30.02 29.87
CA PRO B 220 30.19 31.43 30.04
C PRO B 220 29.00 31.92 29.22
N GLY B 221 28.81 31.30 28.04
CA GLY B 221 27.83 31.74 27.08
C GLY B 221 26.63 30.79 26.99
N ALA B 222 25.79 31.05 25.98
CA ALA B 222 24.61 30.24 25.74
C ALA B 222 25.01 28.90 25.14
N LEU B 223 25.99 28.94 24.25
CA LEU B 223 26.51 27.73 23.61
C LEU B 223 27.97 27.57 23.99
N GLY B 224 28.44 26.32 23.92
CA GLY B 224 29.85 26.02 24.10
C GLY B 224 30.12 24.54 23.92
N THR B 225 31.23 24.08 24.48
CA THR B 225 31.70 22.72 24.31
C THR B 225 32.21 22.20 25.64
N VAL B 226 31.84 20.96 25.96
CA VAL B 226 32.33 20.25 27.13
C VAL B 226 32.88 18.92 26.64
N ASN B 227 34.01 18.48 27.20
CA ASN B 227 34.68 17.29 26.67
C ASN B 227 33.96 16.05 27.18
N LEU B 228 34.04 14.98 26.38
CA LEU B 228 33.37 13.72 26.66
C LEU B 228 33.67 13.27 28.09
N GLU B 229 34.94 13.38 28.50
CA GLU B 229 35.37 12.85 29.78
C GLU B 229 34.70 13.63 30.91
N LYS B 230 34.40 14.91 30.69
CA LYS B 230 33.78 15.71 31.72
C LYS B 230 32.34 15.26 31.93
N VAL B 231 31.71 14.82 30.82
CA VAL B 231 30.34 14.35 30.86
C VAL B 231 30.33 13.03 31.61
N LEU B 232 31.18 12.08 31.17
CA LEU B 232 31.32 10.78 31.83
C LEU B 232 31.54 10.98 33.32
N SER B 233 32.41 11.91 33.69
CA SER B 233 32.74 12.06 35.10
C SER B 233 31.55 12.61 35.87
N THR B 234 30.80 13.57 35.31
CA THR B 234 29.67 14.14 36.03
C THR B 234 28.55 13.09 36.11
N ASN B 235 28.48 12.25 35.07
CA ASN B 235 27.56 11.13 34.99
C ASN B 235 26.13 11.54 35.37
N PRO B 236 25.49 12.36 34.52
CA PRO B 236 24.21 12.98 34.88
C PRO B 236 23.04 12.00 34.80
N ASP B 237 21.99 12.37 35.53
CA ASP B 237 20.79 11.51 35.63
C ASP B 237 20.11 11.34 34.27
N ILE B 238 20.12 12.37 33.43
CA ILE B 238 19.39 12.35 32.12
C ILE B 238 20.30 12.77 30.96
N TYR B 239 20.23 12.05 29.85
CA TYR B 239 20.98 12.44 28.63
C TYR B 239 19.98 12.82 27.54
N ILE B 240 20.20 13.96 26.90
CA ILE B 240 19.34 14.41 25.81
C ILE B 240 20.21 14.75 24.61
N ALA B 241 19.85 14.24 23.43
CA ALA B 241 20.59 14.54 22.23
C ALA B 241 19.68 15.36 21.31
N SER B 242 20.19 16.45 20.72
CA SER B 242 19.43 17.17 19.73
C SER B 242 19.93 16.79 18.33
N GLY B 243 19.00 16.79 17.37
CA GLY B 243 19.33 16.68 15.96
C GLY B 243 18.14 17.11 15.10
N GLY B 244 18.41 17.32 13.81
CA GLY B 244 17.37 17.61 12.84
C GLY B 244 17.65 16.95 11.50
N LYS B 245 18.36 15.80 11.53
CA LYS B 245 18.85 15.19 10.32
C LYS B 245 17.68 14.59 9.54
N ALA B 246 17.73 14.75 8.21
CA ALA B 246 16.72 14.18 7.33
C ALA B 246 16.86 12.66 7.32
N PRO B 247 15.74 11.91 7.18
CA PRO B 247 15.78 10.44 7.21
C PRO B 247 16.80 9.82 6.26
N ASP B 248 16.86 10.35 5.03
CA ASP B 248 17.64 9.74 3.96
C ASP B 248 19.03 10.38 3.87
N ASN B 249 19.64 10.66 5.02
CA ASN B 249 20.94 11.29 5.10
C ASN B 249 21.83 10.37 5.94
N ASN B 250 22.86 9.80 5.30
CA ASN B 250 23.71 8.80 5.92
C ASN B 250 24.82 9.42 6.77
N ALA B 251 24.88 10.76 6.83
CA ALA B 251 25.77 11.45 7.74
C ALA B 251 25.39 11.14 9.19
N PRO B 252 26.31 11.32 10.17
CA PRO B 252 25.98 11.07 11.56
C PRO B 252 25.08 12.15 12.15
N GLY B 253 24.22 11.75 13.09
CA GLY B 253 23.33 12.64 13.81
C GLY B 253 21.99 11.97 14.06
N VAL B 254 21.13 12.64 14.84
CA VAL B 254 19.77 12.18 15.11
C VAL B 254 18.82 12.73 14.05
N SER B 255 17.99 11.83 13.51
CA SER B 255 16.91 12.19 12.59
C SER B 255 15.69 12.61 13.39
N LEU B 256 15.28 13.86 13.24
CA LEU B 256 14.03 14.38 13.76
C LEU B 256 13.52 15.45 12.79
N GLY B 257 12.19 15.57 12.68
CA GLY B 257 11.57 16.66 11.93
C GLY B 257 10.28 16.23 11.24
N ALA B 258 9.76 17.11 10.38
CA ALA B 258 8.46 16.92 9.74
C ALA B 258 8.37 15.63 8.91
N GLN B 259 9.48 15.08 8.40
CA GLN B 259 9.41 13.92 7.53
C GLN B 259 10.03 12.69 8.17
N VAL B 260 10.08 12.66 9.52
CA VAL B 260 10.73 11.57 10.22
C VAL B 260 9.68 10.76 10.98
N THR B 261 9.79 9.45 10.83
CA THR B 261 8.92 8.51 11.54
C THR B 261 9.49 8.24 12.92
N LYS B 262 8.67 7.74 13.84
CA LYS B 262 9.14 7.40 15.20
C LYS B 262 10.26 6.35 15.11
N GLU B 263 10.11 5.37 14.24
CA GLU B 263 11.10 4.28 14.06
C GLU B 263 12.45 4.81 13.58
N GLN B 264 12.48 5.72 12.62
CA GLN B 264 13.75 6.33 12.17
C GLN B 264 14.39 7.16 13.31
N ALA B 265 13.58 7.90 14.07
CA ALA B 265 14.06 8.72 15.19
C ALA B 265 14.72 7.85 16.24
N GLN B 266 14.07 6.76 16.61
CA GLN B 266 14.61 5.80 17.59
C GLN B 266 15.89 5.15 17.05
N SER B 267 15.82 4.61 15.84
CA SER B 267 16.98 3.92 15.22
C SER B 267 18.17 4.88 15.19
N SER B 268 17.91 6.12 14.85
CA SER B 268 19.06 7.03 14.72
C SER B 268 19.52 7.55 16.09
N LEU B 269 18.61 7.69 17.07
CA LEU B 269 19.00 8.03 18.43
C LEU B 269 19.91 6.92 18.99
N GLN B 270 19.57 5.67 18.67
CA GLN B 270 20.30 4.52 19.18
C GLN B 270 21.74 4.55 18.68
N THR B 271 21.95 4.83 17.38
CA THR B 271 23.29 4.99 16.86
C THR B 271 24.05 6.00 17.73
N ILE B 272 23.41 7.13 18.01
CA ILE B 272 24.01 8.18 18.81
C ILE B 272 24.36 7.68 20.21
N LEU B 273 23.51 6.84 20.80
CA LEU B 273 23.73 6.34 22.15
C LEU B 273 24.73 5.17 22.18
N ASP B 274 25.05 4.59 21.01
CA ASP B 274 25.96 3.46 20.93
C ASP B 274 27.43 3.90 20.79
N ARG B 275 27.68 5.22 20.69
CA ARG B 275 29.02 5.75 20.53
C ARG B 275 29.87 5.51 21.79
N LYS B 276 31.17 5.25 21.57
CA LYS B 276 32.11 4.99 22.64
C LYS B 276 32.01 6.12 23.66
N GLY B 277 32.02 5.76 24.94
CA GLY B 277 32.00 6.74 26.03
C GLY B 277 30.57 7.04 26.43
N ILE B 278 29.80 7.57 25.47
CA ILE B 278 28.40 7.88 25.69
C ILE B 278 27.67 6.64 26.21
N ASN B 279 28.01 5.46 25.65
CA ASN B 279 27.26 4.24 25.92
C ASN B 279 27.55 3.70 27.31
N THR B 280 28.46 4.30 28.06
CA THR B 280 28.72 3.85 29.42
C THR B 280 28.06 4.81 30.41
N LEU B 281 27.42 5.88 29.93
CA LEU B 281 26.69 6.78 30.81
C LEU B 281 25.62 5.99 31.55
N SER B 282 25.47 6.29 32.83
CA SER B 282 24.38 5.73 33.62
C SER B 282 23.03 6.05 32.98
N ALA B 283 22.86 7.27 32.46
CA ALA B 283 21.57 7.69 31.89
C ALA B 283 21.25 6.85 30.66
N VAL B 284 22.29 6.54 29.89
CA VAL B 284 22.05 5.74 28.71
C VAL B 284 21.68 4.30 29.08
N LYS B 285 22.42 3.72 30.05
CA LYS B 285 22.20 2.34 30.46
C LYS B 285 20.83 2.20 31.11
N ASN B 286 20.41 3.22 31.85
CA ASN B 286 19.13 3.19 32.60
C ASN B 286 17.96 3.71 31.76
N GLY B 287 18.15 3.94 30.46
CA GLY B 287 17.04 4.32 29.58
C GLY B 287 16.62 5.78 29.68
N ARG B 288 17.26 6.54 30.56
CA ARG B 288 16.96 8.00 30.64
C ARG B 288 17.70 8.70 29.50
N SER B 289 17.36 8.35 28.27
CA SER B 289 18.04 8.87 27.07
C SER B 289 16.99 9.38 26.07
N TYR B 290 17.15 10.60 25.59
CA TYR B 290 16.09 11.21 24.74
C TYR B 290 16.64 11.99 23.56
N GLY B 291 15.76 12.25 22.58
CA GLY B 291 16.08 13.08 21.44
C GLY B 291 15.10 14.25 21.34
N ILE B 292 15.64 15.42 21.00
CA ILE B 292 14.86 16.62 20.81
C ILE B 292 15.30 17.25 19.49
N TRP B 293 14.35 17.84 18.77
CA TRP B 293 14.60 18.43 17.47
C TRP B 293 15.41 19.71 17.64
N HIS B 294 16.53 19.78 16.91
CA HIS B 294 17.56 20.78 17.19
C HIS B 294 17.01 22.22 17.03
N ASN B 295 16.16 22.43 16.02
CA ASN B 295 15.82 23.80 15.64
C ASN B 295 14.96 24.45 16.71
N PHE B 296 14.59 23.71 17.76
CA PHE B 296 13.90 24.31 18.89
C PHE B 296 14.86 25.23 19.63
N TYR B 297 16.14 25.16 19.25
CA TYR B 297 17.19 25.97 19.85
C TYR B 297 17.06 27.42 19.36
N ASN B 298 16.16 27.65 18.39
CA ASN B 298 15.92 29.00 17.90
C ASN B 298 14.53 29.11 17.28
N SER B 299 13.49 28.96 18.10
CA SER B 299 12.12 28.99 17.61
C SER B 299 11.14 29.26 18.74
N PRO B 300 10.13 30.12 18.55
CA PRO B 300 9.12 30.36 19.56
C PRO B 300 8.18 29.19 19.75
N TYR B 301 8.33 28.13 18.93
CA TYR B 301 7.67 26.87 19.18
C TYR B 301 8.37 26.10 20.31
N ASN B 302 9.34 26.74 20.98
CA ASN B 302 10.19 26.06 21.97
C ASN B 302 9.39 25.60 23.20
N VAL B 303 8.13 26.04 23.35
CA VAL B 303 7.29 25.53 24.41
C VAL B 303 7.10 24.02 24.25
N LEU B 304 7.17 23.50 23.04
CA LEU B 304 7.06 22.03 22.82
C LEU B 304 8.22 21.28 23.48
N ALA B 305 9.42 21.86 23.49
CA ALA B 305 10.60 21.23 24.11
C ALA B 305 10.57 21.36 25.63
N ILE B 306 10.21 22.53 26.15
CA ILE B 306 10.08 22.74 27.62
C ILE B 306 9.14 21.66 28.17
N GLN B 307 8.08 21.34 27.43
CA GLN B 307 7.12 20.28 27.84
C GLN B 307 7.73 18.87 27.75
N SER B 308 8.38 18.55 26.63
CA SER B 308 9.02 17.22 26.44
C SER B 308 10.05 17.00 27.56
N PHE B 309 10.77 18.04 27.92
CA PHE B 309 11.78 17.98 29.01
C PHE B 309 11.09 17.72 30.33
N ALA B 310 10.02 18.46 30.64
CA ALA B 310 9.33 18.32 31.94
C ALA B 310 8.78 16.92 32.08
N LYS B 311 8.26 16.39 30.99
CA LYS B 311 7.75 15.00 31.00
C LYS B 311 8.90 13.99 31.15
N TRP B 312 10.09 14.29 30.66
CA TRP B 312 11.25 13.38 30.85
C TRP B 312 11.82 13.54 32.26
N PHE B 313 11.76 14.76 32.80
CA PHE B 313 12.32 15.02 34.12
C PHE B 313 11.41 14.49 35.22
N TYR B 314 10.10 14.57 35.03
CA TYR B 314 9.13 14.16 36.10
C TYR B 314 8.01 13.38 35.43
N PRO B 315 8.25 12.12 35.03
CA PRO B 315 7.30 11.31 34.20
C PRO B 315 5.87 11.26 34.73
N GLN B 316 5.65 10.98 36.00
CA GLN B 316 4.27 10.83 36.50
C GLN B 316 3.61 12.19 36.76
N GLN B 317 4.39 13.19 37.12
CA GLN B 317 3.83 14.52 37.46
C GLN B 317 3.23 15.17 36.20
N PHE B 318 3.67 14.73 35.02
CA PHE B 318 3.20 15.31 33.74
C PHE B 318 2.72 14.19 32.83
N ALA B 319 2.19 13.10 33.40
CA ALA B 319 1.70 11.94 32.61
C ALA B 319 0.48 12.35 31.80
N ASP B 320 -0.21 13.37 32.28
CA ASP B 320 -1.42 13.89 31.64
C ASP B 320 -1.07 14.97 30.59
N LEU B 321 0.15 15.47 30.57
CA LEU B 321 0.56 16.48 29.59
C LEU B 321 1.00 15.80 28.30
N ASP B 322 0.51 16.32 27.17
CA ASP B 322 0.84 15.76 25.84
C ASP B 322 1.32 16.87 24.91
N PRO B 323 2.64 16.94 24.64
CA PRO B 323 3.24 17.96 23.72
C PRO B 323 2.73 17.82 22.27
N ASN B 324 2.23 16.64 21.90
CA ASN B 324 1.67 16.41 20.55
C ASN B 324 0.35 17.18 20.41
N ASN B 325 -0.46 17.17 21.47
CA ASN B 325 -1.72 17.96 21.47
C ASN B 325 -1.37 19.44 21.38
N THR B 326 -0.38 19.89 22.13
CA THR B 326 0.07 21.29 22.12
C THR B 326 0.55 21.67 20.72
N MET B 327 1.37 20.83 20.08
CA MET B 327 1.83 21.08 18.70
C MET B 327 0.61 21.21 17.77
N ASN B 328 -0.34 20.29 17.90
CA ASN B 328 -1.52 20.28 17.00
C ASN B 328 -2.37 21.52 17.25
N SER B 329 -2.50 21.94 18.51
CA SER B 329 -3.26 23.17 18.80
C SER B 329 -2.47 24.34 18.22
N LEU B 330 -1.16 24.27 18.29
CA LEU B 330 -0.36 25.33 17.70
C LEU B 330 -0.62 25.40 16.19
N TYR B 331 -0.48 24.27 15.49
CA TYR B 331 -0.62 24.25 14.04
C TYR B 331 -2.01 24.70 13.60
N SER B 332 -3.03 24.11 14.20
CA SER B 332 -4.39 24.38 13.76
C SER B 332 -4.73 25.85 14.03
N GLN B 333 -4.35 26.40 15.19
CA GLN B 333 -4.67 27.79 15.50
C GLN B 333 -3.91 28.79 14.65
N PHE B 334 -2.67 28.48 14.22
CA PHE B 334 -1.76 29.53 13.75
C PHE B 334 -1.18 29.26 12.37
N LEU B 335 -1.03 28.01 11.95
CA LEU B 335 -0.21 27.71 10.77
C LEU B 335 -1.05 27.33 9.57
N ALA B 336 -0.38 27.09 8.45
CA ALA B 336 -1.06 26.84 7.20
C ALA B 336 -0.73 25.45 6.67
N ILE B 337 -0.05 24.64 7.48
CA ILE B 337 0.30 23.28 7.06
C ILE B 337 -0.19 22.32 8.14
N GLU B 338 -0.13 21.04 7.84
CA GLU B 338 -0.56 20.00 8.76
C GLU B 338 0.66 19.43 9.47
N PRO B 339 0.59 19.21 10.81
CA PRO B 339 1.70 18.62 11.56
C PRO B 339 2.01 17.20 11.11
N THR B 340 3.27 16.92 10.81
CA THR B 340 3.71 15.56 10.49
C THR B 340 5.07 15.35 11.15
N GLY B 341 5.48 14.08 11.23
CA GLY B 341 6.82 13.69 11.63
C GLY B 341 6.99 13.62 13.15
N THR B 342 8.26 13.55 13.58
CA THR B 342 8.62 13.26 14.95
C THR B 342 9.57 14.34 15.44
N TYR B 343 9.16 15.11 16.45
CA TYR B 343 9.96 16.20 16.97
C TYR B 343 10.66 15.83 18.28
N TRP B 344 10.42 14.61 18.78
CA TRP B 344 10.95 14.15 20.08
C TRP B 344 10.83 12.63 20.14
N VAL B 345 11.77 11.93 20.78
CA VAL B 345 11.78 10.48 20.78
C VAL B 345 12.37 9.99 22.10
N ASP B 346 11.90 8.81 22.57
CA ASP B 346 12.47 8.11 23.71
C ASP B 346 13.20 6.87 23.22
N SER B 347 14.21 6.50 23.98
CA SER B 347 15.04 5.31 23.66
C SER B 347 14.24 4.04 23.89
N THR B 348 14.46 3.05 23.04
CA THR B 348 13.75 1.78 23.15
C THR B 348 14.30 0.98 24.33
N ASN C 3 10.25 -34.79 43.29
CA ASN C 3 9.34 -35.19 42.18
C ASN C 3 9.36 -34.10 41.10
N ILE C 4 9.07 -34.48 39.87
CA ILE C 4 9.03 -33.57 38.73
C ILE C 4 7.83 -33.92 37.84
N THR C 5 7.38 -32.93 37.05
CA THR C 5 6.31 -33.04 36.07
C THR C 5 6.89 -33.20 34.66
N ASP C 6 6.59 -34.31 33.97
CA ASP C 6 7.17 -34.56 32.66
C ASP C 6 6.36 -33.81 31.60
N MET C 7 6.61 -34.13 30.32
CA MET C 7 6.02 -33.41 29.20
C MET C 7 4.62 -33.94 28.89
N ALA C 8 4.22 -35.05 29.54
CA ALA C 8 2.86 -35.56 29.46
C ALA C 8 2.01 -35.08 30.63
N GLY C 9 2.54 -34.18 31.47
CA GLY C 9 1.80 -33.66 32.61
C GLY C 9 1.84 -34.59 33.83
N ARG C 10 2.53 -35.73 33.69
CA ARG C 10 2.56 -36.77 34.72
C ARG C 10 3.67 -36.51 35.73
N SER C 11 3.36 -36.82 36.99
CA SER C 11 4.31 -36.74 38.08
C SER C 11 5.25 -37.94 38.02
N VAL C 12 6.54 -37.66 38.16
CA VAL C 12 7.58 -38.74 38.15
C VAL C 12 8.46 -38.54 39.39
N VAL C 13 8.62 -39.58 40.20
CA VAL C 13 9.53 -39.50 41.38
C VAL C 13 10.97 -39.75 40.89
N ILE C 14 11.85 -38.77 41.12
CA ILE C 14 13.23 -38.88 40.62
C ILE C 14 13.97 -39.97 41.39
N PRO C 15 14.57 -40.95 40.70
CA PRO C 15 15.38 -42.01 41.36
C PRO C 15 16.51 -41.40 42.16
N ALA C 16 16.99 -42.09 43.20
CA ALA C 16 18.12 -41.59 43.96
C ALA C 16 19.41 -41.69 43.13
N LYS C 17 19.60 -42.82 42.45
CA LYS C 17 20.72 -43.02 41.55
C LYS C 17 20.21 -43.72 40.29
N VAL C 18 20.68 -43.26 39.13
CA VAL C 18 20.29 -43.82 37.86
C VAL C 18 21.52 -44.44 37.23
N GLU C 19 21.43 -45.69 36.76
CA GLU C 19 22.55 -46.29 36.03
C GLU C 19 22.07 -47.16 34.87
N ARG C 20 20.75 -47.23 34.64
CA ARG C 20 20.18 -48.14 33.64
C ARG C 20 19.04 -47.44 32.90
N ILE C 21 19.41 -46.53 31.99
CA ILE C 21 18.47 -45.71 31.25
C ILE C 21 17.97 -46.46 30.02
N LEU C 22 16.64 -46.51 29.88
CA LEU C 22 16.00 -47.08 28.71
C LEU C 22 15.51 -45.96 27.79
N LEU C 23 15.90 -46.06 26.51
CA LEU C 23 15.49 -45.03 25.55
C LEU C 23 14.39 -45.57 24.66
N GLY C 24 13.19 -45.03 24.88
CA GLY C 24 12.01 -45.37 24.09
C GLY C 24 12.21 -45.08 22.60
N GLU C 25 12.82 -43.94 22.30
CA GLU C 25 13.28 -43.64 20.95
C GLU C 25 14.78 -43.40 21.00
N GLY C 26 15.50 -44.14 20.15
CA GLY C 26 16.95 -44.08 20.09
C GLY C 26 17.49 -42.66 19.95
N ARG C 27 16.88 -41.86 19.08
CA ARG C 27 17.37 -40.52 18.85
C ARG C 27 17.08 -39.60 20.04
N LEU C 28 16.42 -40.10 21.10
CA LEU C 28 16.38 -39.37 22.35
C LEU C 28 17.77 -39.32 23.00
N PHE C 29 18.69 -40.13 22.46
CA PHE C 29 20.09 -40.11 22.84
C PHE C 29 20.67 -38.71 22.78
N TYR C 30 20.22 -37.92 21.79
CA TYR C 30 20.74 -36.58 21.55
C TYR C 30 20.57 -35.75 22.81
N ALA C 31 19.44 -35.90 23.51
CA ALA C 31 19.22 -35.12 24.72
C ALA C 31 20.11 -35.65 25.82
N VAL C 32 20.32 -36.97 25.82
CA VAL C 32 21.12 -37.62 26.85
C VAL C 32 22.58 -37.23 26.67
N SER C 33 23.03 -37.16 25.41
CA SER C 33 24.43 -36.88 25.09
C SER C 33 24.88 -35.53 25.66
N LEU C 34 23.96 -34.57 25.81
CA LEU C 34 24.29 -33.26 26.33
C LEU C 34 24.56 -33.31 27.83
N LEU C 35 24.26 -34.44 28.48
CA LEU C 35 24.35 -34.53 29.93
C LEU C 35 25.47 -35.46 30.39
N GLU C 36 25.90 -36.38 29.50
CA GLU C 36 26.77 -37.48 29.90
C GLU C 36 28.24 -37.18 29.60
N GLY C 37 28.56 -35.99 29.07
CA GLY C 37 29.95 -35.58 28.89
C GLY C 37 30.76 -36.59 28.07
N GLN C 38 31.90 -37.03 28.63
CA GLN C 38 32.83 -37.87 27.89
C GLN C 38 32.48 -39.35 28.01
N LYS C 39 31.42 -39.64 28.80
CA LYS C 39 30.95 -41.00 29.04
C LYS C 39 29.51 -41.14 28.52
N PRO C 40 29.28 -41.03 27.18
CA PRO C 40 27.93 -40.91 26.62
C PRO C 40 27.02 -42.13 26.81
N PHE C 41 27.59 -43.34 26.68
CA PHE C 41 26.83 -44.57 26.64
C PHE C 41 26.93 -45.36 27.95
N ASP C 42 27.52 -44.76 28.99
CA ASP C 42 27.84 -45.47 30.22
C ASP C 42 26.56 -45.95 30.92
N ARG C 43 25.46 -45.20 30.80
CA ARG C 43 24.28 -45.47 31.59
C ARG C 43 23.08 -45.94 30.76
N ILE C 44 23.31 -46.32 29.49
CA ILE C 44 22.23 -46.75 28.58
C ILE C 44 22.15 -48.26 28.62
N VAL C 45 21.04 -48.82 29.15
CA VAL C 45 20.84 -50.27 29.20
C VAL C 45 20.30 -50.78 27.87
N GLY C 46 19.56 -49.94 27.15
CA GLY C 46 19.00 -50.32 25.86
C GLY C 46 18.23 -49.17 25.23
N TRP C 47 17.97 -49.28 23.93
CA TRP C 47 17.33 -48.23 23.17
C TRP C 47 16.59 -48.78 21.95
N GLN C 48 15.57 -48.03 21.49
CA GLN C 48 14.96 -48.26 20.19
C GLN C 48 16.01 -48.19 19.09
N GLY C 49 15.83 -48.97 18.00
CA GLY C 49 16.82 -49.09 16.94
C GLY C 49 16.85 -47.93 15.94
N ASP C 50 16.13 -46.82 16.22
CA ASP C 50 15.99 -45.75 15.25
C ASP C 50 17.30 -44.98 15.13
N PHE C 51 17.99 -44.78 16.25
CA PHE C 51 19.27 -44.08 16.22
C PHE C 51 20.29 -44.89 15.42
N ARG C 52 20.32 -46.20 15.60
CA ARG C 52 21.32 -47.00 14.92
C ARG C 52 20.97 -47.20 13.44
N LYS C 53 19.66 -47.21 13.11
CA LYS C 53 19.23 -47.59 11.76
C LYS C 53 18.82 -46.38 10.94
N LEU C 54 18.35 -45.31 11.61
CA LEU C 54 17.93 -44.08 10.93
C LEU C 54 18.90 -42.93 11.19
N ASP C 55 20.06 -43.21 11.79
CA ASP C 55 21.07 -42.18 12.01
C ASP C 55 22.44 -42.83 11.86
N THR C 56 22.64 -43.50 10.71
CA THR C 56 23.76 -44.43 10.56
C THR C 56 25.05 -43.64 10.64
N GLN C 57 25.04 -42.41 10.14
CA GLN C 57 26.23 -41.56 10.10
C GLN C 57 26.67 -41.17 11.51
N THR C 58 25.78 -40.55 12.31
CA THR C 58 26.15 -40.15 13.65
C THR C 58 26.52 -41.38 14.49
N TYR C 59 25.83 -42.49 14.23
CA TYR C 59 26.16 -43.76 14.88
C TYR C 59 27.61 -44.14 14.57
N ALA C 60 27.99 -44.21 13.30
CA ALA C 60 29.32 -44.69 12.91
C ALA C 60 30.42 -43.87 13.58
N VAL C 61 30.20 -42.56 13.71
CA VAL C 61 31.20 -41.68 14.32
C VAL C 61 31.35 -42.05 15.79
N TYR C 62 30.25 -42.30 16.51
CA TYR C 62 30.36 -42.68 17.90
C TYR C 62 30.96 -44.09 18.04
N LYS C 63 30.75 -44.96 17.06
CA LYS C 63 31.26 -46.33 17.12
C LYS C 63 32.78 -46.37 17.02
N ALA C 64 33.33 -45.51 16.14
CA ALA C 64 34.77 -45.44 15.93
C ALA C 64 35.48 -45.03 17.23
N LYS C 65 34.84 -44.19 18.05
CA LYS C 65 35.42 -43.80 19.32
C LYS C 65 34.91 -44.68 20.46
N PHE C 66 33.73 -45.28 20.32
CA PHE C 66 33.18 -46.12 21.37
C PHE C 66 32.62 -47.40 20.77
N PRO C 67 33.41 -48.48 20.54
CA PRO C 67 32.90 -49.66 19.85
C PRO C 67 31.86 -50.46 20.64
N GLN C 68 31.75 -50.15 21.94
CA GLN C 68 30.80 -50.80 22.84
C GLN C 68 29.36 -50.38 22.55
N VAL C 69 29.16 -49.41 21.66
CA VAL C 69 27.83 -48.92 21.32
C VAL C 69 27.05 -50.02 20.60
N ASP C 70 27.75 -50.83 19.77
CA ASP C 70 27.20 -51.99 19.09
C ASP C 70 26.58 -53.00 20.06
N ASN C 71 26.98 -52.99 21.34
CA ASN C 71 26.53 -54.01 22.28
C ASN C 71 25.38 -53.51 23.14
N ILE C 72 24.97 -52.24 22.98
CA ILE C 72 23.79 -51.77 23.65
C ILE C 72 22.59 -52.49 23.01
N PRO C 73 21.70 -53.14 23.80
CA PRO C 73 20.57 -53.88 23.22
C PRO C 73 19.57 -52.99 22.50
N LEU C 74 19.11 -53.47 21.34
CA LEU C 74 18.04 -52.86 20.56
C LEU C 74 16.71 -53.48 21.01
N ILE C 75 15.82 -52.64 21.57
CA ILE C 75 14.55 -53.14 22.08
C ILE C 75 13.53 -53.31 20.95
N GLY C 76 13.83 -52.77 19.76
CA GLY C 76 12.97 -52.92 18.58
C GLY C 76 13.63 -52.32 17.35
N ASN C 77 12.86 -52.15 16.27
CA ASN C 77 13.38 -51.58 15.03
C ASN C 77 13.10 -50.09 15.03
N THR C 78 12.14 -49.62 14.20
CA THR C 78 11.92 -48.18 14.04
C THR C 78 10.46 -47.80 14.30
N THR C 79 9.67 -48.71 14.89
CA THR C 79 8.25 -48.50 15.14
C THR C 79 7.93 -48.99 16.54
N ALA C 80 7.02 -48.29 17.22
CA ALA C 80 6.59 -48.68 18.56
C ALA C 80 6.08 -50.12 18.60
N ASP C 81 5.43 -50.58 17.52
CA ASP C 81 4.78 -51.88 17.51
C ASP C 81 5.81 -53.02 17.42
N SER C 82 7.08 -52.72 17.12
CA SER C 82 8.08 -53.78 16.97
C SER C 82 8.88 -53.98 18.26
N ILE C 83 8.57 -53.20 19.32
CA ILE C 83 9.24 -53.31 20.59
C ILE C 83 8.66 -54.51 21.35
N SER C 84 9.54 -55.47 21.67
CA SER C 84 9.22 -56.56 22.60
C SER C 84 9.22 -56.03 24.03
N PRO C 85 8.06 -55.99 24.74
CA PRO C 85 8.04 -55.52 26.12
C PRO C 85 8.80 -56.46 27.06
N GLU C 86 8.99 -57.71 26.62
CA GLU C 86 9.67 -58.71 27.41
C GLU C 86 11.17 -58.40 27.44
N LYS C 87 11.78 -58.18 26.28
CA LYS C 87 13.20 -57.83 26.24
C LYS C 87 13.42 -56.55 27.06
N VAL C 88 12.49 -55.59 26.98
CA VAL C 88 12.62 -54.34 27.72
C VAL C 88 12.71 -54.60 29.22
N LEU C 89 11.83 -55.46 29.75
CA LEU C 89 11.71 -55.60 31.19
C LEU C 89 12.90 -56.38 31.76
N THR C 90 13.49 -57.29 30.98
CA THR C 90 14.63 -58.08 31.44
C THR C 90 15.90 -57.24 31.52
N LEU C 91 15.90 -56.02 30.94
CA LEU C 91 17.05 -55.13 31.10
C LEU C 91 16.96 -54.40 32.43
N ASN C 92 15.87 -54.60 33.17
CA ASN C 92 15.74 -54.05 34.51
C ASN C 92 16.15 -52.57 34.50
N PRO C 93 15.52 -51.73 33.69
CA PRO C 93 15.80 -50.30 33.73
C PRO C 93 15.41 -49.67 35.05
N ASP C 94 16.11 -48.58 35.42
CA ASP C 94 15.72 -47.82 36.59
C ASP C 94 15.11 -46.49 36.16
N ILE C 95 15.14 -46.21 34.85
CA ILE C 95 14.34 -45.15 34.28
C ILE C 95 14.15 -45.39 32.77
N ALA C 96 12.97 -44.97 32.29
CA ALA C 96 12.66 -45.06 30.87
C ALA C 96 12.28 -43.67 30.34
N ILE C 97 12.96 -43.26 29.27
CA ILE C 97 12.70 -41.97 28.63
C ILE C 97 11.97 -42.23 27.32
N PHE C 98 10.78 -41.63 27.20
CA PHE C 98 9.91 -41.78 26.04
C PHE C 98 9.55 -40.40 25.51
N GLY C 99 9.10 -40.40 24.24
CA GLY C 99 8.65 -39.21 23.52
C GLY C 99 7.13 -39.17 23.35
N LEU C 100 6.53 -37.99 23.55
CA LEU C 100 5.09 -37.80 23.34
C LEU C 100 4.73 -38.33 21.96
N SER C 101 5.62 -38.18 20.97
CA SER C 101 5.38 -38.72 19.65
C SER C 101 6.64 -39.38 19.10
N GLY C 102 6.50 -40.15 18.03
CA GLY C 102 7.65 -40.59 17.26
C GLY C 102 7.65 -42.11 17.05
N HIS C 103 8.86 -42.66 16.88
CA HIS C 103 9.04 -44.05 16.47
C HIS C 103 9.07 -44.98 17.69
N GLY C 104 8.69 -44.44 18.86
CA GLY C 104 8.67 -45.20 20.09
C GLY C 104 7.36 -45.03 20.84
N PRO C 105 7.15 -45.78 21.93
CA PRO C 105 5.87 -45.74 22.66
C PRO C 105 5.46 -44.36 23.15
N GLY C 106 4.14 -44.14 23.20
CA GLY C 106 3.56 -42.89 23.67
C GLY C 106 2.94 -43.10 25.04
N LYS C 107 2.25 -42.07 25.54
CA LYS C 107 1.81 -42.02 26.93
C LYS C 107 0.76 -43.08 27.24
N ASN C 108 0.11 -43.63 26.22
CA ASN C 108 -1.02 -44.53 26.45
C ASN C 108 -0.66 -45.98 26.08
N SER C 109 0.60 -46.23 25.73
CA SER C 109 0.99 -47.57 25.30
C SER C 109 0.95 -48.56 26.47
N GLU C 110 0.90 -49.84 26.13
CA GLU C 110 0.83 -50.91 27.10
C GLU C 110 2.16 -51.00 27.85
N LEU C 111 3.26 -50.79 27.11
CA LEU C 111 4.60 -50.88 27.66
C LEU C 111 4.79 -49.88 28.79
N VAL C 112 4.25 -48.67 28.63
CA VAL C 112 4.29 -47.67 29.69
C VAL C 112 3.58 -48.18 30.94
N LYS C 113 2.46 -48.89 30.76
CA LYS C 113 1.70 -49.40 31.89
C LYS C 113 2.46 -50.56 32.54
N GLN C 114 3.03 -51.46 31.72
CA GLN C 114 3.86 -52.54 32.22
C GLN C 114 4.97 -52.02 33.10
N LEU C 115 5.65 -50.96 32.65
CA LEU C 115 6.78 -50.40 33.39
C LEU C 115 6.29 -49.81 34.70
N GLU C 116 5.08 -49.20 34.72
CA GLU C 116 4.51 -48.66 35.95
C GLU C 116 4.23 -49.79 36.95
N LYS C 117 3.80 -50.95 36.43
CA LYS C 117 3.52 -52.12 37.26
C LYS C 117 4.83 -52.67 37.82
N ALA C 118 5.93 -52.54 37.05
CA ALA C 118 7.24 -53.06 37.43
C ALA C 118 7.99 -52.13 38.38
N GLY C 119 7.41 -50.95 38.67
CA GLY C 119 8.01 -50.00 39.62
C GLY C 119 9.08 -49.12 38.97
N VAL C 120 9.07 -49.00 37.63
CA VAL C 120 10.08 -48.28 36.88
C VAL C 120 9.54 -46.88 36.55
N PRO C 121 10.23 -45.79 36.97
CA PRO C 121 9.84 -44.39 36.58
C PRO C 121 9.93 -44.14 35.08
N VAL C 122 8.89 -43.53 34.52
CA VAL C 122 8.83 -43.23 33.10
C VAL C 122 8.81 -41.70 32.94
N VAL C 123 9.67 -41.18 32.06
CA VAL C 123 9.67 -39.75 31.79
C VAL C 123 9.38 -39.49 30.31
N PHE C 124 8.40 -38.62 30.08
CA PHE C 124 8.05 -38.14 28.75
C PHE C 124 8.72 -36.79 28.52
N VAL C 125 9.46 -36.74 27.40
CA VAL C 125 10.04 -35.52 26.86
C VAL C 125 9.39 -35.23 25.50
N ASP C 126 9.73 -34.08 24.89
CA ASP C 126 9.25 -33.78 23.55
C ASP C 126 10.14 -32.75 22.85
N PHE C 127 10.65 -33.15 21.67
CA PHE C 127 11.39 -32.26 20.78
C PHE C 127 10.75 -32.23 19.39
N ARG C 128 9.55 -32.81 19.27
CA ARG C 128 9.04 -33.27 17.98
C ARG C 128 7.64 -32.71 17.68
N THR C 129 6.76 -32.83 18.66
CA THR C 129 5.42 -32.31 18.51
C THR C 129 5.47 -30.80 18.72
N SER C 130 6.01 -30.35 19.84
CA SER C 130 5.95 -28.93 20.20
C SER C 130 7.33 -28.44 20.67
N PRO C 131 8.33 -28.47 19.76
CA PRO C 131 9.68 -28.06 20.12
C PRO C 131 9.75 -26.74 20.88
N LEU C 132 8.96 -25.76 20.46
CA LEU C 132 9.03 -24.43 21.07
C LEU C 132 8.60 -24.51 22.54
N LYS C 133 7.49 -25.20 22.82
CA LYS C 133 7.01 -25.28 24.20
C LYS C 133 7.92 -26.22 25.00
N ASN C 134 8.43 -27.29 24.38
CA ASN C 134 8.85 -28.47 25.13
C ASN C 134 10.38 -28.67 25.20
N THR C 135 11.16 -28.14 24.24
CA THR C 135 12.56 -28.48 24.17
C THR C 135 13.27 -28.16 25.50
N LEU C 136 13.14 -26.91 25.98
CA LEU C 136 13.89 -26.50 27.15
C LEU C 136 13.33 -27.18 28.41
N PRO C 137 12.00 -27.17 28.64
CA PRO C 137 11.46 -27.93 29.77
C PRO C 137 11.89 -29.40 29.78
N SER C 138 12.01 -30.02 28.59
CA SER C 138 12.44 -31.40 28.50
C SER C 138 13.85 -31.58 29.06
N MET C 139 14.77 -30.67 28.68
CA MET C 139 16.14 -30.76 29.16
C MET C 139 16.20 -30.50 30.66
N ARG C 140 15.44 -29.52 31.16
CA ARG C 140 15.40 -29.26 32.59
C ARG C 140 15.03 -30.53 33.33
N VAL C 141 13.96 -31.19 32.86
CA VAL C 141 13.48 -32.40 33.48
C VAL C 141 14.53 -33.50 33.39
N LEU C 142 15.14 -33.72 32.21
CA LEU C 142 16.10 -34.79 32.07
C LEU C 142 17.26 -34.57 33.03
N GLY C 143 17.65 -33.31 33.17
CA GLY C 143 18.67 -32.92 34.13
C GLY C 143 18.38 -33.45 35.54
N LYS C 144 17.12 -33.27 35.99
CA LYS C 144 16.75 -33.56 37.36
C LYS C 144 16.71 -35.08 37.57
N VAL C 145 16.13 -35.82 36.62
CA VAL C 145 15.90 -37.24 36.82
C VAL C 145 17.17 -38.03 36.56
N LEU C 146 18.12 -37.48 35.77
CA LEU C 146 19.36 -38.18 35.49
C LEU C 146 20.53 -37.68 36.34
N HIS C 147 20.28 -36.69 37.22
CA HIS C 147 21.29 -36.12 38.11
C HIS C 147 22.42 -35.50 37.28
N ARG C 148 22.03 -34.60 36.37
CA ARG C 148 22.95 -33.85 35.55
C ARG C 148 22.42 -32.44 35.41
N GLU C 149 21.97 -31.87 36.53
CA GLU C 149 21.39 -30.54 36.56
C GLU C 149 22.36 -29.51 36.01
N GLN C 150 23.64 -29.65 36.32
CA GLN C 150 24.63 -28.68 35.86
C GLN C 150 24.71 -28.70 34.33
N GLN C 151 24.88 -29.88 33.74
CA GLN C 151 24.99 -30.00 32.30
C GLN C 151 23.73 -29.43 31.62
N ALA C 152 22.57 -29.77 32.18
CA ALA C 152 21.31 -29.31 31.63
C ALA C 152 21.22 -27.79 31.68
N ASN C 153 21.53 -27.19 32.83
CA ASN C 153 21.44 -25.75 33.01
C ASN C 153 22.42 -25.05 32.07
N ASP C 154 23.61 -25.66 31.90
CA ASP C 154 24.59 -25.12 30.97
C ASP C 154 24.04 -25.12 29.55
N TYR C 155 23.34 -26.20 29.16
CA TYR C 155 22.87 -26.34 27.79
C TYR C 155 21.71 -25.39 27.52
N ILE C 156 20.83 -25.22 28.52
CA ILE C 156 19.71 -24.30 28.40
C ILE C 156 20.23 -22.88 28.19
N LYS C 157 21.21 -22.46 28.99
CA LYS C 157 21.76 -21.12 28.83
C LYS C 157 22.32 -20.95 27.41
N PHE C 158 23.11 -21.93 26.94
CA PHE C 158 23.67 -21.91 25.60
C PHE C 158 22.56 -21.80 24.55
N TYR C 159 21.51 -22.61 24.70
CA TYR C 159 20.41 -22.67 23.75
C TYR C 159 19.67 -21.33 23.71
N GLU C 160 19.23 -20.86 24.88
CA GLU C 160 18.47 -19.62 24.97
C GLU C 160 19.24 -18.47 24.33
N ASP C 161 20.54 -18.39 24.62
CA ASP C 161 21.38 -17.32 24.12
C ASP C 161 21.46 -17.38 22.60
N ASN C 162 21.62 -18.59 22.04
CA ASN C 162 21.82 -18.74 20.61
C ASN C 162 20.52 -18.58 19.83
N VAL C 163 19.40 -18.95 20.45
CA VAL C 163 18.09 -18.67 19.87
C VAL C 163 17.77 -17.18 20.00
N ARG C 164 18.12 -16.54 21.14
CA ARG C 164 17.77 -15.14 21.36
C ARG C 164 18.42 -14.28 20.28
N LYS C 165 19.57 -14.73 19.73
CA LYS C 165 20.23 -14.04 18.64
C LYS C 165 19.28 -13.88 17.45
N VAL C 166 18.37 -14.84 17.27
CA VAL C 166 17.39 -14.81 16.20
C VAL C 166 16.14 -14.08 16.69
N THR C 167 15.57 -14.49 17.81
CA THR C 167 14.24 -14.01 18.19
C THR C 167 14.25 -12.52 18.54
N GLU C 168 15.38 -11.99 19.02
CA GLU C 168 15.47 -10.56 19.31
C GLU C 168 15.09 -9.75 18.08
N ILE C 169 15.39 -10.28 16.89
CA ILE C 169 15.12 -9.63 15.63
C ILE C 169 13.75 -10.07 15.10
N THR C 170 13.50 -11.37 14.93
CA THR C 170 12.33 -11.84 14.21
C THR C 170 11.03 -11.69 15.02
N SER C 171 11.11 -11.52 16.35
CA SER C 171 9.90 -11.39 17.14
C SER C 171 9.20 -10.05 16.89
N LYS C 172 9.93 -9.05 16.35
CA LYS C 172 9.40 -7.73 16.09
C LYS C 172 8.98 -7.56 14.62
N ILE C 173 9.21 -8.55 13.76
CA ILE C 173 8.89 -8.43 12.34
C ILE C 173 7.40 -8.67 12.14
N PRO C 174 6.66 -7.76 11.47
CA PRO C 174 5.23 -7.96 11.20
C PRO C 174 4.95 -8.95 10.07
N ALA C 175 3.78 -9.60 10.16
CA ALA C 175 3.45 -10.79 9.38
C ALA C 175 3.61 -10.54 7.89
N ASP C 176 3.29 -9.31 7.45
CA ASP C 176 3.21 -8.97 6.04
C ASP C 176 4.60 -8.77 5.44
N LYS C 177 5.64 -8.73 6.28
CA LYS C 177 7.00 -8.62 5.78
C LYS C 177 7.71 -9.97 5.82
N LYS C 178 7.02 -11.02 6.30
CA LYS C 178 7.63 -12.33 6.45
C LYS C 178 7.56 -13.10 5.14
N PRO C 179 8.58 -13.92 4.79
CA PRO C 179 8.51 -14.77 3.59
C PRO C 179 7.67 -16.01 3.81
N SER C 180 6.91 -16.42 2.80
CA SER C 180 6.21 -17.69 2.85
C SER C 180 7.23 -18.82 2.67
N VAL C 181 7.01 -19.93 3.40
CA VAL C 181 7.95 -21.03 3.47
C VAL C 181 7.20 -22.35 3.41
N PHE C 182 7.74 -23.26 2.59
CA PHE C 182 7.30 -24.65 2.64
C PHE C 182 8.48 -25.54 2.99
N ILE C 183 8.32 -26.40 4.00
CA ILE C 183 9.33 -27.39 4.31
C ILE C 183 8.85 -28.79 3.93
N GLU C 184 9.63 -29.46 3.07
CA GLU C 184 9.28 -30.78 2.59
C GLU C 184 10.15 -31.79 3.34
N LEU C 185 9.57 -32.46 4.35
CA LEU C 185 10.28 -33.42 5.17
C LEU C 185 10.60 -34.69 4.37
N ARG C 186 11.84 -35.16 4.53
CA ARG C 186 12.29 -36.36 3.85
C ARG C 186 11.88 -36.27 2.38
N ALA C 187 12.13 -35.09 1.82
CA ALA C 187 11.77 -34.79 0.45
C ALA C 187 12.34 -35.87 -0.48
N GLY C 188 11.55 -36.25 -1.49
CA GLY C 188 12.00 -37.18 -2.50
C GLY C 188 11.87 -38.62 -2.02
N ALA C 189 11.81 -38.84 -0.69
CA ALA C 189 12.01 -40.16 -0.12
C ALA C 189 10.71 -40.79 0.37
N MET C 190 9.59 -40.07 0.31
CA MET C 190 8.32 -40.63 0.76
C MET C 190 7.53 -41.17 -0.43
N GLU C 191 6.61 -42.12 -0.16
CA GLU C 191 5.80 -42.76 -1.16
C GLU C 191 4.92 -41.70 -1.84
N GLU C 192 4.27 -40.87 -1.01
CA GLU C 192 3.39 -39.81 -1.47
C GLU C 192 3.92 -38.46 -1.00
N CYS C 193 4.15 -37.58 -1.98
CA CYS C 193 4.59 -36.22 -1.75
C CYS C 193 3.36 -35.40 -1.34
N CYS C 194 3.48 -34.45 -0.40
CA CYS C 194 4.70 -34.02 0.22
C CYS C 194 4.52 -33.91 1.73
N GLY C 195 5.39 -34.60 2.49
CA GLY C 195 5.39 -34.51 3.94
C GLY C 195 5.82 -33.11 4.37
N THR C 196 5.26 -32.61 5.48
CA THR C 196 5.64 -31.30 5.97
C THR C 196 5.18 -31.16 7.42
N ALA C 197 5.39 -29.96 7.95
CA ALA C 197 5.07 -29.72 9.35
C ALA C 197 4.05 -28.60 9.43
N GLY C 198 3.10 -28.76 10.36
CA GLY C 198 1.99 -27.85 10.53
C GLY C 198 2.29 -26.92 11.70
N LYS C 199 1.33 -26.79 12.63
CA LYS C 199 1.54 -26.13 13.89
C LYS C 199 2.30 -27.09 14.81
N GLY C 200 3.62 -27.17 14.61
CA GLY C 200 4.51 -28.00 15.41
C GLY C 200 5.69 -28.52 14.59
N ASN C 201 6.57 -29.28 15.24
CA ASN C 201 7.74 -29.81 14.55
C ASN C 201 8.49 -28.63 13.95
N MET C 202 9.09 -28.84 12.78
CA MET C 202 9.92 -27.84 12.13
C MET C 202 9.14 -26.55 11.85
N GLY C 203 7.81 -26.63 11.89
CA GLY C 203 6.97 -25.45 11.83
C GLY C 203 7.30 -24.47 12.94
N ASP C 204 7.63 -24.98 14.14
CA ASP C 204 7.98 -24.11 15.24
C ASP C 204 9.25 -23.34 14.88
N PHE C 205 10.14 -23.94 14.10
CA PHE C 205 11.40 -23.32 13.75
C PHE C 205 11.17 -22.20 12.74
N ILE C 206 10.27 -22.47 11.78
CA ILE C 206 9.89 -21.46 10.82
C ILE C 206 9.28 -20.26 11.55
N ASP C 207 8.42 -20.54 12.54
CA ASP C 207 7.76 -19.47 13.30
C ASP C 207 8.82 -18.61 13.99
N GLN C 208 9.72 -19.27 14.72
CA GLN C 208 10.75 -18.58 15.50
C GLN C 208 11.67 -17.77 14.60
N ALA C 209 12.06 -18.34 13.45
CA ALA C 209 12.99 -17.69 12.53
C ALA C 209 12.30 -16.59 11.71
N GLY C 210 11.02 -16.31 12.02
CA GLY C 210 10.29 -15.17 11.45
C GLY C 210 9.74 -15.48 10.06
N GLY C 211 9.58 -16.78 9.75
CA GLY C 211 8.98 -17.21 8.51
C GLY C 211 7.47 -17.45 8.65
N ASN C 212 6.83 -17.65 7.50
CA ASN C 212 5.41 -17.91 7.41
C ASN C 212 5.22 -19.28 6.75
N ASN C 213 4.89 -20.26 7.60
CA ASN C 213 4.73 -21.63 7.17
C ASN C 213 3.43 -21.77 6.39
N MET C 214 3.54 -22.13 5.10
CA MET C 214 2.35 -22.22 4.27
C MET C 214 1.44 -23.37 4.71
N ALA C 215 1.96 -24.34 5.49
CA ALA C 215 1.18 -25.48 5.93
C ALA C 215 0.59 -25.28 7.33
N LYS C 216 0.89 -24.16 7.97
CA LYS C 216 0.43 -23.89 9.33
C LYS C 216 -1.07 -24.15 9.45
N ASN C 217 -1.85 -23.67 8.48
CA ASN C 217 -3.31 -23.75 8.55
C ASN C 217 -3.88 -24.84 7.64
N LEU C 218 -3.03 -25.55 6.89
CA LEU C 218 -3.48 -26.68 6.09
C LEU C 218 -3.60 -27.95 6.93
N LEU C 219 -2.99 -27.98 8.11
CA LEU C 219 -2.85 -29.24 8.85
C LEU C 219 -3.29 -29.01 10.30
N PRO C 220 -3.97 -30.02 10.90
CA PRO C 220 -4.36 -29.97 12.30
C PRO C 220 -3.24 -30.30 13.29
N GLY C 221 -2.33 -31.19 12.87
CA GLY C 221 -1.29 -31.72 13.73
C GLY C 221 0.10 -31.17 13.40
N ALA C 222 1.11 -31.73 14.07
CA ALA C 222 2.49 -31.31 13.92
C ALA C 222 3.04 -31.79 12.58
N LEU C 223 2.68 -33.02 12.21
CA LEU C 223 3.10 -33.58 10.93
C LEU C 223 1.85 -33.84 10.09
N GLY C 224 2.05 -33.84 8.76
CA GLY C 224 0.99 -34.19 7.84
C GLY C 224 1.50 -34.18 6.41
N THR C 225 0.56 -34.04 5.47
CA THR C 225 0.84 -34.14 4.05
C THR C 225 0.07 -33.05 3.31
N VAL C 226 0.75 -32.39 2.35
CA VAL C 226 0.13 -31.43 1.45
C VAL C 226 0.48 -31.89 0.04
N ASN C 227 -0.49 -31.76 -0.89
CA ASN C 227 -0.29 -32.28 -2.23
C ASN C 227 0.60 -31.32 -3.02
N LEU C 228 1.33 -31.91 -3.99
CA LEU C 228 2.28 -31.17 -4.80
C LEU C 228 1.62 -29.93 -5.40
N GLU C 229 0.40 -30.12 -5.91
CA GLU C 229 -0.29 -29.07 -6.65
C GLU C 229 -0.62 -27.92 -5.69
N LYS C 230 -0.83 -28.21 -4.41
CA LYS C 230 -1.16 -27.16 -3.47
C LYS C 230 0.08 -26.29 -3.23
N VAL C 231 1.25 -26.93 -3.27
CA VAL C 231 2.52 -26.23 -3.07
C VAL C 231 2.75 -25.34 -4.28
N LEU C 232 2.67 -25.93 -5.49
CA LEU C 232 2.80 -25.17 -6.73
C LEU C 232 1.86 -23.98 -6.72
N SER C 233 0.62 -24.17 -6.30
CA SER C 233 -0.34 -23.09 -6.38
C SER C 233 0.00 -21.98 -5.37
N THR C 234 0.46 -22.34 -4.16
CA THR C 234 0.79 -21.33 -3.15
C THR C 234 2.06 -20.61 -3.59
N ASN C 235 2.95 -21.35 -4.28
CA ASN C 235 4.19 -20.83 -4.85
C ASN C 235 4.96 -20.00 -3.82
N PRO C 236 5.49 -20.64 -2.77
CA PRO C 236 6.03 -19.90 -1.63
C PRO C 236 7.40 -19.31 -1.91
N ASP C 237 7.75 -18.31 -1.09
CA ASP C 237 8.95 -17.51 -1.30
C ASP C 237 10.20 -18.41 -1.21
N ILE C 238 10.17 -19.34 -0.25
CA ILE C 238 11.31 -20.15 0.16
C ILE C 238 10.93 -21.62 0.24
N TYR C 239 11.76 -22.47 -0.38
CA TYR C 239 11.56 -23.91 -0.32
C TYR C 239 12.68 -24.53 0.52
N ILE C 240 12.36 -25.45 1.42
CA ILE C 240 13.33 -26.14 2.26
C ILE C 240 13.07 -27.64 2.19
N ALA C 241 14.08 -28.44 1.94
CA ALA C 241 13.93 -29.89 1.92
C ALA C 241 14.71 -30.47 3.09
N SER C 242 14.13 -31.42 3.82
CA SER C 242 14.88 -32.11 4.86
C SER C 242 15.26 -33.50 4.35
N GLY C 243 16.43 -33.96 4.81
CA GLY C 243 16.90 -35.31 4.57
C GLY C 243 18.03 -35.69 5.52
N GLY C 244 18.33 -36.98 5.60
CA GLY C 244 19.47 -37.48 6.35
C GLY C 244 20.13 -38.67 5.64
N LYS C 245 20.06 -38.70 4.31
CA LYS C 245 20.49 -39.86 3.55
C LYS C 245 22.01 -39.96 3.57
N ALA C 246 22.53 -41.18 3.72
CA ALA C 246 23.97 -41.43 3.68
C ALA C 246 24.49 -41.21 2.27
N PRO C 247 25.74 -40.71 2.12
CA PRO C 247 26.30 -40.36 0.82
C PRO C 247 26.18 -41.45 -0.24
N ASP C 248 26.51 -42.67 0.18
CA ASP C 248 26.66 -43.82 -0.72
C ASP C 248 25.37 -44.64 -0.75
N ASN C 249 24.22 -43.95 -0.80
CA ASN C 249 22.92 -44.58 -0.81
C ASN C 249 22.20 -44.06 -2.06
N ASN C 250 21.89 -44.96 -3.00
CA ASN C 250 21.32 -44.59 -4.30
C ASN C 250 19.81 -44.40 -4.23
N ALA C 251 19.20 -44.64 -3.06
CA ALA C 251 17.80 -44.32 -2.85
C ALA C 251 17.56 -42.81 -2.98
N PRO C 252 16.31 -42.37 -3.23
CA PRO C 252 16.02 -40.95 -3.34
C PRO C 252 16.05 -40.25 -1.99
N GLY C 253 16.48 -38.97 -2.00
CA GLY C 253 16.50 -38.15 -0.81
C GLY C 253 17.72 -37.22 -0.81
N VAL C 254 17.73 -36.30 0.16
CA VAL C 254 18.86 -35.39 0.35
C VAL C 254 19.86 -36.04 1.31
N SER C 255 21.14 -36.00 0.91
CA SER C 255 22.24 -36.46 1.75
C SER C 255 22.67 -35.32 2.66
N LEU C 256 22.51 -35.54 3.97
CA LEU C 256 23.03 -34.65 4.99
C LEU C 256 23.40 -35.50 6.20
N GLY C 257 24.43 -35.08 6.93
CA GLY C 257 24.80 -35.69 8.21
C GLY C 257 26.32 -35.67 8.43
N ALA C 258 26.75 -36.39 9.48
CA ALA C 258 28.13 -36.38 9.91
C ALA C 258 29.13 -36.84 8.83
N GLN C 259 28.73 -37.64 7.85
CA GLN C 259 29.67 -38.16 6.87
C GLN C 259 29.41 -37.63 5.48
N VAL C 260 28.78 -36.45 5.39
CA VAL C 260 28.41 -35.88 4.11
C VAL C 260 29.23 -34.62 3.85
N THR C 261 29.74 -34.54 2.64
CA THR C 261 30.49 -33.35 2.22
C THR C 261 29.56 -32.35 1.60
N LYS C 262 29.94 -31.09 1.56
CA LYS C 262 29.14 -30.02 0.94
C LYS C 262 28.87 -30.35 -0.53
N GLU C 263 29.88 -30.85 -1.26
CA GLU C 263 29.69 -31.24 -2.67
C GLU C 263 28.54 -32.25 -2.78
N GLN C 264 28.50 -33.26 -1.92
CA GLN C 264 27.46 -34.29 -1.99
C GLN C 264 26.10 -33.72 -1.55
N ALA C 265 26.09 -32.84 -0.54
CA ALA C 265 24.85 -32.22 -0.05
C ALA C 265 24.24 -31.37 -1.16
N GLN C 266 25.08 -30.62 -1.86
CA GLN C 266 24.64 -29.78 -3.00
C GLN C 266 24.16 -30.66 -4.15
N SER C 267 24.93 -31.68 -4.50
CA SER C 267 24.59 -32.56 -5.65
C SER C 267 23.26 -33.28 -5.38
N SER C 268 23.04 -33.72 -4.15
CA SER C 268 21.83 -34.47 -3.89
C SER C 268 20.63 -33.55 -3.66
N LEU C 269 20.84 -32.33 -3.13
CA LEU C 269 19.75 -31.35 -3.02
C LEU C 269 19.26 -31.02 -4.43
N GLN C 270 20.18 -30.90 -5.38
CA GLN C 270 19.85 -30.53 -6.74
C GLN C 270 18.93 -31.59 -7.36
N THR C 271 19.25 -32.88 -7.19
CA THR C 271 18.37 -33.94 -7.64
C THR C 271 16.95 -33.68 -7.11
N ILE C 272 16.85 -33.38 -5.82
CA ILE C 272 15.57 -33.11 -5.18
C ILE C 272 14.86 -31.91 -5.83
N LEU C 273 15.63 -30.88 -6.20
CA LEU C 273 15.07 -29.68 -6.80
C LEU C 273 14.78 -29.85 -8.29
N ASP C 274 15.28 -30.92 -8.91
CA ASP C 274 15.09 -31.18 -10.34
C ASP C 274 13.82 -31.99 -10.60
N ARG C 275 13.09 -32.39 -9.56
CA ARG C 275 11.87 -33.18 -9.69
C ARG C 275 10.76 -32.35 -10.35
N LYS C 276 9.95 -33.04 -11.17
CA LYS C 276 8.83 -32.44 -11.85
C LYS C 276 8.00 -31.63 -10.84
N GLY C 277 7.62 -30.42 -11.25
CA GLY C 277 6.75 -29.58 -10.44
C GLY C 277 7.57 -28.69 -9.52
N ILE C 278 8.35 -29.33 -8.65
CA ILE C 278 9.25 -28.66 -7.74
C ILE C 278 10.14 -27.69 -8.53
N ASN C 279 10.61 -28.13 -9.71
CA ASN C 279 11.62 -27.39 -10.45
C ASN C 279 11.07 -26.14 -11.11
N THR C 280 9.74 -25.94 -11.04
CA THR C 280 9.18 -24.73 -11.62
C THR C 280 8.81 -23.76 -10.51
N LEU C 281 9.01 -24.14 -9.25
CA LEU C 281 8.72 -23.26 -8.13
C LEU C 281 9.55 -21.98 -8.30
N SER C 282 8.93 -20.84 -8.00
CA SER C 282 9.64 -19.57 -8.00
C SER C 282 10.84 -19.63 -7.05
N ALA C 283 10.64 -20.21 -5.85
CA ALA C 283 11.72 -20.31 -4.89
C ALA C 283 12.90 -21.10 -5.46
N VAL C 284 12.65 -22.17 -6.20
CA VAL C 284 13.74 -22.96 -6.76
C VAL C 284 14.46 -22.18 -7.86
N LYS C 285 13.70 -21.51 -8.74
CA LYS C 285 14.27 -20.77 -9.86
C LYS C 285 15.09 -19.59 -9.34
N ASN C 286 14.59 -18.91 -8.30
CA ASN C 286 15.25 -17.78 -7.67
C ASN C 286 16.38 -18.21 -6.72
N GLY C 287 16.57 -19.52 -6.55
CA GLY C 287 17.68 -20.00 -5.73
C GLY C 287 17.41 -19.91 -4.22
N ARG C 288 16.19 -19.56 -3.80
CA ARG C 288 15.84 -19.61 -2.38
C ARG C 288 15.39 -21.04 -2.02
N SER C 289 16.32 -21.99 -2.19
CA SER C 289 16.07 -23.40 -1.99
C SER C 289 17.19 -23.99 -1.15
N TYR C 290 16.83 -24.79 -0.13
CA TYR C 290 17.76 -25.15 0.92
C TYR C 290 17.50 -26.57 1.39
N GLY C 291 18.51 -27.12 2.07
CA GLY C 291 18.44 -28.43 2.69
C GLY C 291 18.76 -28.34 4.18
N ILE C 292 18.00 -29.08 4.99
CA ILE C 292 18.19 -29.14 6.44
C ILE C 292 18.17 -30.60 6.84
N TRP C 293 19.01 -30.96 7.82
CA TRP C 293 19.14 -32.34 8.26
C TRP C 293 17.89 -32.76 9.03
N HIS C 294 17.30 -33.89 8.60
CA HIS C 294 15.96 -34.26 9.01
C HIS C 294 15.85 -34.43 10.52
N ASN C 295 16.87 -35.02 11.14
CA ASN C 295 16.75 -35.46 12.53
C ASN C 295 16.66 -34.27 13.47
N PHE C 296 16.80 -33.04 12.96
CA PHE C 296 16.58 -31.85 13.76
C PHE C 296 15.10 -31.75 14.11
N TYR C 297 14.29 -32.62 13.48
CA TYR C 297 12.85 -32.65 13.70
C TYR C 297 12.56 -33.28 15.06
N ASN C 298 13.60 -33.82 15.73
CA ASN C 298 13.45 -34.43 17.05
C ASN C 298 14.78 -34.41 17.79
N SER C 299 15.29 -33.20 18.09
CA SER C 299 16.58 -33.09 18.76
C SER C 299 16.71 -31.72 19.42
N PRO C 300 17.24 -31.63 20.65
CA PRO C 300 17.48 -30.34 21.29
C PRO C 300 18.64 -29.57 20.66
N TYR C 301 19.32 -30.17 19.68
CA TYR C 301 20.27 -29.46 18.85
C TYR C 301 19.52 -28.61 17.81
N ASN C 302 18.18 -28.54 17.91
CA ASN C 302 17.36 -27.89 16.90
C ASN C 302 17.66 -26.38 16.80
N VAL C 303 18.38 -25.80 17.76
CA VAL C 303 18.77 -24.40 17.66
C VAL C 303 19.61 -24.19 16.41
N LEU C 304 20.27 -25.23 15.91
CA LEU C 304 21.12 -25.08 14.70
C LEU C 304 20.24 -24.82 13.49
N ALA C 305 19.08 -25.46 13.45
CA ALA C 305 18.11 -25.28 12.35
C ALA C 305 17.41 -23.92 12.45
N ILE C 306 17.00 -23.52 13.66
CA ILE C 306 16.36 -22.18 13.84
C ILE C 306 17.30 -21.10 13.31
N GLN C 307 18.59 -21.23 13.58
CA GLN C 307 19.60 -20.28 13.06
C GLN C 307 19.75 -20.41 11.52
N SER C 308 19.74 -21.63 10.99
CA SER C 308 19.91 -21.81 9.53
C SER C 308 18.68 -21.27 8.79
N PHE C 309 17.50 -21.44 9.37
CA PHE C 309 16.25 -20.91 8.78
C PHE C 309 16.28 -19.39 8.79
N ALA C 310 16.73 -18.79 9.88
CA ALA C 310 16.73 -17.31 10.01
C ALA C 310 17.66 -16.66 8.99
N LYS C 311 18.81 -17.27 8.75
CA LYS C 311 19.78 -16.75 7.75
C LYS C 311 19.21 -16.92 6.34
N TRP C 312 18.38 -17.93 6.12
CA TRP C 312 17.73 -18.12 4.80
C TRP C 312 16.55 -17.18 4.66
N PHE C 313 15.83 -16.88 5.73
CA PHE C 313 14.62 -16.01 5.66
C PHE C 313 15.02 -14.52 5.54
N TYR C 314 16.08 -14.11 6.22
CA TYR C 314 16.56 -12.69 6.15
C TYR C 314 18.09 -12.69 5.99
N PRO C 315 18.62 -12.99 4.80
CA PRO C 315 20.09 -13.16 4.57
C PRO C 315 21.00 -12.10 5.20
N GLN C 316 20.76 -10.82 4.97
CA GLN C 316 21.66 -9.74 5.47
C GLN C 316 21.49 -9.48 6.97
N GLN C 317 20.27 -9.55 7.50
CA GLN C 317 20.03 -9.32 8.94
C GLN C 317 20.76 -10.40 9.78
N PHE C 318 21.08 -11.54 9.19
CA PHE C 318 21.80 -12.60 9.88
C PHE C 318 23.06 -12.99 9.09
N ALA C 319 23.67 -12.00 8.42
CA ALA C 319 24.93 -12.23 7.71
C ALA C 319 26.02 -12.71 8.68
N ASP C 320 26.02 -12.11 9.87
CA ASP C 320 27.07 -12.26 10.88
C ASP C 320 26.86 -13.52 11.72
N LEU C 321 25.67 -14.15 11.64
CA LEU C 321 25.38 -15.35 12.41
C LEU C 321 25.91 -16.58 11.70
N ASP C 322 26.61 -17.44 12.45
CA ASP C 322 27.28 -18.65 11.88
C ASP C 322 26.87 -19.92 12.63
N PRO C 323 25.92 -20.70 12.09
CA PRO C 323 25.47 -21.96 12.72
C PRO C 323 26.62 -22.95 12.89
N ASN C 324 27.62 -22.93 12.02
CA ASN C 324 28.80 -23.83 12.15
C ASN C 324 29.55 -23.54 13.45
N ASN C 325 29.70 -22.26 13.79
CA ASN C 325 30.33 -21.89 15.08
C ASN C 325 29.45 -22.35 16.24
N THR C 326 28.15 -22.15 16.15
CA THR C 326 27.22 -22.63 17.20
C THR C 326 27.34 -24.13 17.33
N MET C 327 27.49 -24.84 16.19
CA MET C 327 27.62 -26.32 16.22
C MET C 327 28.94 -26.70 16.90
N ASN C 328 30.00 -25.98 16.59
CA ASN C 328 31.33 -26.28 17.15
C ASN C 328 31.30 -26.01 18.67
N SER C 329 30.72 -24.88 19.06
CA SER C 329 30.61 -24.55 20.50
C SER C 329 29.81 -25.65 21.20
N LEU C 330 28.73 -26.11 20.56
CA LEU C 330 27.91 -27.16 21.17
C LEU C 330 28.77 -28.39 21.40
N TYR C 331 29.45 -28.88 20.35
CA TYR C 331 30.20 -30.13 20.45
C TYR C 331 31.32 -30.03 21.49
N SER C 332 32.12 -28.96 21.40
CA SER C 332 33.27 -28.84 22.26
C SER C 332 32.81 -28.73 23.72
N GLN C 333 31.77 -27.95 23.99
CA GLN C 333 31.30 -27.78 25.36
C GLN C 333 30.66 -29.03 25.95
N PHE C 334 29.99 -29.86 25.13
CA PHE C 334 29.06 -30.84 25.67
C PHE C 334 29.32 -32.27 25.21
N LEU C 335 29.91 -32.48 24.05
CA LEU C 335 29.92 -33.82 23.46
C LEU C 335 31.29 -34.46 23.53
N ALA C 336 31.35 -35.70 23.06
CA ALA C 336 32.57 -36.49 23.18
C ALA C 336 33.10 -36.87 21.81
N ILE C 337 32.53 -36.29 20.75
CA ILE C 337 33.03 -36.54 19.41
C ILE C 337 33.32 -35.20 18.76
N GLU C 338 33.96 -35.26 17.59
CA GLU C 338 34.31 -34.08 16.84
C GLU C 338 33.25 -33.84 15.75
N PRO C 339 32.78 -32.58 15.56
CA PRO C 339 31.83 -32.26 14.51
C PRO C 339 32.39 -32.52 13.12
N THR C 340 31.66 -33.26 12.29
CA THR C 340 32.06 -33.47 10.90
C THR C 340 30.79 -33.41 10.04
N GLY C 341 30.99 -33.28 8.73
CA GLY C 341 29.91 -33.41 7.76
C GLY C 341 29.12 -32.13 7.57
N THR C 342 27.96 -32.26 6.90
CA THR C 342 27.18 -31.13 6.44
C THR C 342 25.75 -31.30 6.95
N TYR C 343 25.29 -30.37 7.79
CA TYR C 343 23.95 -30.47 8.38
C TYR C 343 22.98 -29.51 7.69
N TRP C 344 23.46 -28.75 6.71
CA TRP C 344 22.61 -27.79 5.98
C TRP C 344 23.32 -27.42 4.68
N VAL C 345 22.58 -27.02 3.65
CA VAL C 345 23.21 -26.74 2.36
C VAL C 345 22.35 -25.72 1.62
N ASP C 346 23.00 -24.89 0.80
CA ASP C 346 22.35 -23.97 -0.12
C ASP C 346 22.54 -24.48 -1.55
N SER C 347 21.52 -24.24 -2.39
CA SER C 347 21.55 -24.69 -3.77
C SER C 347 22.54 -23.85 -4.57
N THR C 348 23.21 -24.50 -5.53
CA THR C 348 24.22 -23.87 -6.37
C THR C 348 23.53 -22.94 -7.38
N GLU D 2 -20.61 -35.75 15.45
CA GLU D 2 -19.46 -35.20 14.68
C GLU D 2 -18.77 -34.13 15.52
N ASN D 3 -17.70 -33.52 15.01
CA ASN D 3 -16.94 -32.54 15.82
C ASN D 3 -16.56 -31.31 15.00
N ILE D 4 -16.41 -30.16 15.65
CA ILE D 4 -16.03 -28.90 14.96
C ILE D 4 -15.17 -28.07 15.92
N THR D 5 -14.44 -27.08 15.42
CA THR D 5 -13.62 -26.20 16.28
C THR D 5 -14.32 -24.86 16.47
N ASP D 6 -14.54 -24.44 17.71
CA ASP D 6 -15.26 -23.20 17.93
C ASP D 6 -14.28 -22.03 17.89
N MET D 7 -14.74 -20.83 18.29
CA MET D 7 -13.96 -19.61 18.16
C MET D 7 -12.97 -19.47 19.32
N ALA D 8 -13.08 -20.35 20.34
CA ALA D 8 -12.12 -20.41 21.42
C ALA D 8 -11.05 -21.49 21.15
N GLY D 9 -11.07 -22.11 19.97
CA GLY D 9 -10.10 -23.15 19.64
C GLY D 9 -10.48 -24.52 20.19
N ARG D 10 -11.63 -24.61 20.89
CA ARG D 10 -12.06 -25.83 21.57
C ARG D 10 -12.87 -26.71 20.61
N SER D 11 -12.69 -28.01 20.74
CA SER D 11 -13.47 -28.96 19.90
C SER D 11 -14.85 -29.20 20.53
N VAL D 12 -15.88 -29.16 19.71
CA VAL D 12 -17.26 -29.38 20.20
C VAL D 12 -17.87 -30.55 19.43
N VAL D 13 -18.45 -31.52 20.16
CA VAL D 13 -19.13 -32.67 19.51
C VAL D 13 -20.52 -32.19 19.09
N ILE D 14 -20.84 -32.32 17.80
CA ILE D 14 -22.13 -31.81 17.27
C ILE D 14 -23.26 -32.76 17.72
N PRO D 15 -24.27 -32.24 18.42
CA PRO D 15 -25.41 -33.05 18.90
C PRO D 15 -26.16 -33.64 17.71
N ALA D 16 -26.77 -34.80 17.93
CA ALA D 16 -27.50 -35.43 16.84
C ALA D 16 -28.73 -34.59 16.45
N LYS D 17 -29.47 -34.12 17.45
CA LYS D 17 -30.58 -33.21 17.25
C LYS D 17 -30.55 -32.18 18.37
N VAL D 18 -30.80 -30.92 18.02
CA VAL D 18 -30.79 -29.82 18.98
C VAL D 18 -32.22 -29.29 19.08
N GLU D 19 -32.70 -29.11 20.31
CA GLU D 19 -34.04 -28.53 20.49
C GLU D 19 -34.09 -27.60 21.69
N ARG D 20 -32.96 -27.42 22.40
CA ARG D 20 -32.93 -26.63 23.63
C ARG D 20 -31.64 -25.79 23.67
N ILE D 21 -31.63 -24.70 22.87
CA ILE D 21 -30.48 -23.84 22.74
C ILE D 21 -30.46 -22.79 23.86
N LEU D 22 -29.30 -22.71 24.53
CA LEU D 22 -29.06 -21.69 25.54
C LEU D 22 -28.20 -20.58 24.97
N LEU D 23 -28.67 -19.34 25.12
CA LEU D 23 -27.92 -18.19 24.59
C LEU D 23 -27.24 -17.45 25.74
N GLY D 24 -25.91 -17.60 25.78
CA GLY D 24 -25.09 -16.94 26.78
C GLY D 24 -25.22 -15.42 26.74
N GLU D 25 -25.27 -14.87 25.52
CA GLU D 25 -25.62 -13.48 25.33
C GLU D 25 -26.84 -13.44 24.40
N GLY D 26 -27.89 -12.75 24.88
CA GLY D 26 -29.16 -12.65 24.18
C GLY D 26 -29.01 -12.22 22.72
N ARG D 27 -28.18 -11.21 22.48
CA ARG D 27 -28.02 -10.69 21.14
C ARG D 27 -27.27 -11.68 20.24
N LEU D 28 -26.85 -12.84 20.76
CA LEU D 28 -26.37 -13.90 19.89
C LEU D 28 -27.53 -14.48 19.08
N PHE D 29 -28.76 -14.12 19.48
CA PHE D 29 -29.97 -14.46 18.73
C PHE D 29 -29.85 -14.08 17.26
N TYR D 30 -29.18 -12.95 16.99
CA TYR D 30 -29.03 -12.43 15.63
C TYR D 30 -28.39 -13.49 14.74
N ALA D 31 -27.42 -14.24 15.26
CA ALA D 31 -26.77 -15.25 14.45
C ALA D 31 -27.73 -16.42 14.28
N VAL D 32 -28.52 -16.69 15.32
CA VAL D 32 -29.43 -17.81 15.30
C VAL D 32 -30.56 -17.52 14.32
N SER D 33 -31.02 -16.26 14.31
CA SER D 33 -32.15 -15.86 13.48
C SER D 33 -31.89 -16.13 11.99
N LEU D 34 -30.63 -16.09 11.56
CA LEU D 34 -30.29 -16.32 10.17
C LEU D 34 -30.42 -17.80 9.79
N LEU D 35 -30.63 -18.67 10.79
CA LEU D 35 -30.66 -20.10 10.54
C LEU D 35 -32.05 -20.70 10.73
N GLU D 36 -32.90 -20.03 11.52
CA GLU D 36 -34.16 -20.61 12.00
C GLU D 36 -35.35 -20.23 11.12
N GLY D 37 -35.14 -19.47 10.04
CA GLY D 37 -36.20 -19.18 9.09
C GLY D 37 -37.43 -18.56 9.75
N GLN D 38 -38.61 -19.17 9.51
CA GLN D 38 -39.87 -18.59 9.96
C GLN D 38 -40.21 -19.04 11.36
N LYS D 39 -39.35 -19.91 11.96
CA LYS D 39 -39.53 -20.44 13.29
C LYS D 39 -38.37 -20.00 14.20
N PRO D 40 -38.20 -18.68 14.47
CA PRO D 40 -37.00 -18.15 15.11
C PRO D 40 -36.76 -18.61 16.55
N PHE D 41 -37.82 -18.69 17.35
CA PHE D 41 -37.73 -18.94 18.78
C PHE D 41 -38.07 -20.38 19.17
N ASP D 42 -38.23 -21.25 18.17
CA ASP D 42 -38.75 -22.59 18.40
C ASP D 42 -37.80 -23.43 19.27
N ARG D 43 -36.49 -23.17 19.16
CA ARG D 43 -35.49 -24.04 19.79
C ARG D 43 -34.72 -23.34 20.91
N ILE D 44 -35.19 -22.16 21.38
CA ILE D 44 -34.48 -21.39 22.41
C ILE D 44 -35.09 -21.73 23.77
N VAL D 45 -34.31 -22.38 24.66
CA VAL D 45 -34.77 -22.72 26.00
C VAL D 45 -34.63 -21.53 26.94
N GLY D 46 -33.65 -20.68 26.68
CA GLY D 46 -33.41 -19.51 27.52
C GLY D 46 -32.24 -18.68 27.00
N TRP D 47 -32.16 -17.44 27.48
CA TRP D 47 -31.16 -16.50 27.00
C TRP D 47 -30.84 -15.43 28.06
N GLN D 48 -29.63 -14.86 27.97
CA GLN D 48 -29.28 -13.66 28.70
C GLN D 48 -30.28 -12.54 28.36
N GLY D 49 -30.54 -11.64 29.33
CA GLY D 49 -31.55 -10.60 29.18
C GLY D 49 -31.10 -9.38 28.37
N ASP D 50 -29.96 -9.45 27.68
CA ASP D 50 -29.42 -8.29 26.98
C ASP D 50 -30.24 -7.99 25.73
N PHE D 51 -30.68 -9.04 25.04
CA PHE D 51 -31.52 -8.85 23.86
C PHE D 51 -32.85 -8.19 24.24
N ARG D 52 -33.45 -8.64 25.34
CA ARG D 52 -34.76 -8.11 25.71
C ARG D 52 -34.63 -6.71 26.33
N LYS D 53 -33.51 -6.43 26.99
CA LYS D 53 -33.40 -5.20 27.78
C LYS D 53 -32.53 -4.15 27.09
N LEU D 54 -31.59 -4.59 26.25
CA LEU D 54 -30.70 -3.70 25.51
C LEU D 54 -31.02 -3.68 24.01
N ASP D 55 -32.14 -4.30 23.60
CA ASP D 55 -32.55 -4.29 22.21
C ASP D 55 -34.08 -4.23 22.18
N THR D 56 -34.64 -3.26 22.89
CA THR D 56 -36.06 -3.26 23.21
C THR D 56 -36.86 -3.14 21.91
N GLN D 57 -36.31 -2.40 20.95
CA GLN D 57 -36.99 -2.16 19.68
C GLN D 57 -37.10 -3.45 18.87
N THR D 58 -35.98 -4.12 18.59
CA THR D 58 -36.02 -5.35 17.81
C THR D 58 -36.86 -6.40 18.54
N TYR D 59 -36.77 -6.40 19.88
CA TYR D 59 -37.59 -7.28 20.70
C TYR D 59 -39.07 -7.03 20.41
N ALA D 60 -39.54 -5.77 20.55
CA ALA D 60 -40.96 -5.48 20.43
C ALA D 60 -41.51 -5.94 19.09
N VAL D 61 -40.73 -5.80 18.03
CA VAL D 61 -41.16 -6.18 16.70
C VAL D 61 -41.37 -7.70 16.66
N TYR D 62 -40.45 -8.47 17.23
CA TYR D 62 -40.62 -9.92 17.24
C TYR D 62 -41.78 -10.34 18.16
N LYS D 63 -42.05 -9.57 19.21
CA LYS D 63 -43.12 -9.90 20.15
C LYS D 63 -44.50 -9.76 19.49
N ALA D 64 -44.67 -8.71 18.68
CA ALA D 64 -45.94 -8.47 18.01
C ALA D 64 -46.29 -9.62 17.07
N LYS D 65 -45.28 -10.26 16.46
CA LYS D 65 -45.53 -11.41 15.60
C LYS D 65 -45.40 -12.72 16.38
N PHE D 66 -44.63 -12.74 17.47
CA PHE D 66 -44.46 -13.96 18.25
C PHE D 66 -44.58 -13.64 19.74
N PRO D 67 -45.79 -13.61 20.35
CA PRO D 67 -45.93 -13.17 21.75
C PRO D 67 -45.30 -14.14 22.76
N GLN D 68 -44.98 -15.35 22.30
CA GLN D 68 -44.38 -16.38 23.12
C GLN D 68 -42.92 -16.05 23.49
N VAL D 69 -42.36 -14.99 22.90
CA VAL D 69 -40.99 -14.60 23.15
C VAL D 69 -40.84 -14.13 24.60
N ASP D 70 -41.88 -13.47 25.14
CA ASP D 70 -41.97 -13.05 26.53
C ASP D 70 -41.83 -14.22 27.52
N ASN D 71 -42.07 -15.46 27.08
CA ASN D 71 -42.04 -16.60 27.99
C ASN D 71 -40.72 -17.36 27.91
N ILE D 72 -39.81 -16.94 27.02
CA ILE D 72 -38.48 -17.54 27.02
C ILE D 72 -37.78 -17.07 28.31
N PRO D 73 -37.22 -18.00 29.13
CA PRO D 73 -36.61 -17.61 30.40
C PRO D 73 -35.35 -16.74 30.22
N LEU D 74 -35.25 -15.71 31.07
CA LEU D 74 -34.08 -14.87 31.20
C LEU D 74 -33.15 -15.48 32.26
N ILE D 75 -31.95 -15.90 31.84
CA ILE D 75 -31.02 -16.53 32.75
C ILE D 75 -30.26 -15.48 33.57
N GLY D 76 -30.36 -14.20 33.19
CA GLY D 76 -29.75 -13.10 33.94
C GLY D 76 -30.16 -11.74 33.37
N ASN D 77 -29.47 -10.67 33.79
CA ASN D 77 -29.76 -9.33 33.30
C ASN D 77 -28.83 -9.03 32.13
N THR D 78 -27.83 -8.16 32.33
CA THR D 78 -27.01 -7.67 31.22
C THR D 78 -25.51 -7.88 31.49
N THR D 79 -25.17 -8.68 32.52
CA THR D 79 -23.80 -8.93 32.93
C THR D 79 -23.63 -10.41 33.22
N ALA D 80 -22.44 -10.94 32.89
CA ALA D 80 -22.16 -12.35 33.13
C ALA D 80 -22.34 -12.71 34.63
N ASP D 81 -22.05 -11.77 35.53
CA ASP D 81 -22.05 -12.06 36.96
C ASP D 81 -23.48 -12.18 37.51
N SER D 82 -24.51 -11.79 36.73
CA SER D 82 -25.87 -11.84 37.21
C SER D 82 -26.59 -13.12 36.78
N ILE D 83 -25.89 -14.00 36.04
CA ILE D 83 -26.45 -15.26 35.59
C ILE D 83 -26.43 -16.26 36.74
N SER D 84 -27.61 -16.74 37.13
CA SER D 84 -27.75 -17.88 38.03
C SER D 84 -27.40 -19.17 37.30
N PRO D 85 -26.31 -19.89 37.67
CA PRO D 85 -25.99 -21.17 37.02
C PRO D 85 -27.03 -22.25 37.30
N GLU D 86 -27.80 -22.05 38.38
CA GLU D 86 -28.81 -23.01 38.79
C GLU D 86 -29.99 -22.95 37.81
N LYS D 87 -30.52 -21.73 37.57
CA LYS D 87 -31.61 -21.58 36.61
C LYS D 87 -31.17 -22.14 35.25
N VAL D 88 -29.92 -21.89 34.86
CA VAL D 88 -29.40 -22.38 33.59
C VAL D 88 -29.51 -23.89 33.49
N LEU D 89 -29.08 -24.60 34.53
CA LEU D 89 -28.96 -26.04 34.45
C LEU D 89 -30.32 -26.72 34.46
N THR D 90 -31.32 -26.11 35.14
CA THR D 90 -32.66 -26.70 35.21
C THR D 90 -33.39 -26.56 33.87
N LEU D 91 -32.88 -25.76 32.93
CA LEU D 91 -33.48 -25.70 31.60
C LEU D 91 -32.99 -26.87 30.75
N ASN D 92 -32.05 -27.67 31.28
CA ASN D 92 -31.60 -28.86 30.59
C ASN D 92 -31.29 -28.52 29.14
N PRO D 93 -30.40 -27.55 28.85
CA PRO D 93 -30.00 -27.28 27.49
C PRO D 93 -29.27 -28.45 26.85
N ASP D 94 -29.37 -28.56 25.51
CA ASP D 94 -28.60 -29.55 24.79
C ASP D 94 -27.48 -28.89 24.02
N ILE D 95 -27.48 -27.54 24.01
CA ILE D 95 -26.33 -26.77 23.56
C ILE D 95 -26.37 -25.36 24.14
N ALA D 96 -25.19 -24.82 24.41
CA ALA D 96 -25.03 -23.47 24.90
C ALA D 96 -24.11 -22.69 23.97
N ILE D 97 -24.60 -21.53 23.49
CA ILE D 97 -23.83 -20.66 22.62
C ILE D 97 -23.40 -19.44 23.44
N PHE D 98 -22.08 -19.24 23.48
CA PHE D 98 -21.46 -18.16 24.24
C PHE D 98 -20.53 -17.36 23.33
N GLY D 99 -20.22 -16.13 23.77
CA GLY D 99 -19.35 -15.21 23.06
C GLY D 99 -18.00 -15.07 23.77
N LEU D 100 -16.90 -15.04 22.97
CA LEU D 100 -15.56 -14.82 23.52
C LEU D 100 -15.59 -13.59 24.40
N SER D 101 -16.39 -12.57 24.04
CA SER D 101 -16.51 -11.39 24.86
C SER D 101 -17.97 -10.96 24.97
N GLY D 102 -18.26 -10.06 25.90
CA GLY D 102 -19.54 -9.35 25.92
C GLY D 102 -20.24 -9.46 27.28
N HIS D 103 -21.57 -9.36 27.26
CA HIS D 103 -22.38 -9.25 28.46
C HIS D 103 -22.75 -10.65 28.99
N GLY D 104 -22.09 -11.69 28.44
CA GLY D 104 -22.32 -13.05 28.89
C GLY D 104 -21.01 -13.78 29.21
N PRO D 105 -21.08 -14.99 29.76
CA PRO D 105 -19.89 -15.73 30.16
C PRO D 105 -18.86 -15.95 29.06
N GLY D 106 -17.58 -15.98 29.48
CA GLY D 106 -16.48 -16.22 28.57
C GLY D 106 -15.93 -17.62 28.75
N LYS D 107 -14.80 -17.92 28.09
CA LYS D 107 -14.30 -19.29 27.98
C LYS D 107 -13.83 -19.82 29.33
N ASN D 108 -13.57 -18.94 30.31
CA ASN D 108 -12.99 -19.36 31.58
C ASN D 108 -13.98 -19.29 32.72
N SER D 109 -15.25 -18.99 32.43
CA SER D 109 -16.25 -18.82 33.48
C SER D 109 -16.55 -20.18 34.12
N GLU D 110 -17.12 -20.12 35.34
CA GLU D 110 -17.44 -21.31 36.10
C GLU D 110 -18.61 -22.03 35.42
N LEU D 111 -19.56 -21.24 34.89
CA LEU D 111 -20.75 -21.76 34.26
C LEU D 111 -20.39 -22.66 33.07
N VAL D 112 -19.37 -22.26 32.29
CA VAL D 112 -18.89 -23.08 31.20
C VAL D 112 -18.40 -24.42 31.73
N LYS D 113 -17.72 -24.42 32.88
CA LYS D 113 -17.20 -25.66 33.45
C LYS D 113 -18.34 -26.51 34.00
N GLN D 114 -19.31 -25.88 34.67
CA GLN D 114 -20.50 -26.57 35.14
C GLN D 114 -21.19 -27.32 34.01
N LEU D 115 -21.36 -26.63 32.88
CA LEU D 115 -22.04 -27.22 31.73
C LEU D 115 -21.24 -28.39 31.20
N GLU D 116 -19.90 -28.31 31.20
CA GLU D 116 -19.05 -29.40 30.74
C GLU D 116 -19.22 -30.61 31.65
N LYS D 117 -19.39 -30.36 32.96
CA LYS D 117 -19.60 -31.44 33.93
C LYS D 117 -20.96 -32.08 33.70
N ALA D 118 -21.95 -31.28 33.24
CA ALA D 118 -23.31 -31.75 33.02
C ALA D 118 -23.47 -32.47 31.68
N GLY D 119 -22.41 -32.50 30.86
CA GLY D 119 -22.44 -33.18 29.57
C GLY D 119 -23.06 -32.34 28.46
N VAL D 120 -23.13 -31.01 28.64
CA VAL D 120 -23.76 -30.10 27.70
C VAL D 120 -22.69 -29.48 26.81
N PRO D 121 -22.76 -29.66 25.46
CA PRO D 121 -21.81 -28.99 24.54
C PRO D 121 -21.89 -27.47 24.65
N VAL D 122 -20.73 -26.82 24.61
CA VAL D 122 -20.64 -25.37 24.62
C VAL D 122 -19.93 -24.92 23.35
N VAL D 123 -20.52 -23.92 22.67
CA VAL D 123 -19.92 -23.36 21.48
C VAL D 123 -19.65 -21.87 21.67
N PHE D 124 -18.39 -21.49 21.41
CA PHE D 124 -17.94 -20.11 21.41
C PHE D 124 -17.94 -19.58 19.99
N VAL D 125 -18.66 -18.46 19.82
CA VAL D 125 -18.67 -17.68 18.60
C VAL D 125 -18.08 -16.30 18.89
N ASP D 126 -17.91 -15.46 17.86
CA ASP D 126 -17.43 -14.11 18.06
C ASP D 126 -17.77 -13.20 16.89
N PHE D 127 -18.49 -12.11 17.22
CA PHE D 127 -18.80 -11.04 16.28
C PHE D 127 -18.32 -9.69 16.80
N ARG D 128 -17.53 -9.72 17.90
CA ARG D 128 -17.38 -8.57 18.77
C ARG D 128 -15.92 -8.20 18.99
N THR D 129 -15.11 -9.22 19.32
CA THR D 129 -13.70 -9.01 19.51
C THR D 129 -13.04 -8.89 18.14
N SER D 130 -13.24 -9.91 17.28
CA SER D 130 -12.52 -9.97 16.01
C SER D 130 -13.48 -10.28 14.87
N PRO D 131 -14.46 -9.38 14.61
CA PRO D 131 -15.44 -9.61 13.58
C PRO D 131 -14.87 -10.06 12.24
N LEU D 132 -13.76 -9.47 11.80
CA LEU D 132 -13.20 -9.79 10.50
C LEU D 132 -12.75 -11.25 10.48
N LYS D 133 -12.03 -11.70 11.53
CA LYS D 133 -11.54 -13.06 11.55
C LYS D 133 -12.70 -14.03 11.80
N ASN D 134 -13.67 -13.63 12.63
CA ASN D 134 -14.53 -14.60 13.32
C ASN D 134 -15.98 -14.67 12.79
N THR D 135 -16.50 -13.61 12.16
CA THR D 135 -17.92 -13.57 11.82
C THR D 135 -18.30 -14.79 10.97
N LEU D 136 -17.59 -15.00 9.85
CA LEU D 136 -18.00 -16.07 8.93
C LEU D 136 -17.71 -17.43 9.54
N PRO D 137 -16.51 -17.70 10.09
CA PRO D 137 -16.28 -18.96 10.79
C PRO D 137 -17.34 -19.26 11.86
N SER D 138 -17.80 -18.22 12.58
CA SER D 138 -18.82 -18.40 13.61
C SER D 138 -20.12 -18.94 13.00
N MET D 139 -20.55 -18.35 11.85
CA MET D 139 -21.76 -18.80 11.19
C MET D 139 -21.60 -20.22 10.68
N ARG D 140 -20.48 -20.54 10.04
CA ARG D 140 -20.25 -21.93 9.58
C ARG D 140 -20.40 -22.88 10.76
N VAL D 141 -19.77 -22.56 11.88
CA VAL D 141 -19.84 -23.43 13.03
C VAL D 141 -21.29 -23.54 13.53
N LEU D 142 -22.01 -22.42 13.66
CA LEU D 142 -23.35 -22.48 14.18
C LEU D 142 -24.21 -23.35 13.26
N GLY D 143 -23.97 -23.22 11.96
CA GLY D 143 -24.62 -24.06 10.97
C GLY D 143 -24.49 -25.55 11.28
N LYS D 144 -23.28 -25.98 11.64
CA LYS D 144 -22.99 -27.40 11.82
C LYS D 144 -23.64 -27.91 13.10
N VAL D 145 -23.54 -27.14 14.19
CA VAL D 145 -23.98 -27.63 15.48
C VAL D 145 -25.50 -27.49 15.61
N LEU D 146 -26.13 -26.59 14.85
CA LEU D 146 -27.58 -26.42 14.92
C LEU D 146 -28.30 -27.11 13.77
N HIS D 147 -27.56 -27.76 12.87
CA HIS D 147 -28.12 -28.49 11.73
C HIS D 147 -28.89 -27.53 10.83
N ARG D 148 -28.20 -26.48 10.41
CA ARG D 148 -28.72 -25.48 9.49
C ARG D 148 -27.60 -25.08 8.55
N GLU D 149 -26.86 -26.08 8.06
CA GLU D 149 -25.71 -25.84 7.18
C GLU D 149 -26.14 -25.07 5.92
N GLN D 150 -27.33 -25.37 5.40
CA GLN D 150 -27.80 -24.70 4.20
C GLN D 150 -27.96 -23.21 4.48
N GLN D 151 -28.71 -22.86 5.53
CA GLN D 151 -28.95 -21.46 5.86
C GLN D 151 -27.63 -20.73 6.09
N ALA D 152 -26.71 -21.37 6.81
CA ALA D 152 -25.44 -20.78 7.11
C ALA D 152 -24.64 -20.51 5.83
N ASN D 153 -24.54 -21.51 4.94
CA ASN D 153 -23.80 -21.37 3.70
C ASN D 153 -24.44 -20.30 2.81
N ASP D 154 -25.76 -20.24 2.81
CA ASP D 154 -26.48 -19.21 2.06
C ASP D 154 -26.11 -17.82 2.60
N TYR D 155 -26.00 -17.68 3.93
CA TYR D 155 -25.74 -16.37 4.51
C TYR D 155 -24.29 -15.96 4.29
N ILE D 156 -23.36 -16.92 4.35
CA ILE D 156 -21.96 -16.65 4.08
C ILE D 156 -21.80 -16.13 2.64
N LYS D 157 -22.44 -16.79 1.68
CA LYS D 157 -22.33 -16.35 0.29
C LYS D 157 -22.84 -14.92 0.17
N PHE D 158 -24.02 -14.65 0.75
CA PHE D 158 -24.61 -13.31 0.75
C PHE D 158 -23.65 -12.28 1.35
N TYR D 159 -23.07 -12.63 2.50
CA TYR D 159 -22.19 -11.74 3.24
C TYR D 159 -20.93 -11.44 2.43
N GLU D 160 -20.23 -12.50 1.99
CA GLU D 160 -19.00 -12.35 1.23
C GLU D 160 -19.21 -11.46 0.01
N ASP D 161 -20.32 -11.71 -0.71
CA ASP D 161 -20.61 -10.97 -1.92
C ASP D 161 -20.82 -9.49 -1.60
N ASN D 162 -21.55 -9.20 -0.51
CA ASN D 162 -21.90 -7.83 -0.19
C ASN D 162 -20.72 -7.06 0.42
N VAL D 163 -19.84 -7.77 1.13
CA VAL D 163 -18.60 -7.17 1.57
C VAL D 163 -17.65 -6.99 0.38
N ARG D 164 -17.60 -7.95 -0.57
CA ARG D 164 -16.67 -7.86 -1.69
C ARG D 164 -16.96 -6.59 -2.51
N LYS D 165 -18.22 -6.17 -2.52
CA LYS D 165 -18.61 -4.92 -3.18
C LYS D 165 -17.82 -3.73 -2.63
N VAL D 166 -17.44 -3.81 -1.35
CA VAL D 166 -16.63 -2.78 -0.72
C VAL D 166 -15.14 -3.08 -0.92
N THR D 167 -14.71 -4.29 -0.56
CA THR D 167 -13.28 -4.56 -0.48
C THR D 167 -12.63 -4.55 -1.88
N GLU D 168 -13.37 -4.88 -2.94
CA GLU D 168 -12.79 -4.82 -4.29
C GLU D 168 -12.19 -3.44 -4.55
N ILE D 169 -12.80 -2.40 -3.95
CA ILE D 169 -12.36 -1.03 -4.11
C ILE D 169 -11.37 -0.66 -3.00
N THR D 170 -11.75 -0.80 -1.72
CA THR D 170 -10.94 -0.26 -0.63
C THR D 170 -9.66 -1.06 -0.36
N SER D 171 -9.56 -2.31 -0.84
CA SER D 171 -8.36 -3.09 -0.57
C SER D 171 -7.16 -2.56 -1.36
N LYS D 172 -7.42 -1.80 -2.43
CA LYS D 172 -6.35 -1.28 -3.29
C LYS D 172 -6.00 0.17 -2.95
N ILE D 173 -6.73 0.80 -2.01
CA ILE D 173 -6.48 2.20 -1.66
C ILE D 173 -5.27 2.28 -0.74
N PRO D 174 -4.26 3.13 -1.05
CA PRO D 174 -3.09 3.28 -0.19
C PRO D 174 -3.36 4.16 1.04
N ALA D 175 -2.60 3.89 2.11
CA ALA D 175 -2.91 4.38 3.45
C ALA D 175 -3.04 5.90 3.48
N ASP D 176 -2.23 6.58 2.66
CA ASP D 176 -2.11 8.03 2.66
C ASP D 176 -3.30 8.69 1.97
N LYS D 177 -4.15 7.92 1.31
CA LYS D 177 -5.36 8.46 0.68
C LYS D 177 -6.59 8.16 1.55
N LYS D 178 -6.41 7.44 2.67
CA LYS D 178 -7.52 7.03 3.52
C LYS D 178 -7.92 8.15 4.46
N PRO D 179 -9.22 8.34 4.78
CA PRO D 179 -9.64 9.29 5.79
C PRO D 179 -9.41 8.79 7.20
N SER D 180 -9.00 9.69 8.09
CA SER D 180 -8.95 9.35 9.51
C SER D 180 -10.37 9.30 10.06
N VAL D 181 -10.62 8.36 10.98
CA VAL D 181 -11.96 8.09 11.51
C VAL D 181 -11.87 7.85 13.01
N PHE D 182 -12.82 8.46 13.74
CA PHE D 182 -13.03 8.13 15.13
C PHE D 182 -14.46 7.64 15.31
N ILE D 183 -14.64 6.47 15.94
CA ILE D 183 -15.96 5.98 16.28
C ILE D 183 -16.18 6.07 17.79
N GLU D 184 -17.24 6.80 18.17
CA GLU D 184 -17.54 6.96 19.57
C GLU D 184 -18.72 6.05 19.91
N LEU D 185 -18.43 4.91 20.57
CA LEU D 185 -19.44 3.92 20.91
C LEU D 185 -20.37 4.45 22.00
N ARG D 186 -21.67 4.25 21.82
CA ARG D 186 -22.66 4.66 22.79
C ARG D 186 -22.36 6.10 23.18
N ALA D 187 -22.09 6.91 22.16
CA ALA D 187 -21.74 8.30 22.33
C ALA D 187 -22.79 9.00 23.20
N GLY D 188 -22.33 9.87 24.10
CA GLY D 188 -23.20 10.68 24.92
C GLY D 188 -23.76 9.90 26.11
N ALA D 189 -23.70 8.57 26.06
CA ALA D 189 -24.44 7.72 26.99
C ALA D 189 -23.53 7.08 28.03
N MET D 190 -22.21 7.25 27.92
CA MET D 190 -21.28 6.68 28.90
C MET D 190 -20.92 7.74 29.93
N GLU D 191 -20.51 7.28 31.12
CA GLU D 191 -20.14 8.15 32.22
C GLU D 191 -18.92 8.97 31.81
N GLU D 192 -17.92 8.29 31.23
CA GLU D 192 -16.67 8.91 30.84
C GLU D 192 -16.48 8.78 29.32
N CYS D 193 -16.31 9.93 28.67
CA CYS D 193 -16.05 10.00 27.24
C CYS D 193 -14.56 9.71 27.01
N CYS D 194 -14.17 8.98 25.96
CA CYS D 194 -15.05 8.47 24.93
C CYS D 194 -14.70 7.01 24.64
N GLY D 195 -15.72 6.14 24.75
CA GLY D 195 -15.60 4.75 24.35
C GLY D 195 -15.38 4.64 22.85
N THR D 196 -14.58 3.64 22.45
CA THR D 196 -14.30 3.45 21.04
C THR D 196 -13.73 2.06 20.82
N ALA D 197 -13.36 1.78 19.58
CA ALA D 197 -12.87 0.47 19.22
C ALA D 197 -11.45 0.61 18.71
N GLY D 198 -10.61 -0.37 19.07
CA GLY D 198 -9.20 -0.39 18.70
C GLY D 198 -8.99 -1.30 17.50
N LYS D 199 -8.01 -2.19 17.55
CA LYS D 199 -7.86 -3.24 16.54
C LYS D 199 -8.83 -4.37 16.91
N GLY D 200 -10.10 -4.17 16.52
CA GLY D 200 -11.17 -5.11 16.74
C GLY D 200 -12.52 -4.39 16.83
N ASN D 201 -13.59 -5.15 16.97
CA ASN D 201 -14.92 -4.57 17.03
C ASN D 201 -15.11 -3.71 15.79
N MET D 202 -15.81 -2.58 15.93
CA MET D 202 -16.13 -1.73 14.78
C MET D 202 -14.87 -1.23 14.08
N GLY D 203 -13.73 -1.32 14.74
CA GLY D 203 -12.46 -1.05 14.11
C GLY D 203 -12.21 -1.92 12.89
N ASP D 204 -12.66 -3.17 12.96
CA ASP D 204 -12.50 -4.07 11.82
C ASP D 204 -13.28 -3.52 10.64
N PHE D 205 -14.42 -2.86 10.92
CA PHE D 205 -15.29 -2.36 9.86
C PHE D 205 -14.65 -1.14 9.21
N ILE D 206 -14.04 -0.28 10.03
CA ILE D 206 -13.33 0.86 9.52
C ILE D 206 -12.20 0.38 8.62
N ASP D 207 -11.47 -0.65 9.04
CA ASP D 207 -10.36 -1.18 8.26
C ASP D 207 -10.85 -1.66 6.90
N GLN D 208 -11.90 -2.48 6.90
CA GLN D 208 -12.43 -3.08 5.69
C GLN D 208 -12.96 -2.00 4.74
N ALA D 209 -13.64 -0.99 5.29
CA ALA D 209 -14.24 0.08 4.50
C ALA D 209 -13.21 1.09 4.03
N GLY D 210 -11.91 0.83 4.30
CA GLY D 210 -10.81 1.61 3.77
C GLY D 210 -10.55 2.88 4.58
N GLY D 211 -11.02 2.90 5.83
CA GLY D 211 -10.77 4.01 6.72
C GLY D 211 -9.55 3.76 7.59
N ASN D 212 -9.16 4.83 8.30
CA ASN D 212 -8.01 4.82 9.19
C ASN D 212 -8.50 5.17 10.59
N ASN D 213 -8.60 4.14 11.42
CA ASN D 213 -9.12 4.26 12.77
C ASN D 213 -8.06 4.96 13.64
N MET D 214 -8.40 6.15 14.16
CA MET D 214 -7.44 6.91 14.93
C MET D 214 -7.11 6.22 16.26
N ALA D 215 -7.95 5.28 16.72
CA ALA D 215 -7.73 4.61 17.99
C ALA D 215 -7.06 3.24 17.80
N LYS D 216 -6.80 2.84 16.55
CA LYS D 216 -6.22 1.54 16.25
C LYS D 216 -4.97 1.33 17.11
N ASN D 217 -4.10 2.35 17.19
CA ASN D 217 -2.82 2.23 17.85
C ASN D 217 -2.80 2.92 19.22
N LEU D 218 -3.91 3.52 19.64
CA LEU D 218 -4.02 4.05 21.00
C LEU D 218 -4.37 2.95 22.00
N LEU D 219 -4.88 1.81 21.54
CA LEU D 219 -5.52 0.85 22.43
C LEU D 219 -4.99 -0.55 22.15
N PRO D 220 -4.82 -1.38 23.21
CA PRO D 220 -4.37 -2.75 23.05
C PRO D 220 -5.47 -3.73 22.65
N GLY D 221 -6.71 -3.45 23.11
CA GLY D 221 -7.83 -4.37 22.98
C GLY D 221 -8.82 -3.95 21.87
N ALA D 222 -9.92 -4.70 21.79
CA ALA D 222 -10.97 -4.41 20.84
C ALA D 222 -11.76 -3.18 21.28
N LEU D 223 -11.99 -3.06 22.59
CA LEU D 223 -12.67 -1.92 23.15
C LEU D 223 -11.70 -1.17 24.06
N GLY D 224 -11.95 0.12 24.25
CA GLY D 224 -11.22 0.92 25.21
C GLY D 224 -11.76 2.34 25.28
N THR D 225 -10.93 3.25 25.80
CA THR D 225 -11.34 4.63 26.04
C THR D 225 -10.22 5.56 25.59
N VAL D 226 -10.60 6.62 24.86
CA VAL D 226 -9.70 7.69 24.48
C VAL D 226 -10.31 8.99 24.97
N ASN D 227 -9.48 9.91 25.46
CA ASN D 227 -9.97 11.11 26.10
C ASN D 227 -10.42 12.09 25.01
N LEU D 228 -11.41 12.93 25.36
CA LEU D 228 -11.97 13.91 24.46
C LEU D 228 -10.86 14.73 23.83
N GLU D 229 -9.92 15.20 24.63
CA GLU D 229 -8.86 16.09 24.11
C GLU D 229 -7.98 15.35 23.09
N LYS D 230 -7.82 14.06 23.25
CA LYS D 230 -6.99 13.33 22.30
C LYS D 230 -7.68 13.30 20.95
N VAL D 231 -9.02 13.23 20.97
CA VAL D 231 -9.82 13.21 19.77
C VAL D 231 -9.71 14.58 19.11
N LEU D 232 -10.01 15.65 19.88
CA LEU D 232 -9.90 17.02 19.40
C LEU D 232 -8.52 17.23 18.78
N SER D 233 -7.48 16.80 19.45
CA SER D 233 -6.13 17.03 18.92
C SER D 233 -5.92 16.29 17.61
N THR D 234 -6.33 15.03 17.51
CA THR D 234 -6.09 14.26 16.30
C THR D 234 -6.94 14.84 15.17
N ASN D 235 -8.11 15.38 15.54
CA ASN D 235 -9.02 16.08 14.65
C ASN D 235 -9.27 15.27 13.39
N PRO D 236 -9.97 14.12 13.50
CA PRO D 236 -10.09 13.19 12.40
C PRO D 236 -11.07 13.66 11.32
N ASP D 237 -10.89 13.09 10.12
CA ASP D 237 -11.63 13.52 8.94
C ASP D 237 -13.12 13.28 9.15
N ILE D 238 -13.44 12.13 9.79
CA ILE D 238 -14.80 11.59 9.88
C ILE D 238 -15.10 11.20 11.32
N TYR D 239 -16.27 11.66 11.79
CA TYR D 239 -16.73 11.31 13.12
C TYR D 239 -17.94 10.41 13.00
N ILE D 240 -17.99 9.31 13.77
CA ILE D 240 -19.12 8.38 13.77
C ILE D 240 -19.54 8.14 15.21
N ALA D 241 -20.85 8.25 15.47
CA ALA D 241 -21.36 7.96 16.80
C ALA D 241 -22.22 6.71 16.73
N SER D 242 -22.08 5.78 17.66
CA SER D 242 -22.97 4.64 17.71
C SER D 242 -23.97 4.85 18.84
N GLY D 243 -25.19 4.35 18.61
CA GLY D 243 -26.23 4.32 19.63
C GLY D 243 -27.34 3.34 19.24
N GLY D 244 -28.17 2.98 20.22
CA GLY D 244 -29.35 2.18 19.98
C GLY D 244 -30.52 2.62 20.84
N LYS D 245 -30.57 3.92 21.18
CA LYS D 245 -31.53 4.43 22.14
C LYS D 245 -32.93 4.42 21.52
N ALA D 246 -33.93 4.04 22.32
CA ALA D 246 -35.32 4.05 21.90
C ALA D 246 -35.80 5.48 21.73
N PRO D 247 -36.71 5.75 20.77
CA PRO D 247 -37.18 7.11 20.52
C PRO D 247 -37.69 7.85 21.76
N ASP D 248 -38.48 7.13 22.58
CA ASP D 248 -39.18 7.73 23.71
C ASP D 248 -38.37 7.55 24.99
N ASN D 249 -37.05 7.75 24.91
CA ASN D 249 -36.15 7.60 26.03
C ASN D 249 -35.37 8.91 26.15
N ASN D 250 -35.58 9.62 27.27
CA ASN D 250 -35.03 10.95 27.47
C ASN D 250 -33.59 10.92 27.98
N ALA D 251 -33.05 9.70 28.22
CA ALA D 251 -31.64 9.55 28.54
C ALA D 251 -30.77 10.03 27.38
N PRO D 252 -29.48 10.36 27.61
CA PRO D 252 -28.61 10.79 26.53
C PRO D 252 -28.19 9.64 25.62
N GLY D 253 -28.00 9.94 24.34
CA GLY D 253 -27.53 8.98 23.36
C GLY D 253 -28.20 9.20 22.00
N VAL D 254 -27.73 8.44 20.99
CA VAL D 254 -28.30 8.46 19.66
C VAL D 254 -29.41 7.41 19.57
N SER D 255 -30.57 7.84 19.04
CA SER D 255 -31.68 6.95 18.75
C SER D 255 -31.48 6.31 17.39
N LEU D 256 -31.35 4.99 17.38
CA LEU D 256 -31.35 4.18 16.17
C LEU D 256 -31.99 2.83 16.49
N GLY D 257 -32.67 2.24 15.51
CA GLY D 257 -33.18 0.88 15.62
C GLY D 257 -34.50 0.70 14.87
N ALA D 258 -35.15 -0.45 15.09
CA ALA D 258 -36.34 -0.84 14.36
C ALA D 258 -37.51 0.13 14.52
N GLN D 259 -37.58 0.93 15.60
CA GLN D 259 -38.73 1.80 15.81
C GLN D 259 -38.33 3.27 15.74
N VAL D 260 -37.25 3.59 15.02
CA VAL D 260 -36.75 4.94 14.95
C VAL D 260 -36.93 5.48 13.54
N THR D 261 -37.42 6.71 13.46
CA THR D 261 -37.63 7.40 12.18
C THR D 261 -36.41 8.18 11.86
N LYS D 262 -36.25 8.54 10.60
CA LYS D 262 -35.08 9.32 10.14
C LYS D 262 -34.98 10.61 10.95
N GLU D 263 -36.11 11.26 11.19
CA GLU D 263 -36.10 12.57 11.90
C GLU D 263 -35.68 12.38 13.36
N GLN D 264 -36.10 11.30 14.01
CA GLN D 264 -35.68 11.03 15.41
C GLN D 264 -34.18 10.70 15.45
N ALA D 265 -33.65 10.04 14.41
CA ALA D 265 -32.22 9.69 14.31
C ALA D 265 -31.38 10.93 14.03
N GLN D 266 -31.84 11.78 13.13
CA GLN D 266 -31.13 13.03 12.80
C GLN D 266 -31.17 14.00 14.00
N SER D 267 -32.30 14.10 14.69
CA SER D 267 -32.44 15.07 15.79
C SER D 267 -31.54 14.62 16.93
N SER D 268 -31.54 13.32 17.20
CA SER D 268 -30.79 12.86 18.36
C SER D 268 -29.29 12.84 18.06
N LEU D 269 -28.88 12.58 16.80
CA LEU D 269 -27.47 12.69 16.42
C LEU D 269 -27.00 14.12 16.65
N GLN D 270 -27.85 15.09 16.33
CA GLN D 270 -27.49 16.50 16.43
C GLN D 270 -27.19 16.87 17.89
N THR D 271 -28.05 16.42 18.82
CA THR D 271 -27.76 16.62 20.24
C THR D 271 -26.35 16.12 20.54
N ILE D 272 -26.03 14.91 20.07
CA ILE D 272 -24.73 14.30 20.31
C ILE D 272 -23.61 15.16 19.72
N LEU D 273 -23.83 15.76 18.54
CA LEU D 273 -22.81 16.55 17.88
C LEU D 273 -22.72 17.97 18.46
N ASP D 274 -23.71 18.39 19.27
CA ASP D 274 -23.72 19.73 19.85
C ASP D 274 -22.99 19.78 21.20
N ARG D 275 -22.47 18.64 21.68
CA ARG D 275 -21.78 18.56 22.96
C ARG D 275 -20.46 19.32 22.93
N LYS D 276 -20.12 19.94 24.07
CA LYS D 276 -18.87 20.69 24.23
C LYS D 276 -17.71 19.83 23.73
N GLY D 277 -16.82 20.44 22.96
CA GLY D 277 -15.62 19.78 22.47
C GLY D 277 -15.88 19.08 21.14
N ILE D 278 -16.83 18.15 21.15
CA ILE D 278 -17.25 17.44 19.95
C ILE D 278 -17.61 18.44 18.85
N ASN D 279 -18.29 19.52 19.25
CA ASN D 279 -18.86 20.46 18.29
C ASN D 279 -17.78 21.34 17.65
N THR D 280 -16.52 21.21 18.06
CA THR D 280 -15.46 21.98 17.41
C THR D 280 -14.67 21.08 16.48
N LEU D 281 -15.00 19.79 16.43
CA LEU D 281 -14.34 18.89 15.48
C LEU D 281 -14.53 19.40 14.06
N SER D 282 -13.47 19.34 13.26
CA SER D 282 -13.56 19.64 11.84
C SER D 282 -14.62 18.75 11.17
N ALA D 283 -14.62 17.46 11.49
CA ALA D 283 -15.57 16.53 10.88
C ALA D 283 -17.01 16.97 11.18
N VAL D 284 -17.27 17.46 12.39
CA VAL D 284 -18.63 17.87 12.72
C VAL D 284 -19.01 19.15 11.95
N LYS D 285 -18.09 20.11 11.90
CA LYS D 285 -18.34 21.39 11.25
C LYS D 285 -18.53 21.18 9.75
N ASN D 286 -17.70 20.30 9.16
CA ASN D 286 -17.77 19.96 7.74
C ASN D 286 -18.89 19.00 7.40
N GLY D 287 -19.64 18.54 8.41
CA GLY D 287 -20.78 17.67 8.14
C GLY D 287 -20.41 16.21 7.83
N ARG D 288 -19.14 15.82 7.99
CA ARG D 288 -18.77 14.41 7.87
C ARG D 288 -18.98 13.71 9.23
N SER D 289 -20.23 13.71 9.67
CA SER D 289 -20.63 13.19 10.97
C SER D 289 -21.84 12.27 10.78
N TYR D 290 -21.79 11.09 11.44
CA TYR D 290 -22.73 10.03 11.13
C TYR D 290 -23.10 9.27 12.40
N GLY D 291 -24.19 8.53 12.29
CA GLY D 291 -24.66 7.62 13.33
C GLY D 291 -24.80 6.20 12.80
N ILE D 292 -24.39 5.22 13.63
CA ILE D 292 -24.49 3.80 13.30
C ILE D 292 -25.09 3.11 14.50
N TRP D 293 -25.92 2.10 14.24
CA TRP D 293 -26.64 1.38 15.27
C TRP D 293 -25.66 0.52 16.06
N HIS D 294 -25.68 0.69 17.39
CA HIS D 294 -24.61 0.17 18.24
C HIS D 294 -24.49 -1.35 18.15
N ASN D 295 -25.62 -2.06 18.07
CA ASN D 295 -25.61 -3.50 18.23
C ASN D 295 -24.93 -4.18 17.05
N PHE D 296 -24.53 -3.41 16.03
CA PHE D 296 -23.74 -3.96 14.94
C PHE D 296 -22.35 -4.32 15.46
N TYR D 297 -22.08 -3.91 16.71
CA TYR D 297 -20.81 -4.18 17.36
C TYR D 297 -20.75 -5.64 17.78
N ASN D 298 -21.87 -6.36 17.64
CA ASN D 298 -21.89 -7.78 17.96
C ASN D 298 -23.02 -8.48 17.18
N SER D 299 -22.92 -8.52 15.85
CA SER D 299 -23.97 -9.13 15.03
C SER D 299 -23.41 -9.49 13.66
N PRO D 300 -23.75 -10.66 13.10
CA PRO D 300 -23.32 -11.01 11.75
C PRO D 300 -24.03 -10.20 10.66
N TYR D 301 -25.00 -9.35 11.07
CA TYR D 301 -25.55 -8.36 10.16
C TYR D 301 -24.58 -7.19 9.99
N ASN D 302 -23.35 -7.31 10.52
CA ASN D 302 -22.39 -6.21 10.53
C ASN D 302 -21.97 -5.81 9.11
N VAL D 303 -22.29 -6.61 8.08
CA VAL D 303 -22.00 -6.21 6.72
C VAL D 303 -22.74 -4.90 6.40
N LEU D 304 -23.84 -4.63 7.06
CA LEU D 304 -24.58 -3.37 6.86
C LEU D 304 -23.76 -2.16 7.33
N ALA D 305 -23.07 -2.31 8.46
CA ALA D 305 -22.19 -1.25 8.99
C ALA D 305 -20.96 -1.05 8.10
N ILE D 306 -20.32 -2.14 7.65
CA ILE D 306 -19.13 -2.05 6.76
C ILE D 306 -19.54 -1.27 5.50
N GLN D 307 -20.75 -1.49 5.03
CA GLN D 307 -21.22 -0.82 3.78
C GLN D 307 -21.55 0.64 4.06
N SER D 308 -22.19 0.93 5.19
CA SER D 308 -22.50 2.32 5.57
C SER D 308 -21.19 3.10 5.75
N PHE D 309 -20.16 2.44 6.27
CA PHE D 309 -18.85 3.09 6.51
C PHE D 309 -18.16 3.42 5.19
N ALA D 310 -18.12 2.48 4.26
CA ALA D 310 -17.47 2.71 2.95
C ALA D 310 -18.14 3.87 2.24
N LYS D 311 -19.46 3.93 2.34
CA LYS D 311 -20.23 4.98 1.65
C LYS D 311 -19.95 6.33 2.34
N TRP D 312 -19.68 6.33 3.65
CA TRP D 312 -19.28 7.60 4.31
C TRP D 312 -17.82 7.95 4.01
N PHE D 313 -16.95 6.94 3.84
CA PHE D 313 -15.53 7.18 3.63
C PHE D 313 -15.26 7.61 2.20
N TYR D 314 -16.03 7.12 1.22
CA TYR D 314 -15.79 7.50 -0.17
C TYR D 314 -17.10 7.71 -0.92
N PRO D 315 -17.88 8.78 -0.61
CA PRO D 315 -19.27 8.88 -1.05
C PRO D 315 -19.50 8.60 -2.53
N GLN D 316 -18.64 9.09 -3.41
CA GLN D 316 -18.92 8.92 -4.85
C GLN D 316 -18.50 7.51 -5.34
N GLN D 317 -17.44 6.96 -4.78
CA GLN D 317 -17.05 5.62 -5.23
C GLN D 317 -18.10 4.58 -4.86
N PHE D 318 -18.95 4.88 -3.84
CA PHE D 318 -20.01 3.98 -3.41
C PHE D 318 -21.36 4.69 -3.52
N ALA D 319 -21.51 5.57 -4.52
CA ALA D 319 -22.78 6.24 -4.77
C ALA D 319 -23.87 5.21 -5.05
N ASP D 320 -23.49 4.17 -5.82
CA ASP D 320 -24.42 3.18 -6.35
C ASP D 320 -24.74 2.09 -5.31
N LEU D 321 -23.98 2.01 -4.21
CA LEU D 321 -24.21 1.00 -3.18
C LEU D 321 -25.29 1.48 -2.21
N ASP D 322 -26.25 0.60 -1.94
CA ASP D 322 -27.37 0.95 -1.01
C ASP D 322 -27.49 -0.11 0.08
N PRO D 323 -27.02 0.18 1.30
CA PRO D 323 -27.15 -0.74 2.47
C PRO D 323 -28.60 -1.07 2.82
N ASN D 324 -29.56 -0.20 2.45
CA ASN D 324 -31.01 -0.48 2.68
C ASN D 324 -31.46 -1.67 1.82
N ASN D 325 -31.02 -1.74 0.57
CA ASN D 325 -31.33 -2.91 -0.29
C ASN D 325 -30.70 -4.16 0.34
N THR D 326 -29.51 -4.01 0.88
CA THR D 326 -28.80 -5.17 1.46
C THR D 326 -29.56 -5.68 2.66
N MET D 327 -30.05 -4.78 3.52
CA MET D 327 -30.88 -5.16 4.70
C MET D 327 -32.14 -5.86 4.23
N ASN D 328 -32.80 -5.31 3.22
CA ASN D 328 -34.07 -5.88 2.70
C ASN D 328 -33.79 -7.27 2.11
N SER D 329 -32.71 -7.40 1.35
CA SER D 329 -32.33 -8.73 0.83
C SER D 329 -32.01 -9.66 2.00
N LEU D 330 -31.38 -9.13 3.04
CA LEU D 330 -31.10 -9.96 4.20
C LEU D 330 -32.41 -10.41 4.84
N TYR D 331 -33.31 -9.47 5.16
CA TYR D 331 -34.55 -9.79 5.86
C TYR D 331 -35.40 -10.77 5.06
N SER D 332 -35.63 -10.45 3.78
CA SER D 332 -36.52 -11.26 2.97
C SER D 332 -35.95 -12.67 2.80
N GLN D 333 -34.65 -12.80 2.57
CA GLN D 333 -34.06 -14.12 2.36
C GLN D 333 -34.02 -14.96 3.64
N PHE D 334 -33.89 -14.35 4.83
CA PHE D 334 -33.46 -15.10 6.00
C PHE D 334 -34.40 -14.95 7.20
N LEU D 335 -35.10 -13.82 7.34
CA LEU D 335 -35.75 -13.52 8.60
C LEU D 335 -37.27 -13.67 8.53
N ALA D 336 -37.91 -13.49 9.68
CA ALA D 336 -39.34 -13.72 9.79
C ALA D 336 -40.05 -12.45 10.18
N ILE D 337 -39.37 -11.31 10.14
CA ILE D 337 -40.04 -10.03 10.39
C ILE D 337 -39.74 -9.11 9.22
N GLU D 338 -40.43 -7.96 9.21
CA GLU D 338 -40.28 -6.98 8.16
C GLU D 338 -39.33 -5.88 8.63
N PRO D 339 -38.36 -5.44 7.79
CA PRO D 339 -37.45 -4.36 8.15
C PRO D 339 -38.16 -3.05 8.41
N THR D 340 -37.89 -2.42 9.56
CA THR D 340 -38.44 -1.10 9.85
C THR D 340 -37.36 -0.28 10.55
N GLY D 341 -37.57 1.05 10.61
CA GLY D 341 -36.74 1.95 11.39
C GLY D 341 -35.47 2.37 10.67
N THR D 342 -34.53 2.94 11.45
CA THR D 342 -33.36 3.61 10.91
C THR D 342 -32.13 3.02 11.61
N TYR D 343 -31.25 2.38 10.84
CA TYR D 343 -30.07 1.75 11.41
C TYR D 343 -28.81 2.59 11.17
N TRP D 344 -28.98 3.72 10.48
CA TRP D 344 -27.84 4.61 10.13
C TRP D 344 -28.39 5.99 9.75
N VAL D 345 -27.63 7.06 9.99
CA VAL D 345 -28.16 8.40 9.74
C VAL D 345 -26.99 9.32 9.38
N ASP D 346 -27.25 10.31 8.52
CA ASP D 346 -26.31 11.38 8.22
C ASP D 346 -26.80 12.67 8.86
N SER D 347 -25.87 13.52 9.29
CA SER D 347 -26.20 14.83 9.84
C SER D 347 -26.65 15.75 8.70
N THR D 348 -27.62 16.63 8.94
CA THR D 348 -28.32 17.28 7.82
C THR D 348 -27.34 18.12 7.01
N GLU E 2 -10.30 -57.05 -19.05
CA GLU E 2 -10.15 -55.77 -19.80
C GLU E 2 -9.77 -54.65 -18.83
N ASN E 3 -8.57 -54.08 -18.99
CA ASN E 3 -8.09 -53.01 -18.09
C ASN E 3 -7.80 -51.74 -18.88
N ILE E 4 -7.56 -50.63 -18.19
CA ILE E 4 -7.29 -49.33 -18.87
C ILE E 4 -6.36 -48.51 -17.98
N THR E 5 -5.60 -47.59 -18.56
CA THR E 5 -4.72 -46.70 -17.79
C THR E 5 -5.38 -45.34 -17.63
N ASP E 6 -5.62 -44.90 -16.39
CA ASP E 6 -6.33 -43.65 -16.18
C ASP E 6 -5.34 -42.49 -16.25
N MET E 7 -5.79 -41.29 -15.85
CA MET E 7 -5.01 -40.07 -16.01
C MET E 7 -3.99 -39.92 -14.88
N ALA E 8 -4.08 -40.78 -13.86
CA ALA E 8 -3.09 -40.83 -12.80
C ALA E 8 -2.06 -41.93 -13.07
N GLY E 9 -2.08 -42.57 -14.24
CA GLY E 9 -1.15 -43.62 -14.59
C GLY E 9 -1.53 -45.00 -14.02
N ARG E 10 -2.66 -45.06 -13.30
CA ARG E 10 -3.09 -46.28 -12.61
C ARG E 10 -3.92 -47.17 -13.52
N SER E 11 -3.77 -48.48 -13.36
CA SER E 11 -4.55 -49.46 -14.17
C SER E 11 -5.92 -49.71 -13.54
N VAL E 12 -6.97 -49.71 -14.36
CA VAL E 12 -8.35 -49.89 -13.84
C VAL E 12 -9.02 -51.01 -14.63
N VAL E 13 -9.60 -51.98 -13.93
CA VAL E 13 -10.33 -53.12 -14.58
C VAL E 13 -11.74 -52.63 -14.97
N ILE E 14 -12.09 -52.73 -16.26
CA ILE E 14 -13.39 -52.20 -16.75
C ILE E 14 -14.52 -53.06 -16.17
N PRO E 15 -15.49 -52.45 -15.47
CA PRO E 15 -16.63 -53.19 -14.88
C PRO E 15 -17.46 -53.79 -16.02
N ALA E 16 -18.06 -54.97 -15.80
CA ALA E 16 -18.83 -55.61 -16.86
C ALA E 16 -20.06 -54.77 -17.21
N LYS E 17 -20.76 -54.29 -16.17
CA LYS E 17 -21.87 -53.37 -16.34
C LYS E 17 -21.75 -52.27 -15.27
N VAL E 18 -22.01 -51.03 -15.69
CA VAL E 18 -22.00 -49.90 -14.78
C VAL E 18 -23.41 -49.35 -14.68
N GLU E 19 -23.90 -49.12 -13.46
CA GLU E 19 -25.20 -48.47 -13.30
C GLU E 19 -25.21 -47.52 -12.10
N ARG E 20 -24.07 -47.38 -11.41
CA ARG E 20 -24.00 -46.58 -10.18
CA ARG E 20 -24.00 -46.58 -10.18
C ARG E 20 -22.70 -45.78 -10.16
N ILE E 21 -22.68 -44.70 -10.95
CA ILE E 21 -21.50 -43.85 -11.11
C ILE E 21 -21.44 -42.81 -10.00
N LEU E 22 -20.26 -42.75 -9.34
CA LEU E 22 -19.99 -41.72 -8.34
C LEU E 22 -19.11 -40.63 -8.95
N LEU E 23 -19.55 -39.38 -8.82
CA LEU E 23 -18.79 -38.27 -9.36
C LEU E 23 -18.08 -37.53 -8.22
N GLY E 24 -16.76 -37.69 -8.22
CA GLY E 24 -15.89 -37.02 -7.26
C GLY E 24 -16.02 -35.49 -7.32
N GLU E 25 -16.10 -34.97 -8.54
CA GLU E 25 -16.43 -33.58 -8.75
C GLU E 25 -17.66 -33.53 -9.65
N GLY E 26 -18.69 -32.81 -9.16
CA GLY E 26 -19.97 -32.69 -9.84
C GLY E 26 -19.84 -32.28 -11.30
N ARG E 27 -18.99 -31.29 -11.57
CA ARG E 27 -18.85 -30.80 -12.92
C ARG E 27 -18.15 -31.82 -13.83
N LEU E 28 -17.72 -32.96 -13.30
CA LEU E 28 -17.29 -34.05 -14.16
C LEU E 28 -18.47 -34.62 -14.94
N PHE E 29 -19.69 -34.22 -14.53
CA PHE E 29 -20.91 -34.56 -15.24
C PHE E 29 -20.81 -34.22 -16.73
N TYR E 30 -20.12 -33.11 -17.04
CA TYR E 30 -20.00 -32.61 -18.40
C TYR E 30 -19.39 -33.71 -19.28
N ALA E 31 -18.43 -34.48 -18.77
CA ALA E 31 -17.82 -35.52 -19.57
C ALA E 31 -18.81 -36.67 -19.72
N VAL E 32 -19.59 -36.90 -18.66
CA VAL E 32 -20.51 -38.02 -18.63
C VAL E 32 -21.66 -37.70 -19.60
N SER E 33 -22.10 -36.43 -19.61
CA SER E 33 -23.23 -36.01 -20.43
C SER E 33 -23.00 -36.31 -21.92
N LEU E 34 -21.76 -36.31 -22.38
CA LEU E 34 -21.45 -36.56 -23.77
C LEU E 34 -21.64 -38.04 -24.13
N LEU E 35 -21.84 -38.89 -23.13
CA LEU E 35 -21.91 -40.33 -23.34
C LEU E 35 -23.30 -40.90 -23.12
N GLU E 36 -24.13 -40.19 -22.34
CA GLU E 36 -25.37 -40.74 -21.82
C GLU E 36 -26.57 -40.36 -22.68
N GLY E 37 -26.37 -39.60 -23.78
CA GLY E 37 -27.43 -39.25 -24.70
C GLY E 37 -28.64 -38.61 -23.99
N GLN E 38 -29.83 -39.18 -24.20
CA GLN E 38 -31.07 -38.58 -23.74
C GLN E 38 -31.39 -39.02 -22.31
N LYS E 39 -30.54 -39.88 -21.74
CA LYS E 39 -30.70 -40.38 -20.37
C LYS E 39 -29.49 -39.95 -19.52
N PRO E 40 -29.30 -38.63 -19.28
CA PRO E 40 -28.07 -38.11 -18.68
C PRO E 40 -27.78 -38.54 -17.24
N PHE E 41 -28.83 -38.60 -16.41
CA PHE E 41 -28.71 -38.83 -14.97
C PHE E 41 -29.09 -40.24 -14.56
N ASP E 42 -29.30 -41.13 -15.53
CA ASP E 42 -29.84 -42.46 -15.26
C ASP E 42 -28.87 -43.28 -14.41
N ARG E 43 -27.56 -43.06 -14.56
CA ARG E 43 -26.56 -43.93 -13.95
C ARG E 43 -25.75 -43.23 -12.85
N ILE E 44 -26.18 -42.05 -12.38
CA ILE E 44 -25.44 -41.29 -11.37
C ILE E 44 -26.04 -41.60 -9.99
N VAL E 45 -25.27 -42.27 -9.12
CA VAL E 45 -25.71 -42.60 -7.76
C VAL E 45 -25.50 -41.42 -6.83
N GLY E 46 -24.50 -40.59 -7.11
CA GLY E 46 -24.22 -39.43 -6.28
C GLY E 46 -23.07 -38.62 -6.86
N TRP E 47 -22.96 -37.37 -6.40
CA TRP E 47 -21.94 -36.45 -6.90
C TRP E 47 -21.59 -35.38 -5.87
N GLN E 48 -20.37 -34.84 -5.98
CA GLN E 48 -19.98 -33.61 -5.29
C GLN E 48 -20.96 -32.48 -5.61
N GLY E 49 -21.20 -31.57 -4.65
CA GLY E 49 -22.19 -30.52 -4.79
C GLY E 49 -21.75 -29.31 -5.64
N ASP E 50 -20.61 -29.42 -6.35
CA ASP E 50 -20.07 -28.29 -7.07
C ASP E 50 -20.91 -27.98 -8.31
N PHE E 51 -21.39 -29.03 -8.98
CA PHE E 51 -22.22 -28.82 -10.16
C PHE E 51 -23.54 -28.13 -9.76
N ARG E 52 -24.13 -28.54 -8.64
CA ARG E 52 -25.41 -27.98 -8.26
C ARG E 52 -25.24 -26.59 -7.65
N LYS E 53 -24.11 -26.32 -7.02
CA LYS E 53 -23.96 -25.07 -6.26
C LYS E 53 -23.08 -24.07 -6.99
N LEU E 54 -22.15 -24.55 -7.84
CA LEU E 54 -21.26 -23.69 -8.60
C LEU E 54 -21.60 -23.68 -10.10
N ASP E 55 -22.74 -24.28 -10.48
CA ASP E 55 -23.18 -24.26 -11.87
C ASP E 55 -24.71 -24.16 -11.86
N THR E 56 -25.24 -23.19 -11.13
CA THR E 56 -26.65 -23.15 -10.79
C THR E 56 -27.47 -23.03 -12.08
N GLN E 57 -26.92 -22.30 -13.06
CA GLN E 57 -27.63 -22.05 -14.30
C GLN E 57 -27.79 -23.34 -15.11
N THR E 58 -26.69 -24.04 -15.42
CA THR E 58 -26.79 -25.28 -16.18
C THR E 58 -27.62 -26.31 -15.41
N TYR E 59 -27.50 -26.29 -14.07
CA TYR E 59 -28.31 -27.15 -13.23
C TYR E 59 -29.80 -26.88 -13.49
N ALA E 60 -30.23 -25.62 -13.36
CA ALA E 60 -31.66 -25.29 -13.46
C ALA E 60 -32.25 -25.76 -14.79
N VAL E 61 -31.47 -25.66 -15.87
CA VAL E 61 -31.94 -26.05 -17.18
C VAL E 61 -32.17 -27.56 -17.21
N TYR E 62 -31.26 -28.34 -16.63
CA TYR E 62 -31.45 -29.79 -16.60
C TYR E 62 -32.60 -30.18 -15.66
N LYS E 63 -32.83 -29.39 -14.60
CA LYS E 63 -33.89 -29.70 -13.65
C LYS E 63 -35.27 -29.54 -14.27
N ALA E 64 -35.45 -28.49 -15.09
CA ALA E 64 -36.71 -28.21 -15.74
C ALA E 64 -37.10 -29.36 -16.67
N LYS E 65 -36.12 -30.03 -17.28
CA LYS E 65 -36.41 -31.17 -18.14
C LYS E 65 -36.30 -32.48 -17.37
N PHE E 66 -35.51 -32.52 -16.29
CA PHE E 66 -35.34 -33.75 -15.52
C PHE E 66 -35.42 -33.42 -14.03
N PRO E 67 -36.61 -33.38 -13.39
CA PRO E 67 -36.70 -32.95 -11.99
C PRO E 67 -36.06 -33.91 -11.01
N GLN E 68 -35.76 -35.13 -11.47
CA GLN E 68 -35.15 -36.17 -10.65
C GLN E 68 -33.69 -35.87 -10.33
N VAL E 69 -33.13 -34.80 -10.91
CA VAL E 69 -31.74 -34.43 -10.68
C VAL E 69 -31.58 -33.96 -9.22
N ASP E 70 -32.60 -33.29 -8.68
CA ASP E 70 -32.65 -32.86 -7.29
C ASP E 70 -32.53 -34.03 -6.30
N ASN E 71 -32.79 -35.28 -6.75
CA ASN E 71 -32.79 -36.40 -5.84
C ASN E 71 -31.47 -37.16 -5.88
N ILE E 72 -30.56 -36.78 -6.78
CA ILE E 72 -29.23 -37.36 -6.76
C ILE E 72 -28.53 -36.89 -5.48
N PRO E 73 -27.99 -37.80 -4.64
CA PRO E 73 -27.33 -37.41 -3.40
C PRO E 73 -26.07 -36.57 -3.60
N LEU E 74 -25.93 -35.54 -2.75
CA LEU E 74 -24.74 -34.73 -2.65
C LEU E 74 -23.80 -35.34 -1.61
N ILE E 75 -22.60 -35.76 -2.06
CA ILE E 75 -21.65 -36.41 -1.16
C ILE E 75 -20.88 -35.37 -0.35
N GLY E 76 -20.97 -34.08 -0.74
CA GLY E 76 -20.32 -32.99 -0.02
C GLY E 76 -20.72 -31.63 -0.60
N ASN E 77 -20.01 -30.57 -0.21
CA ASN E 77 -20.28 -29.23 -0.71
C ASN E 77 -19.38 -28.96 -1.90
N THR E 78 -18.36 -28.10 -1.75
CA THR E 78 -17.55 -27.66 -2.88
C THR E 78 -16.05 -27.91 -2.64
N THR E 79 -15.71 -28.69 -1.61
CA THR E 79 -14.33 -28.95 -1.23
C THR E 79 -14.17 -30.43 -0.91
N ALA E 80 -13.00 -30.99 -1.25
CA ALA E 80 -12.72 -32.39 -0.98
C ALA E 80 -12.89 -32.73 0.51
N ASP E 81 -12.56 -31.77 1.38
CA ASP E 81 -12.53 -32.03 2.82
C ASP E 81 -13.95 -32.12 3.40
N SER E 82 -14.99 -31.74 2.65
CA SER E 82 -16.35 -31.75 3.17
C SER E 82 -17.08 -33.04 2.78
N ILE E 83 -16.40 -33.94 2.03
CA ILE E 83 -17.00 -35.19 1.60
C ILE E 83 -16.96 -36.19 2.75
N SER E 84 -18.14 -36.66 3.18
CA SER E 84 -18.25 -37.78 4.10
C SER E 84 -17.93 -39.10 3.38
N PRO E 85 -16.85 -39.83 3.73
CA PRO E 85 -16.56 -41.11 3.08
C PRO E 85 -17.61 -42.18 3.39
N GLU E 86 -18.34 -41.97 4.48
CA GLU E 86 -19.37 -42.91 4.91
C GLU E 86 -20.56 -42.82 3.97
N LYS E 87 -21.07 -41.60 3.73
CA LYS E 87 -22.19 -41.42 2.81
C LYS E 87 -21.80 -41.98 1.44
N VAL E 88 -20.55 -41.78 1.01
CA VAL E 88 -20.08 -42.26 -0.28
C VAL E 88 -20.23 -43.78 -0.37
N LEU E 89 -19.76 -44.49 0.66
CA LEU E 89 -19.66 -45.93 0.56
C LEU E 89 -21.04 -46.59 0.61
N THR E 90 -22.00 -45.97 1.32
CA THR E 90 -23.35 -46.53 1.44
C THR E 90 -24.14 -46.36 0.14
N LEU E 91 -23.65 -45.58 -0.82
CA LEU E 91 -24.29 -45.50 -2.12
C LEU E 91 -23.87 -46.68 -2.99
N ASN E 92 -22.92 -47.50 -2.50
CA ASN E 92 -22.58 -48.72 -3.20
C ASN E 92 -22.31 -48.41 -4.66
N PRO E 93 -21.39 -47.49 -4.97
CA PRO E 93 -21.03 -47.24 -6.36
C PRO E 93 -20.36 -48.47 -6.99
N ASP E 94 -20.49 -48.59 -8.32
CA ASP E 94 -19.74 -49.61 -9.04
C ASP E 94 -18.62 -48.97 -9.84
N ILE E 95 -18.59 -47.63 -9.87
CA ILE E 95 -17.43 -46.90 -10.34
C ILE E 95 -17.42 -45.48 -9.77
N ALA E 96 -16.22 -44.98 -9.52
CA ALA E 96 -16.01 -43.62 -9.04
C ALA E 96 -15.09 -42.86 -10.00
N ILE E 97 -15.57 -41.71 -10.48
CA ILE E 97 -14.81 -40.86 -11.38
C ILE E 97 -14.33 -39.65 -10.59
N PHE E 98 -13.00 -39.47 -10.57
CA PHE E 98 -12.35 -38.39 -9.84
C PHE E 98 -11.44 -37.62 -10.80
N GLY E 99 -11.10 -36.39 -10.37
CA GLY E 99 -10.22 -35.50 -11.11
C GLY E 99 -8.85 -35.37 -10.44
N LEU E 100 -7.78 -35.35 -11.28
CA LEU E 100 -6.43 -35.15 -10.80
C LEU E 100 -6.40 -33.91 -9.91
N SER E 101 -7.19 -32.88 -10.26
CA SER E 101 -7.27 -31.70 -9.40
C SER E 101 -8.71 -31.24 -9.27
N GLY E 102 -8.98 -30.44 -8.25
CA GLY E 102 -10.22 -29.67 -8.25
C GLY E 102 -10.89 -29.68 -6.90
N HIS E 103 -12.23 -29.55 -6.90
CA HIS E 103 -13.02 -29.41 -5.70
C HIS E 103 -13.40 -30.78 -5.15
N GLY E 104 -12.75 -31.84 -5.66
CA GLY E 104 -13.00 -33.19 -5.20
C GLY E 104 -11.71 -33.94 -4.90
N PRO E 105 -11.80 -35.15 -4.33
CA PRO E 105 -10.62 -35.92 -3.96
C PRO E 105 -9.63 -36.19 -5.09
N GLY E 106 -8.35 -36.25 -4.72
CA GLY E 106 -7.26 -36.49 -5.65
C GLY E 106 -6.72 -37.91 -5.46
N LYS E 107 -5.62 -38.22 -6.16
CA LYS E 107 -5.12 -39.58 -6.28
C LYS E 107 -4.62 -40.12 -4.93
N ASN E 108 -4.33 -39.25 -3.96
CA ASN E 108 -3.73 -39.70 -2.71
C ASN E 108 -4.70 -39.59 -1.54
N SER E 109 -5.98 -39.27 -1.81
CA SER E 109 -6.93 -39.09 -0.74
C SER E 109 -7.24 -40.44 -0.09
N GLU E 110 -7.78 -40.35 1.14
CA GLU E 110 -8.09 -41.54 1.94
C GLU E 110 -9.29 -42.25 1.30
N LEU E 111 -10.23 -41.44 0.79
CA LEU E 111 -11.46 -41.95 0.18
C LEU E 111 -11.14 -42.85 -1.00
N VAL E 112 -10.14 -42.49 -1.81
CA VAL E 112 -9.71 -43.33 -2.91
C VAL E 112 -9.23 -44.67 -2.39
N LYS E 113 -8.53 -44.68 -1.25
CA LYS E 113 -8.00 -45.93 -0.70
C LYS E 113 -9.15 -46.75 -0.12
N GLN E 114 -10.08 -46.09 0.60
CA GLN E 114 -11.27 -46.76 1.11
C GLN E 114 -12.00 -47.49 -0.02
N LEU E 115 -12.20 -46.81 -1.15
CA LEU E 115 -12.93 -47.38 -2.25
C LEU E 115 -12.17 -48.57 -2.83
N GLU E 116 -10.83 -48.52 -2.85
CA GLU E 116 -10.03 -49.64 -3.34
C GLU E 116 -10.20 -50.84 -2.41
N LYS E 117 -10.33 -50.59 -1.10
CA LYS E 117 -10.53 -51.64 -0.11
C LYS E 117 -11.93 -52.25 -0.29
N ALA E 118 -12.90 -51.43 -0.74
CA ALA E 118 -14.29 -51.86 -0.93
C ALA E 118 -14.50 -52.58 -2.25
N GLY E 119 -13.45 -52.67 -3.09
CA GLY E 119 -13.53 -53.36 -4.37
C GLY E 119 -14.15 -52.52 -5.49
N VAL E 120 -14.18 -51.19 -5.32
CA VAL E 120 -14.82 -50.28 -6.25
C VAL E 120 -13.76 -49.67 -7.16
N PRO E 121 -13.86 -49.86 -8.51
CA PRO E 121 -12.89 -49.24 -9.46
C PRO E 121 -12.95 -47.72 -9.41
N VAL E 122 -11.79 -47.07 -9.41
CA VAL E 122 -11.68 -45.63 -9.40
C VAL E 122 -10.98 -45.20 -10.68
N VAL E 123 -11.57 -44.22 -11.38
CA VAL E 123 -10.95 -43.69 -12.58
C VAL E 123 -10.67 -42.19 -12.39
N PHE E 124 -9.39 -41.84 -12.68
CA PHE E 124 -8.94 -40.47 -12.72
C PHE E 124 -8.97 -39.97 -14.16
N VAL E 125 -9.68 -38.85 -14.32
CA VAL E 125 -9.70 -38.08 -15.55
C VAL E 125 -9.08 -36.71 -15.27
N ASP E 126 -8.90 -35.89 -16.31
CA ASP E 126 -8.40 -34.54 -16.12
C ASP E 126 -8.76 -33.64 -17.29
N PHE E 127 -9.45 -32.53 -16.96
CA PHE E 127 -9.75 -31.47 -17.91
C PHE E 127 -9.23 -30.13 -17.39
N ARG E 128 -8.42 -30.15 -16.31
CA ARG E 128 -8.23 -28.99 -15.45
C ARG E 128 -6.75 -28.67 -15.25
N THR E 129 -5.98 -29.70 -14.94
CA THR E 129 -4.55 -29.52 -14.78
C THR E 129 -3.90 -29.45 -16.15
N SER E 130 -4.13 -30.45 -17.00
CA SER E 130 -3.44 -30.55 -18.28
C SER E 130 -4.42 -30.86 -19.40
N PRO E 131 -5.38 -29.95 -19.66
CA PRO E 131 -6.39 -30.17 -20.69
C PRO E 131 -5.83 -30.66 -22.02
N LEU E 132 -4.71 -30.11 -22.47
CA LEU E 132 -4.17 -30.47 -23.77
C LEU E 132 -3.74 -31.93 -23.77
N LYS E 133 -3.03 -32.38 -22.73
CA LYS E 133 -2.56 -33.75 -22.68
C LYS E 133 -3.74 -34.70 -22.40
N ASN E 134 -4.71 -34.26 -21.57
CA ASN E 134 -5.58 -35.18 -20.87
C ASN E 134 -7.02 -35.23 -21.39
N THR E 135 -7.53 -34.17 -22.03
CA THR E 135 -8.96 -34.11 -22.34
C THR E 135 -9.36 -35.32 -23.18
N LEU E 136 -8.67 -35.56 -24.32
CA LEU E 136 -9.10 -36.63 -25.22
C LEU E 136 -8.84 -37.99 -24.59
N PRO E 137 -7.64 -38.28 -24.05
CA PRO E 137 -7.44 -39.54 -23.33
C PRO E 137 -8.48 -39.80 -22.24
N SER E 138 -8.92 -38.75 -21.54
CA SER E 138 -9.93 -38.89 -20.51
C SER E 138 -11.24 -39.41 -21.10
N MET E 139 -11.68 -38.83 -22.23
CA MET E 139 -12.92 -39.25 -22.87
C MET E 139 -12.78 -40.68 -23.39
N ARG E 140 -11.64 -41.03 -23.99
CA ARG E 140 -11.41 -42.39 -24.46
C ARG E 140 -11.61 -43.36 -23.32
N VAL E 141 -10.98 -43.05 -22.19
CA VAL E 141 -11.06 -43.90 -21.01
C VAL E 141 -12.50 -43.97 -20.50
N LEU E 142 -13.20 -42.83 -20.38
CA LEU E 142 -14.55 -42.85 -19.85
C LEU E 142 -15.44 -43.71 -20.73
N GLY E 143 -15.21 -43.60 -22.04
CA GLY E 143 -15.90 -44.44 -23.02
C GLY E 143 -15.80 -45.92 -22.69
N LYS E 144 -14.58 -46.38 -22.35
CA LYS E 144 -14.33 -47.80 -22.16
C LYS E 144 -14.95 -48.28 -20.86
N VAL E 145 -14.82 -47.50 -19.78
CA VAL E 145 -15.25 -47.96 -18.46
C VAL E 145 -16.76 -47.78 -18.30
N LEU E 146 -17.39 -46.88 -19.06
CA LEU E 146 -18.82 -46.66 -18.95
C LEU E 146 -19.61 -47.35 -20.07
N HIS E 147 -18.88 -48.04 -20.99
CA HIS E 147 -19.49 -48.77 -22.10
C HIS E 147 -20.27 -47.81 -22.99
N ARG E 148 -19.56 -46.77 -23.44
CA ARG E 148 -20.08 -45.78 -24.35
C ARG E 148 -18.98 -45.41 -25.32
N GLU E 149 -18.27 -46.43 -25.83
CA GLU E 149 -17.15 -46.24 -26.74
C GLU E 149 -17.61 -45.48 -27.98
N GLN E 150 -18.81 -45.76 -28.47
CA GLN E 150 -19.29 -45.09 -29.68
C GLN E 150 -19.42 -43.59 -29.42
N GLN E 151 -20.13 -43.21 -28.35
CA GLN E 151 -20.34 -41.80 -28.05
C GLN E 151 -19.00 -41.10 -27.85
N ALA E 152 -18.08 -41.75 -27.13
CA ALA E 152 -16.77 -41.18 -26.87
C ALA E 152 -16.01 -40.95 -28.16
N ASN E 153 -15.95 -41.97 -29.03
CA ASN E 153 -15.23 -41.85 -30.29
C ASN E 153 -15.85 -40.80 -31.18
N ASP E 154 -17.18 -40.69 -31.15
CA ASP E 154 -17.88 -39.64 -31.89
C ASP E 154 -17.45 -38.27 -31.39
N TYR E 155 -17.32 -38.11 -30.06
CA TYR E 155 -17.03 -36.81 -29.49
C TYR E 155 -15.56 -36.44 -29.74
N ILE E 156 -14.66 -37.42 -29.68
CA ILE E 156 -13.25 -37.20 -29.97
C ILE E 156 -13.10 -36.71 -31.42
N LYS E 157 -13.77 -37.36 -32.37
CA LYS E 157 -13.68 -36.94 -33.75
C LYS E 157 -14.15 -35.49 -33.88
N PHE E 158 -15.31 -35.17 -33.28
CA PHE E 158 -15.85 -33.82 -33.29
C PHE E 158 -14.86 -32.82 -32.71
N TYR E 159 -14.27 -33.17 -31.57
CA TYR E 159 -13.34 -32.31 -30.85
C TYR E 159 -12.09 -32.07 -31.69
N GLU E 160 -11.43 -33.15 -32.13
CA GLU E 160 -10.20 -33.05 -32.91
C GLU E 160 -10.42 -32.17 -34.14
N ASP E 161 -11.54 -32.38 -34.84
CA ASP E 161 -11.84 -31.64 -36.05
C ASP E 161 -12.00 -30.17 -35.74
N ASN E 162 -12.69 -29.83 -34.65
CA ASN E 162 -13.01 -28.45 -34.34
C ASN E 162 -11.81 -27.72 -33.76
N VAL E 163 -10.93 -28.45 -33.06
CA VAL E 163 -9.65 -27.90 -32.63
C VAL E 163 -8.72 -27.76 -33.84
N ARG E 164 -8.71 -28.74 -34.77
CA ARG E 164 -7.79 -28.70 -35.91
C ARG E 164 -8.06 -27.45 -36.74
N LYS E 165 -9.29 -26.97 -36.74
CA LYS E 165 -9.64 -25.72 -37.42
C LYS E 165 -8.80 -24.56 -36.90
N VAL E 166 -8.41 -24.62 -35.63
CA VAL E 166 -7.57 -23.61 -35.02
C VAL E 166 -6.10 -23.98 -35.22
N THR E 167 -5.70 -25.19 -34.84
CA THR E 167 -4.27 -25.51 -34.79
C THR E 167 -3.64 -25.56 -36.19
N GLU E 168 -4.40 -25.88 -37.23
CA GLU E 168 -3.86 -25.89 -38.59
C GLU E 168 -3.25 -24.53 -38.91
N ILE E 169 -3.83 -23.46 -38.33
CA ILE E 169 -3.36 -22.10 -38.53
C ILE E 169 -2.34 -21.72 -37.47
N THR E 170 -2.67 -21.81 -36.18
CA THR E 170 -1.82 -21.26 -35.13
C THR E 170 -0.55 -22.08 -34.88
N SER E 171 -0.49 -23.34 -35.33
CA SER E 171 0.72 -24.14 -35.11
C SER E 171 1.90 -23.65 -35.97
N LYS E 172 1.61 -22.90 -37.03
CA LYS E 172 2.62 -22.39 -37.95
C LYS E 172 3.00 -20.94 -37.65
N ILE E 173 2.34 -20.30 -36.67
CA ILE E 173 2.60 -18.89 -36.37
C ILE E 173 3.86 -18.83 -35.49
N PRO E 174 4.87 -17.99 -35.85
CA PRO E 174 6.06 -17.84 -35.03
C PRO E 174 5.84 -16.95 -33.81
N ALA E 175 6.63 -17.22 -32.76
CA ALA E 175 6.38 -16.71 -31.42
C ALA E 175 6.28 -15.18 -31.42
N ASP E 176 7.07 -14.53 -32.29
CA ASP E 176 7.22 -13.08 -32.31
C ASP E 176 6.00 -12.40 -32.93
N LYS E 177 5.10 -13.18 -33.54
CA LYS E 177 3.88 -12.62 -34.12
C LYS E 177 2.69 -12.89 -33.19
N LYS E 178 2.92 -13.59 -32.06
CA LYS E 178 1.83 -13.97 -31.17
C LYS E 178 1.49 -12.83 -30.21
N PRO E 179 0.22 -12.60 -29.87
CA PRO E 179 -0.14 -11.60 -28.87
C PRO E 179 0.09 -12.09 -27.45
N SER E 180 0.56 -11.21 -26.57
CA SER E 180 0.61 -11.52 -25.15
C SER E 180 -0.81 -11.52 -24.58
N VAL E 181 -1.09 -12.44 -23.65
CA VAL E 181 -2.42 -12.65 -23.11
C VAL E 181 -2.34 -12.85 -21.60
N PHE E 182 -3.27 -12.22 -20.87
CA PHE E 182 -3.48 -12.54 -19.47
C PHE E 182 -4.92 -12.98 -19.27
N ILE E 183 -5.14 -14.12 -18.60
CA ILE E 183 -6.48 -14.55 -18.23
C ILE E 183 -6.71 -14.41 -16.71
N GLU E 184 -7.70 -13.64 -16.34
CA GLU E 184 -8.01 -13.41 -14.93
C GLU E 184 -9.23 -14.28 -14.55
N LEU E 185 -8.97 -15.42 -13.89
CA LEU E 185 -10.01 -16.39 -13.56
C LEU E 185 -10.91 -15.84 -12.46
N ARG E 186 -12.22 -16.01 -12.63
CA ARG E 186 -13.21 -15.55 -11.66
C ARG E 186 -12.86 -14.11 -11.29
N ALA E 187 -12.56 -13.32 -12.32
CA ALA E 187 -12.17 -11.94 -12.16
C ALA E 187 -13.20 -11.22 -11.30
N GLY E 188 -12.74 -10.36 -10.37
CA GLY E 188 -13.64 -9.54 -9.59
C GLY E 188 -14.29 -10.30 -8.42
N ALA E 189 -14.25 -11.63 -8.48
CA ALA E 189 -15.01 -12.47 -7.58
C ALA E 189 -14.15 -13.13 -6.51
N MET E 190 -12.83 -12.98 -6.57
CA MET E 190 -11.94 -13.50 -5.55
C MET E 190 -11.60 -12.37 -4.58
N GLU E 191 -11.15 -12.75 -3.37
CA GLU E 191 -10.72 -11.80 -2.36
C GLU E 191 -9.49 -11.05 -2.90
N GLU E 192 -8.53 -11.79 -3.45
CA GLU E 192 -7.23 -11.26 -3.84
C GLU E 192 -7.02 -11.44 -5.35
N CYS E 193 -6.76 -10.33 -6.03
CA CYS E 193 -6.46 -10.30 -7.45
C CYS E 193 -4.97 -10.69 -7.62
N CYS E 194 -4.59 -11.45 -8.64
CA CYS E 194 -5.46 -11.96 -9.68
C CYS E 194 -5.16 -13.43 -9.92
N GLY E 195 -6.18 -14.28 -9.77
CA GLY E 195 -6.09 -15.67 -10.15
C GLY E 195 -5.89 -15.80 -11.67
N THR E 196 -5.11 -16.82 -12.05
CA THR E 196 -4.84 -17.04 -13.47
C THR E 196 -4.30 -18.45 -13.66
N ALA E 197 -3.95 -18.75 -14.89
CA ALA E 197 -3.48 -20.08 -15.23
C ALA E 197 -2.07 -19.97 -15.77
N GLY E 198 -1.25 -20.96 -15.41
CA GLY E 198 0.15 -21.03 -15.77
C GLY E 198 0.31 -21.99 -16.94
N LYS E 199 1.28 -22.91 -16.89
CA LYS E 199 1.39 -23.93 -17.93
C LYS E 199 0.40 -25.06 -17.59
N GLY E 200 -0.86 -24.82 -17.90
CA GLY E 200 -1.95 -25.75 -17.63
C GLY E 200 -3.28 -24.99 -17.55
N ASN E 201 -4.39 -25.72 -17.37
CA ASN E 201 -5.70 -25.10 -17.30
C ASN E 201 -5.87 -24.27 -18.56
N MET E 202 -6.55 -23.11 -18.44
CA MET E 202 -6.87 -22.29 -19.60
C MET E 202 -5.60 -21.82 -20.32
N GLY E 203 -4.45 -21.92 -19.67
CA GLY E 203 -3.18 -21.68 -20.31
C GLY E 203 -2.96 -22.60 -21.51
N ASP E 204 -3.44 -23.84 -21.43
CA ASP E 204 -3.32 -24.75 -22.54
C ASP E 204 -4.11 -24.20 -23.74
N PHE E 205 -5.23 -23.52 -23.45
CA PHE E 205 -6.11 -23.00 -24.50
C PHE E 205 -5.43 -21.81 -25.18
N ILE E 206 -4.79 -20.97 -24.38
CA ILE E 206 -4.05 -19.84 -24.91
C ILE E 206 -2.95 -20.36 -25.83
N ASP E 207 -2.24 -21.41 -25.40
CA ASP E 207 -1.14 -21.97 -26.17
C ASP E 207 -1.67 -22.46 -27.52
N GLN E 208 -2.74 -23.28 -27.49
CA GLN E 208 -3.30 -23.86 -28.68
C GLN E 208 -3.80 -22.79 -29.65
N ALA E 209 -4.46 -21.75 -29.11
CA ALA E 209 -5.05 -20.69 -29.91
C ALA E 209 -3.99 -19.72 -30.44
N GLY E 210 -2.70 -20.02 -30.17
CA GLY E 210 -1.58 -19.27 -30.74
C GLY E 210 -1.29 -17.98 -29.97
N GLY E 211 -1.74 -17.94 -28.71
CA GLY E 211 -1.45 -16.83 -27.84
C GLY E 211 -0.20 -17.09 -26.98
N ASN E 212 0.24 -16.03 -26.30
CA ASN E 212 1.40 -16.07 -25.43
C ASN E 212 0.93 -15.68 -24.02
N ASN E 213 0.82 -16.69 -23.16
CA ASN E 213 0.33 -16.52 -21.81
C ASN E 213 1.40 -15.82 -20.98
N MET E 214 1.11 -14.61 -20.47
CA MET E 214 2.08 -13.85 -19.71
C MET E 214 2.42 -14.53 -18.38
N ALA E 215 1.57 -15.44 -17.90
CA ALA E 215 1.77 -16.11 -16.62
C ALA E 215 2.42 -17.47 -16.79
N LYS E 216 2.67 -17.90 -18.03
CA LYS E 216 3.26 -19.20 -18.32
C LYS E 216 4.48 -19.44 -17.42
N ASN E 217 5.38 -18.47 -17.31
CA ASN E 217 6.65 -18.64 -16.64
C ASN E 217 6.66 -17.90 -15.30
N LEU E 218 5.55 -17.24 -14.91
CA LEU E 218 5.44 -16.67 -13.57
C LEU E 218 5.03 -17.73 -12.55
N LEU E 219 4.49 -18.87 -12.99
CA LEU E 219 3.82 -19.79 -12.08
C LEU E 219 4.32 -21.20 -12.33
N PRO E 220 4.47 -21.99 -11.24
CA PRO E 220 4.91 -23.38 -11.35
C PRO E 220 3.80 -24.36 -11.70
N GLY E 221 2.57 -24.04 -11.28
CA GLY E 221 1.43 -24.94 -11.40
C GLY E 221 0.46 -24.53 -12.52
N ALA E 222 -0.65 -25.27 -12.59
CA ALA E 222 -1.70 -24.96 -13.56
C ALA E 222 -2.46 -23.71 -13.14
N LEU E 223 -2.69 -23.58 -11.83
CA LEU E 223 -3.34 -22.40 -11.28
C LEU E 223 -2.34 -21.67 -10.38
N GLY E 224 -2.55 -20.37 -10.21
CA GLY E 224 -1.81 -19.57 -9.25
C GLY E 224 -2.33 -18.15 -9.20
N THR E 225 -1.49 -17.26 -8.69
CA THR E 225 -1.85 -15.87 -8.47
C THR E 225 -0.71 -14.97 -8.94
N VAL E 226 -1.07 -13.91 -9.68
CA VAL E 226 -0.14 -12.87 -10.09
C VAL E 226 -0.73 -11.54 -9.62
N ASN E 227 0.10 -10.64 -9.12
CA ASN E 227 -0.40 -9.40 -8.54
C ASN E 227 -0.76 -8.43 -9.65
N LEU E 228 -1.73 -7.56 -9.34
CA LEU E 228 -2.26 -6.58 -10.27
C LEU E 228 -1.12 -5.81 -10.91
N GLU E 229 -0.17 -5.37 -10.11
CA GLU E 229 0.92 -4.51 -10.61
C GLU E 229 1.81 -5.27 -11.61
N LYS E 230 1.89 -6.58 -11.48
CA LYS E 230 2.70 -7.33 -12.42
C LYS E 230 2.01 -7.37 -13.77
N VAL E 231 0.66 -7.40 -13.73
CA VAL E 231 -0.15 -7.42 -14.94
C VAL E 231 0.00 -6.06 -15.62
N LEU E 232 -0.26 -4.98 -14.86
CA LEU E 232 -0.11 -3.62 -15.37
C LEU E 232 1.27 -3.46 -16.01
N SER E 233 2.32 -3.92 -15.35
CA SER E 233 3.69 -3.77 -15.85
C SER E 233 3.87 -4.53 -17.18
N THR E 234 3.38 -5.74 -17.24
CA THR E 234 3.60 -6.55 -18.44
C THR E 234 2.76 -5.97 -19.59
N ASN E 235 1.61 -5.39 -19.23
CA ASN E 235 0.73 -4.67 -20.13
C ASN E 235 0.45 -5.50 -21.38
N PRO E 236 -0.30 -6.62 -21.23
CA PRO E 236 -0.43 -7.58 -22.32
C PRO E 236 -1.39 -7.11 -23.41
N ASP E 237 -1.22 -7.71 -24.60
CA ASP E 237 -1.95 -7.30 -25.77
C ASP E 237 -3.46 -7.51 -25.57
N ILE E 238 -3.81 -8.63 -24.89
CA ILE E 238 -5.17 -9.13 -24.76
C ILE E 238 -5.48 -9.47 -23.31
N TYR E 239 -6.62 -8.97 -22.83
CA TYR E 239 -7.10 -9.28 -21.50
C TYR E 239 -8.33 -10.16 -21.61
N ILE E 240 -8.40 -11.22 -20.80
CA ILE E 240 -9.56 -12.11 -20.76
C ILE E 240 -9.99 -12.30 -19.32
N ALA E 241 -11.29 -12.16 -19.05
CA ALA E 241 -11.80 -12.41 -17.72
C ALA E 241 -12.70 -13.64 -17.77
N SER E 242 -12.58 -14.55 -16.81
CA SER E 242 -13.51 -15.66 -16.72
C SER E 242 -14.50 -15.38 -15.60
N GLY E 243 -15.74 -15.85 -15.79
CA GLY E 243 -16.77 -15.81 -14.76
C GLY E 243 -17.91 -16.77 -15.05
N GLY E 244 -18.75 -16.99 -14.04
CA GLY E 244 -19.97 -17.76 -14.22
C GLY E 244 -21.10 -17.20 -13.34
N LYS E 245 -21.08 -15.90 -13.06
CA LYS E 245 -22.01 -15.28 -12.13
C LYS E 245 -23.43 -15.29 -12.70
N ALA E 246 -24.40 -15.57 -11.85
CA ALA E 246 -25.80 -15.54 -12.21
C ALA E 246 -26.26 -14.11 -12.49
N PRO E 247 -27.18 -13.93 -13.46
CA PRO E 247 -27.62 -12.62 -13.92
C PRO E 247 -28.00 -11.64 -12.83
N ASP E 248 -28.77 -12.13 -11.86
CA ASP E 248 -29.41 -11.28 -10.87
C ASP E 248 -28.56 -11.18 -9.61
N ASN E 249 -27.23 -11.12 -9.77
CA ASN E 249 -26.29 -11.02 -8.68
C ASN E 249 -25.46 -9.74 -8.89
N ASN E 250 -25.65 -8.75 -8.03
CA ASN E 250 -25.03 -7.44 -8.19
C ASN E 250 -23.63 -7.41 -7.58
N ALA E 251 -23.20 -8.52 -6.98
CA ALA E 251 -21.82 -8.64 -6.52
C ALA E 251 -20.86 -8.63 -7.71
N PRO E 252 -19.56 -8.30 -7.49
CA PRO E 252 -18.59 -8.23 -8.57
C PRO E 252 -18.23 -9.60 -9.12
N GLY E 253 -17.97 -9.65 -10.43
CA GLY E 253 -17.90 -10.89 -11.19
C GLY E 253 -18.50 -10.72 -12.57
N VAL E 254 -18.09 -11.55 -13.54
CA VAL E 254 -18.68 -11.56 -14.88
C VAL E 254 -19.84 -12.55 -14.88
N SER E 255 -20.99 -12.11 -15.42
CA SER E 255 -22.14 -12.98 -15.64
C SER E 255 -21.99 -13.70 -16.95
N LEU E 256 -21.91 -15.02 -16.90
CA LEU E 256 -21.94 -15.88 -18.07
C LEU E 256 -22.62 -17.19 -17.66
N GLY E 257 -23.33 -17.80 -18.62
CA GLY E 257 -23.86 -19.15 -18.47
C GLY E 257 -25.20 -19.31 -19.18
N ALA E 258 -25.85 -20.45 -18.93
CA ALA E 258 -27.07 -20.83 -19.63
C ALA E 258 -28.22 -19.81 -19.48
N GLN E 259 -28.25 -19.01 -18.41
CA GLN E 259 -29.37 -18.11 -18.19
C GLN E 259 -28.96 -16.64 -18.32
N VAL E 260 -27.88 -16.37 -19.06
CA VAL E 260 -27.36 -15.03 -19.18
C VAL E 260 -27.54 -14.53 -20.61
N THR E 261 -28.05 -13.30 -20.71
CA THR E 261 -28.24 -12.68 -22.02
C THR E 261 -26.99 -11.94 -22.37
N LYS E 262 -26.83 -11.60 -23.65
CA LYS E 262 -25.63 -10.87 -24.13
C LYS E 262 -25.54 -9.52 -23.41
N GLU E 263 -26.65 -8.84 -23.22
CA GLU E 263 -26.67 -7.53 -22.52
C GLU E 263 -26.09 -7.69 -21.11
N GLN E 264 -26.46 -8.72 -20.37
CA GLN E 264 -25.99 -8.87 -18.97
C GLN E 264 -24.50 -9.22 -18.98
N ALA E 265 -24.06 -10.05 -19.93
CA ALA E 265 -22.65 -10.47 -20.06
C ALA E 265 -21.74 -9.27 -20.34
N GLN E 266 -22.21 -8.34 -21.18
CA GLN E 266 -21.42 -7.18 -21.60
C GLN E 266 -21.46 -6.09 -20.53
N SER E 267 -22.62 -5.94 -19.88
CA SER E 267 -22.77 -4.94 -18.80
C SER E 267 -21.88 -5.37 -17.64
N SER E 268 -21.86 -6.67 -17.37
CA SER E 268 -21.08 -7.11 -16.22
C SER E 268 -19.59 -7.22 -16.54
N LEU E 269 -19.22 -7.53 -17.80
CA LEU E 269 -17.81 -7.51 -18.19
C LEU E 269 -17.28 -6.09 -18.03
N GLN E 270 -18.10 -5.10 -18.40
CA GLN E 270 -17.70 -3.70 -18.34
C GLN E 270 -17.37 -3.30 -16.90
N THR E 271 -18.21 -3.67 -15.95
CA THR E 271 -17.91 -3.44 -14.53
C THR E 271 -16.51 -3.97 -14.22
N ILE E 272 -16.23 -5.21 -14.66
CA ILE E 272 -14.95 -5.84 -14.41
C ILE E 272 -13.82 -5.04 -15.04
N LEU E 273 -14.04 -4.48 -16.23
CA LEU E 273 -13.01 -3.72 -16.92
C LEU E 273 -12.87 -2.29 -16.39
N ASP E 274 -13.85 -1.82 -15.60
CA ASP E 274 -13.83 -0.46 -15.08
C ASP E 274 -13.11 -0.37 -13.73
N ARG E 275 -12.62 -1.50 -13.19
CA ARG E 275 -11.90 -1.54 -11.93
C ARG E 275 -10.57 -0.78 -12.03
N LYS E 276 -10.21 -0.11 -10.93
CA LYS E 276 -8.95 0.62 -10.83
C LYS E 276 -7.81 -0.28 -11.29
N GLY E 277 -6.91 0.26 -12.10
CA GLY E 277 -5.74 -0.46 -12.54
C GLY E 277 -6.01 -1.23 -13.83
N ILE E 278 -6.98 -2.14 -13.77
CA ILE E 278 -7.41 -2.90 -14.94
C ILE E 278 -7.76 -1.93 -16.07
N ASN E 279 -8.42 -0.80 -15.72
CA ASN E 279 -8.97 0.10 -16.72
C ASN E 279 -7.88 0.93 -17.40
N THR E 280 -6.63 0.80 -16.97
CA THR E 280 -5.56 1.53 -17.65
C THR E 280 -4.77 0.56 -18.54
N LEU E 281 -5.12 -0.72 -18.53
CA LEU E 281 -4.48 -1.67 -19.44
C LEU E 281 -4.66 -1.21 -20.89
N SER E 282 -3.59 -1.33 -21.67
CA SER E 282 -3.67 -1.11 -23.10
C SER E 282 -4.76 -1.98 -23.74
N ALA E 283 -4.82 -3.25 -23.35
CA ALA E 283 -5.79 -4.17 -23.93
C ALA E 283 -7.20 -3.69 -23.65
N VAL E 284 -7.47 -3.14 -22.46
CA VAL E 284 -8.81 -2.66 -22.15
C VAL E 284 -9.13 -1.41 -22.98
N LYS E 285 -8.18 -0.48 -23.07
CA LYS E 285 -8.37 0.78 -23.80
C LYS E 285 -8.55 0.50 -25.29
N ASN E 286 -7.78 -0.45 -25.83
CA ASN E 286 -7.86 -0.86 -27.23
C ASN E 286 -9.04 -1.78 -27.51
N GLY E 287 -9.80 -2.16 -26.48
CA GLY E 287 -10.98 -2.98 -26.69
C GLY E 287 -10.67 -4.46 -26.93
N ARG E 288 -9.42 -4.90 -26.76
CA ARG E 288 -9.10 -6.31 -26.81
C ARG E 288 -9.31 -6.95 -25.43
N SER E 289 -10.56 -6.90 -24.99
CA SER E 289 -10.97 -7.36 -23.67
C SER E 289 -12.20 -8.23 -23.81
N TYR E 290 -12.19 -9.39 -23.12
CA TYR E 290 -13.16 -10.43 -23.40
C TYR E 290 -13.54 -11.16 -22.11
N GLY E 291 -14.66 -11.89 -22.20
CA GLY E 291 -15.15 -12.73 -21.13
C GLY E 291 -15.35 -14.15 -21.61
N ILE E 292 -14.97 -15.13 -20.78
CA ILE E 292 -15.11 -16.54 -21.08
C ILE E 292 -15.71 -17.20 -19.85
N TRP E 293 -16.58 -18.19 -20.07
CA TRP E 293 -17.30 -18.85 -19.00
C TRP E 293 -16.34 -19.73 -18.21
N HIS E 294 -16.34 -19.53 -16.88
CA HIS E 294 -15.27 -20.07 -16.05
C HIS E 294 -15.19 -21.61 -16.12
N ASN E 295 -16.34 -22.28 -16.17
CA ASN E 295 -16.35 -23.72 -15.98
C ASN E 295 -15.72 -24.44 -17.17
N PHE E 296 -15.32 -23.69 -18.20
CA PHE E 296 -14.56 -24.29 -19.29
C PHE E 296 -13.18 -24.68 -18.79
N TYR E 297 -12.87 -24.26 -17.56
CA TYR E 297 -11.58 -24.54 -16.93
C TYR E 297 -11.55 -25.99 -16.48
N ASN E 298 -12.69 -26.70 -16.58
CA ASN E 298 -12.75 -28.11 -16.23
C ASN E 298 -13.89 -28.80 -16.98
N SER E 299 -13.80 -28.86 -18.31
CA SER E 299 -14.87 -29.46 -19.11
C SER E 299 -14.35 -29.84 -20.49
N PRO E 300 -14.71 -31.02 -21.02
CA PRO E 300 -14.32 -31.40 -22.37
C PRO E 300 -15.05 -30.60 -23.46
N TYR E 301 -15.98 -29.72 -23.05
CA TYR E 301 -16.54 -28.73 -23.96
C TYR E 301 -15.53 -27.57 -24.16
N ASN E 302 -14.31 -27.73 -23.66
CA ASN E 302 -13.31 -26.66 -23.68
C ASN E 302 -12.89 -26.29 -25.11
N VAL E 303 -13.25 -27.10 -26.11
CA VAL E 303 -12.97 -26.73 -27.50
C VAL E 303 -13.69 -25.42 -27.83
N LEU E 304 -14.79 -25.10 -27.18
CA LEU E 304 -15.51 -23.83 -27.41
C LEU E 304 -14.65 -22.64 -26.98
N ALA E 305 -13.92 -22.81 -25.88
CA ALA E 305 -13.05 -21.74 -25.36
C ALA E 305 -11.79 -21.60 -26.23
N ILE E 306 -11.20 -22.71 -26.64
CA ILE E 306 -9.99 -22.68 -27.52
C ILE E 306 -10.35 -21.90 -28.79
N GLN E 307 -11.56 -22.09 -29.30
CA GLN E 307 -12.00 -21.42 -30.55
C GLN E 307 -12.26 -19.94 -30.28
N SER E 308 -12.95 -19.62 -29.19
CA SER E 308 -13.20 -18.20 -28.81
C SER E 308 -11.86 -17.47 -28.65
N PHE E 309 -10.86 -18.16 -28.10
CA PHE E 309 -9.52 -17.57 -27.90
C PHE E 309 -8.87 -17.27 -29.25
N ALA E 310 -8.89 -18.22 -30.17
CA ALA E 310 -8.27 -18.02 -31.50
C ALA E 310 -8.91 -16.84 -32.21
N LYS E 311 -10.21 -16.70 -32.09
CA LYS E 311 -10.94 -15.61 -32.79
C LYS E 311 -10.61 -14.26 -32.12
N TRP E 312 -10.26 -14.25 -30.84
CA TRP E 312 -9.85 -12.99 -30.17
C TRP E 312 -8.35 -12.74 -30.46
N PHE E 313 -7.59 -13.80 -30.66
CA PHE E 313 -6.16 -13.62 -30.91
C PHE E 313 -5.90 -13.22 -32.35
N TYR E 314 -6.70 -13.71 -33.30
CA TYR E 314 -6.49 -13.33 -34.70
C TYR E 314 -7.82 -13.11 -35.43
N PRO E 315 -8.57 -12.01 -35.13
CA PRO E 315 -9.95 -11.87 -35.54
C PRO E 315 -10.23 -12.19 -37.01
N GLN E 316 -9.35 -11.77 -37.90
CA GLN E 316 -9.63 -11.92 -39.35
C GLN E 316 -9.32 -13.35 -39.80
N GLN E 317 -8.26 -13.91 -39.27
CA GLN E 317 -7.91 -15.26 -39.71
C GLN E 317 -8.97 -16.29 -39.30
N PHE E 318 -9.79 -15.96 -38.29
CA PHE E 318 -10.86 -16.83 -37.81
C PHE E 318 -12.19 -16.10 -37.91
N ALA E 319 -12.34 -15.22 -38.91
CA ALA E 319 -13.61 -14.54 -39.17
C ALA E 319 -14.72 -15.57 -39.43
N ASP E 320 -14.38 -16.62 -40.17
CA ASP E 320 -15.30 -17.62 -40.68
C ASP E 320 -15.62 -18.69 -39.62
N LEU E 321 -14.85 -18.75 -38.53
CA LEU E 321 -15.10 -19.72 -37.46
C LEU E 321 -16.15 -19.19 -36.50
N ASP E 322 -17.11 -20.05 -36.17
CA ASP E 322 -18.23 -19.67 -35.26
C ASP E 322 -18.38 -20.68 -34.12
N PRO E 323 -17.95 -20.33 -32.90
CA PRO E 323 -18.08 -21.19 -31.69
C PRO E 323 -19.54 -21.49 -31.35
N ASN E 324 -20.47 -20.61 -31.73
CA ASN E 324 -21.92 -20.81 -31.47
C ASN E 324 -22.43 -21.97 -32.33
N ASN E 325 -21.90 -22.10 -33.53
CA ASN E 325 -22.26 -23.24 -34.41
C ASN E 325 -21.68 -24.52 -33.81
N THR E 326 -20.49 -24.44 -33.24
CA THR E 326 -19.83 -25.61 -32.64
C THR E 326 -20.60 -26.06 -31.42
N MET E 327 -21.05 -25.11 -30.60
CA MET E 327 -21.82 -25.42 -29.37
C MET E 327 -23.12 -26.09 -29.79
N ASN E 328 -23.75 -25.54 -30.83
CA ASN E 328 -25.04 -26.08 -31.32
C ASN E 328 -24.80 -27.47 -31.93
N SER E 329 -23.73 -27.67 -32.70
CA SER E 329 -23.44 -29.03 -33.19
C SER E 329 -23.19 -29.94 -31.99
N LEU E 330 -22.49 -29.43 -30.96
CA LEU E 330 -22.20 -30.25 -29.80
C LEU E 330 -23.53 -30.65 -29.12
N TYR E 331 -24.39 -29.68 -28.81
CA TYR E 331 -25.62 -29.96 -28.07
C TYR E 331 -26.52 -30.92 -28.85
N SER E 332 -26.76 -30.61 -30.12
CA SER E 332 -27.70 -31.39 -30.90
C SER E 332 -27.18 -32.83 -31.07
N GLN E 333 -25.87 -32.99 -31.33
CA GLN E 333 -25.32 -34.33 -31.54
C GLN E 333 -25.29 -35.16 -30.26
N PHE E 334 -25.10 -34.53 -29.08
CA PHE E 334 -24.69 -35.30 -27.90
C PHE E 334 -25.59 -35.10 -26.68
N LEU E 335 -26.26 -33.96 -26.56
CA LEU E 335 -26.88 -33.61 -25.28
C LEU E 335 -28.39 -33.75 -25.33
N ALA E 336 -29.01 -33.52 -24.17
CA ALA E 336 -30.44 -33.73 -24.04
C ALA E 336 -31.13 -32.42 -23.67
N ILE E 337 -30.41 -31.30 -23.74
CA ILE E 337 -31.03 -30.01 -23.50
C ILE E 337 -30.74 -29.11 -24.69
N GLU E 338 -31.40 -27.95 -24.70
CA GLU E 338 -31.23 -26.98 -25.76
C GLU E 338 -30.25 -25.91 -25.29
N PRO E 339 -29.28 -25.49 -26.15
CA PRO E 339 -28.35 -24.42 -25.79
C PRO E 339 -29.06 -23.09 -25.52
N THR E 340 -28.76 -22.47 -24.38
CA THR E 340 -29.27 -21.13 -24.10
C THR E 340 -28.15 -20.32 -23.44
N GLY E 341 -28.33 -19.00 -23.40
CA GLY E 341 -27.46 -18.11 -22.65
C GLY E 341 -26.19 -17.73 -23.42
N THR E 342 -25.23 -17.16 -22.67
CA THR E 342 -24.05 -16.55 -23.23
C THR E 342 -22.82 -17.15 -22.56
N TYR E 343 -21.97 -17.83 -23.35
CA TYR E 343 -20.79 -18.48 -22.82
C TYR E 343 -19.51 -17.67 -23.09
N TRP E 344 -19.65 -16.52 -23.72
CA TRP E 344 -18.51 -15.65 -24.02
C TRP E 344 -19.02 -14.32 -24.53
N VAL E 345 -18.22 -13.27 -24.39
CA VAL E 345 -18.69 -11.93 -24.69
C VAL E 345 -17.50 -11.07 -25.08
N ASP E 346 -17.74 -10.09 -25.97
CA ASP E 346 -16.77 -9.06 -26.32
C ASP E 346 -17.20 -7.73 -25.73
N SER E 347 -16.23 -6.90 -25.34
CA SER E 347 -16.52 -5.57 -24.81
C SER E 347 -16.97 -4.66 -25.95
N THR E 348 -17.88 -3.72 -25.66
CA THR E 348 -18.19 -2.64 -26.60
C THR E 348 -17.93 -1.29 -25.97
N ASN F 3 3.92 37.85 -36.02
CA ASN F 3 2.50 37.55 -36.31
C ASN F 3 1.99 36.39 -35.46
N ILE F 4 0.72 36.44 -35.04
CA ILE F 4 0.11 35.38 -34.27
C ILE F 4 -1.30 35.11 -34.81
N THR F 5 -1.80 33.89 -34.54
CA THR F 5 -3.13 33.43 -34.90
C THR F 5 -4.05 33.51 -33.68
N ASP F 6 -5.15 34.27 -33.75
CA ASP F 6 -6.01 34.45 -32.60
C ASP F 6 -6.99 33.29 -32.52
N MET F 7 -8.02 33.42 -31.65
CA MET F 7 -8.95 32.35 -31.36
C MET F 7 -10.05 32.28 -32.42
N ALA F 8 -10.10 33.26 -33.33
CA ALA F 8 -10.99 33.23 -34.47
C ALA F 8 -10.28 32.70 -35.72
N GLY F 9 -9.04 32.23 -35.59
CA GLY F 9 -8.28 31.71 -36.72
C GLY F 9 -7.63 32.82 -37.55
N ARG F 10 -7.81 34.09 -37.15
CA ARG F 10 -7.32 35.24 -37.89
C ARG F 10 -5.89 35.58 -37.52
N SER F 11 -5.13 36.02 -38.51
CA SER F 11 -3.71 36.41 -38.29
C SER F 11 -3.66 37.86 -37.83
N VAL F 12 -2.90 38.13 -36.76
CA VAL F 12 -2.82 39.51 -36.23
C VAL F 12 -1.34 39.94 -36.18
N VAL F 13 -1.04 41.12 -36.71
CA VAL F 13 0.35 41.65 -36.63
C VAL F 13 0.52 42.28 -35.24
N ILE F 14 1.38 41.68 -34.43
CA ILE F 14 1.61 42.18 -33.05
C ILE F 14 2.23 43.58 -33.10
N PRO F 15 1.64 44.57 -32.41
CA PRO F 15 2.21 45.94 -32.34
C PRO F 15 3.62 45.91 -31.73
N ALA F 16 4.46 46.88 -32.10
CA ALA F 16 5.79 46.94 -31.51
C ALA F 16 5.68 47.36 -30.04
N LYS F 17 4.84 48.36 -29.75
CA LYS F 17 4.57 48.78 -28.39
C LYS F 17 3.07 49.01 -28.22
N VAL F 18 2.51 48.54 -27.12
CA VAL F 18 1.10 48.67 -26.83
C VAL F 18 0.95 49.56 -25.60
N GLU F 19 0.09 50.57 -25.67
CA GLU F 19 -0.19 51.38 -24.49
C GLU F 19 -1.66 51.83 -24.40
N ARG F 20 -2.48 51.38 -25.37
CA ARG F 20 -3.88 51.79 -25.45
C ARG F 20 -4.75 50.60 -25.81
N ILE F 21 -4.99 49.73 -24.82
CA ILE F 21 -5.75 48.50 -24.99
C ILE F 21 -7.25 48.77 -24.86
N LEU F 22 -8.00 48.31 -25.88
CA LEU F 22 -9.45 48.37 -25.86
C LEU F 22 -10.03 46.99 -25.50
N LEU F 23 -10.92 46.97 -24.50
CA LEU F 23 -11.51 45.71 -24.07
C LEU F 23 -12.95 45.63 -24.57
N GLY F 24 -13.15 44.75 -25.54
CA GLY F 24 -14.46 44.51 -26.12
C GLY F 24 -15.46 44.01 -25.08
N GLU F 25 -15.01 43.13 -24.19
CA GLU F 25 -15.78 42.76 -23.02
C GLU F 25 -14.95 43.10 -21.79
N GLY F 26 -15.55 43.89 -20.89
CA GLY F 26 -14.90 44.38 -19.69
C GLY F 26 -14.25 43.26 -18.88
N ARG F 27 -14.95 42.14 -18.71
CA ARG F 27 -14.45 41.06 -17.90
C ARG F 27 -13.29 40.34 -18.59
N LEU F 28 -12.92 40.74 -19.82
CA LEU F 28 -11.66 40.28 -20.39
C LEU F 28 -10.47 40.86 -19.63
N PHE F 29 -10.75 41.85 -18.76
CA PHE F 29 -9.78 42.42 -17.84
C PHE F 29 -9.07 41.33 -17.03
N TYR F 30 -9.82 40.28 -16.67
CA TYR F 30 -9.30 39.20 -15.85
C TYR F 30 -8.07 38.59 -16.50
N ALA F 31 -8.09 38.44 -17.82
CA ALA F 31 -6.94 37.86 -18.50
C ALA F 31 -5.80 38.87 -18.52
N VAL F 32 -6.17 40.15 -18.63
CA VAL F 32 -5.18 41.21 -18.72
C VAL F 32 -4.52 41.37 -17.36
N SER F 33 -5.30 41.26 -16.29
CA SER F 33 -4.80 41.45 -14.92
C SER F 33 -3.65 40.50 -14.60
N LEU F 34 -3.63 39.31 -15.21
CA LEU F 34 -2.59 38.33 -14.95
C LEU F 34 -1.28 38.73 -15.63
N LEU F 35 -1.29 39.78 -16.46
CA LEU F 35 -0.13 40.17 -17.23
C LEU F 35 0.46 41.51 -16.76
N GLU F 36 -0.37 42.35 -16.11
CA GLU F 36 -0.04 43.73 -15.86
C GLU F 36 0.57 43.95 -14.48
N GLY F 37 0.69 42.87 -13.67
CA GLY F 37 1.31 42.98 -12.35
C GLY F 37 0.68 44.07 -11.47
N GLN F 38 1.51 44.98 -10.95
CA GLN F 38 1.06 45.97 -9.97
C GLN F 38 0.52 47.22 -10.65
N LYS F 39 0.57 47.24 -12.00
CA LYS F 39 0.04 48.34 -12.80
C LYS F 39 -1.11 47.87 -13.68
N PRO F 40 -2.26 47.43 -13.09
CA PRO F 40 -3.31 46.74 -13.82
C PRO F 40 -4.02 47.56 -14.91
N PHE F 41 -4.28 48.84 -14.63
CA PHE F 41 -5.11 49.70 -15.46
C PHE F 41 -4.28 50.70 -16.28
N ASP F 42 -2.95 50.56 -16.26
CA ASP F 42 -2.06 51.53 -16.88
C ASP F 42 -2.27 51.61 -18.39
N ARG F 43 -2.63 50.48 -19.03
CA ARG F 43 -2.65 50.42 -20.48
C ARG F 43 -4.05 50.26 -21.07
N ILE F 44 -5.11 50.47 -20.25
CA ILE F 44 -6.49 50.30 -20.70
C ILE F 44 -7.03 51.67 -21.10
N VAL F 45 -7.33 51.87 -22.39
CA VAL F 45 -7.90 53.12 -22.88
C VAL F 45 -9.41 53.14 -22.66
N GLY F 46 -10.04 51.96 -22.69
CA GLY F 46 -11.47 51.87 -22.50
C GLY F 46 -11.94 50.42 -22.54
N TRP F 47 -13.15 50.19 -22.04
CA TRP F 47 -13.70 48.85 -21.92
C TRP F 47 -15.23 48.86 -21.95
N GLN F 48 -15.82 47.73 -22.38
CA GLN F 48 -17.24 47.47 -22.19
C GLN F 48 -17.60 47.57 -20.71
N GLY F 49 -18.84 48.01 -20.41
CA GLY F 49 -19.27 48.29 -19.04
C GLY F 49 -19.66 47.06 -18.23
N ASP F 50 -19.38 45.84 -18.73
CA ASP F 50 -19.84 44.64 -18.07
C ASP F 50 -19.04 44.39 -16.80
N PHE F 51 -17.73 44.67 -16.84
CA PHE F 51 -16.91 44.52 -15.65
C PHE F 51 -17.36 45.48 -14.56
N ARG F 52 -17.67 46.72 -14.91
CA ARG F 52 -18.02 47.70 -13.91
C ARG F 52 -19.44 47.47 -13.39
N LYS F 53 -20.33 46.94 -14.24
CA LYS F 53 -21.76 46.89 -13.90
C LYS F 53 -22.19 45.48 -13.52
N LEU F 54 -21.50 44.46 -14.06
CA LEU F 54 -21.82 43.07 -13.75
C LEU F 54 -20.74 42.41 -12.88
N ASP F 55 -19.81 43.21 -12.34
CA ASP F 55 -18.79 42.70 -11.43
C ASP F 55 -18.49 43.78 -10.40
N THR F 56 -19.56 44.27 -9.76
CA THR F 56 -19.47 45.48 -8.97
C THR F 56 -18.52 45.25 -7.80
N GLN F 57 -18.49 44.01 -7.29
CA GLN F 57 -17.68 43.69 -6.13
C GLN F 57 -16.19 43.75 -6.48
N THR F 58 -15.74 43.00 -7.50
CA THR F 58 -14.34 43.01 -7.87
C THR F 58 -13.93 44.42 -8.29
N TYR F 59 -14.85 45.15 -8.94
CA TYR F 59 -14.61 46.53 -9.31
C TYR F 59 -14.31 47.36 -8.06
N ALA F 60 -15.18 47.33 -7.04
CA ALA F 60 -15.04 48.20 -5.88
C ALA F 60 -13.71 47.96 -5.18
N VAL F 61 -13.26 46.70 -5.14
CA VAL F 61 -12.00 46.37 -4.50
C VAL F 61 -10.85 47.04 -5.25
N TYR F 62 -10.87 46.99 -6.59
CA TYR F 62 -9.82 47.63 -7.36
C TYR F 62 -9.91 49.16 -7.25
N LYS F 63 -11.11 49.71 -7.06
CA LYS F 63 -11.29 51.16 -6.98
C LYS F 63 -10.68 51.72 -5.70
N ALA F 64 -10.84 50.99 -4.59
CA ALA F 64 -10.31 51.40 -3.30
C ALA F 64 -8.79 51.51 -3.35
N LYS F 65 -8.13 50.66 -4.15
CA LYS F 65 -6.69 50.74 -4.29
C LYS F 65 -6.29 51.58 -5.51
N PHE F 66 -7.17 51.68 -6.52
CA PHE F 66 -6.87 52.43 -7.72
C PHE F 66 -8.07 53.28 -8.12
N PRO F 67 -8.27 54.51 -7.59
CA PRO F 67 -9.49 55.27 -7.86
C PRO F 67 -9.62 55.76 -9.30
N GLN F 68 -8.51 55.67 -10.05
CA GLN F 68 -8.46 56.09 -11.45
C GLN F 68 -9.24 55.13 -12.36
N VAL F 69 -9.72 54.01 -11.82
CA VAL F 69 -10.46 53.03 -12.59
C VAL F 69 -11.80 53.62 -13.04
N ASP F 70 -12.41 54.46 -12.18
CA ASP F 70 -13.63 55.19 -12.49
C ASP F 70 -13.47 56.10 -13.73
N ASN F 71 -12.26 56.44 -14.13
CA ASN F 71 -12.07 57.37 -15.24
C ASN F 71 -11.76 56.63 -16.54
N ILE F 72 -11.65 55.30 -16.50
CA ILE F 72 -11.51 54.55 -17.73
C ILE F 72 -12.86 54.65 -18.47
N PRO F 73 -12.87 55.07 -19.76
CA PRO F 73 -14.14 55.22 -20.49
C PRO F 73 -14.87 53.89 -20.70
N LEU F 74 -16.20 53.96 -20.52
CA LEU F 74 -17.11 52.87 -20.85
C LEU F 74 -17.58 53.02 -22.29
N ILE F 75 -17.24 52.06 -23.15
CA ILE F 75 -17.59 52.15 -24.57
C ILE F 75 -19.03 51.71 -24.79
N GLY F 76 -19.66 51.07 -23.79
CA GLY F 76 -21.07 50.69 -23.85
C GLY F 76 -21.55 50.17 -22.50
N ASN F 77 -22.75 49.54 -22.48
CA ASN F 77 -23.30 49.00 -21.25
C ASN F 77 -22.91 47.53 -21.17
N THR F 78 -23.88 46.61 -21.38
CA THR F 78 -23.65 45.19 -21.15
C THR F 78 -23.97 44.34 -22.39
N THR F 79 -24.17 44.98 -23.55
CA THR F 79 -24.55 44.31 -24.78
C THR F 79 -23.74 44.89 -25.93
N ALA F 80 -23.40 44.04 -26.90
CA ALA F 80 -22.63 44.47 -28.05
C ALA F 80 -23.33 45.63 -28.79
N ASP F 81 -24.66 45.62 -28.81
CA ASP F 81 -25.44 46.56 -29.60
C ASP F 81 -25.43 47.96 -28.96
N SER F 82 -24.98 48.09 -27.70
CA SER F 82 -24.99 49.39 -27.04
C SER F 82 -23.64 50.11 -27.16
N ILE F 83 -22.66 49.47 -27.83
CA ILE F 83 -21.34 50.07 -28.04
C ILE F 83 -21.43 51.10 -29.15
N SER F 84 -21.11 52.37 -28.83
CA SER F 84 -20.89 53.42 -29.81
C SER F 84 -19.55 53.21 -30.51
N PRO F 85 -19.51 52.88 -31.82
CA PRO F 85 -18.22 52.71 -32.51
C PRO F 85 -17.44 54.03 -32.63
N GLU F 86 -18.15 55.14 -32.47
CA GLU F 86 -17.55 56.46 -32.57
C GLU F 86 -16.71 56.72 -31.31
N LYS F 87 -17.29 56.52 -30.12
CA LYS F 87 -16.54 56.70 -28.89
C LYS F 87 -15.31 55.78 -28.92
N VAL F 88 -15.46 54.56 -29.43
CA VAL F 88 -14.35 53.60 -29.50
C VAL F 88 -13.20 54.19 -30.31
N LEU F 89 -13.50 54.73 -31.49
CA LEU F 89 -12.45 55.12 -32.41
C LEU F 89 -11.72 56.38 -31.93
N THR F 90 -12.41 57.28 -31.19
CA THR F 90 -11.78 58.49 -30.69
C THR F 90 -10.81 58.19 -29.53
N LEU F 91 -10.82 56.97 -28.98
CA LEU F 91 -9.83 56.60 -27.98
C LEU F 91 -8.54 56.18 -28.66
N ASN F 92 -8.54 56.09 -29.99
CA ASN F 92 -7.32 55.77 -30.72
C ASN F 92 -6.62 54.57 -30.06
N PRO F 93 -7.29 53.42 -29.92
CA PRO F 93 -6.63 52.22 -29.44
C PRO F 93 -5.52 51.75 -30.38
N ASP F 94 -4.51 51.08 -29.80
CA ASP F 94 -3.48 50.46 -30.61
C ASP F 94 -3.65 48.95 -30.61
N ILE F 95 -4.60 48.46 -29.79
CA ILE F 95 -5.08 47.08 -29.91
C ILE F 95 -6.46 46.94 -29.27
N ALA F 96 -7.27 46.05 -29.85
CA ALA F 96 -8.58 45.72 -29.33
C ALA F 96 -8.68 44.22 -29.05
N ILE F 97 -9.08 43.89 -27.82
CA ILE F 97 -9.27 42.51 -27.41
C ILE F 97 -10.76 42.23 -27.33
N PHE F 98 -11.21 41.22 -28.08
CA PHE F 98 -12.61 40.83 -28.16
C PHE F 98 -12.72 39.33 -27.89
N GLY F 99 -13.95 38.91 -27.53
CA GLY F 99 -14.29 37.52 -27.26
C GLY F 99 -15.16 36.92 -28.38
N LEU F 100 -14.87 35.65 -28.74
CA LEU F 100 -15.66 34.92 -29.72
C LEU F 100 -17.13 35.01 -29.33
N SER F 101 -17.43 35.02 -28.02
CA SER F 101 -18.81 35.17 -27.59
C SER F 101 -18.88 36.13 -26.41
N GLY F 102 -20.10 36.58 -26.10
CA GLY F 102 -20.34 37.26 -24.83
C GLY F 102 -21.07 38.59 -25.00
N HIS F 103 -20.84 39.51 -24.06
CA HIS F 103 -21.58 40.76 -23.99
C HIS F 103 -20.91 41.84 -24.84
N GLY F 104 -19.98 41.44 -25.70
CA GLY F 104 -19.24 42.35 -26.55
C GLY F 104 -19.19 41.84 -27.99
N PRO F 105 -18.68 42.65 -28.92
CA PRO F 105 -18.67 42.30 -30.34
C PRO F 105 -17.98 40.99 -30.67
N GLY F 106 -18.48 40.32 -31.71
CA GLY F 106 -17.90 39.07 -32.19
C GLY F 106 -17.14 39.30 -33.48
N LYS F 107 -16.69 38.20 -34.10
CA LYS F 107 -15.75 38.26 -35.21
C LYS F 107 -16.35 38.90 -36.45
N ASN F 108 -17.69 38.98 -36.54
CA ASN F 108 -18.35 39.43 -37.76
C ASN F 108 -19.01 40.78 -37.54
N SER F 109 -18.81 41.42 -36.39
CA SER F 109 -19.44 42.70 -36.11
C SER F 109 -18.86 43.79 -37.02
N GLU F 110 -19.62 44.89 -37.13
CA GLU F 110 -19.25 46.02 -37.97
C GLU F 110 -18.06 46.75 -37.33
N LEU F 111 -18.08 46.82 -35.98
CA LEU F 111 -17.04 47.50 -35.23
C LEU F 111 -15.67 46.87 -35.50
N VAL F 112 -15.62 45.54 -35.59
CA VAL F 112 -14.39 44.86 -35.95
C VAL F 112 -13.91 45.30 -37.33
N LYS F 113 -14.82 45.49 -38.27
CA LYS F 113 -14.45 45.89 -39.62
C LYS F 113 -13.99 47.36 -39.63
N GLN F 114 -14.70 48.22 -38.89
CA GLN F 114 -14.30 49.60 -38.72
C GLN F 114 -12.86 49.70 -38.23
N LEU F 115 -12.54 48.90 -37.20
CA LEU F 115 -11.22 48.95 -36.60
C LEU F 115 -10.17 48.48 -37.60
N GLU F 116 -10.50 47.49 -38.44
CA GLU F 116 -9.59 47.00 -39.46
C GLU F 116 -9.31 48.11 -40.48
N LYS F 117 -10.35 48.91 -40.80
CA LYS F 117 -10.20 50.03 -41.74
C LYS F 117 -9.33 51.12 -41.11
N ALA F 118 -9.39 51.25 -39.77
CA ALA F 118 -8.67 52.29 -39.04
C ALA F 118 -7.23 51.89 -38.75
N GLY F 119 -6.83 50.65 -39.12
CA GLY F 119 -5.46 50.18 -38.96
C GLY F 119 -5.15 49.68 -37.56
N VAL F 120 -6.21 49.32 -36.80
CA VAL F 120 -6.10 48.86 -35.42
C VAL F 120 -6.12 47.34 -35.39
N PRO F 121 -5.08 46.68 -34.82
CA PRO F 121 -5.07 45.20 -34.64
C PRO F 121 -6.16 44.71 -33.70
N VAL F 122 -6.87 43.65 -34.10
CA VAL F 122 -7.94 43.09 -33.28
C VAL F 122 -7.56 41.65 -32.91
N VAL F 123 -7.68 41.32 -31.62
CA VAL F 123 -7.37 39.97 -31.16
C VAL F 123 -8.61 39.34 -30.50
N PHE F 124 -8.94 38.13 -30.99
CA PHE F 124 -10.01 37.32 -30.43
C PHE F 124 -9.41 36.28 -29.50
N VAL F 125 -9.95 36.29 -28.27
CA VAL F 125 -9.67 35.29 -27.25
C VAL F 125 -10.97 34.53 -26.95
N ASP F 126 -10.90 33.51 -26.08
CA ASP F 126 -12.09 32.81 -25.64
C ASP F 126 -11.87 32.07 -24.31
N PHE F 127 -12.71 32.39 -23.32
CA PHE F 127 -12.77 31.67 -22.06
C PHE F 127 -14.18 31.16 -21.77
N ARG F 128 -15.06 31.25 -22.79
CA ARG F 128 -16.50 31.23 -22.58
C ARG F 128 -17.22 30.17 -23.42
N THR F 129 -16.88 30.12 -24.69
CA THR F 129 -17.45 29.13 -25.57
C THR F 129 -16.73 27.81 -25.32
N SER F 130 -15.40 27.80 -25.43
CA SER F 130 -14.64 26.55 -25.36
C SER F 130 -13.46 26.69 -24.41
N PRO F 131 -13.72 26.93 -23.11
CA PRO F 131 -12.65 27.12 -22.14
C PRO F 131 -11.55 26.07 -22.23
N LEU F 132 -11.91 24.79 -22.41
CA LEU F 132 -10.92 23.74 -22.42
C LEU F 132 -9.96 23.91 -23.60
N LYS F 133 -10.49 24.19 -24.80
CA LYS F 133 -9.63 24.34 -25.97
C LYS F 133 -8.89 25.66 -25.90
N ASN F 134 -9.53 26.72 -25.38
CA ASN F 134 -9.15 28.08 -25.70
C ASN F 134 -8.44 28.84 -24.57
N THR F 135 -8.65 28.47 -23.29
CA THR F 135 -8.16 29.29 -22.19
C THR F 135 -6.65 29.50 -22.32
N LEU F 136 -5.88 28.42 -22.43
CA LEU F 136 -4.43 28.54 -22.41
C LEU F 136 -3.94 29.17 -23.70
N PRO F 137 -4.36 28.72 -24.90
CA PRO F 137 -4.00 29.42 -26.14
C PRO F 137 -4.31 30.92 -26.10
N SER F 138 -5.42 31.30 -25.46
CA SER F 138 -5.80 32.71 -25.33
C SER F 138 -4.74 33.49 -24.55
N MET F 139 -4.29 32.93 -23.42
CA MET F 139 -3.28 33.59 -22.61
C MET F 139 -1.96 33.66 -23.37
N ARG F 140 -1.55 32.59 -24.06
CA ARG F 140 -0.34 32.60 -24.85
C ARG F 140 -0.38 33.77 -25.83
N VAL F 141 -1.52 33.89 -26.54
CA VAL F 141 -1.68 34.94 -27.52
C VAL F 141 -1.64 36.32 -26.85
N LEU F 142 -2.37 36.50 -25.74
CA LEU F 142 -2.41 37.81 -25.11
C LEU F 142 -1.00 38.21 -24.68
N GLY F 143 -0.25 37.21 -24.19
CA GLY F 143 1.14 37.41 -23.85
C GLY F 143 1.94 38.04 -24.99
N LYS F 144 1.76 37.52 -26.21
CA LYS F 144 2.58 37.91 -27.34
C LYS F 144 2.20 39.32 -27.80
N VAL F 145 0.89 39.61 -27.86
CA VAL F 145 0.45 40.86 -28.45
C VAL F 145 0.57 42.00 -27.44
N LEU F 146 0.59 41.70 -26.13
CA LEU F 146 0.69 42.74 -25.12
C LEU F 146 2.11 42.84 -24.53
N HIS F 147 3.03 42.00 -25.03
CA HIS F 147 4.43 42.01 -24.60
C HIS F 147 4.52 41.69 -23.11
N ARG F 148 3.92 40.57 -22.73
CA ARG F 148 3.95 40.05 -21.37
C ARG F 148 4.08 38.54 -21.45
N GLU F 149 4.96 38.07 -22.33
CA GLU F 149 5.17 36.65 -22.55
C GLU F 149 5.56 35.96 -21.25
N GLN F 150 6.38 36.62 -20.42
CA GLN F 150 6.83 36.01 -19.17
C GLN F 150 5.63 35.77 -18.26
N GLN F 151 4.81 36.80 -18.03
CA GLN F 151 3.67 36.67 -17.14
C GLN F 151 2.72 35.59 -17.66
N ALA F 152 2.49 35.58 -18.97
CA ALA F 152 1.60 34.61 -19.58
C ALA F 152 2.12 33.19 -19.37
N ASN F 153 3.41 32.97 -19.66
CA ASN F 153 4.00 31.64 -19.53
C ASN F 153 3.99 31.21 -18.07
N ASP F 154 4.21 32.15 -17.15
CA ASP F 154 4.13 31.86 -15.73
C ASP F 154 2.72 31.41 -15.37
N TYR F 155 1.69 32.05 -15.93
CA TYR F 155 0.31 31.74 -15.57
C TYR F 155 -0.12 30.40 -16.17
N ILE F 156 0.33 30.11 -17.38
CA ILE F 156 0.05 28.83 -18.02
C ILE F 156 0.63 27.70 -17.17
N LYS F 157 1.88 27.84 -16.73
CA LYS F 157 2.50 26.80 -15.92
C LYS F 157 1.67 26.60 -14.64
N PHE F 158 1.31 27.70 -13.96
CA PHE F 158 0.50 27.64 -12.76
C PHE F 158 -0.83 26.93 -13.00
N TYR F 159 -1.48 27.30 -14.11
CA TYR F 159 -2.79 26.77 -14.47
C TYR F 159 -2.69 25.28 -14.76
N GLU F 160 -1.78 24.89 -15.66
CA GLU F 160 -1.64 23.51 -16.05
C GLU F 160 -1.36 22.64 -14.83
N ASP F 161 -0.48 23.10 -13.93
CA ASP F 161 -0.12 22.34 -12.75
C ASP F 161 -1.35 22.12 -11.86
N ASN F 162 -2.14 23.18 -11.67
CA ASN F 162 -3.26 23.12 -10.74
C ASN F 162 -4.45 22.37 -11.32
N VAL F 163 -4.61 22.42 -12.64
CA VAL F 163 -5.60 21.61 -13.33
C VAL F 163 -5.13 20.15 -13.37
N ARG F 164 -3.82 19.91 -13.60
CA ARG F 164 -3.35 18.54 -13.75
C ARG F 164 -3.57 17.77 -12.47
N LYS F 165 -3.60 18.48 -11.32
CA LYS F 165 -3.92 17.87 -10.03
C LYS F 165 -5.28 17.17 -10.10
N VAL F 166 -6.21 17.73 -10.90
CA VAL F 166 -7.53 17.15 -11.08
C VAL F 166 -7.49 16.14 -12.23
N THR F 167 -7.02 16.52 -13.41
CA THR F 167 -7.20 15.69 -14.59
C THR F 167 -6.37 14.41 -14.50
N GLU F 168 -5.25 14.40 -13.79
CA GLU F 168 -4.46 13.18 -13.70
C GLU F 168 -5.29 12.10 -13.02
N ILE F 169 -6.28 12.48 -12.19
CA ILE F 169 -7.19 11.54 -11.55
C ILE F 169 -8.42 11.30 -12.44
N THR F 170 -9.16 12.36 -12.79
CA THR F 170 -10.46 12.21 -13.43
C THR F 170 -10.38 11.76 -14.89
N SER F 171 -9.23 11.88 -15.55
CA SER F 171 -9.11 11.45 -16.94
C SER F 171 -9.16 9.91 -17.06
N LYS F 172 -8.87 9.20 -15.97
CA LYS F 172 -8.86 7.75 -15.96
C LYS F 172 -10.16 7.17 -15.39
N ILE F 173 -11.10 8.00 -14.93
CA ILE F 173 -12.33 7.51 -14.33
C ILE F 173 -13.30 7.12 -15.46
N PRO F 174 -13.88 5.89 -15.43
CA PRO F 174 -14.85 5.48 -16.43
C PRO F 174 -16.25 6.08 -16.22
N ALA F 175 -16.98 6.24 -17.33
CA ALA F 175 -18.20 7.03 -17.40
C ALA F 175 -19.22 6.58 -16.35
N ASP F 176 -19.25 5.26 -16.08
CA ASP F 176 -20.26 4.66 -15.24
C ASP F 176 -19.99 4.92 -13.75
N LYS F 177 -18.82 5.47 -13.43
CA LYS F 177 -18.50 5.82 -12.04
C LYS F 177 -18.68 7.33 -11.83
N LYS F 178 -19.01 8.08 -12.88
CA LYS F 178 -19.10 9.53 -12.81
C LYS F 178 -20.47 9.97 -12.28
N PRO F 179 -20.56 11.03 -11.46
CA PRO F 179 -21.86 11.56 -11.05
C PRO F 179 -22.51 12.41 -12.15
N SER F 180 -23.84 12.30 -12.27
CA SER F 180 -24.57 13.21 -13.13
C SER F 180 -24.64 14.58 -12.45
N VAL F 181 -24.55 15.65 -13.27
CA VAL F 181 -24.45 17.02 -12.77
C VAL F 181 -25.33 17.92 -13.62
N PHE F 182 -26.06 18.82 -12.95
CA PHE F 182 -26.70 19.94 -13.61
C PHE F 182 -26.16 21.25 -13.06
N ILE F 183 -25.73 22.15 -13.94
CA ILE F 183 -25.35 23.49 -13.51
C ILE F 183 -26.38 24.51 -13.96
N GLU F 184 -26.93 25.25 -12.98
CA GLU F 184 -27.94 26.25 -13.28
C GLU F 184 -27.28 27.62 -13.22
N LEU F 185 -26.97 28.20 -14.38
CA LEU F 185 -26.30 29.48 -14.50
C LEU F 185 -27.22 30.61 -14.07
N ARG F 186 -26.69 31.53 -13.26
CA ARG F 186 -27.45 32.67 -12.77
C ARG F 186 -28.79 32.16 -12.28
N ALA F 187 -28.73 31.08 -11.51
CA ALA F 187 -29.90 30.44 -10.95
C ALA F 187 -30.76 31.47 -10.23
N GLY F 188 -32.08 31.35 -10.38
CA GLY F 188 -33.02 32.21 -9.68
C GLY F 188 -33.15 33.58 -10.34
N ALA F 189 -32.19 33.97 -11.18
CA ALA F 189 -32.06 35.35 -11.62
C ALA F 189 -32.48 35.55 -13.09
N MET F 190 -32.84 34.47 -13.80
CA MET F 190 -33.31 34.61 -15.16
C MET F 190 -34.84 34.62 -15.17
N GLU F 191 -35.42 35.21 -16.24
CA GLU F 191 -36.87 35.31 -16.38
C GLU F 191 -37.47 33.90 -16.45
N GLU F 192 -36.86 33.06 -17.31
CA GLU F 192 -37.29 31.69 -17.53
C GLU F 192 -36.17 30.73 -17.12
N CYS F 193 -36.51 29.81 -16.23
CA CYS F 193 -35.61 28.78 -15.72
C CYS F 193 -35.56 27.67 -16.76
N CYS F 194 -34.41 27.03 -16.99
CA CYS F 194 -33.18 27.19 -16.25
C CYS F 194 -32.01 27.28 -17.22
N GLY F 195 -31.21 28.35 -17.12
CA GLY F 195 -30.00 28.49 -17.92
C GLY F 195 -28.96 27.45 -17.53
N THR F 196 -28.18 26.98 -18.51
CA THR F 196 -27.15 26.01 -18.21
C THR F 196 -26.14 25.97 -19.36
N ALA F 197 -25.20 25.06 -19.25
CA ALA F 197 -24.15 24.96 -20.24
C ALA F 197 -24.20 23.57 -20.87
N GLY F 198 -23.90 23.53 -22.16
CA GLY F 198 -23.92 22.30 -22.95
C GLY F 198 -22.51 21.78 -23.13
N LYS F 199 -22.14 21.45 -24.37
CA LYS F 199 -20.76 21.13 -24.70
C LYS F 199 -19.99 22.44 -24.84
N GLY F 200 -19.60 23.01 -23.70
CA GLY F 200 -18.85 24.26 -23.65
C GLY F 200 -19.16 25.05 -22.37
N ASN F 201 -18.50 26.19 -22.19
CA ASN F 201 -18.68 26.98 -20.98
C ASN F 201 -18.41 26.07 -19.78
N MET F 202 -19.14 26.27 -18.68
CA MET F 202 -18.90 25.54 -17.45
C MET F 202 -19.06 24.04 -17.64
N GLY F 203 -19.69 23.63 -18.75
CA GLY F 203 -19.72 22.24 -19.14
C GLY F 203 -18.32 21.66 -19.30
N ASP F 204 -17.39 22.46 -19.80
CA ASP F 204 -16.02 22.00 -19.95
C ASP F 204 -15.45 21.69 -18.57
N PHE F 205 -15.86 22.43 -17.54
CA PHE F 205 -15.33 22.26 -16.20
C PHE F 205 -15.88 20.97 -15.60
N ILE F 206 -17.16 20.71 -15.84
CA ILE F 206 -17.77 19.47 -15.40
C ILE F 206 -17.04 18.30 -16.05
N ASP F 207 -16.75 18.40 -17.35
CA ASP F 207 -16.08 17.33 -18.07
C ASP F 207 -14.72 17.06 -17.45
N GLN F 208 -13.92 18.12 -17.27
CA GLN F 208 -12.57 18.02 -16.75
C GLN F 208 -12.57 17.44 -15.33
N ALA F 209 -13.51 17.89 -14.49
CA ALA F 209 -13.58 17.48 -13.10
C ALA F 209 -14.16 16.07 -12.96
N GLY F 210 -14.44 15.40 -14.10
CA GLY F 210 -14.85 14.01 -14.12
C GLY F 210 -16.34 13.84 -13.85
N GLY F 211 -17.11 14.90 -14.07
CA GLY F 211 -18.56 14.85 -13.95
C GLY F 211 -19.23 14.57 -15.29
N ASN F 212 -20.53 14.30 -15.21
CA ASN F 212 -21.36 14.00 -16.36
C ASN F 212 -22.46 15.04 -16.44
N ASN F 213 -22.29 15.98 -17.38
CA ASN F 213 -23.20 17.10 -17.55
C ASN F 213 -24.48 16.59 -18.19
N MET F 214 -25.60 16.72 -17.47
CA MET F 214 -26.87 16.21 -17.97
C MET F 214 -27.35 17.01 -19.19
N ALA F 215 -26.82 18.23 -19.40
CA ALA F 215 -27.27 19.07 -20.50
C ALA F 215 -26.34 18.97 -21.70
N LYS F 216 -25.26 18.20 -21.59
CA LYS F 216 -24.30 18.02 -22.68
C LYS F 216 -25.04 17.71 -23.99
N ASN F 217 -26.02 16.81 -23.95
CA ASN F 217 -26.70 16.35 -25.17
C ASN F 217 -28.09 16.96 -25.33
N LEU F 218 -28.54 17.79 -24.39
CA LEU F 218 -29.80 18.51 -24.53
C LEU F 218 -29.63 19.78 -25.36
N LEU F 219 -28.40 20.26 -25.56
CA LEU F 219 -28.18 21.56 -26.15
C LEU F 219 -27.16 21.46 -27.28
N PRO F 220 -27.35 22.26 -28.34
CA PRO F 220 -26.41 22.31 -29.46
C PRO F 220 -25.19 23.19 -29.20
N GLY F 221 -25.37 24.25 -28.39
CA GLY F 221 -24.35 25.24 -28.15
C GLY F 221 -23.71 25.14 -26.77
N ALA F 222 -22.87 26.12 -26.46
CA ALA F 222 -22.19 26.22 -25.19
C ALA F 222 -23.18 26.63 -24.11
N LEU F 223 -24.09 27.55 -24.45
CA LEU F 223 -25.11 28.01 -23.52
C LEU F 223 -26.47 27.66 -24.09
N GLY F 224 -27.46 27.55 -23.18
CA GLY F 224 -28.84 27.38 -23.58
C GLY F 224 -29.76 27.32 -22.37
N THR F 225 -30.93 26.68 -22.56
CA THR F 225 -31.94 26.59 -21.52
C THR F 225 -32.52 25.18 -21.50
N VAL F 226 -32.76 24.64 -20.30
CA VAL F 226 -33.47 23.38 -20.10
C VAL F 226 -34.59 23.68 -19.11
N ASN F 227 -35.76 23.06 -19.32
CA ASN F 227 -36.93 23.36 -18.51
C ASN F 227 -36.80 22.65 -17.16
N LEU F 228 -37.41 23.26 -16.14
CA LEU F 228 -37.34 22.77 -14.77
C LEU F 228 -37.73 21.29 -14.72
N GLU F 229 -38.79 20.95 -15.43
CA GLU F 229 -39.35 19.60 -15.37
C GLU F 229 -38.35 18.61 -15.95
N LYS F 230 -37.53 19.04 -16.91
CA LYS F 230 -36.57 18.13 -17.50
C LYS F 230 -35.46 17.82 -16.50
N VAL F 231 -35.15 18.82 -15.66
CA VAL F 231 -34.15 18.66 -14.61
C VAL F 231 -34.68 17.69 -13.57
N LEU F 232 -35.89 17.98 -13.06
CA LEU F 232 -36.56 17.10 -12.10
C LEU F 232 -36.59 15.67 -12.64
N SER F 233 -36.91 15.49 -13.91
CA SER F 233 -37.06 14.14 -14.42
C SER F 233 -35.70 13.45 -14.50
N THR F 234 -34.63 14.16 -14.89
CA THR F 234 -33.32 13.53 -15.00
C THR F 234 -32.79 13.25 -13.59
N ASN F 235 -33.18 14.11 -12.64
CA ASN F 235 -32.86 13.97 -11.22
C ASN F 235 -31.39 13.66 -11.00
N PRO F 236 -30.49 14.62 -11.27
CA PRO F 236 -29.06 14.35 -11.29
C PRO F 236 -28.46 14.24 -9.88
N ASP F 237 -27.28 13.61 -9.83
CA ASP F 237 -26.61 13.30 -8.58
C ASP F 237 -26.28 14.59 -7.83
N ILE F 238 -25.84 15.63 -8.59
CA ILE F 238 -25.24 16.85 -8.05
C ILE F 238 -25.86 18.06 -8.71
N TYR F 239 -26.27 19.03 -7.88
CA TYR F 239 -26.81 20.28 -8.38
C TYR F 239 -25.82 21.40 -8.07
N ILE F 240 -25.57 22.30 -9.03
CA ILE F 240 -24.68 23.44 -8.85
C ILE F 240 -25.39 24.69 -9.36
N ALA F 241 -25.38 25.75 -8.56
CA ALA F 241 -25.98 27.01 -8.99
C ALA F 241 -24.86 28.04 -9.14
N SER F 242 -24.85 28.82 -10.23
CA SER F 242 -23.92 29.91 -10.35
C SER F 242 -24.64 31.21 -10.05
N GLY F 243 -23.90 32.16 -9.47
CA GLY F 243 -24.35 33.53 -9.26
C GLY F 243 -23.18 34.46 -8.95
N GLY F 244 -23.40 35.77 -9.07
CA GLY F 244 -22.42 36.76 -8.68
C GLY F 244 -23.05 37.97 -8.01
N LYS F 245 -24.20 37.76 -7.35
CA LYS F 245 -24.99 38.85 -6.85
C LYS F 245 -24.30 39.50 -5.66
N ALA F 246 -24.34 40.85 -5.62
CA ALA F 246 -23.81 41.60 -4.49
C ALA F 246 -24.63 41.35 -3.24
N PRO F 247 -24.04 41.35 -2.04
CA PRO F 247 -24.78 41.08 -0.80
C PRO F 247 -26.02 41.96 -0.62
N ASP F 248 -25.85 43.26 -0.90
CA ASP F 248 -26.93 44.21 -0.62
C ASP F 248 -27.75 44.50 -1.87
N ASN F 249 -28.10 43.43 -2.58
CA ASN F 249 -28.88 43.51 -3.82
C ASN F 249 -30.09 42.60 -3.62
N ASN F 250 -31.29 43.21 -3.58
CA ASN F 250 -32.52 42.50 -3.26
C ASN F 250 -33.10 41.77 -4.47
N ALA F 251 -32.45 41.87 -5.64
CA ALA F 251 -32.79 41.04 -6.78
C ALA F 251 -32.59 39.56 -6.47
N PRO F 252 -33.24 38.63 -7.21
CA PRO F 252 -33.05 37.21 -6.96
C PRO F 252 -31.69 36.71 -7.45
N GLY F 253 -31.14 35.71 -6.75
CA GLY F 253 -29.93 35.03 -7.18
C GLY F 253 -29.02 34.69 -6.00
N VAL F 254 -27.91 34.02 -6.32
CA VAL F 254 -26.90 33.64 -5.37
C VAL F 254 -25.86 34.75 -5.25
N SER F 255 -25.56 35.12 -3.99
CA SER F 255 -24.52 36.08 -3.68
C SER F 255 -23.18 35.33 -3.59
N LEU F 256 -22.26 35.70 -4.48
CA LEU F 256 -20.88 35.26 -4.42
C LEU F 256 -20.02 36.39 -4.97
N GLY F 257 -18.78 36.52 -4.45
CA GLY F 257 -17.79 37.43 -4.98
C GLY F 257 -16.90 38.03 -3.87
N ALA F 258 -16.09 39.03 -4.25
CA ALA F 258 -15.09 39.59 -3.37
C ALA F 258 -15.65 40.18 -2.07
N GLN F 259 -16.92 40.60 -2.05
CA GLN F 259 -17.45 41.26 -0.85
C GLN F 259 -18.55 40.41 -0.20
N VAL F 260 -18.51 39.09 -0.39
CA VAL F 260 -19.53 38.21 0.13
C VAL F 260 -18.91 37.32 1.20
N THR F 261 -19.63 37.25 2.33
CA THR F 261 -19.22 36.35 3.42
C THR F 261 -19.77 34.98 3.17
N LYS F 262 -19.22 33.97 3.82
CA LYS F 262 -19.73 32.60 3.69
C LYS F 262 -21.19 32.54 4.15
N GLU F 263 -21.54 33.26 5.21
CA GLU F 263 -22.92 33.28 5.74
C GLU F 263 -23.86 33.78 4.65
N GLN F 264 -23.57 34.94 4.09
CA GLN F 264 -24.41 35.51 3.01
C GLN F 264 -24.51 34.50 1.85
N ALA F 265 -23.40 33.89 1.47
CA ALA F 265 -23.40 32.91 0.37
C ALA F 265 -24.27 31.72 0.74
N GLN F 266 -24.11 31.21 1.95
CA GLN F 266 -24.87 30.02 2.40
C GLN F 266 -26.36 30.37 2.46
N SER F 267 -26.68 31.52 3.03
CA SER F 267 -28.10 31.95 3.14
C SER F 267 -28.71 32.13 1.75
N SER F 268 -27.99 32.77 0.83
CA SER F 268 -28.60 33.06 -0.46
C SER F 268 -28.65 31.81 -1.35
N LEU F 269 -27.70 30.87 -1.21
CA LEU F 269 -27.78 29.59 -1.92
C LEU F 269 -29.05 28.87 -1.46
N GLN F 270 -29.35 28.93 -0.16
CA GLN F 270 -30.47 28.22 0.42
C GLN F 270 -31.78 28.76 -0.18
N THR F 271 -31.93 30.07 -0.31
CA THR F 271 -33.09 30.63 -1.00
C THR F 271 -33.24 29.96 -2.37
N ILE F 272 -32.13 29.87 -3.11
CA ILE F 272 -32.13 29.29 -4.43
C ILE F 272 -32.55 27.82 -4.37
N LEU F 273 -32.13 27.08 -3.33
CA LEU F 273 -32.45 25.67 -3.19
C LEU F 273 -33.86 25.46 -2.62
N ASP F 274 -34.50 26.50 -2.09
CA ASP F 274 -35.83 26.39 -1.50
C ASP F 274 -36.94 26.63 -2.53
N ARG F 275 -36.58 26.92 -3.79
CA ARG F 275 -37.54 27.15 -4.86
C ARG F 275 -38.32 25.88 -5.19
N LYS F 276 -39.60 26.06 -5.54
CA LYS F 276 -40.49 24.97 -5.90
C LYS F 276 -39.79 24.11 -6.97
N GLY F 277 -39.86 22.80 -6.78
CA GLY F 277 -39.34 21.87 -7.77
C GLY F 277 -37.88 21.54 -7.47
N ILE F 278 -37.04 22.57 -7.47
CA ILE F 278 -35.63 22.45 -7.14
C ILE F 278 -35.49 21.74 -5.79
N ASN F 279 -36.36 22.10 -4.83
CA ASN F 279 -36.21 21.65 -3.46
C ASN F 279 -36.56 20.18 -3.28
N THR F 280 -37.06 19.52 -4.32
CA THR F 280 -37.37 18.11 -4.21
C THR F 280 -36.30 17.29 -4.91
N LEU F 281 -35.32 17.94 -5.55
CA LEU F 281 -34.25 17.22 -6.22
C LEU F 281 -33.56 16.32 -5.19
N SER F 282 -33.22 15.10 -5.62
CA SER F 282 -32.41 14.21 -4.80
C SER F 282 -31.12 14.88 -4.34
N ALA F 283 -30.43 15.57 -5.26
CA ALA F 283 -29.18 16.21 -4.95
C ALA F 283 -29.37 17.26 -3.86
N VAL F 284 -30.48 18.01 -3.89
CA VAL F 284 -30.71 19.03 -2.87
C VAL F 284 -30.98 18.38 -1.51
N LYS F 285 -31.81 17.34 -1.49
CA LYS F 285 -32.18 16.67 -0.26
C LYS F 285 -30.97 15.98 0.37
N ASN F 286 -30.13 15.37 -0.48
CA ASN F 286 -28.91 14.69 -0.07
C ASN F 286 -27.76 15.66 0.23
N GLY F 287 -27.98 16.97 0.02
CA GLY F 287 -26.97 17.95 0.35
C GLY F 287 -25.83 18.05 -0.67
N ARG F 288 -25.94 17.38 -1.81
CA ARG F 288 -24.97 17.57 -2.89
C ARG F 288 -25.39 18.77 -3.75
N SER F 289 -25.43 19.94 -3.10
CA SER F 289 -25.87 21.17 -3.71
C SER F 289 -24.85 22.28 -3.40
N TYR F 290 -24.49 23.06 -4.42
CA TYR F 290 -23.34 23.93 -4.34
C TYR F 290 -23.58 25.21 -5.10
N GLY F 291 -22.76 26.21 -4.78
CA GLY F 291 -22.74 27.50 -5.47
C GLY F 291 -21.35 27.80 -6.01
N ILE F 292 -21.32 28.31 -7.24
CA ILE F 292 -20.05 28.70 -7.91
C ILE F 292 -20.23 30.11 -8.47
N TRP F 293 -19.20 30.93 -8.40
CA TRP F 293 -19.26 32.31 -8.84
C TRP F 293 -19.37 32.39 -10.36
N HIS F 294 -20.39 33.12 -10.82
CA HIS F 294 -20.81 33.04 -12.22
C HIS F 294 -19.71 33.43 -13.18
N ASN F 295 -18.92 34.45 -12.83
CA ASN F 295 -18.02 35.06 -13.79
C ASN F 295 -16.87 34.12 -14.15
N PHE F 296 -16.80 32.95 -13.48
CA PHE F 296 -15.84 31.94 -13.86
C PHE F 296 -16.21 31.37 -15.22
N TYR F 297 -17.41 31.74 -15.71
CA TYR F 297 -17.93 31.29 -16.99
C TYR F 297 -17.18 32.01 -18.11
N ASN F 298 -16.35 33.00 -17.76
CA ASN F 298 -15.57 33.73 -18.75
C ASN F 298 -14.34 34.35 -18.10
N SER F 299 -13.43 33.52 -17.61
CA SER F 299 -12.25 33.99 -16.91
C SER F 299 -11.19 32.90 -16.86
N PRO F 300 -9.90 33.23 -17.12
CA PRO F 300 -8.84 32.24 -17.02
C PRO F 300 -8.54 31.86 -15.56
N TYR F 301 -9.22 32.49 -14.60
CA TYR F 301 -9.19 32.04 -13.23
C TYR F 301 -10.08 30.80 -13.05
N ASN F 302 -10.61 30.26 -14.17
CA ASN F 302 -11.57 29.17 -14.12
C ASN F 302 -10.98 27.89 -13.52
N VAL F 303 -9.66 27.82 -13.35
CA VAL F 303 -9.06 26.66 -12.70
C VAL F 303 -9.60 26.54 -11.27
N LEU F 304 -10.02 27.64 -10.67
CA LEU F 304 -10.61 27.59 -9.30
C LEU F 304 -11.93 26.81 -9.29
N ALA F 305 -12.74 26.99 -10.31
CA ALA F 305 -14.04 26.29 -10.42
C ALA F 305 -13.83 24.81 -10.72
N ILE F 306 -12.95 24.50 -11.67
CA ILE F 306 -12.61 23.10 -12.02
C ILE F 306 -12.19 22.34 -10.76
N GLN F 307 -11.42 22.98 -9.88
CA GLN F 307 -11.01 22.34 -8.60
C GLN F 307 -12.22 22.21 -7.65
N SER F 308 -13.08 23.24 -7.58
CA SER F 308 -14.25 23.20 -6.69
C SER F 308 -15.18 22.06 -7.13
N PHE F 309 -15.34 21.90 -8.44
CA PHE F 309 -16.21 20.85 -9.00
C PHE F 309 -15.62 19.51 -8.64
N ALA F 310 -14.32 19.35 -8.81
CA ALA F 310 -13.69 18.05 -8.55
C ALA F 310 -13.89 17.62 -7.10
N LYS F 311 -13.76 18.56 -6.18
CA LYS F 311 -13.93 18.27 -4.74
C LYS F 311 -15.39 17.89 -4.47
N TRP F 312 -16.31 18.51 -5.18
CA TRP F 312 -17.73 18.18 -5.04
C TRP F 312 -18.03 16.83 -5.71
N PHE F 313 -17.38 16.52 -6.83
CA PHE F 313 -17.68 15.29 -7.55
C PHE F 313 -17.06 14.08 -6.85
N TYR F 314 -15.90 14.25 -6.21
CA TYR F 314 -15.27 13.12 -5.52
C TYR F 314 -14.63 13.56 -4.20
N PRO F 315 -15.44 13.90 -3.16
CA PRO F 315 -14.91 14.60 -1.98
C PRO F 315 -13.64 14.01 -1.38
N GLN F 316 -13.55 12.69 -1.28
CA GLN F 316 -12.38 12.11 -0.60
C GLN F 316 -11.18 12.12 -1.56
N GLN F 317 -11.39 11.80 -2.82
CA GLN F 317 -10.23 11.74 -3.70
C GLN F 317 -9.53 13.10 -3.80
N PHE F 318 -10.24 14.19 -3.50
CA PHE F 318 -9.69 15.54 -3.53
C PHE F 318 -9.82 16.20 -2.15
N ALA F 319 -9.73 15.38 -1.09
CA ALA F 319 -9.79 15.90 0.28
C ALA F 319 -8.68 16.91 0.53
N ASP F 320 -7.49 16.60 -0.02
CA ASP F 320 -6.27 17.34 0.25
C ASP F 320 -6.15 18.60 -0.63
N LEU F 321 -6.98 18.72 -1.67
CA LEU F 321 -6.94 19.85 -2.58
C LEU F 321 -7.74 21.03 -2.03
N ASP F 322 -7.14 22.21 -2.08
CA ASP F 322 -7.74 23.42 -1.47
C ASP F 322 -7.74 24.56 -2.47
N PRO F 323 -8.90 24.94 -3.03
CA PRO F 323 -8.97 26.00 -4.07
C PRO F 323 -8.72 27.37 -3.46
N ASN F 324 -8.91 27.51 -2.14
CA ASN F 324 -8.59 28.80 -1.46
C ASN F 324 -7.08 29.03 -1.55
N ASN F 325 -6.29 27.96 -1.41
CA ASN F 325 -4.81 28.07 -1.54
C ASN F 325 -4.45 28.32 -3.01
N THR F 326 -5.13 27.68 -3.94
CA THR F 326 -4.89 27.99 -5.35
C THR F 326 -5.21 29.46 -5.57
N MET F 327 -6.30 29.93 -5.00
CA MET F 327 -6.71 31.34 -5.20
C MET F 327 -5.63 32.23 -4.59
N ASN F 328 -5.20 31.92 -3.37
CA ASN F 328 -4.21 32.80 -2.69
C ASN F 328 -2.93 32.84 -3.52
N SER F 329 -2.46 31.68 -3.97
CA SER F 329 -1.24 31.65 -4.82
C SER F 329 -1.46 32.50 -6.06
N LEU F 330 -2.61 32.36 -6.72
CA LEU F 330 -2.89 33.13 -7.93
C LEU F 330 -2.73 34.62 -7.63
N TYR F 331 -3.42 35.12 -6.60
CA TYR F 331 -3.41 36.55 -6.29
C TYR F 331 -2.00 37.04 -5.98
N SER F 332 -1.31 36.34 -5.09
CA SER F 332 -0.01 36.81 -4.64
C SER F 332 0.97 36.81 -5.82
N GLN F 333 0.96 35.76 -6.65
CA GLN F 333 1.89 35.68 -7.77
C GLN F 333 1.60 36.71 -8.87
N PHE F 334 0.33 37.09 -9.08
CA PHE F 334 -0.05 37.74 -10.34
C PHE F 334 -0.77 39.06 -10.14
N LEU F 335 -1.51 39.26 -9.05
CA LEU F 335 -2.46 40.35 -8.98
C LEU F 335 -1.99 41.46 -8.06
N ALA F 336 -2.78 42.53 -8.00
CA ALA F 336 -2.40 43.72 -7.28
C ALA F 336 -3.37 44.02 -6.16
N ILE F 337 -4.29 43.09 -5.88
CA ILE F 337 -5.23 43.26 -4.78
C ILE F 337 -5.14 42.04 -3.88
N GLU F 338 -5.83 42.12 -2.73
CA GLU F 338 -5.83 41.03 -1.76
C GLU F 338 -7.11 40.21 -1.96
N PRO F 339 -7.02 38.85 -1.96
CA PRO F 339 -8.21 38.01 -2.06
C PRO F 339 -9.16 38.18 -0.89
N THR F 340 -10.44 38.43 -1.15
CA THR F 340 -11.45 38.51 -0.12
C THR F 340 -12.71 37.85 -0.66
N GLY F 341 -13.66 37.57 0.25
CA GLY F 341 -15.00 37.14 -0.11
C GLY F 341 -15.07 35.63 -0.38
N THR F 342 -16.19 35.22 -0.98
CA THR F 342 -16.56 33.82 -1.12
C THR F 342 -16.86 33.54 -2.59
N TYR F 343 -16.06 32.69 -3.22
CA TYR F 343 -16.23 32.39 -4.64
C TYR F 343 -16.92 31.04 -4.85
N TRP F 344 -17.21 30.34 -3.75
CA TRP F 344 -17.86 29.01 -3.81
C TRP F 344 -18.50 28.77 -2.45
N VAL F 345 -19.52 27.91 -2.37
CA VAL F 345 -20.18 27.65 -1.10
C VAL F 345 -20.81 26.26 -1.16
N ASP F 346 -20.88 25.59 -0.01
CA ASP F 346 -21.60 24.33 0.17
C ASP F 346 -22.83 24.60 1.01
N SER F 347 -23.90 23.84 0.72
CA SER F 347 -25.17 23.99 1.42
C SER F 347 -25.03 23.44 2.83
N THR F 348 -25.71 24.12 3.77
CA THR F 348 -25.78 23.71 5.16
C THR F 348 -26.70 22.49 5.24
N GLU G 2 -1.37 -12.85 81.72
CA GLU G 2 -0.73 -12.13 80.59
C GLU G 2 -1.25 -12.71 79.26
N ASN G 3 -2.17 -11.98 78.61
CA ASN G 3 -2.81 -12.50 77.38
C ASN G 3 -2.75 -11.49 76.25
N ILE G 4 -2.76 -11.98 75.01
CA ILE G 4 -2.66 -11.10 73.81
C ILE G 4 -3.86 -11.38 72.89
N THR G 5 -4.33 -10.39 72.12
CA THR G 5 -5.35 -10.57 71.11
C THR G 5 -4.72 -10.78 69.74
N ASP G 6 -4.97 -11.92 69.08
CA ASP G 6 -4.32 -12.24 67.82
C ASP G 6 -5.10 -11.57 66.69
N MET G 7 -4.77 -11.94 65.44
CA MET G 7 -5.33 -11.29 64.26
C MET G 7 -6.72 -11.85 63.92
N ALA G 8 -7.12 -12.93 64.61
CA ALA G 8 -8.46 -13.47 64.49
C ALA G 8 -9.39 -12.95 65.59
N GLY G 9 -8.91 -11.99 66.41
CA GLY G 9 -9.70 -11.42 67.49
C GLY G 9 -9.72 -12.31 68.75
N ARG G 10 -8.98 -13.43 68.72
CA ARG G 10 -8.98 -14.41 69.80
C ARG G 10 -7.92 -14.04 70.84
N SER G 11 -8.25 -14.23 72.12
CA SER G 11 -7.26 -14.02 73.20
C SER G 11 -6.34 -15.24 73.29
N VAL G 12 -5.05 -14.99 73.43
CA VAL G 12 -4.06 -16.11 73.54
C VAL G 12 -3.23 -15.81 74.79
N VAL G 13 -3.09 -16.79 75.68
CA VAL G 13 -2.23 -16.60 76.88
C VAL G 13 -0.79 -16.89 76.46
N ILE G 14 0.14 -16.04 76.88
CA ILE G 14 1.57 -16.19 76.45
C ILE G 14 2.23 -17.33 77.22
N PRO G 15 2.81 -18.32 76.53
CA PRO G 15 3.57 -19.41 77.20
C PRO G 15 4.72 -18.81 78.01
N ALA G 16 5.05 -19.40 79.16
CA ALA G 16 6.13 -18.88 79.99
C ALA G 16 7.46 -18.97 79.22
N LYS G 17 7.71 -20.11 78.57
CA LYS G 17 8.87 -20.30 77.73
C LYS G 17 8.42 -21.08 76.50
N VAL G 18 8.91 -20.67 75.33
CA VAL G 18 8.59 -21.31 74.07
C VAL G 18 9.86 -21.95 73.52
N GLU G 19 9.77 -23.22 73.13
CA GLU G 19 10.92 -23.88 72.52
C GLU G 19 10.52 -24.78 71.34
N ARG G 20 9.20 -24.86 71.04
CA ARG G 20 8.70 -25.78 70.05
C ARG G 20 7.59 -25.10 69.23
N ILE G 21 8.01 -24.22 68.32
CA ILE G 21 7.10 -23.44 67.49
C ILE G 21 6.66 -24.24 66.26
N LEU G 22 5.34 -24.30 66.06
CA LEU G 22 4.75 -24.91 64.89
C LEU G 22 4.31 -23.83 63.90
N LEU G 23 4.75 -23.97 62.64
CA LEU G 23 4.40 -22.99 61.63
C LEU G 23 3.34 -23.57 60.69
N GLY G 24 2.13 -23.03 60.83
CA GLY G 24 1.01 -23.44 60.01
C GLY G 24 1.26 -23.19 58.52
N GLU G 25 1.88 -22.05 58.21
CA GLU G 25 2.40 -21.80 56.88
C GLU G 25 3.89 -21.55 56.99
N GLY G 26 4.66 -22.33 56.22
CA GLY G 26 6.11 -22.28 56.24
C GLY G 26 6.68 -20.87 56.08
N ARG G 27 6.11 -20.11 55.14
CA ARG G 27 6.63 -18.78 54.87
C ARG G 27 6.29 -17.81 56.01
N LEU G 28 5.57 -18.26 57.05
CA LEU G 28 5.46 -17.46 58.26
C LEU G 28 6.80 -17.38 58.97
N PHE G 29 7.76 -18.22 58.54
CA PHE G 29 9.14 -18.18 59.00
C PHE G 29 9.72 -16.77 58.90
N TYR G 30 9.33 -16.04 57.85
CA TYR G 30 9.86 -14.71 57.57
C TYR G 30 9.61 -13.82 58.78
N ALA G 31 8.45 -13.95 59.42
CA ALA G 31 8.16 -13.10 60.57
C ALA G 31 9.00 -13.57 61.75
N VAL G 32 9.21 -14.89 61.82
CA VAL G 32 9.96 -15.48 62.93
C VAL G 32 11.42 -15.10 62.80
N SER G 33 11.94 -15.08 61.56
CA SER G 33 13.35 -14.81 61.31
C SER G 33 13.77 -13.44 61.84
N LEU G 34 12.84 -12.49 61.90
CA LEU G 34 13.14 -11.15 62.37
C LEU G 34 13.29 -11.12 63.90
N LEU G 35 12.99 -12.23 64.57
CA LEU G 35 13.00 -12.27 66.03
C LEU G 35 14.13 -13.15 66.57
N GLU G 36 14.60 -14.11 65.76
CA GLU G 36 15.46 -15.18 66.23
C GLU G 36 16.94 -14.90 66.04
N GLY G 37 17.29 -13.73 65.48
CA GLY G 37 18.68 -13.34 65.33
C GLY G 37 19.53 -14.40 64.60
N GLN G 38 20.64 -14.83 65.24
CA GLN G 38 21.60 -15.71 64.58
C GLN G 38 21.24 -17.17 64.76
N LYS G 39 20.15 -17.43 65.50
CA LYS G 39 19.66 -18.77 65.77
C LYS G 39 18.25 -18.94 65.19
N PRO G 40 18.08 -18.88 63.84
CA PRO G 40 16.77 -18.80 63.21
C PRO G 40 15.85 -20.01 63.41
N PHE G 41 16.43 -21.21 63.35
CA PHE G 41 15.68 -22.46 63.32
C PHE G 41 15.71 -23.19 64.65
N ASP G 42 16.25 -22.55 65.70
CA ASP G 42 16.51 -23.22 66.97
C ASP G 42 15.19 -23.64 67.64
N ARG G 43 14.11 -22.89 67.42
CA ARG G 43 12.86 -23.13 68.15
C ARG G 43 11.73 -23.66 67.27
N ILE G 44 12.01 -24.08 66.03
CA ILE G 44 11.00 -24.54 65.09
C ILE G 44 10.92 -26.06 65.17
N VAL G 45 9.79 -26.61 65.65
CA VAL G 45 9.59 -28.05 65.73
C VAL G 45 9.12 -28.62 64.40
N GLY G 46 8.41 -27.81 63.61
CA GLY G 46 7.91 -28.24 62.32
C GLY G 46 7.16 -27.12 61.62
N TRP G 47 6.95 -27.31 60.31
CA TRP G 47 6.35 -26.28 59.48
C TRP G 47 5.66 -26.89 58.24
N GLN G 48 4.65 -26.17 57.71
CA GLN G 48 4.11 -26.45 56.38
C GLN G 48 5.23 -26.42 55.34
N GLY G 49 5.11 -27.24 54.28
CA GLY G 49 6.17 -27.40 53.28
C GLY G 49 6.22 -26.30 52.23
N ASP G 50 5.48 -25.18 52.43
CA ASP G 50 5.40 -24.14 51.42
C ASP G 50 6.72 -23.38 51.34
N PHE G 51 7.35 -23.13 52.49
CA PHE G 51 8.64 -22.45 52.51
C PHE G 51 9.70 -23.28 51.79
N ARG G 52 9.71 -24.58 52.02
CA ARG G 52 10.75 -25.41 51.43
C ARG G 52 10.48 -25.67 49.95
N LYS G 53 9.19 -25.69 49.55
CA LYS G 53 8.85 -26.13 48.19
C LYS G 53 8.48 -24.95 47.30
N LEU G 54 7.98 -23.86 47.90
CA LEU G 54 7.59 -22.66 47.15
C LEU G 54 8.54 -21.49 47.44
N ASP G 55 9.67 -21.74 48.10
CA ASP G 55 10.67 -20.71 48.33
C ASP G 55 12.04 -21.37 48.28
N THR G 56 12.30 -22.10 47.20
CA THR G 56 13.42 -23.04 47.14
C THR G 56 14.72 -22.24 47.27
N GLN G 57 14.74 -21.02 46.71
CA GLN G 57 15.92 -20.20 46.70
C GLN G 57 16.28 -19.74 48.11
N THR G 58 15.37 -19.07 48.83
CA THR G 58 15.66 -18.62 50.18
C THR G 58 15.98 -19.83 51.07
N TYR G 59 15.29 -20.95 50.83
CA TYR G 59 15.58 -22.18 51.55
C TYR G 59 17.06 -22.58 51.33
N ALA G 60 17.51 -22.69 50.07
CA ALA G 60 18.84 -23.21 49.79
C ALA G 60 19.91 -22.36 50.47
N VAL G 61 19.69 -21.04 50.52
CA VAL G 61 20.66 -20.14 51.14
C VAL G 61 20.74 -20.44 52.64
N TYR G 62 19.61 -20.66 53.30
CA TYR G 62 19.64 -20.99 54.72
C TYR G 62 20.23 -22.39 54.95
N LYS G 63 20.07 -23.31 53.99
CA LYS G 63 20.57 -24.66 54.13
C LYS G 63 22.11 -24.69 54.11
N ALA G 64 22.70 -23.88 53.22
CA ALA G 64 24.14 -23.82 53.09
C ALA G 64 24.79 -23.35 54.40
N LYS G 65 24.11 -22.48 55.14
CA LYS G 65 24.64 -22.03 56.43
C LYS G 65 24.08 -22.86 57.58
N PHE G 66 22.89 -23.47 57.42
CA PHE G 66 22.29 -24.27 58.47
C PHE G 66 21.76 -25.58 57.88
N PRO G 67 22.55 -26.67 57.73
CA PRO G 67 22.07 -27.87 57.06
C PRO G 67 20.99 -28.63 57.83
N GLN G 68 20.81 -28.26 59.11
CA GLN G 68 19.82 -28.87 59.99
C GLN G 68 18.39 -28.47 59.60
N VAL G 69 18.24 -27.54 58.67
CA VAL G 69 16.94 -27.06 58.23
C VAL G 69 16.20 -28.20 57.50
N ASP G 70 16.95 -29.05 56.76
CA ASP G 70 16.41 -30.23 56.10
C ASP G 70 15.76 -31.21 57.08
N ASN G 71 16.07 -31.13 58.38
CA ASN G 71 15.57 -32.09 59.33
C ASN G 71 14.37 -31.55 60.09
N ILE G 72 13.98 -30.30 59.85
CA ILE G 72 12.75 -29.79 60.42
C ILE G 72 11.60 -30.53 59.74
N PRO G 73 10.68 -31.17 60.50
CA PRO G 73 9.59 -31.94 59.90
C PRO G 73 8.61 -31.07 59.10
N LEU G 74 8.20 -31.60 57.94
CA LEU G 74 7.17 -31.03 57.10
C LEU G 74 5.82 -31.62 57.50
N ILE G 75 4.91 -30.76 57.99
CA ILE G 75 3.61 -31.24 58.45
C ILE G 75 2.65 -31.44 57.28
N GLY G 76 3.00 -30.95 56.08
CA GLY G 76 2.22 -31.16 54.87
C GLY G 76 2.95 -30.63 53.65
N ASN G 77 2.25 -30.52 52.52
CA ASN G 77 2.84 -30.00 51.30
C ASN G 77 2.55 -28.51 51.21
N THR G 78 1.64 -28.08 50.31
CA THR G 78 1.44 -26.66 50.05
C THR G 78 -0.02 -26.25 50.22
N THR G 79 -0.86 -27.13 50.81
CA THR G 79 -2.28 -26.89 50.98
C THR G 79 -2.69 -27.32 52.39
N ALA G 80 -3.64 -26.59 52.97
CA ALA G 80 -4.15 -26.90 54.30
C ALA G 80 -4.66 -28.33 54.38
N ASP G 81 -5.25 -28.83 53.29
CA ASP G 81 -5.91 -30.14 53.30
C ASP G 81 -4.88 -31.29 53.32
N SER G 82 -3.59 -31.01 53.08
CA SER G 82 -2.58 -32.06 53.04
C SER G 82 -1.87 -32.21 54.39
N ILE G 83 -2.24 -31.37 55.38
CA ILE G 83 -1.62 -31.43 56.70
C ILE G 83 -2.23 -32.58 57.49
N SER G 84 -1.39 -33.54 57.89
CA SER G 84 -1.75 -34.59 58.84
C SER G 84 -1.80 -34.01 60.25
N PRO G 85 -2.97 -33.93 60.92
CA PRO G 85 -3.03 -33.42 62.29
C PRO G 85 -2.31 -34.34 63.28
N GLU G 86 -2.11 -35.59 62.88
CA GLU G 86 -1.46 -36.59 63.72
C GLU G 86 0.03 -36.26 63.80
N LYS G 87 0.70 -36.08 62.64
CA LYS G 87 2.11 -35.72 62.65
C LYS G 87 2.30 -34.43 63.44
N VAL G 88 1.38 -33.47 63.31
CA VAL G 88 1.46 -32.21 64.03
C VAL G 88 1.52 -32.44 65.53
N LEU G 89 0.62 -33.29 66.05
CA LEU G 89 0.44 -33.40 67.49
C LEU G 89 1.62 -34.17 68.11
N THR G 90 2.24 -35.10 67.37
CA THR G 90 3.37 -35.87 67.88
C THR G 90 4.65 -35.00 67.99
N LEU G 91 4.65 -33.80 67.41
CA LEU G 91 5.78 -32.90 67.59
C LEU G 91 5.63 -32.13 68.88
N ASN G 92 4.51 -32.30 69.58
CA ASN G 92 4.32 -31.69 70.88
C ASN G 92 4.71 -30.22 70.83
N PRO G 93 4.13 -29.41 69.95
CA PRO G 93 4.36 -27.97 69.96
C PRO G 93 3.90 -27.31 71.25
N ASP G 94 4.55 -26.19 71.62
CA ASP G 94 4.09 -25.39 72.74
C ASP G 94 3.48 -24.10 72.24
N ILE G 95 3.60 -23.85 70.92
CA ILE G 95 2.82 -22.81 70.27
C ILE G 95 2.70 -23.09 68.76
N ALA G 96 1.56 -22.69 68.21
CA ALA G 96 1.31 -22.83 66.78
C ALA G 96 0.96 -21.46 66.20
N ILE G 97 1.70 -21.08 65.14
CA ILE G 97 1.46 -19.83 64.44
C ILE G 97 0.80 -20.15 63.09
N PHE G 98 -0.40 -19.56 62.90
CA PHE G 98 -1.20 -19.77 61.70
C PHE G 98 -1.55 -18.41 61.10
N GLY G 99 -1.92 -18.45 59.81
CA GLY G 99 -2.34 -17.29 59.03
C GLY G 99 -3.85 -17.30 58.78
N LEU G 100 -4.48 -16.11 58.90
CA LEU G 100 -5.89 -15.93 58.60
C LEU G 100 -6.18 -16.53 57.23
N SER G 101 -5.24 -16.42 56.28
CA SER G 101 -5.42 -17.00 54.97
C SER G 101 -4.12 -17.66 54.52
N GLY G 102 -4.21 -18.48 53.46
CA GLY G 102 -3.02 -18.94 52.77
C GLY G 102 -3.00 -20.45 52.60
N HIS G 103 -1.80 -21.01 52.50
CA HIS G 103 -1.61 -22.42 52.17
C HIS G 103 -1.62 -23.28 53.43
N GLY G 104 -2.07 -22.70 54.55
CA GLY G 104 -2.14 -23.41 55.82
C GLY G 104 -3.50 -23.21 56.50
N PRO G 105 -3.78 -23.94 57.60
CA PRO G 105 -5.08 -23.88 58.26
C PRO G 105 -5.52 -22.48 58.70
N GLY G 106 -6.84 -22.28 58.68
CA GLY G 106 -7.43 -21.02 59.09
C GLY G 106 -8.10 -21.17 60.45
N LYS G 107 -8.80 -20.13 60.88
CA LYS G 107 -9.30 -20.01 62.24
C LYS G 107 -10.37 -21.06 62.56
N ASN G 108 -10.98 -21.66 61.54
CA ASN G 108 -12.11 -22.55 61.75
C ASN G 108 -11.74 -23.99 61.43
N SER G 109 -10.46 -24.27 61.17
CA SER G 109 -10.06 -25.62 60.81
C SER G 109 -10.16 -26.55 62.03
N GLU G 110 -10.19 -27.86 61.73
CA GLU G 110 -10.34 -28.89 62.75
C GLU G 110 -9.04 -28.94 63.57
N LEU G 111 -7.90 -28.77 62.87
CA LEU G 111 -6.58 -28.83 63.49
C LEU G 111 -6.46 -27.77 64.59
N VAL G 112 -7.00 -26.58 64.37
CA VAL G 112 -7.00 -25.56 65.39
C VAL G 112 -7.79 -26.02 66.62
N LYS G 113 -8.89 -26.75 66.42
CA LYS G 113 -9.69 -27.23 67.54
C LYS G 113 -8.96 -28.36 68.26
N GLN G 114 -8.35 -29.28 67.49
CA GLN G 114 -7.54 -30.33 68.07
C GLN G 114 -6.46 -29.77 68.98
N LEU G 115 -5.77 -28.72 68.52
CA LEU G 115 -4.69 -28.13 69.27
C LEU G 115 -5.25 -27.50 70.55
N GLU G 116 -6.45 -26.92 70.50
CA GLU G 116 -7.06 -26.32 71.68
C GLU G 116 -7.37 -27.42 72.70
N LYS G 117 -7.78 -28.61 72.21
CA LYS G 117 -8.08 -29.74 73.09
C LYS G 117 -6.78 -30.26 73.72
N ALA G 118 -5.65 -30.13 72.99
CA ALA G 118 -4.36 -30.63 73.44
C ALA G 118 -3.65 -29.65 74.38
N GLY G 119 -4.25 -28.47 74.60
CA GLY G 119 -3.69 -27.47 75.52
C GLY G 119 -2.60 -26.61 74.87
N VAL G 120 -2.57 -26.55 73.53
CA VAL G 120 -1.53 -25.84 72.78
C VAL G 120 -2.07 -24.47 72.37
N PRO G 121 -1.46 -23.34 72.80
CA PRO G 121 -1.86 -22.00 72.33
C PRO G 121 -1.69 -21.85 70.82
N VAL G 122 -2.66 -21.20 70.18
CA VAL G 122 -2.63 -20.94 68.74
C VAL G 122 -2.66 -19.42 68.53
N VAL G 123 -1.77 -18.91 67.66
CA VAL G 123 -1.76 -17.50 67.34
C VAL G 123 -1.97 -17.29 65.83
N PHE G 124 -2.95 -16.43 65.52
CA PHE G 124 -3.23 -16.02 64.16
C PHE G 124 -2.57 -14.68 63.88
N VAL G 125 -1.77 -14.66 62.81
CA VAL G 125 -1.16 -13.47 62.26
C VAL G 125 -1.72 -13.24 60.84
N ASP G 126 -1.35 -12.12 60.20
CA ASP G 126 -1.77 -11.86 58.83
C ASP G 126 -0.85 -10.86 58.13
N PHE G 127 -0.26 -11.30 57.01
CA PHE G 127 0.51 -10.44 56.13
C PHE G 127 -0.05 -10.45 54.71
N ARG G 128 -1.23 -11.06 54.54
CA ARG G 128 -1.67 -11.56 53.24
C ARG G 128 -3.04 -11.03 52.83
N THR G 129 -3.98 -11.11 53.77
CA THR G 129 -5.31 -10.59 53.52
C THR G 129 -5.26 -9.07 53.67
N SER G 130 -4.78 -8.58 54.80
CA SER G 130 -4.85 -7.14 55.10
C SER G 130 -3.50 -6.64 55.61
N PRO G 131 -2.45 -6.70 54.77
CA PRO G 131 -1.12 -6.29 55.18
C PRO G 131 -1.08 -4.94 55.88
N LEU G 132 -1.82 -3.96 55.37
CA LEU G 132 -1.76 -2.61 55.94
C LEU G 132 -2.28 -2.63 57.39
N LYS G 133 -3.41 -3.29 57.63
CA LYS G 133 -3.99 -3.32 58.97
C LYS G 133 -3.14 -4.23 59.88
N ASN G 134 -2.61 -5.33 59.33
CA ASN G 134 -2.23 -6.47 60.16
C ASN G 134 -0.72 -6.66 60.33
N THR G 135 0.11 -6.18 59.39
CA THR G 135 1.53 -6.53 59.42
C THR G 135 2.15 -6.16 60.77
N LEU G 136 2.02 -4.90 61.18
CA LEU G 136 2.70 -4.44 62.40
C LEU G 136 2.06 -5.07 63.63
N PRO G 137 0.72 -5.04 63.79
CA PRO G 137 0.11 -5.75 64.91
C PRO G 137 0.53 -7.22 65.01
N SER G 138 0.70 -7.89 63.86
CA SER G 138 1.15 -9.28 63.85
C SER G 138 2.53 -9.43 64.49
N MET G 139 3.47 -8.53 64.12
CA MET G 139 4.81 -8.58 64.67
C MET G 139 4.77 -8.28 66.18
N ARG G 140 3.99 -7.28 66.59
CA ARG G 140 3.86 -6.95 68.01
C ARG G 140 3.45 -8.21 68.78
N VAL G 141 2.43 -8.88 68.26
CA VAL G 141 1.92 -10.08 68.91
C VAL G 141 2.98 -11.19 68.92
N LEU G 142 3.65 -11.43 67.79
CA LEU G 142 4.62 -12.52 67.75
C LEU G 142 5.73 -12.24 68.77
N GLY G 143 6.10 -10.97 68.87
CA GLY G 143 7.07 -10.52 69.87
C GLY G 143 6.69 -10.99 71.28
N LYS G 144 5.41 -10.81 71.66
CA LYS G 144 4.98 -11.06 73.02
C LYS G 144 4.94 -12.55 73.29
N VAL G 145 4.44 -13.35 72.34
CA VAL G 145 4.20 -14.76 72.60
C VAL G 145 5.50 -15.55 72.45
N LEU G 146 6.48 -15.02 71.68
CA LEU G 146 7.74 -15.71 71.47
C LEU G 146 8.88 -15.15 72.35
N HIS G 147 8.55 -14.13 73.18
CA HIS G 147 9.51 -13.50 74.08
C HIS G 147 10.67 -12.91 73.29
N ARG G 148 10.32 -12.05 72.32
CA ARG G 148 11.28 -11.33 71.51
C ARG G 148 10.73 -9.94 71.27
N GLU G 149 10.21 -9.33 72.34
CA GLU G 149 9.60 -8.00 72.27
C GLU G 149 10.61 -6.98 71.74
N GLN G 150 11.87 -7.11 72.13
CA GLN G 150 12.88 -6.15 71.70
C GLN G 150 13.05 -6.23 70.17
N GLN G 151 13.26 -7.45 69.64
CA GLN G 151 13.45 -7.62 68.21
C GLN G 151 12.23 -7.11 67.45
N ALA G 152 11.04 -7.43 67.95
CA ALA G 152 9.81 -7.02 67.32
C ALA G 152 9.70 -5.49 67.27
N ASN G 153 9.93 -4.83 68.41
CA ASN G 153 9.83 -3.38 68.49
C ASN G 153 10.88 -2.73 67.61
N ASP G 154 12.07 -3.33 67.53
CA ASP G 154 13.12 -2.85 66.65
C ASP G 154 12.65 -2.93 65.20
N TYR G 155 11.97 -4.01 64.82
CA TYR G 155 11.57 -4.21 63.43
C TYR G 155 10.42 -3.28 63.06
N ILE G 156 9.49 -3.05 64.00
CA ILE G 156 8.39 -2.13 63.80
C ILE G 156 8.95 -0.72 63.55
N LYS G 157 9.91 -0.28 64.37
CA LYS G 157 10.46 1.05 64.19
C LYS G 157 11.10 1.15 62.81
N PHE G 158 11.90 0.14 62.42
CA PHE G 158 12.53 0.09 61.11
C PHE G 158 11.49 0.17 59.99
N TYR G 159 10.42 -0.62 60.13
CA TYR G 159 9.38 -0.70 59.12
C TYR G 159 8.65 0.63 58.99
N GLU G 160 8.15 1.17 60.11
CA GLU G 160 7.41 2.42 60.11
C GLU G 160 8.24 3.55 59.47
N ASP G 161 9.53 3.61 59.82
CA ASP G 161 10.42 4.64 59.31
C ASP G 161 10.56 4.50 57.80
N ASN G 162 10.71 3.27 57.31
CA ASN G 162 10.99 3.04 55.90
C ASN G 162 9.73 3.18 55.05
N VAL G 163 8.57 2.88 55.63
CA VAL G 163 7.28 3.14 54.99
C VAL G 163 7.00 4.64 55.02
N ARG G 164 7.32 5.34 56.13
CA ARG G 164 7.02 6.76 56.25
C ARG G 164 7.74 7.54 55.14
N LYS G 165 8.89 7.02 54.70
CA LYS G 165 9.62 7.61 53.59
C LYS G 165 8.75 7.69 52.33
N VAL G 166 7.82 6.74 52.18
CA VAL G 166 6.89 6.74 51.06
C VAL G 166 5.64 7.55 51.42
N THR G 167 5.00 7.23 52.55
CA THR G 167 3.68 7.79 52.82
C THR G 167 3.73 9.30 53.06
N GLU G 168 4.86 9.84 53.56
CA GLU G 168 4.97 11.28 53.75
C GLU G 168 4.66 12.01 52.44
N ILE G 169 5.00 11.37 51.31
CA ILE G 169 4.81 11.94 49.99
C ILE G 169 3.45 11.49 49.42
N THR G 170 3.18 10.18 49.35
CA THR G 170 2.02 9.69 48.62
C THR G 170 0.71 9.93 49.35
N SER G 171 0.73 10.19 50.66
CA SER G 171 -0.52 10.42 51.38
C SER G 171 -1.16 11.76 51.00
N LYS G 172 -0.39 12.68 50.42
CA LYS G 172 -0.88 13.99 50.03
C LYS G 172 -1.26 14.05 48.55
N ILE G 173 -1.01 12.99 47.77
CA ILE G 173 -1.28 13.02 46.34
C ILE G 173 -2.76 12.76 46.10
N PRO G 174 -3.47 13.62 45.33
CA PRO G 174 -4.88 13.39 45.04
C PRO G 174 -5.11 12.34 43.94
N ALA G 175 -6.28 11.69 44.01
CA ALA G 175 -6.59 10.48 43.28
C ALA G 175 -6.36 10.65 41.78
N ASP G 176 -6.66 11.85 41.27
CA ASP G 176 -6.66 12.12 39.84
C ASP G 176 -5.25 12.28 39.30
N LYS G 177 -4.26 12.37 40.19
CA LYS G 177 -2.86 12.48 39.74
C LYS G 177 -2.14 11.15 39.98
N LYS G 178 -2.90 10.14 40.39
CA LYS G 178 -2.30 8.82 40.70
C LYS G 178 -2.31 7.96 39.44
N PRO G 179 -1.30 7.09 39.23
CA PRO G 179 -1.30 6.16 38.07
C PRO G 179 -2.20 4.94 38.25
N SER G 180 -2.90 4.55 37.19
CA SER G 180 -3.60 3.28 37.26
C SER G 180 -2.57 2.15 37.18
N VAL G 181 -2.84 1.06 37.94
CA VAL G 181 -1.90 -0.03 38.10
C VAL G 181 -2.67 -1.34 38.05
N PHE G 182 -2.10 -2.30 37.32
CA PHE G 182 -2.54 -3.69 37.40
C PHE G 182 -1.38 -4.56 37.85
N ILE G 183 -1.60 -5.38 38.89
CA ILE G 183 -0.61 -6.36 39.30
C ILE G 183 -1.07 -7.77 38.94
N GLU G 184 -0.25 -8.47 38.17
CA GLU G 184 -0.57 -9.81 37.74
C GLU G 184 0.25 -10.79 38.58
N LEU G 185 -0.38 -11.41 39.59
CA LEU G 185 0.27 -12.33 40.51
C LEU G 185 0.65 -13.63 39.79
N ARG G 186 1.87 -14.08 40.02
CA ARG G 186 2.38 -15.31 39.42
C ARG G 186 2.02 -15.30 37.94
N ALA G 187 2.32 -14.15 37.34
CA ALA G 187 2.04 -13.91 35.93
C ALA G 187 2.66 -15.03 35.10
N GLY G 188 1.92 -15.47 34.07
CA GLY G 188 2.42 -16.46 33.13
C GLY G 188 2.31 -17.87 33.68
N ALA G 189 2.18 -18.02 35.01
CA ALA G 189 2.38 -19.30 35.68
C ALA G 189 1.07 -19.95 36.13
N MET G 190 -0.06 -19.26 35.97
CA MET G 190 -1.35 -19.82 36.30
C MET G 190 -2.02 -20.40 35.05
N GLU G 191 -2.99 -21.30 35.27
CA GLU G 191 -3.68 -21.98 34.18
C GLU G 191 -4.47 -20.95 33.37
N GLU G 192 -5.20 -20.07 34.08
CA GLU G 192 -6.03 -19.04 33.50
C GLU G 192 -5.54 -17.67 33.99
N CYS G 193 -5.32 -16.78 33.02
CA CYS G 193 -4.93 -15.40 33.26
C CYS G 193 -6.19 -14.62 33.62
N CYS G 194 -6.16 -13.64 34.53
CA CYS G 194 -4.97 -13.15 35.19
C CYS G 194 -5.24 -12.96 36.69
N GLY G 195 -4.45 -13.61 37.54
CA GLY G 195 -4.57 -13.45 38.98
C GLY G 195 -4.15 -12.05 39.40
N THR G 196 -4.77 -11.51 40.45
CA THR G 196 -4.42 -10.19 40.92
C THR G 196 -4.93 -9.98 42.33
N ALA G 197 -4.74 -8.77 42.82
CA ALA G 197 -5.13 -8.46 44.19
C ALA G 197 -6.15 -7.34 44.16
N GLY G 198 -7.13 -7.43 45.05
CA GLY G 198 -8.22 -6.49 45.14
C GLY G 198 -7.97 -5.50 46.28
N LYS G 199 -8.98 -5.32 47.14
CA LYS G 199 -8.82 -4.57 48.37
C LYS G 199 -8.16 -5.47 49.40
N GLY G 200 -6.83 -5.59 49.28
CA GLY G 200 -6.02 -6.40 50.19
C GLY G 200 -4.81 -6.98 49.45
N ASN G 201 -3.97 -7.72 50.18
CA ASN G 201 -2.76 -8.28 49.59
C ASN G 201 -1.98 -7.13 48.98
N MET G 202 -1.31 -7.40 47.84
CA MET G 202 -0.45 -6.41 47.21
C MET G 202 -1.20 -5.14 46.84
N GLY G 203 -2.53 -5.22 46.80
CA GLY G 203 -3.35 -4.03 46.64
C GLY G 203 -3.08 -3.00 47.72
N ASP G 204 -2.83 -3.46 48.95
CA ASP G 204 -2.53 -2.54 50.03
C ASP G 204 -1.25 -1.77 49.70
N PHE G 205 -0.31 -2.44 49.00
CA PHE G 205 0.97 -1.83 48.69
C PHE G 205 0.81 -0.76 47.62
N ILE G 206 -0.04 -1.07 46.63
CA ILE G 206 -0.35 -0.11 45.60
C ILE G 206 -0.98 1.11 46.23
N ASP G 207 -1.91 0.90 47.16
CA ASP G 207 -2.60 2.01 47.82
C ASP G 207 -1.58 2.91 48.53
N GLN G 208 -0.73 2.29 49.35
CA GLN G 208 0.24 3.01 50.16
C GLN G 208 1.22 3.79 49.28
N ALA G 209 1.68 3.15 48.18
CA ALA G 209 2.66 3.75 47.30
C ALA G 209 2.04 4.82 46.39
N GLY G 210 0.74 5.11 46.60
CA GLY G 210 0.06 6.20 45.92
C GLY G 210 -0.42 5.80 44.52
N GLY G 211 -0.58 4.50 44.28
CA GLY G 211 -1.12 4.01 43.02
C GLY G 211 -2.63 3.77 43.09
N ASN G 212 -3.23 3.51 41.92
CA ASN G 212 -4.64 3.25 41.77
C ASN G 212 -4.80 1.85 41.16
N ASN G 213 -5.18 0.91 42.03
CA ASN G 213 -5.29 -0.49 41.66
C ASN G 213 -6.56 -0.67 40.84
N MET G 214 -6.40 -1.08 39.57
CA MET G 214 -7.55 -1.21 38.68
C MET G 214 -8.47 -2.34 39.12
N ALA G 215 -7.98 -3.27 39.97
CA ALA G 215 -8.78 -4.41 40.38
C ALA G 215 -9.41 -4.18 41.76
N LYS G 216 -9.13 -3.04 42.38
CA LYS G 216 -9.68 -2.73 43.70
C LYS G 216 -11.18 -2.98 43.72
N ASN G 217 -11.90 -2.53 42.68
CA ASN G 217 -13.35 -2.57 42.67
C ASN G 217 -13.89 -3.68 41.76
N LEU G 218 -13.01 -4.44 41.10
CA LEU G 218 -13.44 -5.59 40.31
C LEU G 218 -13.64 -6.82 41.19
N LEU G 219 -13.10 -6.82 42.41
CA LEU G 219 -13.04 -8.03 43.23
C LEU G 219 -13.58 -7.72 44.62
N PRO G 220 -14.26 -8.71 45.25
CA PRO G 220 -14.74 -8.57 46.63
C PRO G 220 -13.67 -8.81 47.69
N GLY G 221 -12.73 -9.72 47.37
CA GLY G 221 -11.74 -10.18 48.34
C GLY G 221 -10.33 -9.65 48.05
N ALA G 222 -9.36 -10.19 48.80
CA ALA G 222 -7.98 -9.77 48.70
C ALA G 222 -7.36 -10.33 47.41
N LEU G 223 -7.72 -11.57 47.08
CA LEU G 223 -7.23 -12.20 45.85
C LEU G 223 -8.42 -12.49 44.95
N GLY G 224 -8.14 -12.61 43.63
CA GLY G 224 -9.14 -13.02 42.67
C GLY G 224 -8.54 -13.08 41.26
N THR G 225 -9.40 -12.98 40.24
CA THR G 225 -9.02 -13.13 38.85
C THR G 225 -9.77 -12.09 38.02
N VAL G 226 -9.07 -11.49 37.04
CA VAL G 226 -9.64 -10.57 36.07
C VAL G 226 -9.21 -11.08 34.70
N ASN G 227 -10.10 -10.97 33.70
CA ASN G 227 -9.82 -11.54 32.39
C ASN G 227 -8.87 -10.63 31.62
N LEU G 228 -8.09 -11.24 30.72
CA LEU G 228 -7.09 -10.55 29.92
C LEU G 228 -7.73 -9.34 29.25
N GLU G 229 -8.93 -9.55 28.69
CA GLU G 229 -9.58 -8.54 27.86
C GLU G 229 -9.97 -7.36 28.76
N LYS G 230 -10.23 -7.60 30.04
CA LYS G 230 -10.62 -6.52 30.94
C LYS G 230 -9.42 -5.63 31.20
N VAL G 231 -8.24 -6.27 31.25
CA VAL G 231 -6.99 -5.55 31.49
C VAL G 231 -6.71 -4.70 30.26
N LEU G 232 -6.70 -5.33 29.07
CA LEU G 232 -6.51 -4.63 27.81
C LEU G 232 -7.47 -3.43 27.73
N SER G 233 -8.73 -3.62 28.10
CA SER G 233 -9.68 -2.55 27.93
C SER G 233 -9.40 -1.40 28.92
N THR G 234 -9.00 -1.71 30.16
CA THR G 234 -8.75 -0.67 31.13
C THR G 234 -7.45 0.05 30.75
N ASN G 235 -6.53 -0.70 30.14
CA ASN G 235 -5.27 -0.20 29.62
C ASN G 235 -4.55 0.68 30.65
N PRO G 236 -4.07 0.09 31.75
CA PRO G 236 -3.57 0.87 32.89
C PRO G 236 -2.19 1.46 32.63
N ASP G 237 -1.85 2.52 33.35
CA ASP G 237 -0.57 3.24 33.12
C ASP G 237 0.64 2.40 33.49
N ILE G 238 0.50 1.46 34.42
CA ILE G 238 1.62 0.69 34.93
C ILE G 238 1.23 -0.78 35.06
N TYR G 239 2.09 -1.65 34.53
CA TYR G 239 1.90 -3.09 34.64
C TYR G 239 2.96 -3.67 35.56
N ILE G 240 2.59 -4.55 36.48
CA ILE G 240 3.51 -5.20 37.41
C ILE G 240 3.24 -6.70 37.38
N ALA G 241 4.29 -7.50 37.24
CA ALA G 241 4.14 -8.94 37.28
C ALA G 241 4.83 -9.46 38.53
N SER G 242 4.20 -10.36 39.28
CA SER G 242 4.88 -11.00 40.39
C SER G 242 5.30 -12.41 39.96
N GLY G 243 6.44 -12.85 40.50
CA GLY G 243 6.94 -14.20 40.34
C GLY G 243 8.00 -14.52 41.39
N GLY G 244 8.26 -15.80 41.56
CA GLY G 244 9.36 -16.27 42.40
C GLY G 244 10.05 -17.49 41.80
N LYS G 245 10.06 -17.58 40.46
CA LYS G 245 10.53 -18.78 39.79
C LYS G 245 12.04 -18.88 39.93
N ALA G 246 12.53 -20.10 40.17
CA ALA G 246 13.96 -20.35 40.26
C ALA G 246 14.59 -20.19 38.87
N PRO G 247 15.85 -19.75 38.79
CA PRO G 247 16.55 -19.67 37.50
C PRO G 247 16.54 -20.98 36.70
N ASP G 248 16.68 -22.12 37.38
CA ASP G 248 16.79 -23.42 36.77
C ASP G 248 15.43 -24.09 36.53
N ASN G 249 14.39 -23.31 36.22
CA ASN G 249 13.04 -23.82 36.11
C ASN G 249 12.49 -23.35 34.77
N ASN G 250 12.30 -24.27 33.82
CA ASN G 250 11.86 -23.88 32.47
C ASN G 250 10.34 -23.79 32.35
N ALA G 251 9.62 -23.93 33.46
CA ALA G 251 8.20 -23.61 33.50
C ALA G 251 8.01 -22.10 33.25
N PRO G 252 6.81 -21.66 32.85
CA PRO G 252 6.53 -20.24 32.66
C PRO G 252 6.46 -19.47 33.96
N GLY G 253 6.90 -18.20 33.92
CA GLY G 253 6.83 -17.30 35.05
C GLY G 253 8.04 -16.38 35.09
N VAL G 254 8.00 -15.41 36.03
CA VAL G 254 9.10 -14.50 36.26
C VAL G 254 10.04 -15.10 37.31
N SER G 255 11.36 -15.09 36.98
CA SER G 255 12.39 -15.50 37.91
C SER G 255 12.76 -14.30 38.79
N LEU G 256 12.54 -14.46 40.10
CA LEU G 256 13.00 -13.52 41.11
C LEU G 256 13.30 -14.31 42.38
N GLY G 257 14.30 -13.85 43.15
CA GLY G 257 14.60 -14.38 44.47
C GLY G 257 16.09 -14.36 44.77
N ALA G 258 16.46 -15.03 45.87
CA ALA G 258 17.82 -15.01 46.38
C ALA G 258 18.87 -15.51 45.38
N GLN G 259 18.51 -16.37 44.42
CA GLN G 259 19.52 -16.94 43.53
C GLN G 259 19.34 -16.47 42.10
N VAL G 260 18.71 -15.30 41.92
CA VAL G 260 18.41 -14.80 40.58
C VAL G 260 19.24 -13.55 40.31
N THR G 261 19.84 -13.53 39.11
CA THR G 261 20.61 -12.38 38.68
C THR G 261 19.70 -11.41 37.98
N LYS G 262 20.16 -10.18 37.77
CA LYS G 262 19.38 -9.16 37.05
C LYS G 262 19.10 -9.62 35.61
N GLU G 263 20.09 -10.19 34.93
CA GLU G 263 19.90 -10.59 33.52
C GLU G 263 18.82 -11.65 33.45
N GLN G 264 18.88 -12.62 34.35
CA GLN G 264 17.84 -13.67 34.38
C GLN G 264 16.47 -13.01 34.61
N ALA G 265 16.39 -12.05 35.52
CA ALA G 265 15.09 -11.42 35.88
C ALA G 265 14.56 -10.59 34.72
N GLN G 266 15.46 -9.92 34.00
CA GLN G 266 15.06 -9.09 32.85
C GLN G 266 14.61 -10.00 31.72
N SER G 267 15.37 -11.05 31.47
CA SER G 267 15.04 -11.95 30.34
C SER G 267 13.72 -12.65 30.65
N SER G 268 13.51 -13.02 31.91
CA SER G 268 12.28 -13.77 32.15
C SER G 268 11.07 -12.83 32.27
N LEU G 269 11.26 -11.59 32.74
CA LEU G 269 10.18 -10.60 32.72
C LEU G 269 9.76 -10.34 31.28
N GLN G 270 10.75 -10.27 30.38
CA GLN G 270 10.50 -9.97 28.97
C GLN G 270 9.62 -11.07 28.35
N THR G 271 9.92 -12.34 28.61
CA THR G 271 9.06 -13.42 28.15
C THR G 271 7.62 -13.14 28.59
N ILE G 272 7.44 -12.79 29.86
CA ILE G 272 6.12 -12.49 30.41
C ILE G 272 5.46 -11.32 29.68
N LEU G 273 6.25 -10.31 29.30
CA LEU G 273 5.72 -9.14 28.62
C LEU G 273 5.51 -9.38 27.12
N ASP G 274 6.05 -10.48 26.58
CA ASP G 274 5.94 -10.78 25.16
C ASP G 274 4.68 -11.62 24.86
N ARG G 275 3.90 -11.98 25.89
CA ARG G 275 2.69 -12.78 25.72
C ARG G 275 1.63 -12.00 24.96
N LYS G 276 0.86 -12.73 24.14
CA LYS G 276 -0.21 -12.14 23.33
C LYS G 276 -1.11 -11.31 24.26
N GLY G 277 -1.48 -10.12 23.80
CA GLY G 277 -2.39 -9.26 24.52
C GLY G 277 -1.63 -8.33 25.45
N ILE G 278 -0.89 -8.93 26.39
CA ILE G 278 -0.06 -8.20 27.32
C ILE G 278 0.86 -7.26 26.55
N ASN G 279 1.40 -7.75 25.41
CA ASN G 279 2.44 -7.04 24.70
C ASN G 279 1.90 -5.83 23.95
N THR G 280 0.58 -5.62 23.94
CA THR G 280 0.04 -4.45 23.29
C THR G 280 -0.36 -3.41 24.33
N LEU G 281 -0.23 -3.73 25.63
CA LEU G 281 -0.57 -2.78 26.67
C LEU G 281 0.27 -1.52 26.48
N SER G 282 -0.36 -0.36 26.69
CA SER G 282 0.36 0.90 26.68
C SER G 282 1.51 0.88 27.69
N ALA G 283 1.26 0.35 28.90
CA ALA G 283 2.28 0.31 29.93
C ALA G 283 3.49 -0.50 29.45
N VAL G 284 3.27 -1.60 28.73
CA VAL G 284 4.38 -2.42 28.27
C VAL G 284 5.16 -1.69 27.17
N LYS G 285 4.45 -1.07 26.23
CA LYS G 285 5.07 -0.37 25.12
C LYS G 285 5.87 0.84 25.62
N ASN G 286 5.31 1.56 26.60
CA ASN G 286 5.95 2.72 27.22
C ASN G 286 7.03 2.32 28.23
N GLY G 287 7.22 1.03 28.47
CA GLY G 287 8.28 0.60 29.38
C GLY G 287 7.94 0.74 30.86
N ARG G 288 6.69 1.07 31.19
CA ARG G 288 6.24 1.12 32.60
C ARG G 288 5.81 -0.31 32.98
N SER G 289 6.75 -1.25 32.93
CA SER G 289 6.49 -2.65 33.19
C SER G 289 7.57 -3.19 34.13
N TYR G 290 7.16 -3.95 35.16
CA TYR G 290 8.02 -4.26 36.27
C TYR G 290 7.74 -5.66 36.79
N GLY G 291 8.72 -6.18 37.56
CA GLY G 291 8.60 -7.45 38.23
C GLY G 291 8.84 -7.29 39.73
N ILE G 292 7.99 -7.97 40.53
CA ILE G 292 8.07 -7.94 42.01
C ILE G 292 8.07 -9.40 42.49
N TRP G 293 8.84 -9.71 43.52
CA TRP G 293 8.94 -11.06 44.04
C TRP G 293 7.65 -11.45 44.74
N HIS G 294 7.10 -12.61 44.34
CA HIS G 294 5.73 -12.95 44.70
C HIS G 294 5.53 -13.05 46.21
N ASN G 295 6.52 -13.61 46.93
CA ASN G 295 6.32 -13.99 48.31
C ASN G 295 6.18 -12.76 49.21
N PHE G 296 6.35 -11.56 48.63
CA PHE G 296 6.10 -10.34 49.38
C PHE G 296 4.60 -10.22 49.64
N TYR G 297 3.82 -11.12 49.01
CA TYR G 297 2.38 -11.14 49.14
C TYR G 297 2.01 -11.72 50.52
N ASN G 298 3.01 -12.22 51.27
CA ASN G 298 2.77 -12.75 52.60
C ASN G 298 4.06 -12.72 53.43
N SER G 299 4.57 -11.52 53.71
CA SER G 299 5.81 -11.37 54.44
C SER G 299 5.92 -9.97 55.03
N PRO G 300 6.38 -9.83 56.29
CA PRO G 300 6.58 -8.51 56.86
C PRO G 300 7.79 -7.76 56.27
N TYR G 301 8.51 -8.42 55.35
CA TYR G 301 9.50 -7.74 54.53
C TYR G 301 8.82 -6.93 53.43
N ASN G 302 7.47 -6.86 53.45
CA ASN G 302 6.71 -6.25 52.38
C ASN G 302 7.00 -4.76 52.23
N VAL G 303 7.68 -4.13 53.20
CA VAL G 303 8.06 -2.73 53.05
C VAL G 303 8.97 -2.57 51.83
N LEU G 304 9.70 -3.62 51.47
CA LEU G 304 10.56 -3.57 50.28
C LEU G 304 9.72 -3.36 49.02
N ALA G 305 8.59 -4.05 48.91
CA ALA G 305 7.70 -3.92 47.74
C ALA G 305 7.02 -2.55 47.72
N ILE G 306 6.48 -2.10 48.85
CA ILE G 306 5.81 -0.78 48.93
C ILE G 306 6.79 0.28 48.40
N GLN G 307 8.06 0.15 48.75
CA GLN G 307 9.10 1.10 48.28
C GLN G 307 9.37 0.93 46.77
N SER G 308 9.44 -0.30 46.26
CA SER G 308 9.69 -0.52 44.82
C SER G 308 8.52 0.04 44.01
N PHE G 309 7.31 -0.13 44.52
CA PHE G 309 6.10 0.37 43.84
C PHE G 309 6.13 1.89 43.77
N ALA G 310 6.46 2.53 44.87
CA ALA G 310 6.50 4.01 44.92
C ALA G 310 7.52 4.56 43.90
N LYS G 311 8.68 3.92 43.83
CA LYS G 311 9.72 4.39 42.89
C LYS G 311 9.24 4.12 41.44
N TRP G 312 8.41 3.10 41.23
CA TRP G 312 7.82 2.87 39.88
C TRP G 312 6.65 3.84 39.62
N PHE G 313 5.87 4.15 40.64
CA PHE G 313 4.69 5.03 40.50
C PHE G 313 5.13 6.49 40.30
N TYR G 314 6.20 6.92 40.95
CA TYR G 314 6.67 8.33 40.86
C TYR G 314 8.19 8.32 40.78
N PRO G 315 8.79 7.91 39.64
CA PRO G 315 10.26 7.71 39.51
C PRO G 315 11.14 8.82 40.08
N GLN G 316 10.91 10.06 39.68
CA GLN G 316 11.76 11.19 40.11
C GLN G 316 11.51 11.59 41.59
N GLN G 317 10.28 11.44 42.10
CA GLN G 317 10.00 11.88 43.49
C GLN G 317 10.65 10.89 44.48
N PHE G 318 11.00 9.69 44.04
CA PHE G 318 11.67 8.69 44.85
C PHE G 318 12.97 8.25 44.18
N ALA G 319 13.63 9.20 43.49
CA ALA G 319 14.94 8.94 42.89
C ALA G 319 15.95 8.50 43.95
N ASP G 320 15.87 9.16 45.12
CA ASP G 320 16.85 9.03 46.19
C ASP G 320 16.55 7.81 47.07
N LEU G 321 15.36 7.20 46.95
CA LEU G 321 15.01 6.02 47.73
C LEU G 321 15.55 4.76 47.07
N ASP G 322 16.18 3.87 47.84
CA ASP G 322 16.73 2.62 47.26
C ASP G 322 16.32 1.42 48.13
N PRO G 323 15.38 0.59 47.65
CA PRO G 323 14.92 -0.60 48.41
C PRO G 323 16.07 -1.56 48.70
N ASN G 324 17.12 -1.54 47.88
CA ASN G 324 18.28 -2.45 48.08
C ASN G 324 19.02 -2.04 49.37
N ASN G 325 19.14 -0.75 49.61
CA ASN G 325 19.73 -0.28 50.89
C ASN G 325 18.82 -0.71 52.03
N THR G 326 17.50 -0.65 51.82
CA THR G 326 16.55 -1.03 52.87
C THR G 326 16.68 -2.51 53.12
N MET G 327 16.77 -3.31 52.06
CA MET G 327 16.96 -4.77 52.22
C MET G 327 18.29 -5.05 52.95
N ASN G 328 19.35 -4.34 52.57
CA ASN G 328 20.68 -4.65 53.15
C ASN G 328 20.66 -4.30 54.63
N SER G 329 20.03 -3.17 54.98
CA SER G 329 19.90 -2.78 56.40
C SER G 329 19.02 -3.81 57.13
N LEU G 330 17.93 -4.27 56.52
CA LEU G 330 17.07 -5.28 57.14
C LEU G 330 17.91 -6.52 57.48
N TYR G 331 18.64 -7.05 56.50
CA TYR G 331 19.39 -8.29 56.70
C TYR G 331 20.44 -8.14 57.80
N SER G 332 21.24 -7.08 57.70
CA SER G 332 22.34 -6.91 58.65
C SER G 332 21.78 -6.72 60.07
N GLN G 333 20.73 -5.93 60.25
CA GLN G 333 20.17 -5.70 61.57
C GLN G 333 19.49 -6.94 62.16
N PHE G 334 18.88 -7.81 61.34
CA PHE G 334 17.93 -8.78 61.86
C PHE G 334 18.23 -10.23 61.50
N LEU G 335 18.89 -10.49 60.37
CA LEU G 335 18.94 -11.84 59.84
C LEU G 335 20.29 -12.50 60.03
N ALA G 336 20.36 -13.76 59.63
CA ALA G 336 21.57 -14.54 59.84
C ALA G 336 22.15 -14.99 58.51
N ILE G 337 21.63 -14.45 57.40
CA ILE G 337 22.21 -14.77 56.10
C ILE G 337 22.58 -13.46 55.40
N GLU G 338 23.27 -13.59 54.27
CA GLU G 338 23.67 -12.42 53.50
C GLU G 338 22.66 -12.22 52.36
N PRO G 339 22.22 -10.97 52.09
CA PRO G 339 21.30 -10.69 50.97
C PRO G 339 21.93 -11.02 49.62
N THR G 340 21.23 -11.79 48.80
CA THR G 340 21.69 -12.05 47.43
C THR G 340 20.48 -12.02 46.51
N GLY G 341 20.74 -11.96 45.21
CA GLY G 341 19.72 -12.14 44.18
C GLY G 341 18.95 -10.86 43.88
N THR G 342 17.84 -11.03 43.16
CA THR G 342 17.08 -9.93 42.59
C THR G 342 15.63 -10.08 43.04
N TYR G 343 15.12 -9.11 43.80
CA TYR G 343 13.76 -9.20 44.32
C TYR G 343 12.82 -8.27 43.53
N TRP G 344 13.38 -7.49 42.60
CA TRP G 344 12.61 -6.50 41.79
C TRP G 344 13.37 -6.20 40.50
N VAL G 345 12.70 -5.95 39.37
CA VAL G 345 13.37 -5.76 38.10
C VAL G 345 12.56 -4.78 37.26
N ASP G 346 13.25 -3.99 36.43
CA ASP G 346 12.64 -3.10 35.44
C ASP G 346 12.92 -3.68 34.05
N SER G 347 11.96 -3.47 33.15
CA SER G 347 12.07 -3.96 31.78
C SER G 347 13.10 -3.14 31.02
N THR G 348 13.84 -3.77 30.09
CA THR G 348 14.57 -3.06 29.05
C THR G 348 14.09 -3.53 27.68
N ASN H 3 13.59 15.04 -71.51
CA ASN H 3 12.14 14.95 -71.83
C ASN H 3 11.52 13.69 -71.22
N ILE H 4 10.36 13.84 -70.55
CA ILE H 4 9.80 12.78 -69.72
C ILE H 4 8.30 12.63 -70.00
N THR H 5 7.73 11.46 -69.66
CA THR H 5 6.36 11.07 -69.95
C THR H 5 5.47 11.24 -68.71
N ASP H 6 4.42 12.06 -68.81
CA ASP H 6 3.56 12.33 -67.66
C ASP H 6 2.52 11.21 -67.54
N MET H 7 1.51 11.43 -66.67
CA MET H 7 0.53 10.39 -66.34
C MET H 7 -0.57 10.32 -67.41
N ALA H 8 -0.59 11.27 -68.34
CA ALA H 8 -1.48 11.25 -69.49
C ALA H 8 -0.79 10.65 -70.72
N GLY H 9 0.44 10.12 -70.56
CA GLY H 9 1.16 9.52 -71.68
C GLY H 9 1.88 10.57 -72.55
N ARG H 10 1.76 11.86 -72.18
CA ARG H 10 2.29 12.95 -72.98
C ARG H 10 3.74 13.24 -72.61
N SER H 11 4.55 13.55 -73.64
CA SER H 11 5.93 13.96 -73.45
C SER H 11 5.97 15.43 -73.01
N VAL H 12 6.81 15.73 -72.02
CA VAL H 12 6.90 17.11 -71.45
C VAL H 12 8.39 17.52 -71.39
N VAL H 13 8.68 18.79 -71.60
CA VAL H 13 10.10 19.29 -71.55
C VAL H 13 10.35 19.88 -70.16
N ILE H 14 11.40 19.40 -69.49
CA ILE H 14 11.67 19.88 -68.11
C ILE H 14 12.27 21.28 -68.21
N PRO H 15 11.60 22.30 -67.64
CA PRO H 15 12.15 23.66 -67.62
C PRO H 15 13.57 23.65 -67.06
N ALA H 16 14.45 24.49 -67.61
CA ALA H 16 15.79 24.59 -67.04
C ALA H 16 15.71 25.02 -65.58
N LYS H 17 14.87 26.02 -65.30
CA LYS H 17 14.63 26.48 -63.93
C LYS H 17 13.15 26.78 -63.80
N VAL H 18 12.56 26.37 -62.67
CA VAL H 18 11.14 26.56 -62.41
C VAL H 18 11.02 27.50 -61.23
N GLU H 19 10.20 28.54 -61.35
CA GLU H 19 9.97 29.43 -60.22
C GLU H 19 8.50 29.89 -60.14
N ARG H 20 7.65 29.43 -61.07
CA ARG H 20 6.27 29.87 -61.15
C ARG H 20 5.36 28.68 -61.46
N ILE H 21 5.11 27.86 -60.43
CA ILE H 21 4.31 26.64 -60.57
C ILE H 21 2.82 26.97 -60.44
N LEU H 22 2.05 26.50 -61.43
CA LEU H 22 0.60 26.59 -61.41
C LEU H 22 0.00 25.25 -60.99
N LEU H 23 -0.88 25.30 -59.98
CA LEU H 23 -1.51 24.08 -59.50
C LEU H 23 -2.95 24.03 -59.99
N GLY H 24 -3.19 23.11 -60.93
CA GLY H 24 -4.50 22.89 -61.49
C GLY H 24 -5.53 22.48 -60.43
N GLU H 25 -5.10 21.61 -59.50
CA GLU H 25 -5.87 21.33 -58.31
C GLU H 25 -5.00 21.66 -57.10
N GLY H 26 -5.56 22.50 -56.22
CA GLY H 26 -4.89 22.99 -55.03
C GLY H 26 -4.27 21.87 -54.20
N ARG H 27 -5.01 20.79 -53.99
CA ARG H 27 -4.53 19.71 -53.16
C ARG H 27 -3.40 18.93 -53.84
N LEU H 28 -3.03 19.31 -55.07
CA LEU H 28 -1.80 18.78 -55.66
C LEU H 28 -0.58 19.34 -54.91
N PHE H 29 -0.83 20.37 -54.08
CA PHE H 29 0.18 20.92 -53.18
C PHE H 29 0.85 19.83 -52.35
N TYR H 30 0.09 18.81 -51.96
CA TYR H 30 0.57 17.74 -51.11
C TYR H 30 1.78 17.08 -51.77
N ALA H 31 1.74 16.90 -53.09
CA ALA H 31 2.85 16.26 -53.76
C ALA H 31 4.03 17.25 -53.81
N VAL H 32 3.71 18.53 -53.95
CA VAL H 32 4.73 19.56 -54.06
C VAL H 32 5.41 19.71 -52.70
N SER H 33 4.63 19.64 -51.62
CA SER H 33 5.15 19.87 -50.27
C SER H 33 6.27 18.89 -49.92
N LEU H 34 6.25 17.68 -50.51
CA LEU H 34 7.25 16.68 -50.23
C LEU H 34 8.58 17.03 -50.90
N LEU H 35 8.59 18.04 -51.77
CA LEU H 35 9.77 18.37 -52.55
C LEU H 35 10.40 19.70 -52.13
N GLU H 36 9.61 20.59 -51.50
CA GLU H 36 9.99 21.97 -51.30
C GLU H 36 10.60 22.22 -49.91
N GLY H 37 10.70 21.17 -49.08
CA GLY H 37 11.34 21.29 -47.77
C GLY H 37 10.73 22.41 -46.91
N GLN H 38 11.57 23.31 -46.42
CA GLN H 38 11.15 24.32 -45.46
C GLN H 38 10.61 25.56 -46.16
N LYS H 39 10.66 25.56 -47.51
CA LYS H 39 10.16 26.66 -48.32
C LYS H 39 9.00 26.18 -49.21
N PRO H 40 7.85 25.78 -48.61
CA PRO H 40 6.77 25.11 -49.34
C PRO H 40 6.09 25.92 -50.45
N PHE H 41 5.87 27.22 -50.20
CA PHE H 41 5.08 28.07 -51.06
C PHE H 41 5.92 29.00 -51.94
N ASP H 42 7.25 28.81 -51.93
CA ASP H 42 8.17 29.74 -52.55
C ASP H 42 7.94 29.81 -54.07
N ARG H 43 7.54 28.69 -54.70
CA ARG H 43 7.52 28.61 -56.15
C ARG H 43 6.10 28.48 -56.72
N ILE H 44 5.06 28.74 -55.90
CA ILE H 44 3.67 28.60 -56.34
C ILE H 44 3.16 29.98 -56.77
N VAL H 45 2.87 30.16 -58.07
CA VAL H 45 2.33 31.42 -58.60
C VAL H 45 0.83 31.49 -58.37
N GLY H 46 0.16 30.34 -58.35
CA GLY H 46 -1.27 30.29 -58.13
C GLY H 46 -1.79 28.86 -58.17
N TRP H 47 -3.01 28.69 -57.65
CA TRP H 47 -3.59 27.37 -57.47
C TRP H 47 -5.12 27.42 -57.48
N GLN H 48 -5.74 26.28 -57.84
CA GLN H 48 -7.17 26.07 -57.62
C GLN H 48 -7.51 26.27 -56.14
N GLY H 49 -8.72 26.75 -55.85
CA GLY H 49 -9.13 27.09 -54.49
C GLY H 49 -9.57 25.88 -53.64
N ASP H 50 -9.32 24.64 -54.12
CA ASP H 50 -9.82 23.46 -53.41
C ASP H 50 -9.02 23.23 -52.14
N PHE H 51 -7.71 23.46 -52.19
CA PHE H 51 -6.88 23.32 -51.00
C PHE H 51 -7.30 24.33 -49.93
N ARG H 52 -7.59 25.56 -50.32
CA ARG H 52 -7.90 26.58 -49.34
C ARG H 52 -9.33 26.41 -48.81
N LYS H 53 -10.24 25.88 -49.64
CA LYS H 53 -11.66 25.89 -49.29
C LYS H 53 -12.12 24.50 -48.86
N LEU H 54 -11.47 23.44 -49.37
CA LEU H 54 -11.83 22.07 -49.05
C LEU H 54 -10.76 21.40 -48.17
N ASP H 55 -9.81 22.18 -47.64
CA ASP H 55 -8.80 21.65 -46.73
C ASP H 55 -8.47 22.76 -45.73
N THR H 56 -9.51 23.31 -45.10
CA THR H 56 -9.38 24.54 -44.33
C THR H 56 -8.43 24.31 -43.16
N GLN H 57 -8.45 23.10 -42.61
CA GLN H 57 -7.62 22.78 -41.45
C GLN H 57 -6.15 22.79 -41.81
N THR H 58 -5.73 21.99 -42.81
CA THR H 58 -4.32 21.95 -43.19
C THR H 58 -3.87 23.34 -43.66
N TYR H 59 -4.78 24.07 -44.32
CA TYR H 59 -4.51 25.44 -44.74
C TYR H 59 -4.17 26.29 -43.50
N ALA H 60 -5.04 26.32 -42.50
CA ALA H 60 -4.87 27.21 -41.36
C ALA H 60 -3.53 26.96 -40.65
N VAL H 61 -3.11 25.70 -40.60
CA VAL H 61 -1.85 25.35 -39.94
C VAL H 61 -0.70 25.95 -40.74
N TYR H 62 -0.73 25.87 -42.06
CA TYR H 62 0.33 26.46 -42.86
C TYR H 62 0.28 27.99 -42.80
N LYS H 63 -0.91 28.58 -42.62
CA LYS H 63 -1.06 30.03 -42.58
C LYS H 63 -0.41 30.60 -41.31
N ALA H 64 -0.59 29.92 -40.18
CA ALA H 64 -0.03 30.37 -38.91
C ALA H 64 1.49 30.44 -38.98
N LYS H 65 2.13 29.55 -39.76
CA LYS H 65 3.56 29.59 -39.92
C LYS H 65 3.96 30.38 -41.18
N PHE H 66 3.07 30.45 -42.18
CA PHE H 66 3.38 31.17 -43.41
C PHE H 66 2.20 32.04 -43.81
N PRO H 67 2.04 33.30 -43.31
CA PRO H 67 0.83 34.08 -43.58
C PRO H 67 0.72 34.54 -45.04
N GLN H 68 1.82 34.40 -45.80
CA GLN H 68 1.86 34.77 -47.21
C GLN H 68 1.05 33.81 -48.09
N VAL H 69 0.55 32.72 -47.51
CA VAL H 69 -0.21 31.72 -48.26
C VAL H 69 -1.54 32.34 -48.70
N ASP H 70 -2.13 33.22 -47.87
CA ASP H 70 -3.33 33.98 -48.20
C ASP H 70 -3.16 34.82 -49.47
N ASN H 71 -1.94 35.12 -49.89
CA ASN H 71 -1.73 36.01 -51.03
C ASN H 71 -1.44 35.23 -52.31
N ILE H 72 -1.37 33.89 -52.23
CA ILE H 72 -1.24 33.10 -53.44
C ILE H 72 -2.56 33.22 -54.20
N PRO H 73 -2.56 33.61 -55.51
CA PRO H 73 -3.81 33.79 -56.24
C PRO H 73 -4.59 32.49 -56.44
N LEU H 74 -5.92 32.61 -56.27
CA LEU H 74 -6.86 31.52 -56.52
C LEU H 74 -7.35 31.63 -57.97
N ILE H 75 -7.05 30.62 -58.80
CA ILE H 75 -7.43 30.66 -60.20
C ILE H 75 -8.90 30.25 -60.38
N GLY H 76 -9.54 29.71 -59.34
CA GLY H 76 -10.94 29.36 -59.36
C GLY H 76 -11.43 28.90 -57.98
N ASN H 77 -12.63 28.31 -57.94
CA ASN H 77 -13.19 27.82 -56.69
C ASN H 77 -12.85 26.34 -56.56
N THR H 78 -13.84 25.44 -56.73
CA THR H 78 -13.62 24.02 -56.46
C THR H 78 -13.98 23.14 -57.65
N THR H 79 -14.18 23.75 -58.83
CA THR H 79 -14.59 23.04 -60.03
C THR H 79 -13.78 23.55 -61.22
N ALA H 80 -13.46 22.67 -62.16
CA ALA H 80 -12.71 23.03 -63.35
C ALA H 80 -13.41 24.15 -64.12
N ASP H 81 -14.75 24.18 -64.11
CA ASP H 81 -15.51 25.11 -64.93
C ASP H 81 -15.46 26.54 -64.34
N SER H 82 -14.97 26.71 -63.11
CA SER H 82 -14.94 28.03 -62.48
C SER H 82 -13.58 28.71 -62.67
N ILE H 83 -12.63 28.01 -63.33
CA ILE H 83 -11.29 28.54 -63.55
C ILE H 83 -11.36 29.50 -64.73
N SER H 84 -10.99 30.77 -64.47
CA SER H 84 -10.75 31.76 -65.51
C SER H 84 -9.42 31.47 -66.19
N PRO H 85 -9.38 31.09 -67.49
CA PRO H 85 -8.10 30.87 -68.17
C PRO H 85 -7.29 32.15 -68.34
N GLU H 86 -7.98 33.30 -68.23
CA GLU H 86 -7.36 34.59 -68.38
C GLU H 86 -6.50 34.88 -67.15
N LYS H 87 -7.08 34.75 -65.95
CA LYS H 87 -6.32 34.95 -64.72
C LYS H 87 -5.11 34.00 -64.70
N VAL H 88 -5.30 32.76 -65.16
CA VAL H 88 -4.22 31.78 -65.21
C VAL H 88 -3.05 32.29 -66.05
N LEU H 89 -3.33 32.80 -67.24
CA LEU H 89 -2.27 33.13 -68.18
C LEU H 89 -1.51 34.38 -67.75
N THR H 90 -2.17 35.31 -67.03
CA THR H 90 -1.51 36.53 -66.58
C THR H 90 -0.55 36.25 -65.42
N LEU H 91 -0.59 35.05 -64.82
CA LEU H 91 0.38 34.70 -63.81
C LEU H 91 1.66 34.20 -64.47
N ASN H 92 1.66 34.08 -65.80
CA ASN H 92 2.87 33.72 -66.52
C ASN H 92 3.54 32.52 -65.86
N PRO H 93 2.84 31.39 -65.68
CA PRO H 93 3.49 30.19 -65.16
C PRO H 93 4.58 29.66 -66.07
N ASP H 94 5.57 28.98 -65.48
CA ASP H 94 6.59 28.31 -66.27
C ASP H 94 6.38 26.80 -66.20
N ILE H 95 5.44 26.36 -65.35
CA ILE H 95 4.93 25.00 -65.42
C ILE H 95 3.55 24.93 -64.77
N ALA H 96 2.72 24.03 -65.32
CA ALA H 96 1.40 23.78 -64.78
C ALA H 96 1.26 22.30 -64.44
N ILE H 97 0.86 22.02 -63.20
CA ILE H 97 0.62 20.66 -62.74
C ILE H 97 -0.89 20.45 -62.64
N PHE H 98 -1.38 19.44 -63.37
CA PHE H 98 -2.78 19.09 -63.44
C PHE H 98 -2.96 17.61 -63.10
N GLY H 99 -4.21 17.27 -62.73
CA GLY H 99 -4.61 15.91 -62.41
C GLY H 99 -5.48 15.29 -63.49
N LEU H 100 -5.23 14.01 -63.81
CA LEU H 100 -6.03 13.26 -64.77
C LEU H 100 -7.49 13.40 -64.38
N SER H 101 -7.80 13.45 -63.07
CA SER H 101 -9.17 13.66 -62.64
C SER H 101 -9.20 14.66 -61.48
N GLY H 102 -10.39 15.19 -61.18
CA GLY H 102 -10.57 15.92 -59.96
C GLY H 102 -11.27 17.26 -60.16
N HIS H 103 -11.01 18.19 -59.23
CA HIS H 103 -11.71 19.46 -59.20
C HIS H 103 -10.98 20.50 -60.06
N GLY H 104 -10.04 20.03 -60.90
CA GLY H 104 -9.31 20.88 -61.81
C GLY H 104 -9.29 20.35 -63.23
N PRO H 105 -8.78 21.12 -64.21
CA PRO H 105 -8.80 20.73 -65.61
C PRO H 105 -8.14 19.39 -65.91
N GLY H 106 -8.66 18.70 -66.92
CA GLY H 106 -8.15 17.42 -67.35
C GLY H 106 -7.40 17.57 -68.67
N LYS H 107 -7.00 16.42 -69.26
CA LYS H 107 -6.07 16.40 -70.38
C LYS H 107 -6.68 17.02 -71.63
N ASN H 108 -8.01 17.15 -71.71
CA ASN H 108 -8.65 17.58 -72.93
C ASN H 108 -9.25 18.98 -72.77
N SER H 109 -9.00 19.64 -71.64
CA SER H 109 -9.59 20.96 -71.41
C SER H 109 -8.98 22.00 -72.35
N GLU H 110 -9.69 23.12 -72.50
CA GLU H 110 -9.27 24.18 -73.40
C GLU H 110 -8.04 24.88 -72.80
N LEU H 111 -8.04 25.01 -71.46
CA LEU H 111 -6.97 25.66 -70.73
C LEU H 111 -5.63 24.97 -71.00
N VAL H 112 -5.64 23.64 -71.05
CA VAL H 112 -4.43 22.89 -71.37
C VAL H 112 -3.93 23.26 -72.77
N LYS H 113 -4.86 23.47 -73.72
CA LYS H 113 -4.47 23.81 -75.08
C LYS H 113 -3.95 25.24 -75.13
N GLN H 114 -4.63 26.17 -74.43
CA GLN H 114 -4.18 27.54 -74.33
C GLN H 114 -2.74 27.60 -73.83
N LEU H 115 -2.44 26.83 -72.78
CA LEU H 115 -1.12 26.85 -72.17
C LEU H 115 -0.11 26.31 -73.17
N GLU H 116 -0.47 25.32 -73.98
CA GLU H 116 0.44 24.76 -74.98
C GLU H 116 0.75 25.82 -76.04
N LYS H 117 -0.25 26.65 -76.38
CA LYS H 117 -0.08 27.72 -77.36
C LYS H 117 0.83 28.81 -76.76
N ALA H 118 0.78 28.99 -75.43
CA ALA H 118 1.54 30.02 -74.74
C ALA H 118 2.98 29.57 -74.45
N GLY H 119 3.32 28.31 -74.78
CA GLY H 119 4.68 27.80 -74.60
C GLY H 119 4.95 27.30 -73.18
N VAL H 120 3.89 27.02 -72.40
CA VAL H 120 3.98 26.61 -71.01
C VAL H 120 3.88 25.10 -70.91
N PRO H 121 4.90 24.40 -70.32
CA PRO H 121 4.83 22.94 -70.12
C PRO H 121 3.74 22.55 -69.14
N VAL H 122 3.01 21.50 -69.48
CA VAL H 122 1.94 20.99 -68.62
C VAL H 122 2.28 19.56 -68.20
N VAL H 123 2.16 19.27 -66.91
CA VAL H 123 2.41 17.93 -66.40
C VAL H 123 1.16 17.38 -65.72
N PHE H 124 0.77 16.17 -66.17
CA PHE H 124 -0.32 15.42 -65.58
C PHE H 124 0.24 14.40 -64.60
N VAL H 125 -0.28 14.48 -63.37
CA VAL H 125 -0.04 13.49 -62.32
C VAL H 125 -1.36 12.80 -61.97
N ASP H 126 -1.31 11.79 -61.10
CA ASP H 126 -2.52 11.12 -60.65
C ASP H 126 -2.32 10.40 -59.31
N PHE H 127 -3.15 10.79 -58.33
CA PHE H 127 -3.22 10.13 -57.03
C PHE H 127 -4.65 9.66 -56.72
N ARG H 128 -5.53 9.73 -57.74
CA ARG H 128 -6.96 9.78 -57.51
C ARG H 128 -7.72 8.72 -58.31
N THR H 129 -7.40 8.63 -59.60
CA THR H 129 -8.00 7.63 -60.44
C THR H 129 -7.33 6.29 -60.17
N SER H 130 -6.01 6.23 -60.29
CA SER H 130 -5.28 4.97 -60.19
C SER H 130 -4.07 5.09 -59.26
N PRO H 131 -4.32 5.38 -57.96
CA PRO H 131 -3.24 5.57 -57.00
C PRO H 131 -2.16 4.50 -57.06
N LEU H 132 -2.56 3.23 -57.19
CA LEU H 132 -1.59 2.14 -57.17
C LEU H 132 -0.65 2.26 -58.36
N LYS H 133 -1.17 2.50 -59.57
CA LYS H 133 -0.34 2.57 -60.75
C LYS H 133 0.45 3.88 -60.75
N ASN H 134 -0.15 4.98 -60.25
CA ASN H 134 0.29 6.31 -60.62
C ASN H 134 1.03 7.08 -59.51
N THR H 135 0.81 6.77 -58.23
CA THR H 135 1.34 7.61 -57.16
C THR H 135 2.85 7.76 -57.30
N LEU H 136 3.58 6.65 -57.38
CA LEU H 136 5.04 6.70 -57.37
C LEU H 136 5.54 7.29 -58.68
N PRO H 137 5.10 6.82 -59.86
CA PRO H 137 5.48 7.47 -61.11
C PRO H 137 5.22 8.98 -61.13
N SER H 138 4.13 9.42 -60.50
CA SER H 138 3.82 10.85 -60.43
C SER H 138 4.90 11.61 -59.67
N MET H 139 5.35 11.06 -58.52
CA MET H 139 6.38 11.72 -57.73
C MET H 139 7.70 11.72 -58.48
N ARG H 140 8.05 10.60 -59.14
CA ARG H 140 9.27 10.54 -59.95
C ARG H 140 9.27 11.69 -60.94
N VAL H 141 8.15 11.83 -61.66
CA VAL H 141 8.02 12.86 -62.67
C VAL H 141 8.11 14.25 -62.04
N LEU H 142 7.39 14.50 -60.94
CA LEU H 142 7.41 15.83 -60.34
C LEU H 142 8.83 16.18 -59.93
N GLY H 143 9.55 15.19 -59.41
CA GLY H 143 10.95 15.35 -59.07
C GLY H 143 11.76 15.92 -60.23
N LYS H 144 11.57 15.35 -61.43
CA LYS H 144 12.38 15.69 -62.57
C LYS H 144 12.05 17.10 -63.07
N VAL H 145 10.76 17.43 -63.14
CA VAL H 145 10.34 18.68 -63.77
C VAL H 145 10.51 19.84 -62.79
N LEU H 146 10.51 19.58 -61.49
CA LEU H 146 10.66 20.64 -60.50
C LEU H 146 12.08 20.74 -59.93
N HIS H 147 12.98 19.85 -60.40
CA HIS H 147 14.38 19.84 -59.98
C HIS H 147 14.46 19.57 -58.47
N ARG H 148 13.84 18.46 -58.06
CA ARG H 148 13.86 18.01 -56.69
C ARG H 148 13.94 16.48 -56.71
N GLU H 149 14.81 15.96 -57.58
CA GLU H 149 14.97 14.52 -57.76
C GLU H 149 15.35 13.85 -56.43
N GLN H 150 16.19 14.50 -55.62
CA GLN H 150 16.60 13.92 -54.36
C GLN H 150 15.39 13.75 -53.45
N GLN H 151 14.62 14.82 -53.24
CA GLN H 151 13.45 14.76 -52.36
C GLN H 151 12.48 13.67 -52.84
N ALA H 152 12.26 13.63 -54.15
CA ALA H 152 11.34 12.67 -54.73
C ALA H 152 11.82 11.24 -54.47
N ASN H 153 13.10 10.96 -54.75
CA ASN H 153 13.65 9.63 -54.57
C ASN H 153 13.63 9.24 -53.10
N ASP H 154 13.86 10.21 -52.22
CA ASP H 154 13.77 9.97 -50.79
C ASP H 154 12.35 9.56 -50.42
N TYR H 155 11.34 10.22 -51.00
CA TYR H 155 9.95 9.97 -50.63
C TYR H 155 9.48 8.62 -51.17
N ILE H 156 9.92 8.28 -52.38
CA ILE H 156 9.61 6.99 -52.98
C ILE H 156 10.15 5.87 -52.10
N LYS H 157 11.40 5.97 -51.68
CA LYS H 157 11.97 4.93 -50.83
C LYS H 157 11.15 4.80 -49.54
N PHE H 158 10.83 5.93 -48.89
CA PHE H 158 10.02 5.93 -47.69
C PHE H 158 8.67 5.26 -47.93
N TYR H 159 8.02 5.63 -49.05
CA TYR H 159 6.70 5.12 -49.38
C TYR H 159 6.74 3.62 -49.62
N GLU H 160 7.64 3.18 -50.52
CA GLU H 160 7.74 1.77 -50.85
C GLU H 160 7.98 0.92 -49.61
N ASP H 161 8.87 1.40 -48.73
CA ASP H 161 9.22 0.67 -47.52
C ASP H 161 8.00 0.54 -46.62
N ASN H 162 7.23 1.62 -46.48
CA ASN H 162 6.10 1.64 -45.55
C ASN H 162 4.90 0.88 -46.10
N VAL H 163 4.75 0.86 -47.43
CA VAL H 163 3.76 0.02 -48.07
C VAL H 163 4.20 -1.43 -48.02
N ARG H 164 5.49 -1.72 -48.21
CA ARG H 164 5.98 -3.11 -48.23
C ARG H 164 5.68 -3.78 -46.90
N LYS H 165 5.64 -2.99 -45.82
CA LYS H 165 5.27 -3.50 -44.50
C LYS H 165 3.88 -4.15 -44.54
N VAL H 166 3.01 -3.65 -45.41
CA VAL H 166 1.67 -4.19 -45.57
C VAL H 166 1.69 -5.30 -46.63
N THR H 167 2.22 -5.02 -47.82
CA THR H 167 2.06 -5.94 -48.93
C THR H 167 2.82 -7.26 -48.70
N GLU H 168 3.92 -7.24 -47.92
CA GLU H 168 4.64 -8.46 -47.60
C GLU H 168 3.67 -9.52 -47.06
N ILE H 169 2.66 -9.05 -46.31
CA ILE H 169 1.69 -9.91 -45.67
C ILE H 169 0.47 -10.09 -46.58
N THR H 170 -0.19 -9.00 -47.01
CA THR H 170 -1.48 -9.11 -47.67
C THR H 170 -1.37 -9.65 -49.11
N SER H 171 -0.18 -9.61 -49.73
CA SER H 171 -0.06 -10.10 -51.10
C SER H 171 -0.19 -11.62 -51.17
N LYS H 172 0.01 -12.32 -50.05
CA LYS H 172 -0.04 -13.77 -49.98
C LYS H 172 -1.40 -14.27 -49.48
N ILE H 173 -2.31 -13.37 -49.07
CA ILE H 173 -3.59 -13.79 -48.52
C ILE H 173 -4.53 -14.16 -49.66
N PRO H 174 -5.17 -15.36 -49.63
CA PRO H 174 -6.14 -15.73 -50.67
C PRO H 174 -7.50 -15.08 -50.48
N ALA H 175 -8.21 -14.90 -51.61
CA ALA H 175 -9.38 -14.06 -51.72
C ALA H 175 -10.45 -14.41 -50.69
N ASP H 176 -10.57 -15.72 -50.42
CA ASP H 176 -11.66 -16.25 -49.60
C ASP H 176 -11.39 -16.00 -48.11
N LYS H 177 -10.20 -15.52 -47.76
CA LYS H 177 -9.89 -15.20 -46.37
C LYS H 177 -9.94 -13.68 -46.15
N LYS H 178 -10.22 -12.91 -47.22
CA LYS H 178 -10.23 -11.46 -47.14
C LYS H 178 -11.57 -10.97 -46.61
N PRO H 179 -11.61 -9.88 -45.81
CA PRO H 179 -12.89 -9.31 -45.39
C PRO H 179 -13.52 -8.46 -46.49
N SER H 180 -14.86 -8.51 -46.59
CA SER H 180 -15.57 -7.61 -47.47
C SER H 180 -15.58 -6.22 -46.82
N VAL H 181 -15.46 -5.17 -47.66
CA VAL H 181 -15.30 -3.81 -47.21
C VAL H 181 -16.16 -2.89 -48.07
N PHE H 182 -16.84 -1.94 -47.40
CA PHE H 182 -17.46 -0.83 -48.09
C PHE H 182 -16.88 0.48 -47.58
N ILE H 183 -16.43 1.36 -48.50
CA ILE H 183 -16.00 2.70 -48.11
C ILE H 183 -17.00 3.75 -48.56
N GLU H 184 -17.50 4.52 -47.61
CA GLU H 184 -18.49 5.54 -47.91
C GLU H 184 -17.80 6.90 -47.88
N LEU H 185 -17.49 7.44 -49.07
CA LEU H 185 -16.77 8.71 -49.22
C LEU H 185 -17.65 9.87 -48.78
N ARG H 186 -17.08 10.78 -48.00
CA ARG H 186 -17.78 11.96 -47.52
C ARG H 186 -19.13 11.52 -46.98
N ALA H 187 -19.09 10.44 -46.20
CA ALA H 187 -20.28 9.85 -45.63
C ALA H 187 -21.09 10.91 -44.90
N GLY H 188 -22.42 10.84 -45.04
CA GLY H 188 -23.33 11.72 -44.34
C GLY H 188 -23.45 13.08 -45.02
N ALA H 189 -22.46 13.44 -45.86
CA ALA H 189 -22.30 14.82 -46.32
C ALA H 189 -22.74 15.00 -47.77
N MET H 190 -23.11 13.93 -48.47
CA MET H 190 -23.62 14.04 -49.83
C MET H 190 -25.15 14.07 -49.79
N GLU H 191 -25.74 14.67 -50.85
CA GLU H 191 -27.18 14.80 -50.98
C GLU H 191 -27.80 13.40 -51.06
N GLU H 192 -27.21 12.54 -51.91
CA GLU H 192 -27.68 11.19 -52.12
C GLU H 192 -26.61 10.17 -51.71
N CYS H 193 -26.99 9.27 -50.80
CA CYS H 193 -26.12 8.22 -50.30
C CYS H 193 -26.11 7.08 -51.33
N CYS H 194 -24.99 6.41 -51.58
CA CYS H 194 -23.73 6.55 -50.87
C CYS H 194 -22.58 6.60 -51.86
N GLY H 195 -21.76 7.65 -51.79
CA GLY H 195 -20.55 7.75 -52.59
C GLY H 195 -19.54 6.68 -52.17
N THR H 196 -18.77 6.17 -53.14
CA THR H 196 -17.76 5.18 -52.83
C THR H 196 -16.76 5.09 -53.97
N ALA H 197 -15.84 4.14 -53.85
CA ALA H 197 -14.81 3.97 -54.85
C ALA H 197 -14.91 2.57 -55.43
N GLY H 198 -14.64 2.48 -56.74
CA GLY H 198 -14.76 1.24 -57.48
C GLY H 198 -13.37 0.64 -57.68
N LYS H 199 -13.05 0.27 -58.93
CA LYS H 199 -11.70 -0.11 -59.31
C LYS H 199 -10.89 1.17 -59.50
N GLY H 200 -10.42 1.73 -58.37
CA GLY H 200 -9.60 2.92 -58.35
C GLY H 200 -9.84 3.75 -57.10
N ASN H 201 -9.12 4.86 -56.96
CA ASN H 201 -9.26 5.71 -55.77
C ASN H 201 -9.00 4.82 -54.55
N MET H 202 -9.73 5.08 -53.46
CA MET H 202 -9.52 4.36 -52.20
C MET H 202 -9.72 2.86 -52.36
N GLY H 203 -10.36 2.45 -53.44
CA GLY H 203 -10.45 1.05 -53.80
C GLY H 203 -9.06 0.41 -53.95
N ASP H 204 -8.11 1.16 -54.49
CA ASP H 204 -6.77 0.64 -54.64
C ASP H 204 -6.17 0.36 -53.26
N PHE H 205 -6.56 1.15 -52.25
CA PHE H 205 -6.03 1.01 -50.91
C PHE H 205 -6.60 -0.25 -50.25
N ILE H 206 -7.89 -0.47 -50.47
CA ILE H 206 -8.54 -1.68 -49.98
C ILE H 206 -7.86 -2.89 -50.60
N ASP H 207 -7.58 -2.84 -51.90
CA ASP H 207 -6.95 -3.97 -52.58
C ASP H 207 -5.59 -4.27 -51.96
N GLN H 208 -4.75 -3.23 -51.83
CA GLN H 208 -3.39 -3.37 -51.32
C GLN H 208 -3.41 -3.89 -49.89
N ALA H 209 -4.34 -3.38 -49.06
CA ALA H 209 -4.41 -3.73 -47.66
C ALA H 209 -5.04 -5.12 -47.46
N GLY H 210 -5.34 -5.82 -48.57
CA GLY H 210 -5.80 -7.19 -48.54
C GLY H 210 -7.30 -7.30 -48.28
N GLY H 211 -8.04 -6.22 -48.53
CA GLY H 211 -9.49 -6.22 -48.40
C GLY H 211 -10.19 -6.53 -49.72
N ASN H 212 -11.51 -6.73 -49.62
CA ASN H 212 -12.37 -7.03 -50.75
C ASN H 212 -13.43 -5.94 -50.84
N ASN H 213 -13.23 -5.03 -51.80
CA ASN H 213 -14.10 -3.89 -51.99
C ASN H 213 -15.43 -4.35 -52.60
N MET H 214 -16.52 -4.18 -51.87
CA MET H 214 -17.82 -4.64 -52.34
C MET H 214 -18.29 -3.85 -53.55
N ALA H 215 -17.71 -2.67 -53.80
CA ALA H 215 -18.14 -1.83 -54.93
C ALA H 215 -17.23 -2.01 -56.15
N LYS H 216 -16.18 -2.82 -56.02
CA LYS H 216 -15.24 -3.05 -57.11
C LYS H 216 -15.97 -3.37 -58.40
N ASN H 217 -16.99 -4.25 -58.33
CA ASN H 217 -17.67 -4.74 -59.53
C ASN H 217 -19.03 -4.08 -59.73
N LEU H 218 -19.46 -3.22 -58.80
CA LEU H 218 -20.70 -2.47 -58.97
C LEU H 218 -20.51 -1.24 -59.84
N LEU H 219 -19.26 -0.80 -60.05
CA LEU H 219 -19.01 0.48 -60.68
C LEU H 219 -18.01 0.30 -61.81
N PRO H 220 -18.17 1.09 -62.90
CA PRO H 220 -17.22 1.08 -64.01
C PRO H 220 -15.96 1.92 -63.77
N GLY H 221 -16.13 3.01 -62.99
CA GLY H 221 -15.08 4.00 -62.80
C GLY H 221 -14.45 3.94 -61.40
N ALA H 222 -13.58 4.92 -61.14
CA ALA H 222 -12.88 5.01 -59.88
C ALA H 222 -13.84 5.50 -58.79
N LEU H 223 -14.71 6.44 -59.15
CA LEU H 223 -15.72 6.93 -58.21
C LEU H 223 -17.10 6.59 -58.75
N GLY H 224 -18.07 6.49 -57.84
CA GLY H 224 -19.46 6.32 -58.22
C GLY H 224 -20.38 6.34 -57.00
N THR H 225 -21.56 5.75 -57.17
CA THR H 225 -22.59 5.75 -56.13
C THR H 225 -23.22 4.37 -56.07
N VAL H 226 -23.45 3.88 -54.85
CA VAL H 226 -24.18 2.64 -54.59
C VAL H 226 -25.28 2.99 -53.60
N ASN H 227 -26.47 2.38 -53.78
CA ASN H 227 -27.62 2.73 -52.96
C ASN H 227 -27.47 2.08 -51.58
N LEU H 228 -28.07 2.73 -50.58
CA LEU H 228 -28.01 2.28 -49.20
C LEU H 228 -28.43 0.81 -49.12
N GLU H 229 -29.51 0.46 -49.83
CA GLU H 229 -30.10 -0.86 -49.71
C GLU H 229 -29.14 -1.89 -50.28
N LYS H 230 -28.30 -1.51 -51.24
CA LYS H 230 -27.36 -2.45 -51.82
C LYS H 230 -26.27 -2.79 -50.80
N VAL H 231 -25.93 -1.78 -49.99
CA VAL H 231 -24.92 -1.94 -48.96
C VAL H 231 -25.49 -2.86 -47.88
N LEU H 232 -26.69 -2.52 -47.37
CA LEU H 232 -27.37 -3.34 -46.38
C LEU H 232 -27.45 -4.77 -46.86
N SER H 233 -27.80 -4.99 -48.13
CA SER H 233 -27.99 -6.34 -48.60
C SER H 233 -26.66 -7.09 -48.67
N THR H 234 -25.57 -6.42 -49.09
CA THR H 234 -24.28 -7.09 -49.18
C THR H 234 -23.75 -7.36 -47.78
N ASN H 235 -24.10 -6.46 -46.85
CA ASN H 235 -23.80 -6.57 -45.43
C ASN H 235 -22.32 -6.90 -45.20
N PRO H 236 -21.41 -5.97 -45.52
CA PRO H 236 -19.99 -6.28 -45.58
C PRO H 236 -19.36 -6.36 -44.19
N ASP H 237 -18.19 -7.03 -44.13
CA ASP H 237 -17.52 -7.33 -42.88
C ASP H 237 -17.14 -6.02 -42.17
N ILE H 238 -16.69 -5.04 -42.96
CA ILE H 238 -16.04 -3.83 -42.48
C ILE H 238 -16.63 -2.60 -43.16
N TYR H 239 -17.00 -1.59 -42.35
CA TYR H 239 -17.51 -0.34 -42.87
C TYR H 239 -16.47 0.75 -42.61
N ILE H 240 -16.20 1.61 -43.60
CA ILE H 240 -15.27 2.72 -43.46
C ILE H 240 -15.95 3.98 -43.99
N ALA H 241 -15.90 5.06 -43.23
CA ALA H 241 -16.45 6.33 -43.67
C ALA H 241 -15.31 7.31 -43.86
N SER H 242 -15.30 8.07 -44.95
CA SER H 242 -14.32 9.14 -45.12
C SER H 242 -14.99 10.47 -44.83
N GLY H 243 -14.20 11.41 -44.30
CA GLY H 243 -14.61 12.79 -44.11
C GLY H 243 -13.40 13.70 -43.85
N GLY H 244 -13.64 15.00 -43.96
CA GLY H 244 -12.64 15.99 -43.62
C GLY H 244 -13.27 17.22 -42.98
N LYS H 245 -14.39 17.04 -42.28
CA LYS H 245 -15.17 18.16 -41.78
C LYS H 245 -14.43 18.83 -40.62
N ALA H 246 -14.46 20.16 -40.60
CA ALA H 246 -13.85 20.92 -39.52
C ALA H 246 -14.66 20.73 -38.23
N PRO H 247 -14.00 20.74 -37.05
CA PRO H 247 -14.68 20.51 -35.78
C PRO H 247 -15.90 21.40 -35.55
N ASP H 248 -15.76 22.69 -35.88
CA ASP H 248 -16.78 23.69 -35.56
C ASP H 248 -17.70 23.93 -36.76
N ASN H 249 -18.09 22.83 -37.44
CA ASN H 249 -18.93 22.90 -38.63
C ASN H 249 -20.15 22.02 -38.37
N ASN H 250 -21.33 22.65 -38.31
CA ASN H 250 -22.57 21.99 -37.92
C ASN H 250 -23.22 21.23 -39.07
N ALA H 251 -22.62 21.31 -40.27
CA ALA H 251 -23.04 20.49 -41.39
C ALA H 251 -22.82 19.00 -41.08
N PRO H 252 -23.51 18.07 -41.77
CA PRO H 252 -23.27 16.65 -41.58
C PRO H 252 -21.93 16.19 -42.15
N GLY H 253 -21.32 15.20 -41.50
CA GLY H 253 -20.13 14.54 -41.98
C GLY H 253 -19.21 14.14 -40.82
N VAL H 254 -18.12 13.43 -41.15
CA VAL H 254 -17.12 13.03 -40.18
C VAL H 254 -16.06 14.13 -40.08
N SER H 255 -15.74 14.51 -38.84
CA SER H 255 -14.65 15.45 -38.57
C SER H 255 -13.33 14.69 -38.50
N LEU H 256 -12.43 15.02 -39.42
CA LEU H 256 -11.06 14.54 -39.39
C LEU H 256 -10.17 15.63 -40.00
N GLY H 257 -8.93 15.73 -39.50
CA GLY H 257 -7.92 16.60 -40.08
C GLY H 257 -7.00 17.19 -39.00
N ALA H 258 -6.17 18.15 -39.42
CA ALA H 258 -5.13 18.71 -38.57
C ALA H 258 -5.66 19.35 -37.28
N GLN H 259 -6.91 19.81 -37.24
CA GLN H 259 -7.40 20.51 -36.06
C GLN H 259 -8.51 19.72 -35.35
N VAL H 260 -8.51 18.40 -35.52
CA VAL H 260 -9.54 17.56 -34.95
C VAL H 260 -8.93 16.68 -33.86
N THR H 261 -9.59 16.67 -32.70
CA THR H 261 -9.17 15.82 -31.59
C THR H 261 -9.85 14.47 -31.74
N LYS H 262 -9.27 13.42 -31.16
CA LYS H 262 -9.82 12.05 -31.30
C LYS H 262 -11.28 12.07 -30.85
N GLU H 263 -11.55 12.59 -29.66
CA GLU H 263 -12.94 12.68 -29.15
C GLU H 263 -13.86 13.24 -30.24
N GLN H 264 -13.47 14.36 -30.85
CA GLN H 264 -14.30 14.97 -31.91
C GLN H 264 -14.53 13.95 -33.04
N ALA H 265 -13.45 13.35 -33.54
CA ALA H 265 -13.54 12.32 -34.60
C ALA H 265 -14.50 11.20 -34.20
N GLN H 266 -14.35 10.68 -32.99
CA GLN H 266 -15.20 9.56 -32.51
C GLN H 266 -16.66 10.00 -32.40
N SER H 267 -16.91 11.15 -31.78
CA SER H 267 -18.30 11.63 -31.61
C SER H 267 -18.92 11.82 -32.99
N SER H 268 -18.15 12.38 -33.93
CA SER H 268 -18.78 12.67 -35.21
C SER H 268 -18.89 11.40 -36.07
N LEU H 269 -17.96 10.44 -35.93
CA LEU H 269 -18.09 9.14 -36.60
C LEU H 269 -19.36 8.46 -36.10
N GLN H 270 -19.63 8.56 -34.80
CA GLN H 270 -20.77 7.90 -34.18
C GLN H 270 -22.07 8.44 -34.78
N THR H 271 -22.20 9.77 -34.93
CA THR H 271 -23.35 10.34 -35.60
C THR H 271 -23.54 9.67 -36.96
N ILE H 272 -22.44 9.54 -37.72
CA ILE H 272 -22.47 8.91 -39.04
C ILE H 272 -22.94 7.46 -38.95
N LEU H 273 -22.53 6.74 -37.89
CA LEU H 273 -22.88 5.35 -37.73
C LEU H 273 -24.30 5.18 -37.15
N ASP H 274 -24.89 6.25 -36.63
CA ASP H 274 -26.22 6.20 -36.02
C ASP H 274 -27.34 6.45 -37.04
N ARG H 275 -26.98 6.71 -38.31
CA ARG H 275 -27.95 6.96 -39.38
C ARG H 275 -28.77 5.70 -39.67
N LYS H 276 -30.05 5.92 -40.01
CA LYS H 276 -30.96 4.83 -40.35
C LYS H 276 -30.30 3.96 -41.42
N GLY H 277 -30.40 2.64 -41.25
CA GLY H 277 -29.90 1.69 -42.22
C GLY H 277 -28.45 1.32 -41.90
N ILE H 278 -27.59 2.33 -41.90
CA ILE H 278 -26.19 2.15 -41.56
C ILE H 278 -26.06 1.46 -40.20
N ASN H 279 -26.93 1.86 -39.26
CA ASN H 279 -26.80 1.43 -37.87
C ASN H 279 -27.20 -0.01 -37.68
N THR H 280 -27.74 -0.66 -38.71
CA THR H 280 -28.10 -2.07 -38.57
C THR H 280 -27.06 -2.94 -39.26
N LEU H 281 -26.03 -2.33 -39.90
CA LEU H 281 -24.99 -3.11 -40.54
C LEU H 281 -24.33 -4.00 -39.49
N SER H 282 -24.02 -5.24 -39.89
CA SER H 282 -23.25 -6.13 -39.05
C SER H 282 -21.94 -5.48 -38.62
N ALA H 283 -21.24 -4.85 -39.58
CA ALA H 283 -19.96 -4.22 -39.31
C ALA H 283 -20.11 -3.15 -38.23
N VAL H 284 -21.19 -2.37 -38.25
CA VAL H 284 -21.38 -1.33 -37.26
C VAL H 284 -21.66 -1.93 -35.88
N LYS H 285 -22.52 -2.95 -35.83
CA LYS H 285 -22.90 -3.58 -34.57
C LYS H 285 -21.70 -4.28 -33.95
N ASN H 286 -20.88 -4.94 -34.79
CA ASN H 286 -19.67 -5.64 -34.36
C ASN H 286 -18.51 -4.69 -34.11
N GLY H 287 -18.68 -3.39 -34.36
CA GLY H 287 -17.64 -2.42 -34.06
C GLY H 287 -16.51 -2.38 -35.10
N ARG H 288 -16.65 -3.09 -36.23
CA ARG H 288 -15.70 -2.98 -37.32
C ARG H 288 -16.08 -1.78 -38.21
N SER H 289 -16.08 -0.59 -37.59
CA SER H 289 -16.49 0.64 -38.22
C SER H 289 -15.44 1.71 -37.96
N TYR H 290 -15.04 2.45 -39.00
CA TYR H 290 -13.87 3.28 -38.96
C TYR H 290 -14.07 4.55 -39.77
N GLY H 291 -13.20 5.53 -39.49
CA GLY H 291 -13.16 6.79 -40.21
C GLY H 291 -11.77 7.05 -40.79
N ILE H 292 -11.71 7.56 -42.02
CA ILE H 292 -10.47 7.87 -42.70
C ILE H 292 -10.62 9.26 -43.30
N TRP H 293 -9.54 10.04 -43.29
CA TRP H 293 -9.56 11.41 -43.76
C TRP H 293 -9.69 11.44 -45.29
N HIS H 294 -10.68 12.19 -45.77
CA HIS H 294 -11.13 12.09 -47.16
C HIS H 294 -10.00 12.41 -48.15
N ASN H 295 -9.19 13.41 -47.85
CA ASN H 295 -8.27 13.97 -48.83
C ASN H 295 -7.17 12.97 -49.17
N PHE H 296 -7.13 11.83 -48.47
CA PHE H 296 -6.20 10.77 -48.83
C PHE H 296 -6.61 10.18 -50.16
N TYR H 297 -7.80 10.58 -50.65
CA TYR H 297 -8.34 10.11 -51.90
C TYR H 297 -7.60 10.75 -53.07
N ASN H 298 -6.72 11.73 -52.76
CA ASN H 298 -5.93 12.40 -53.79
C ASN H 298 -4.66 13.00 -53.17
N SER H 299 -3.78 12.15 -52.66
CA SER H 299 -2.56 12.61 -52.00
C SER H 299 -1.53 11.48 -51.94
N PRO H 300 -0.25 11.77 -52.22
CA PRO H 300 0.80 10.75 -52.09
C PRO H 300 1.11 10.40 -50.63
N TYR H 301 0.46 11.08 -49.68
CA TYR H 301 0.47 10.65 -48.29
C TYR H 301 -0.45 9.44 -48.08
N ASN H 302 -0.99 8.89 -49.18
CA ASN H 302 -2.01 7.85 -49.09
C ASN H 302 -1.47 6.56 -48.46
N VAL H 303 -0.14 6.43 -48.30
CA VAL H 303 0.41 5.27 -47.62
C VAL H 303 -0.13 5.22 -46.18
N LEU H 304 -0.50 6.35 -45.60
CA LEU H 304 -1.04 6.37 -44.24
C LEU H 304 -2.38 5.61 -44.18
N ALA H 305 -3.28 5.88 -45.13
CA ALA H 305 -4.57 5.17 -45.22
C ALA H 305 -4.36 3.69 -45.51
N ILE H 306 -3.54 3.36 -46.50
CA ILE H 306 -3.27 1.94 -46.84
C ILE H 306 -2.89 1.18 -45.56
N GLN H 307 -2.05 1.79 -44.74
CA GLN H 307 -1.58 1.11 -43.50
C GLN H 307 -2.73 1.04 -42.49
N SER H 308 -3.55 2.10 -42.40
CA SER H 308 -4.71 2.14 -41.49
C SER H 308 -5.75 1.09 -41.93
N PHE H 309 -5.88 0.88 -43.23
CA PHE H 309 -6.83 -0.13 -43.77
C PHE H 309 -6.35 -1.50 -43.38
N ALA H 310 -5.09 -1.80 -43.64
CA ALA H 310 -4.53 -3.15 -43.36
C ALA H 310 -4.67 -3.49 -41.87
N LYS H 311 -4.47 -2.50 -41.02
CA LYS H 311 -4.53 -2.74 -39.57
C LYS H 311 -5.99 -2.95 -39.14
N TRP H 312 -6.95 -2.39 -39.85
CA TRP H 312 -8.37 -2.67 -39.54
C TRP H 312 -8.75 -4.02 -40.16
N PHE H 313 -8.20 -4.35 -41.33
CA PHE H 313 -8.54 -5.59 -42.00
C PHE H 313 -7.95 -6.79 -41.26
N TYR H 314 -6.77 -6.64 -40.65
CA TYR H 314 -6.18 -7.76 -39.93
C TYR H 314 -5.52 -7.30 -38.63
N PRO H 315 -6.30 -6.91 -37.59
CA PRO H 315 -5.76 -6.19 -36.43
C PRO H 315 -4.52 -6.83 -35.81
N GLN H 316 -4.45 -8.15 -35.67
CA GLN H 316 -3.27 -8.75 -34.96
C GLN H 316 -2.08 -8.90 -35.93
N GLN H 317 -2.33 -9.13 -37.20
CA GLN H 317 -1.18 -9.24 -38.08
C GLN H 317 -0.44 -7.90 -38.22
N PHE H 318 -1.14 -6.79 -37.93
CA PHE H 318 -0.55 -5.45 -37.99
C PHE H 318 -0.70 -4.77 -36.62
N ALA H 319 -0.61 -5.55 -35.55
CA ALA H 319 -0.63 -5.01 -34.19
C ALA H 319 0.51 -4.02 -33.99
N ASP H 320 1.69 -4.38 -34.55
CA ASP H 320 2.95 -3.69 -34.32
C ASP H 320 3.08 -2.46 -35.24
N LEU H 321 2.22 -2.33 -36.26
CA LEU H 321 2.30 -1.23 -37.21
C LEU H 321 1.55 -0.03 -36.65
N ASP H 322 2.17 1.15 -36.67
CA ASP H 322 1.53 2.35 -36.09
C ASP H 322 1.59 3.47 -37.11
N PRO H 323 0.47 3.85 -37.73
CA PRO H 323 0.45 4.88 -38.78
C PRO H 323 0.82 6.26 -38.22
N ASN H 324 0.64 6.51 -36.93
CA ASN H 324 0.91 7.87 -36.37
C ASN H 324 2.42 8.09 -36.40
N ASN H 325 3.20 7.01 -36.36
CA ASN H 325 4.67 7.14 -36.47
C ASN H 325 5.05 7.34 -37.93
N THR H 326 4.43 6.56 -38.82
CA THR H 326 4.69 6.71 -40.25
C THR H 326 4.41 8.15 -40.62
N MET H 327 3.30 8.69 -40.11
CA MET H 327 2.99 10.12 -40.33
C MET H 327 4.10 11.00 -39.73
N ASN H 328 4.43 10.80 -38.46
CA ASN H 328 5.42 11.66 -37.78
C ASN H 328 6.76 11.59 -38.54
N SER H 329 7.16 10.42 -39.00
CA SER H 329 8.39 10.29 -39.81
C SER H 329 8.22 11.07 -41.12
N LEU H 330 7.07 10.95 -41.78
CA LEU H 330 6.81 11.68 -43.02
C LEU H 330 7.02 13.18 -42.77
N TYR H 331 6.35 13.74 -41.75
CA TYR H 331 6.40 15.17 -41.49
C TYR H 331 7.83 15.63 -41.20
N SER H 332 8.50 14.94 -40.27
CA SER H 332 9.81 15.38 -39.85
C SER H 332 10.78 15.31 -41.01
N GLN H 333 10.74 14.23 -41.82
CA GLN H 333 11.67 14.09 -42.94
C GLN H 333 11.42 15.10 -44.06
N PHE H 334 10.15 15.50 -44.29
CA PHE H 334 9.80 16.14 -45.56
C PHE H 334 9.12 17.49 -45.41
N LEU H 335 8.39 17.74 -44.33
CA LEU H 335 7.48 18.88 -44.29
C LEU H 335 7.98 19.99 -43.39
N ALA H 336 7.24 21.09 -43.37
CA ALA H 336 7.65 22.30 -42.69
C ALA H 336 6.64 22.67 -41.62
N ILE H 337 5.71 21.78 -41.30
CA ILE H 337 4.78 22.02 -40.21
C ILE H 337 4.86 20.83 -39.26
N GLU H 338 4.19 20.95 -38.11
CA GLU H 338 4.18 19.90 -37.11
C GLU H 338 2.89 19.10 -37.26
N PRO H 339 2.93 17.74 -37.22
CA PRO H 339 1.71 16.93 -37.28
C PRO H 339 0.78 17.17 -36.11
N THR H 340 -0.49 17.46 -36.39
CA THR H 340 -1.49 17.61 -35.34
C THR H 340 -2.77 16.97 -35.85
N GLY H 341 -3.71 16.75 -34.93
CA GLY H 341 -5.06 16.34 -35.25
C GLY H 341 -5.19 14.84 -35.46
N THR H 342 -6.33 14.45 -36.05
CA THR H 342 -6.73 13.06 -36.14
C THR H 342 -7.05 12.76 -37.60
N TYR H 343 -6.30 11.86 -38.22
CA TYR H 343 -6.50 11.51 -39.62
C TYR H 343 -7.23 10.17 -39.78
N TRP H 344 -7.49 9.50 -38.64
CA TRP H 344 -8.15 8.17 -38.65
C TRP H 344 -8.75 7.91 -37.26
N VAL H 345 -9.88 7.19 -37.17
CA VAL H 345 -10.53 6.98 -35.89
C VAL H 345 -11.21 5.63 -35.90
N ASP H 346 -11.28 4.99 -34.72
CA ASP H 346 -12.05 3.76 -34.50
C ASP H 346 -13.27 4.10 -33.65
N SER H 347 -14.38 3.39 -33.91
CA SER H 347 -15.61 3.60 -33.19
C SER H 347 -15.48 3.09 -31.76
N THR H 348 -16.13 3.81 -30.83
CA THR H 348 -16.10 3.48 -29.41
C THR H 348 -16.97 2.25 -29.16
#